data_4U5C
#
_entry.id   4U5C
#
_cell.length_a   163.070
_cell.length_b   364.780
_cell.length_c   109.750
_cell.angle_alpha   90.000
_cell.angle_beta   90.000
_cell.angle_gamma   90.000
#
_symmetry.space_group_name_H-M   'P 21 21 2'
#
loop_
_entity.id
_entity.type
_entity.pdbx_description
1 polymer 'Glutamate receptor 2'
2 polymer Con-ikot-ikot
3 non-polymer 2-acetamido-2-deoxy-beta-D-glucopyranose
4 non-polymer '2-AMINO-3-(5-FLUORO-2,4-DIOXO-3,4-DIHYDRO-2H-PYRIMIDIN-1-YL)-PROPIONIC ACID'
5 non-polymer "N,N'-[biphenyl-4,4'-diyldi(2R)propane-2,1-diyl]dipropane-2-sulfonamide"
#
loop_
_entity_poly.entity_id
_entity_poly.type
_entity_poly.pdbx_seq_one_letter_code
_entity_poly.pdbx_strand_id
1 'polypeptide(L)'
;NSIQIGGLFPRGADQEYSAFRVGMVQFSTSEFRLTPHIDNLEVANSFAVTNAFCSQFSRGVYAIFGFYDKKSVNTITSFC
GTLHVSFITPSFPTDGTHPFVIQMRPDLKGALLSLIEYYQWDKFAYLYDSDRGLSTLQAVLDSAAEKKWQVTAINVGNIN
NDKKDETYRSLFQDLELKGERRVILDCERDKVNDIVDQVITIGKHVKGYHYIIANLGFTDGDLLKIQFGGAEVSGFQIVD
YDDSLVSKFIERWSTLEEKEYPGAHTATIKYTSALTYDAVQVMTEAFRNLRKQRIEISRRGNAGDCLANPAVPWGQGVEI
ERALKQVQVEGLSGNIKFDQNGKRINYTINIMELKTNGPRKIGYWSEVDKMVVTLTESGDDTSGLEQKTVVVTTILESPY
VMMKKNHEMLEGNERYEGYCVDLAAEIAKHCGFKYKLTIVGDGKYGARDADTKIWDGMVGELVYGKADIAIAPLTITLVR
EEVIDFSKPFMSLGISIMIKKPQKSKPGVFSFLDPLAYEIWMAIVFAYILVSVVLFLVSRFSPYEWHTEEFEDGEESTNE
FGIFNSFWFALKLFFQQGADISPRSLSARIVAGVWWFFTLIIISSYTANLAAFLTVERMVSPIESAEDLSKQTEIAYGTL
DSGSTKEFFRRSKIAVFDKMWTYMRSAEPSVFVRTTAEGVARVRKSKGKYAYLLESTMNEYIEQRKPCDTMKVGGNLDSK
GYGIATPKGSSLGTPVNLAVLKLSEQGVLDKLKNKWWYDKGECGAKDSGSKEKTSALSLSNVAGVFYILVGGLGLAMLVA
LIEFAYKRMKLVPR
;
A,B,C,D
2 'polypeptide(L)'
;GPGSSGPADCCRMKECCTDRVNECLQRYSGREDKFVSFCYQEATVTCGSFNEIVGCCYGYQMCMIRVVKPNSLSGAHEAC
KTVSCGNPCA
;
E,F
#
loop_
_chem_comp.id
_chem_comp.type
_chem_comp.name
_chem_comp.formula
FWD non-polymer '2-AMINO-3-(5-FLUORO-2,4-DIOXO-3,4-DIHYDRO-2H-PYRIMIDIN-1-YL)-PROPIONIC ACID' 'C7 H8 F N3 O4'
FWF non-polymer N,N'-[biphenyl-4,4'-diyldi(2R)propane-2,1-diyl]dipropane-2-sulfonamide 'C24 H36 N2 O4 S2'
NAG D-saccharide, beta linking 2-acetamido-2-deoxy-beta-D-glucopyranose 'C8 H15 N O6'
#
# COMPACT_ATOMS: atom_id res chain seq x y z
N ASN A 1 -83.25 24.63 18.29
CA ASN A 1 -82.49 23.82 17.34
C ASN A 1 -81.84 22.62 18.02
N SER A 2 -82.21 21.40 17.59
CA SER A 2 -81.56 20.22 18.13
C SER A 2 -80.43 19.77 17.20
N ILE A 3 -79.68 18.76 17.62
CA ILE A 3 -78.57 18.28 16.82
C ILE A 3 -78.40 16.75 16.93
N GLN A 4 -78.31 16.07 15.79
CA GLN A 4 -78.16 14.61 15.77
C GLN A 4 -76.79 14.12 15.31
N ILE A 5 -76.08 13.39 16.15
CA ILE A 5 -74.79 12.85 15.73
C ILE A 5 -74.75 11.33 15.83
N GLY A 6 -74.12 10.68 14.85
CA GLY A 6 -74.02 9.24 14.91
C GLY A 6 -72.76 8.80 15.60
N GLY A 7 -72.81 7.68 16.33
CA GLY A 7 -71.61 7.10 16.88
C GLY A 7 -71.36 5.68 16.40
N LEU A 8 -70.11 5.25 16.50
CA LEU A 8 -69.71 3.89 16.13
C LEU A 8 -68.79 3.36 17.22
N PHE A 9 -69.25 2.34 17.94
CA PHE A 9 -68.42 1.77 18.98
C PHE A 9 -68.17 0.29 18.72
N PRO A 10 -66.90 -0.06 18.51
CA PRO A 10 -66.50 -1.46 18.32
C PRO A 10 -66.95 -2.34 19.48
N ARG A 11 -67.23 -3.61 19.22
CA ARG A 11 -67.55 -4.53 20.30
C ARG A 11 -66.36 -4.58 21.26
N GLY A 12 -66.60 -4.32 22.55
CA GLY A 12 -65.52 -4.30 23.52
C GLY A 12 -65.10 -2.89 23.91
N ALA A 13 -65.83 -1.91 23.40
CA ALA A 13 -65.56 -0.48 23.62
C ALA A 13 -66.21 0.04 24.90
N ASP A 14 -66.67 -0.87 25.75
CA ASP A 14 -67.51 -0.55 26.90
C ASP A 14 -67.12 0.71 27.66
N GLN A 15 -65.92 0.74 28.24
CA GLN A 15 -65.44 1.94 28.93
C GLN A 15 -65.42 3.18 28.05
N GLU A 16 -65.01 3.03 26.79
CA GLU A 16 -65.01 4.14 25.84
C GLU A 16 -66.40 4.73 25.67
N TYR A 17 -67.38 3.88 25.37
CA TYR A 17 -68.76 4.29 25.23
C TYR A 17 -69.29 4.90 26.53
N SER A 18 -68.83 4.38 27.65
CA SER A 18 -69.20 4.89 28.96
C SER A 18 -68.76 6.34 29.10
N ALA A 19 -67.49 6.59 28.82
CA ALA A 19 -66.95 7.95 28.84
C ALA A 19 -67.64 8.82 27.80
N PHE A 20 -68.15 8.20 26.74
CA PHE A 20 -68.89 8.94 25.73
C PHE A 20 -70.19 9.46 26.32
N ARG A 21 -70.87 8.58 27.04
CA ARG A 21 -72.14 8.94 27.67
C ARG A 21 -71.92 9.97 28.79
N VAL A 22 -70.83 9.80 29.52
CA VAL A 22 -70.46 10.73 30.58
C VAL A 22 -70.16 12.11 29.99
N GLY A 23 -69.46 12.12 28.86
CA GLY A 23 -69.20 13.37 28.16
C GLY A 23 -70.47 13.99 27.63
N MET A 24 -71.42 13.14 27.25
CA MET A 24 -72.74 13.59 26.80
C MET A 24 -73.48 14.31 27.91
N VAL A 25 -73.46 13.73 29.10
CA VAL A 25 -74.14 14.32 30.25
C VAL A 25 -73.43 15.58 30.75
N GLN A 26 -72.11 15.48 30.90
CA GLN A 26 -71.32 16.58 31.45
C GLN A 26 -71.36 17.82 30.57
N PHE A 27 -71.19 17.64 29.26
CA PHE A 27 -71.17 18.81 28.40
C PHE A 27 -72.56 18.92 27.77
N SER A 28 -73.41 19.76 28.35
CA SER A 28 -74.76 19.88 27.84
C SER A 28 -75.31 21.31 27.97
N THR A 29 -75.61 21.95 26.85
CA THR A 29 -76.22 23.26 26.91
C THR A 29 -77.73 23.06 26.77
N SER A 30 -78.51 23.96 27.36
CA SER A 30 -79.96 23.83 27.31
C SER A 30 -80.53 24.09 25.92
N GLU A 31 -79.88 24.97 25.15
CA GLU A 31 -80.36 25.32 23.82
C GLU A 31 -80.31 24.11 22.88
N PHE A 32 -79.29 23.27 23.02
CA PHE A 32 -79.23 22.07 22.20
C PHE A 32 -78.45 20.94 22.86
N ARG A 33 -78.90 19.72 22.59
CA ARG A 33 -78.27 18.52 23.11
C ARG A 33 -77.95 17.59 21.95
N LEU A 34 -76.80 16.95 22.00
CA LEU A 34 -76.44 16.00 20.95
C LEU A 34 -77.34 14.78 21.03
N THR A 35 -77.62 14.18 19.88
CA THR A 35 -78.49 13.04 19.78
C THR A 35 -77.70 11.87 19.21
N PRO A 36 -77.07 11.10 20.10
CA PRO A 36 -76.25 9.97 19.66
C PRO A 36 -77.08 8.86 19.03
N HIS A 37 -76.65 8.38 17.87
CA HIS A 37 -77.19 7.13 17.34
C HIS A 37 -76.07 6.11 17.36
N ILE A 38 -76.13 5.17 18.31
CA ILE A 38 -75.01 4.27 18.51
C ILE A 38 -75.06 3.07 17.58
N ASP A 39 -73.91 2.70 17.03
CA ASP A 39 -73.81 1.47 16.25
C ASP A 39 -72.61 0.64 16.67
N ASN A 40 -72.89 -0.55 17.20
CA ASN A 40 -71.84 -1.50 17.52
C ASN A 40 -71.54 -2.34 16.30
N LEU A 41 -70.26 -2.43 15.95
CA LEU A 41 -69.86 -3.14 14.75
C LEU A 41 -68.41 -3.60 14.86
N GLU A 42 -68.01 -4.50 13.98
CA GLU A 42 -66.63 -4.96 13.96
C GLU A 42 -65.85 -4.01 13.05
N VAL A 43 -64.96 -3.25 13.67
CA VAL A 43 -64.34 -2.12 13.00
C VAL A 43 -63.28 -2.58 12.00
N ALA A 44 -62.70 -3.76 12.22
CA ALA A 44 -61.71 -4.31 11.31
C ALA A 44 -62.31 -4.68 9.94
N ASN A 45 -63.63 -4.80 9.89
CA ASN A 45 -64.31 -5.15 8.64
C ASN A 45 -64.75 -3.95 7.81
N SER A 46 -64.18 -3.83 6.62
CA SER A 46 -64.47 -2.71 5.73
C SER A 46 -65.95 -2.65 5.32
N PHE A 47 -66.52 -3.79 4.94
CA PHE A 47 -67.93 -3.84 4.55
C PHE A 47 -68.86 -3.32 5.64
N ALA A 48 -68.63 -3.80 6.85
CA ALA A 48 -69.44 -3.41 8.01
C ALA A 48 -69.37 -1.91 8.23
N VAL A 49 -68.17 -1.36 8.12
CA VAL A 49 -67.97 0.07 8.29
C VAL A 49 -68.66 0.87 7.20
N THR A 50 -68.48 0.47 5.96
CA THR A 50 -69.16 1.09 4.83
C THR A 50 -70.65 1.17 5.10
N ASN A 51 -71.20 0.02 5.49
CA ASN A 51 -72.64 -0.10 5.68
C ASN A 51 -73.12 0.75 6.85
N ALA A 52 -72.34 0.79 7.93
CA ALA A 52 -72.69 1.57 9.10
C ALA A 52 -72.65 3.06 8.81
N PHE A 53 -71.62 3.49 8.10
CA PHE A 53 -71.45 4.88 7.71
C PHE A 53 -72.59 5.34 6.82
N CYS A 54 -72.95 4.52 5.85
CA CYS A 54 -74.07 4.84 4.98
C CYS A 54 -75.39 4.83 5.75
N SER A 55 -75.50 3.94 6.74
CA SER A 55 -76.68 3.87 7.59
C SER A 55 -76.85 5.15 8.39
N GLN A 56 -75.74 5.70 8.88
CA GLN A 56 -75.77 6.95 9.63
C GLN A 56 -76.07 8.12 8.69
N PHE A 57 -75.41 8.12 7.55
CA PHE A 57 -75.52 9.18 6.56
C PHE A 57 -76.97 9.35 6.11
N SER A 58 -77.58 8.25 5.68
CA SER A 58 -78.95 8.26 5.19
C SER A 58 -79.94 8.65 6.29
N ARG A 59 -79.53 8.49 7.55
CA ARG A 59 -80.35 8.87 8.68
C ARG A 59 -80.31 10.40 8.91
N GLY A 60 -79.48 11.08 8.12
CA GLY A 60 -79.41 12.53 8.15
C GLY A 60 -78.67 13.07 9.35
N VAL A 61 -77.50 12.48 9.61
CA VAL A 61 -76.65 12.89 10.71
C VAL A 61 -75.78 14.10 10.36
N TYR A 62 -75.59 15.01 11.33
CA TYR A 62 -74.75 16.18 11.11
C TYR A 62 -73.27 15.86 11.23
N ALA A 63 -72.92 14.94 12.13
CA ALA A 63 -71.54 14.52 12.29
C ALA A 63 -71.42 13.13 12.90
N ILE A 64 -70.31 12.48 12.63
CA ILE A 64 -70.12 11.11 13.08
C ILE A 64 -68.89 11.00 13.96
N PHE A 65 -69.01 10.26 15.05
CA PHE A 65 -67.90 9.97 15.92
C PHE A 65 -67.70 8.46 15.95
N GLY A 66 -66.48 8.00 15.75
CA GLY A 66 -66.24 6.57 15.65
C GLY A 66 -64.80 6.16 15.74
N PHE A 67 -64.52 4.92 15.32
CA PHE A 67 -63.16 4.40 15.34
C PHE A 67 -62.87 3.75 13.99
N TYR A 68 -61.60 3.49 13.70
CA TYR A 68 -61.25 2.73 12.50
C TYR A 68 -59.98 1.91 12.68
N ASP A 69 -59.91 0.82 11.92
CA ASP A 69 -58.75 -0.07 11.89
C ASP A 69 -57.84 0.31 10.74
N LYS A 70 -56.71 -0.36 10.60
CA LYS A 70 -55.83 -0.14 9.46
C LYS A 70 -56.51 -0.54 8.15
N LYS A 71 -57.60 -1.28 8.27
CA LYS A 71 -58.34 -1.77 7.12
C LYS A 71 -59.43 -0.79 6.74
N SER A 72 -60.32 -0.51 7.68
CA SER A 72 -61.48 0.34 7.43
C SER A 72 -61.13 1.82 7.26
N VAL A 73 -59.96 2.23 7.73
CA VAL A 73 -59.61 3.65 7.76
C VAL A 73 -59.79 4.36 6.41
N ASN A 74 -59.25 3.79 5.35
CA ASN A 74 -59.37 4.37 4.02
C ASN A 74 -60.82 4.50 3.58
N THR A 75 -61.64 3.53 3.97
CA THR A 75 -63.07 3.58 3.69
C THR A 75 -63.66 4.82 4.34
N ILE A 76 -63.31 5.04 5.60
CA ILE A 76 -63.83 6.19 6.34
C ILE A 76 -63.36 7.49 5.69
N THR A 77 -62.06 7.66 5.50
CA THR A 77 -61.51 8.89 4.92
C THR A 77 -62.09 9.21 3.55
N SER A 78 -62.18 8.18 2.70
CA SER A 78 -62.73 8.34 1.36
C SER A 78 -64.21 8.69 1.37
N PHE A 79 -64.99 7.98 2.19
CA PHE A 79 -66.43 8.20 2.23
C PHE A 79 -66.78 9.56 2.83
N CYS A 80 -66.02 9.95 3.86
CA CYS A 80 -66.21 11.25 4.47
C CYS A 80 -65.83 12.33 3.49
N GLY A 81 -64.70 12.14 2.81
CA GLY A 81 -64.19 13.11 1.86
C GLY A 81 -65.15 13.29 0.70
N THR A 82 -65.81 12.20 0.32
CA THR A 82 -66.73 12.24 -0.81
C THR A 82 -68.10 12.82 -0.45
N LEU A 83 -68.63 12.41 0.71
CA LEU A 83 -69.96 12.84 1.12
C LEU A 83 -69.95 14.07 2.02
N HIS A 84 -68.76 14.62 2.24
CA HIS A 84 -68.59 15.82 3.07
C HIS A 84 -69.20 15.66 4.46
N VAL A 85 -68.95 14.50 5.08
CA VAL A 85 -69.45 14.25 6.43
C VAL A 85 -68.30 14.22 7.42
N SER A 86 -68.39 15.07 8.44
CA SER A 86 -67.34 15.17 9.45
C SER A 86 -67.22 13.91 10.31
N PHE A 87 -65.99 13.51 10.60
CA PHE A 87 -65.71 12.31 11.38
C PHE A 87 -64.69 12.59 12.49
N ILE A 88 -65.15 12.39 13.72
CA ILE A 88 -64.34 12.56 14.91
C ILE A 88 -63.88 11.17 15.36
N THR A 89 -62.68 11.07 15.93
CA THR A 89 -62.14 9.76 16.29
C THR A 89 -60.83 9.79 17.05
N PRO A 90 -60.76 8.95 18.10
CA PRO A 90 -59.59 8.65 18.94
C PRO A 90 -58.56 7.79 18.23
N SER A 91 -58.95 7.19 17.11
CA SER A 91 -58.09 6.24 16.41
C SER A 91 -56.83 6.92 15.88
N PHE A 92 -55.83 6.09 15.58
CA PHE A 92 -54.50 6.55 15.18
C PHE A 92 -54.55 7.59 14.07
N PRO A 93 -53.64 8.57 14.11
CA PRO A 93 -53.57 9.61 13.09
C PRO A 93 -53.34 9.03 11.70
N THR A 94 -53.81 9.74 10.68
CA THR A 94 -53.66 9.28 9.31
C THR A 94 -52.45 9.90 8.63
N ASP A 95 -51.76 9.13 7.81
CA ASP A 95 -50.59 9.65 7.11
C ASP A 95 -51.03 10.28 5.78
N GLY A 96 -51.16 11.60 5.79
CA GLY A 96 -51.56 12.31 4.59
C GLY A 96 -52.53 13.43 4.94
N THR A 97 -53.12 14.05 3.93
CA THR A 97 -54.08 15.12 4.16
C THR A 97 -55.48 14.58 3.94
N HIS A 98 -56.24 14.39 5.02
CA HIS A 98 -57.58 13.87 4.89
C HIS A 98 -58.61 14.86 5.40
N PRO A 99 -59.41 15.42 4.47
CA PRO A 99 -60.45 16.41 4.80
C PRO A 99 -61.65 15.78 5.48
N PHE A 100 -62.40 16.57 6.23
CA PHE A 100 -63.62 16.12 6.91
C PHE A 100 -63.32 15.02 7.91
N VAL A 101 -62.11 15.03 8.46
CA VAL A 101 -61.73 14.10 9.51
C VAL A 101 -61.01 14.84 10.62
N ILE A 102 -61.48 14.67 11.85
CA ILE A 102 -60.84 15.26 13.01
C ILE A 102 -60.24 14.19 13.92
N GLN A 103 -58.92 14.13 13.95
CA GLN A 103 -58.23 13.10 14.72
C GLN A 103 -57.89 13.61 16.11
N MET A 104 -58.58 13.07 17.11
CA MET A 104 -58.38 13.49 18.49
C MET A 104 -57.02 13.12 19.02
N ARG A 105 -56.44 12.04 18.50
CA ARG A 105 -55.15 11.55 18.98
C ARG A 105 -54.01 12.37 18.38
N PRO A 106 -53.10 12.85 19.26
CA PRO A 106 -51.89 13.55 18.87
C PRO A 106 -50.88 12.63 18.19
N ASP A 107 -50.04 13.20 17.35
CA ASP A 107 -49.02 12.42 16.64
C ASP A 107 -47.85 12.13 17.58
N LEU A 108 -47.45 10.86 17.65
CA LEU A 108 -46.43 10.43 18.59
C LEU A 108 -44.99 10.47 18.05
N LYS A 109 -44.85 10.65 16.74
CA LYS A 109 -43.55 10.56 16.07
C LYS A 109 -42.47 11.45 16.72
N GLY A 110 -42.77 12.74 16.80
CA GLY A 110 -41.82 13.71 17.32
C GLY A 110 -41.35 13.37 18.71
N ALA A 111 -42.30 13.08 19.59
CA ALA A 111 -42.00 12.71 20.97
C ALA A 111 -41.03 11.52 21.02
N LEU A 112 -41.37 10.49 20.26
CA LEU A 112 -40.57 9.28 20.21
C LEU A 112 -39.14 9.56 19.75
N LEU A 113 -39.00 10.15 18.57
CA LEU A 113 -37.68 10.41 18.01
C LEU A 113 -36.84 11.29 18.93
N SER A 114 -37.46 12.32 19.49
CA SER A 114 -36.78 13.21 20.43
C SER A 114 -36.34 12.46 21.67
N LEU A 115 -37.13 11.47 22.07
CA LEU A 115 -36.77 10.64 23.22
C LEU A 115 -35.59 9.73 22.89
N ILE A 116 -35.57 9.22 21.66
CA ILE A 116 -34.47 8.40 21.18
C ILE A 116 -33.18 9.20 21.22
N GLU A 117 -33.26 10.46 20.78
CA GLU A 117 -32.09 11.33 20.84
C GLU A 117 -31.72 11.64 22.28
N TYR A 118 -32.75 11.76 23.12
CA TYR A 118 -32.57 12.12 24.53
C TYR A 118 -31.75 11.10 25.29
N TYR A 119 -32.11 9.83 25.11
CA TYR A 119 -31.37 8.74 25.74
C TYR A 119 -30.07 8.48 24.99
N GLN A 120 -29.89 9.16 23.86
CA GLN A 120 -28.74 8.99 22.97
C GLN A 120 -28.62 7.56 22.51
N TRP A 121 -29.58 7.12 21.70
CA TRP A 121 -29.56 5.76 21.19
C TRP A 121 -29.01 5.78 19.77
N ASP A 122 -27.80 5.29 19.61
CA ASP A 122 -27.21 5.19 18.28
C ASP A 122 -27.67 3.91 17.59
N LYS A 123 -27.99 2.91 18.41
CA LYS A 123 -28.40 1.61 17.89
C LYS A 123 -29.45 0.98 18.79
N PHE A 124 -30.51 0.44 18.19
CA PHE A 124 -31.56 -0.21 18.97
C PHE A 124 -32.45 -1.11 18.13
N ALA A 125 -33.41 -1.75 18.79
CA ALA A 125 -34.35 -2.63 18.12
C ALA A 125 -35.76 -2.04 18.18
N TYR A 126 -36.55 -2.33 17.15
CA TYR A 126 -37.90 -1.79 17.03
C TYR A 126 -38.91 -2.88 16.75
N LEU A 127 -39.79 -3.14 17.71
CA LEU A 127 -40.81 -4.16 17.54
C LEU A 127 -42.14 -3.49 17.27
N TYR A 128 -42.58 -3.61 16.03
CA TYR A 128 -43.81 -2.98 15.58
C TYR A 128 -44.85 -4.01 15.20
N ASP A 129 -46.03 -3.53 14.81
CA ASP A 129 -47.01 -4.40 14.18
C ASP A 129 -47.69 -3.65 13.04
N SER A 130 -48.76 -4.22 12.51
CA SER A 130 -49.45 -3.62 11.38
C SER A 130 -50.76 -2.96 11.79
N ASP A 131 -51.01 -2.89 13.10
CA ASP A 131 -52.32 -2.47 13.58
C ASP A 131 -52.59 -0.98 13.35
N ARG A 132 -51.80 -0.11 13.95
CA ARG A 132 -52.02 1.33 13.83
C ARG A 132 -51.34 1.95 12.60
N GLY A 133 -50.75 1.11 11.75
CA GLY A 133 -50.12 1.58 10.54
C GLY A 133 -48.61 1.72 10.62
N LEU A 134 -47.97 1.79 9.45
CA LEU A 134 -46.52 1.81 9.36
C LEU A 134 -45.89 3.20 9.30
N SER A 135 -46.72 4.23 9.49
CA SER A 135 -46.25 5.62 9.45
C SER A 135 -45.07 5.87 10.39
N THR A 136 -45.21 5.41 11.64
CA THR A 136 -44.16 5.53 12.64
C THR A 136 -42.90 4.78 12.22
N LEU A 137 -43.09 3.62 11.59
CA LEU A 137 -41.98 2.82 11.11
C LEU A 137 -41.19 3.58 10.04
N GLN A 138 -41.91 4.18 9.11
CA GLN A 138 -41.30 4.99 8.06
C GLN A 138 -40.54 6.15 8.70
N ALA A 139 -41.11 6.72 9.75
CA ALA A 139 -40.48 7.84 10.43
C ALA A 139 -39.14 7.43 11.04
N VAL A 140 -39.14 6.38 11.85
CA VAL A 140 -37.92 5.93 12.51
C VAL A 140 -36.90 5.42 11.50
N LEU A 141 -37.37 4.90 10.37
CA LEU A 141 -36.45 4.43 9.32
C LEU A 141 -35.75 5.59 8.64
N ASP A 142 -36.52 6.62 8.27
CA ASP A 142 -35.96 7.82 7.66
C ASP A 142 -34.98 8.52 8.61
N SER A 143 -35.42 8.72 9.84
CA SER A 143 -34.57 9.37 10.84
C SER A 143 -33.33 8.54 11.12
N ALA A 144 -33.46 7.22 10.99
CA ALA A 144 -32.30 6.36 11.16
C ALA A 144 -31.33 6.52 10.01
N ALA A 145 -31.87 6.66 8.80
CA ALA A 145 -31.06 6.85 7.61
C ALA A 145 -30.28 8.15 7.68
N GLU A 146 -30.94 9.19 8.17
CA GLU A 146 -30.30 10.49 8.33
C GLU A 146 -29.25 10.50 9.45
N LYS A 147 -29.63 9.96 10.61
CA LYS A 147 -28.80 10.04 11.81
C LYS A 147 -27.84 8.86 11.94
N LYS A 148 -27.84 7.98 10.94
CA LYS A 148 -26.94 6.83 10.89
C LYS A 148 -27.21 5.84 12.02
N TRP A 149 -28.49 5.70 12.39
CA TRP A 149 -28.91 4.66 13.33
C TRP A 149 -28.84 3.25 12.74
N GLN A 150 -28.64 2.28 13.63
CA GLN A 150 -28.57 0.85 13.35
C GLN A 150 -29.88 0.09 13.56
N VAL A 151 -31.00 0.81 13.60
CA VAL A 151 -32.31 0.24 13.94
C VAL A 151 -32.63 -1.11 13.32
N THR A 152 -33.20 -1.99 14.16
CA THR A 152 -33.65 -3.31 13.72
C THR A 152 -35.17 -3.42 13.74
N ALA A 153 -35.77 -3.43 12.55
CA ALA A 153 -37.21 -3.50 12.43
C ALA A 153 -37.68 -4.94 12.38
N ILE A 154 -38.57 -5.29 13.29
CA ILE A 154 -39.13 -6.63 13.34
C ILE A 154 -40.63 -6.55 13.53
N ASN A 155 -41.39 -7.09 12.59
CA ASN A 155 -42.84 -7.10 12.73
C ASN A 155 -43.22 -8.24 13.66
N VAL A 156 -43.81 -7.89 14.80
CA VAL A 156 -44.20 -8.87 15.79
C VAL A 156 -45.69 -9.19 15.70
N GLY A 157 -46.38 -8.59 14.73
CA GLY A 157 -47.82 -8.80 14.66
C GLY A 157 -48.10 -10.07 13.89
N ASN A 158 -47.19 -10.46 13.01
CA ASN A 158 -47.31 -11.73 12.31
C ASN A 158 -46.38 -12.74 12.97
N ILE A 159 -46.93 -13.67 13.75
CA ILE A 159 -46.12 -14.65 14.49
C ILE A 159 -46.85 -15.98 14.57
N ASP A 165 -43.82 -17.81 19.76
CA ASP A 165 -43.23 -17.82 21.10
C ASP A 165 -41.73 -18.07 21.03
N GLU A 166 -41.33 -19.15 20.37
CA GLU A 166 -39.93 -19.53 20.22
C GLU A 166 -39.15 -18.45 19.46
N THR A 167 -39.81 -17.86 18.47
CA THR A 167 -39.21 -16.83 17.63
C THR A 167 -38.77 -15.63 18.47
N TYR A 168 -39.58 -15.30 19.48
CA TYR A 168 -39.24 -14.22 20.41
C TYR A 168 -37.94 -14.53 21.15
N ARG A 169 -37.83 -15.76 21.64
CA ARG A 169 -36.63 -16.21 22.32
C ARG A 169 -35.43 -16.13 21.39
N SER A 170 -35.64 -16.46 20.12
CA SER A 170 -34.59 -16.36 19.11
C SER A 170 -34.10 -14.92 18.94
N LEU A 171 -35.04 -14.02 18.66
CA LEU A 171 -34.70 -12.62 18.41
C LEU A 171 -34.00 -12.00 19.61
N PHE A 172 -34.51 -12.28 20.81
CA PHE A 172 -33.87 -11.78 22.02
C PHE A 172 -32.52 -12.43 22.27
N GLN A 173 -32.36 -13.67 21.82
CA GLN A 173 -31.05 -14.32 21.89
C GLN A 173 -30.01 -13.61 21.03
N ASP A 174 -30.31 -13.39 19.76
CA ASP A 174 -29.37 -12.69 18.91
C ASP A 174 -29.16 -11.27 19.42
N LEU A 175 -30.19 -10.65 20.00
CA LEU A 175 -30.03 -9.33 20.60
C LEU A 175 -29.05 -9.38 21.77
N GLU A 176 -29.15 -10.43 22.58
CA GLU A 176 -28.26 -10.59 23.72
C GLU A 176 -26.83 -10.75 23.24
N LEU A 177 -26.62 -11.53 22.18
CA LEU A 177 -25.28 -11.72 21.64
C LEU A 177 -24.71 -10.45 20.99
N LYS A 178 -25.55 -9.73 20.24
CA LYS A 178 -25.16 -8.48 19.60
C LYS A 178 -25.08 -7.36 20.63
N GLY A 179 -25.57 -7.67 21.83
CA GLY A 179 -25.56 -6.72 22.93
C GLY A 179 -26.48 -5.53 22.76
N GLU A 180 -27.59 -5.72 22.05
CA GLU A 180 -28.55 -4.63 21.93
C GLU A 180 -29.58 -4.83 23.02
N ARG A 181 -29.47 -3.99 24.04
CA ARG A 181 -30.37 -3.99 25.17
C ARG A 181 -31.61 -3.17 24.87
N ARG A 182 -31.38 -2.03 24.23
CA ARG A 182 -32.43 -1.06 23.98
C ARG A 182 -33.44 -1.55 22.95
N VAL A 183 -34.71 -1.48 23.32
CA VAL A 183 -35.79 -1.97 22.49
C VAL A 183 -36.95 -0.97 22.52
N ILE A 184 -37.62 -0.80 21.40
CA ILE A 184 -38.81 0.01 21.36
C ILE A 184 -40.00 -0.85 20.99
N LEU A 185 -40.98 -0.88 21.88
CA LEU A 185 -42.21 -1.62 21.61
C LEU A 185 -43.24 -0.68 21.02
N ASP A 186 -43.55 -0.85 19.75
CA ASP A 186 -44.62 -0.09 19.14
C ASP A 186 -45.70 -1.09 18.78
N CYS A 187 -46.77 -1.13 19.59
CA CYS A 187 -47.77 -2.19 19.48
C CYS A 187 -49.06 -1.83 20.20
N GLU A 188 -50.06 -2.70 20.04
CA GLU A 188 -51.30 -2.59 20.79
C GLU A 188 -51.04 -2.89 22.26
N ARG A 189 -51.90 -2.39 23.13
CA ARG A 189 -51.80 -2.66 24.57
C ARG A 189 -51.68 -4.16 24.82
N ASP A 190 -52.51 -4.93 24.13
CA ASP A 190 -52.55 -6.37 24.27
C ASP A 190 -51.21 -6.98 23.83
N LYS A 191 -50.78 -6.62 22.62
CA LYS A 191 -49.50 -7.07 22.11
C LYS A 191 -48.34 -6.71 23.03
N VAL A 192 -48.39 -5.49 23.58
CA VAL A 192 -47.37 -5.06 24.54
C VAL A 192 -47.33 -6.01 25.74
N ASN A 193 -48.50 -6.23 26.34
CA ASN A 193 -48.63 -7.16 27.46
C ASN A 193 -48.06 -8.55 27.14
N ASP A 194 -48.43 -9.06 25.96
CA ASP A 194 -47.93 -10.34 25.48
C ASP A 194 -46.40 -10.38 25.41
N ILE A 195 -45.83 -9.40 24.70
CA ILE A 195 -44.40 -9.33 24.50
C ILE A 195 -43.66 -9.25 25.83
N VAL A 196 -44.18 -8.43 26.73
CA VAL A 196 -43.60 -8.29 28.06
C VAL A 196 -43.64 -9.61 28.81
N ASP A 197 -44.78 -10.29 28.76
CA ASP A 197 -44.91 -11.60 29.38
C ASP A 197 -43.85 -12.57 28.86
N GLN A 198 -43.68 -12.59 27.54
CA GLN A 198 -42.69 -13.45 26.91
C GLN A 198 -41.27 -13.03 27.31
N VAL A 199 -41.09 -11.75 27.60
CA VAL A 199 -39.81 -11.23 28.05
C VAL A 199 -39.48 -11.72 29.47
N ILE A 200 -40.47 -11.68 30.34
CA ILE A 200 -40.29 -12.09 31.73
C ILE A 200 -40.08 -13.60 31.82
N THR A 201 -40.82 -14.35 31.01
CA THR A 201 -40.72 -15.82 31.04
C THR A 201 -39.30 -16.31 30.74
N ILE A 202 -38.67 -15.73 29.72
CA ILE A 202 -37.30 -16.11 29.36
C ILE A 202 -36.25 -15.22 30.03
N GLY A 203 -36.70 -14.30 30.87
CA GLY A 203 -35.82 -13.45 31.65
C GLY A 203 -34.95 -12.49 30.86
N LYS A 204 -35.56 -11.77 29.92
CA LYS A 204 -34.88 -10.73 29.16
C LYS A 204 -35.13 -9.34 29.76
N HIS A 205 -35.81 -9.34 30.90
CA HIS A 205 -36.16 -8.12 31.63
C HIS A 205 -35.06 -7.79 32.63
N VAL A 206 -33.94 -8.51 32.52
CA VAL A 206 -32.80 -8.31 33.41
C VAL A 206 -32.14 -6.94 33.20
N LYS A 207 -31.32 -6.57 34.18
CA LYS A 207 -30.65 -5.28 34.20
C LYS A 207 -29.83 -5.06 32.93
N GLY A 208 -29.80 -3.80 32.50
CA GLY A 208 -29.09 -3.44 31.29
C GLY A 208 -30.04 -3.15 30.15
N TYR A 209 -31.28 -3.60 30.29
CA TYR A 209 -32.29 -3.38 29.25
C TYR A 209 -33.05 -2.09 29.43
N HIS A 210 -33.36 -1.47 28.30
CA HIS A 210 -34.15 -0.25 28.28
C HIS A 210 -35.28 -0.43 27.28
N TYR A 211 -36.51 -0.28 27.74
CA TYR A 211 -37.65 -0.45 26.86
C TYR A 211 -38.34 0.89 26.69
N ILE A 212 -38.78 1.18 25.48
CA ILE A 212 -39.59 2.36 25.24
C ILE A 212 -40.94 1.93 24.69
N ILE A 213 -41.99 2.11 25.48
CA ILE A 213 -43.33 1.81 25.01
C ILE A 213 -43.87 3.02 24.26
N ALA A 214 -44.15 2.85 22.97
CA ALA A 214 -44.65 3.97 22.20
C ALA A 214 -46.17 3.89 22.08
N ASN A 215 -46.83 4.69 22.91
CA ASN A 215 -48.28 4.87 22.92
C ASN A 215 -48.62 5.86 24.03
N LEU A 216 -49.80 6.43 23.98
CA LEU A 216 -50.21 7.43 24.96
C LEU A 216 -50.74 6.77 26.24
N GLY A 217 -50.78 5.44 26.22
CA GLY A 217 -51.37 4.63 27.27
C GLY A 217 -50.48 4.13 28.41
N PHE A 218 -49.23 4.56 28.43
CA PHE A 218 -48.21 4.01 29.34
C PHE A 218 -48.66 3.75 30.79
N THR A 219 -49.40 4.66 31.40
CA THR A 219 -49.90 4.40 32.75
C THR A 219 -51.34 3.85 32.73
N ASP A 220 -51.98 3.90 31.57
CA ASP A 220 -53.37 3.46 31.46
C ASP A 220 -53.46 1.94 31.58
N GLY A 221 -52.38 1.27 31.24
CA GLY A 221 -52.28 -0.18 31.34
C GLY A 221 -51.61 -0.58 32.64
N ASP A 222 -51.44 -1.88 32.85
CA ASP A 222 -50.81 -2.38 34.07
C ASP A 222 -49.30 -2.50 33.90
N LEU A 223 -48.56 -1.69 34.66
CA LEU A 223 -47.11 -1.67 34.63
C LEU A 223 -46.51 -2.51 35.73
N LEU A 224 -47.36 -3.16 36.50
CA LEU A 224 -46.94 -3.90 37.70
C LEU A 224 -45.98 -5.05 37.42
N LYS A 225 -46.05 -5.66 36.24
CA LYS A 225 -45.23 -6.83 35.92
C LYS A 225 -43.72 -6.57 35.80
N ILE A 226 -43.33 -5.50 35.10
CA ILE A 226 -41.91 -5.18 34.91
C ILE A 226 -41.43 -4.20 35.97
N GLN A 227 -42.33 -3.77 36.85
CA GLN A 227 -42.01 -2.77 37.85
C GLN A 227 -40.87 -3.29 38.73
N PHE A 228 -40.88 -4.60 38.96
CA PHE A 228 -39.84 -5.25 39.75
C PHE A 228 -38.80 -5.93 38.85
N GLY A 229 -38.96 -5.80 37.54
CA GLY A 229 -38.07 -6.45 36.59
C GLY A 229 -36.62 -6.03 36.68
N GLY A 230 -36.37 -4.74 36.88
CA GLY A 230 -35.02 -4.23 37.02
C GLY A 230 -34.51 -3.50 35.80
N ALA A 231 -35.26 -3.60 34.70
CA ALA A 231 -34.91 -2.92 33.47
C ALA A 231 -35.57 -1.55 33.39
N GLU A 232 -34.86 -0.57 32.84
CA GLU A 232 -35.43 0.76 32.66
C GLU A 232 -36.56 0.71 31.64
N VAL A 233 -37.63 1.44 31.91
CA VAL A 233 -38.77 1.52 31.00
C VAL A 233 -39.22 2.96 30.88
N SER A 234 -39.49 3.40 29.65
CA SER A 234 -39.91 4.77 29.38
C SER A 234 -41.17 4.77 28.55
N GLY A 235 -42.01 5.78 28.73
CA GLY A 235 -43.27 5.83 28.03
C GLY A 235 -43.84 7.22 27.76
N PHE A 236 -45.05 7.25 27.22
CA PHE A 236 -45.71 8.52 26.93
C PHE A 236 -47.08 8.60 27.61
N GLN A 237 -47.40 9.78 28.12
CA GLN A 237 -48.66 10.00 28.84
C GLN A 237 -49.40 11.21 28.26
N ILE A 238 -50.60 10.98 27.74
CA ILE A 238 -51.40 12.09 27.23
C ILE A 238 -52.24 12.83 28.27
N VAL A 239 -52.63 12.14 29.35
CA VAL A 239 -53.49 12.73 30.37
C VAL A 239 -52.83 12.85 31.73
N ASP A 240 -52.57 14.08 32.17
CA ASP A 240 -51.95 14.29 33.47
C ASP A 240 -53.02 14.21 34.55
N TYR A 241 -52.86 13.26 35.47
CA TYR A 241 -53.88 12.99 36.46
C TYR A 241 -53.79 13.92 37.66
N ASP A 242 -52.78 14.78 37.65
CA ASP A 242 -52.62 15.79 38.70
C ASP A 242 -53.33 17.09 38.37
N ASP A 243 -53.77 17.23 37.13
CA ASP A 243 -54.50 18.42 36.71
C ASP A 243 -55.89 18.46 37.33
N SER A 244 -56.29 19.65 37.77
CA SER A 244 -57.56 19.86 38.46
C SER A 244 -58.75 19.41 37.62
N LEU A 245 -58.67 19.63 36.31
CA LEU A 245 -59.72 19.19 35.39
C LEU A 245 -59.83 17.68 35.45
N VAL A 246 -58.69 17.03 35.31
CA VAL A 246 -58.61 15.58 35.32
C VAL A 246 -58.92 15.06 36.72
N SER A 247 -58.43 15.78 37.72
CA SER A 247 -58.68 15.41 39.12
C SER A 247 -60.16 15.34 39.44
N LYS A 248 -60.89 16.39 39.07
CA LYS A 248 -62.34 16.42 39.30
C LYS A 248 -63.05 15.40 38.42
N PHE A 249 -62.49 15.17 37.23
CA PHE A 249 -63.08 14.18 36.34
C PHE A 249 -63.04 12.81 36.97
N ILE A 250 -61.86 12.40 37.43
CA ILE A 250 -61.68 11.14 38.15
C ILE A 250 -62.54 11.10 39.40
N GLU A 251 -62.65 12.25 40.07
CA GLU A 251 -63.47 12.37 41.27
C GLU A 251 -64.90 11.95 40.99
N ARG A 252 -65.46 12.43 39.87
CA ARG A 252 -66.82 12.06 39.49
C ARG A 252 -66.90 10.67 38.86
N TRP A 253 -65.82 10.25 38.22
CA TRP A 253 -65.76 9.04 37.42
C TRP A 253 -65.63 7.81 38.32
N SER A 254 -64.81 7.92 39.35
CA SER A 254 -64.55 6.81 40.26
C SER A 254 -65.74 6.53 41.17
N THR A 255 -66.65 7.49 41.24
CA THR A 255 -67.86 7.37 42.06
C THR A 255 -69.08 6.92 41.26
N LEU A 256 -68.87 6.50 40.01
CA LEU A 256 -69.99 6.10 39.17
C LEU A 256 -70.36 4.65 39.38
N GLU A 257 -71.66 4.36 39.23
CA GLU A 257 -72.19 3.01 39.36
C GLU A 257 -71.81 2.14 38.18
N GLU A 258 -71.22 0.98 38.47
CA GLU A 258 -70.80 0.04 37.44
C GLU A 258 -71.99 -0.47 36.65
N LYS A 259 -73.17 -0.43 37.26
CA LYS A 259 -74.41 -0.83 36.62
C LYS A 259 -74.72 0.04 35.40
N GLU A 260 -74.71 1.36 35.61
CA GLU A 260 -75.00 2.32 34.55
C GLU A 260 -73.85 2.43 33.54
N TYR A 261 -72.68 2.84 34.05
CA TYR A 261 -71.51 2.98 33.20
C TYR A 261 -70.44 1.95 33.59
N PRO A 262 -70.23 0.95 32.72
CA PRO A 262 -69.25 -0.13 32.94
C PRO A 262 -67.80 0.35 32.86
N GLY A 263 -66.95 -0.21 33.73
CA GLY A 263 -65.53 0.14 33.78
C GLY A 263 -65.26 1.55 34.26
N ALA A 264 -66.28 2.18 34.84
CA ALA A 264 -66.19 3.56 35.32
C ALA A 264 -65.53 3.69 36.69
N HIS A 265 -65.69 2.68 37.54
CA HIS A 265 -65.30 2.79 38.94
C HIS A 265 -63.80 2.78 39.16
N THR A 266 -63.04 2.58 38.09
CA THR A 266 -61.59 2.57 38.16
C THR A 266 -61.06 3.96 38.51
N ALA A 267 -59.85 3.99 39.07
CA ALA A 267 -59.18 5.24 39.43
C ALA A 267 -58.59 5.93 38.21
N THR A 268 -58.30 5.17 37.16
CA THR A 268 -57.72 5.75 35.95
C THR A 268 -58.62 5.52 34.74
N ILE A 269 -58.17 5.98 33.58
CA ILE A 269 -58.96 5.85 32.35
C ILE A 269 -58.05 5.72 31.13
N LYS A 270 -58.46 4.89 30.17
CA LYS A 270 -57.68 4.69 28.95
C LYS A 270 -57.65 5.96 28.11
N TYR A 271 -56.51 6.22 27.48
CA TYR A 271 -56.33 7.45 26.71
C TYR A 271 -57.33 7.54 25.57
N THR A 272 -57.68 6.41 24.99
CA THR A 272 -58.69 6.35 23.94
C THR A 272 -60.03 6.85 24.48
N SER A 273 -60.35 6.42 25.70
CA SER A 273 -61.59 6.79 26.36
C SER A 273 -61.64 8.27 26.71
N ALA A 274 -60.53 8.76 27.26
CA ALA A 274 -60.38 10.19 27.57
C ALA A 274 -60.56 11.01 26.31
N LEU A 275 -59.92 10.57 25.23
CA LEU A 275 -60.07 11.20 23.92
C LEU A 275 -61.51 11.17 23.45
N THR A 276 -62.25 10.11 23.77
CA THR A 276 -63.67 10.05 23.46
C THR A 276 -64.42 11.18 24.17
N TYR A 277 -64.07 11.38 25.43
CA TYR A 277 -64.72 12.40 26.26
C TYR A 277 -64.43 13.79 25.68
N ASP A 278 -63.16 14.05 25.41
CA ASP A 278 -62.75 15.32 24.83
C ASP A 278 -63.35 15.52 23.44
N ALA A 279 -63.62 14.41 22.76
CA ALA A 279 -64.31 14.47 21.47
C ALA A 279 -65.70 15.01 21.66
N VAL A 280 -66.39 14.53 22.70
CA VAL A 280 -67.73 15.04 23.00
C VAL A 280 -67.65 16.53 23.25
N GLN A 281 -66.64 16.95 24.02
CA GLN A 281 -66.43 18.37 24.29
C GLN A 281 -66.30 19.16 22.99
N VAL A 282 -65.45 18.67 22.10
CA VAL A 282 -65.16 19.35 20.85
C VAL A 282 -66.40 19.49 19.98
N MET A 283 -67.22 18.44 19.91
CA MET A 283 -68.44 18.52 19.11
C MET A 283 -69.39 19.54 19.72
N THR A 284 -69.50 19.52 21.04
CA THR A 284 -70.36 20.47 21.73
C THR A 284 -69.96 21.91 21.43
N GLU A 285 -68.70 22.26 21.71
CA GLU A 285 -68.23 23.62 21.45
C GLU A 285 -68.29 24.00 19.97
N ALA A 286 -68.11 23.02 19.08
CA ALA A 286 -68.16 23.30 17.65
C ALA A 286 -69.56 23.73 17.24
N PHE A 287 -70.56 22.94 17.64
CA PHE A 287 -71.93 23.27 17.27
C PHE A 287 -72.41 24.51 18.03
N ARG A 288 -71.81 24.76 19.19
CA ARG A 288 -72.10 25.98 19.93
C ARG A 288 -71.63 27.18 19.13
N ASN A 289 -70.44 27.06 18.55
CA ASN A 289 -69.90 28.11 17.69
C ASN A 289 -70.69 28.21 16.40
N LEU A 290 -71.37 27.12 16.02
CA LEU A 290 -72.23 27.15 14.85
C LEU A 290 -73.52 27.92 15.08
N ARG A 291 -74.15 27.70 16.22
CA ARG A 291 -75.39 28.42 16.53
C ARG A 291 -75.16 29.84 17.02
N LYS A 292 -73.97 30.11 17.57
CA LYS A 292 -73.64 31.43 18.08
C LYS A 292 -73.22 32.42 17.00
N GLN A 293 -72.80 31.90 15.85
CA GLN A 293 -72.36 32.74 14.73
C GLN A 293 -73.50 33.05 13.77
N ARG A 294 -74.71 32.68 14.16
CA ARG A 294 -75.93 32.97 13.41
C ARG A 294 -75.94 32.25 12.05
N ILE A 295 -75.26 31.11 11.99
CA ILE A 295 -75.31 30.28 10.79
C ILE A 295 -76.14 29.03 11.09
N GLU A 296 -77.30 28.93 10.45
CA GLU A 296 -78.16 27.76 10.65
C GLU A 296 -77.67 26.56 9.86
N ILE A 297 -77.47 25.45 10.56
CA ILE A 297 -76.90 24.25 9.96
C ILE A 297 -77.92 23.27 9.41
N SER A 298 -79.19 23.45 9.78
CA SER A 298 -80.23 22.44 9.55
C SER A 298 -80.24 21.92 8.12
N ARG A 299 -80.32 20.59 8.00
CA ARG A 299 -80.14 19.90 6.73
C ARG A 299 -81.21 20.28 5.71
N ARG A 300 -80.77 20.77 4.55
CA ARG A 300 -81.68 21.22 3.51
C ARG A 300 -82.60 20.11 3.01
N GLY A 301 -82.01 19.13 2.33
CA GLY A 301 -82.77 17.99 1.83
C GLY A 301 -82.36 16.70 2.51
N ASN A 302 -83.09 15.63 2.22
CA ASN A 302 -82.73 14.32 2.74
C ASN A 302 -81.37 13.90 2.19
N ALA A 303 -80.55 13.27 3.02
CA ALA A 303 -79.22 12.82 2.60
C ALA A 303 -79.30 11.91 1.38
N GLY A 304 -80.18 10.92 1.45
CA GLY A 304 -80.37 10.00 0.33
C GLY A 304 -79.44 8.81 0.40
N ASP A 305 -79.24 8.17 -0.75
CA ASP A 305 -78.41 6.98 -0.83
C ASP A 305 -76.95 7.41 -0.99
N CYS A 306 -76.11 6.99 -0.06
CA CYS A 306 -74.69 7.35 -0.07
C CYS A 306 -74.00 6.91 -1.36
N LEU A 307 -74.44 5.78 -1.88
CA LEU A 307 -73.92 5.22 -3.12
C LEU A 307 -74.43 5.92 -4.38
N ALA A 308 -75.46 6.75 -4.24
CA ALA A 308 -76.11 7.31 -5.42
C ALA A 308 -75.13 8.16 -6.23
N ASN A 309 -75.03 7.82 -7.51
CA ASN A 309 -74.07 8.42 -8.43
C ASN A 309 -74.70 9.45 -9.36
N PRO A 310 -74.05 10.62 -9.53
CA PRO A 310 -72.82 10.99 -8.81
C PRO A 310 -73.13 11.38 -7.36
N ALA A 311 -72.10 11.45 -6.53
CA ALA A 311 -72.27 11.75 -5.11
C ALA A 311 -73.09 13.01 -4.87
N VAL A 312 -73.72 13.08 -3.70
CA VAL A 312 -74.51 14.24 -3.32
C VAL A 312 -74.15 14.72 -1.91
N PRO A 313 -73.03 15.47 -1.82
CA PRO A 313 -72.64 16.10 -0.55
C PRO A 313 -73.47 17.34 -0.24
N TRP A 314 -73.83 17.53 1.03
CA TRP A 314 -74.48 18.77 1.44
C TRP A 314 -73.40 19.83 1.63
N GLY A 315 -73.52 20.92 0.88
CA GLY A 315 -72.52 21.99 0.94
C GLY A 315 -72.37 22.62 2.30
N GLN A 316 -73.48 22.93 2.95
CA GLN A 316 -73.45 23.55 4.27
C GLN A 316 -72.66 22.73 5.28
N GLY A 317 -72.57 21.42 5.07
CA GLY A 317 -71.87 20.57 6.00
C GLY A 317 -70.40 20.93 6.08
N VAL A 318 -69.89 21.57 5.02
CA VAL A 318 -68.50 22.02 5.00
C VAL A 318 -68.27 22.95 6.18
N GLU A 319 -69.24 23.83 6.42
CA GLU A 319 -69.20 24.75 7.54
C GLU A 319 -68.94 23.99 8.83
N ILE A 320 -69.68 22.90 9.04
CA ILE A 320 -69.52 22.09 10.23
C ILE A 320 -68.07 21.64 10.38
N GLU A 321 -67.47 21.15 9.29
CA GLU A 321 -66.07 20.75 9.32
C GLU A 321 -65.24 21.89 9.88
N ARG A 322 -65.37 23.06 9.26
CA ARG A 322 -64.62 24.24 9.67
C ARG A 322 -64.87 24.52 11.14
N ALA A 323 -66.14 24.44 11.53
CA ALA A 323 -66.56 24.72 12.90
C ALA A 323 -65.78 23.85 13.88
N LEU A 324 -65.57 22.59 13.50
CA LEU A 324 -64.81 21.67 14.33
C LEU A 324 -63.33 22.07 14.38
N LYS A 325 -62.74 22.34 13.22
CA LYS A 325 -61.31 22.62 13.16
C LYS A 325 -60.95 23.92 13.87
N GLN A 326 -61.91 24.83 13.98
CA GLN A 326 -61.66 26.12 14.63
C GLN A 326 -61.76 26.03 16.15
N VAL A 327 -62.20 24.87 16.65
CA VAL A 327 -62.38 24.68 18.09
C VAL A 327 -61.06 24.67 18.83
N GLN A 328 -60.99 25.41 19.91
CA GLN A 328 -59.86 25.34 20.82
C GLN A 328 -60.37 25.24 22.25
N VAL A 329 -60.13 24.11 22.90
CA VAL A 329 -60.65 23.91 24.26
C VAL A 329 -59.67 23.19 25.18
N GLU A 330 -59.97 23.19 26.48
CA GLU A 330 -59.13 22.48 27.44
C GLU A 330 -59.85 21.25 27.96
N GLY A 331 -59.38 20.08 27.53
CA GLY A 331 -59.95 18.82 27.98
C GLY A 331 -59.01 18.02 28.86
N LEU A 332 -59.24 16.71 28.89
CA LEU A 332 -58.41 15.78 29.63
C LEU A 332 -57.03 15.64 28.98
N SER A 333 -57.04 15.52 27.65
CA SER A 333 -55.84 15.29 26.86
C SER A 333 -54.89 16.49 26.88
N GLY A 334 -55.36 17.63 27.36
CA GLY A 334 -54.58 18.85 27.33
C GLY A 334 -55.19 19.85 26.38
N ASN A 335 -54.43 20.88 26.01
CA ASN A 335 -54.91 21.87 25.06
C ASN A 335 -55.27 21.23 23.73
N ILE A 336 -56.49 21.48 23.28
CA ILE A 336 -57.01 20.88 22.06
C ILE A 336 -57.25 21.93 20.98
N LYS A 337 -56.49 21.80 19.89
CA LYS A 337 -56.59 22.66 18.73
C LYS A 337 -56.15 21.88 17.49
N PHE A 338 -56.74 22.18 16.34
CA PHE A 338 -56.44 21.45 15.11
C PHE A 338 -55.96 22.36 14.00
N ASP A 339 -55.29 21.78 13.01
CA ASP A 339 -54.88 22.51 11.82
C ASP A 339 -55.90 22.29 10.70
N GLN A 340 -55.61 22.86 9.53
CA GLN A 340 -56.52 22.78 8.38
C GLN A 340 -56.78 21.34 7.93
N ASN A 341 -55.80 20.47 8.14
CA ASN A 341 -55.93 19.07 7.75
C ASN A 341 -56.70 18.25 8.79
N GLY A 342 -56.83 18.79 9.99
CA GLY A 342 -57.59 18.14 11.05
C GLY A 342 -56.76 17.41 12.08
N LYS A 343 -55.44 17.52 11.96
CA LYS A 343 -54.51 16.88 12.89
C LYS A 343 -54.32 17.76 14.14
N ARG A 344 -54.13 17.12 15.29
CA ARG A 344 -53.91 17.88 16.53
C ARG A 344 -52.66 18.74 16.44
N ILE A 345 -52.76 19.94 16.99
CA ILE A 345 -51.66 20.88 17.06
C ILE A 345 -51.59 21.43 18.47
N ASN A 346 -50.43 21.93 18.87
CA ASN A 346 -50.20 22.53 20.18
C ASN A 346 -50.43 21.55 21.35
N TYR A 347 -50.26 20.25 21.09
CA TYR A 347 -50.41 19.24 22.12
C TYR A 347 -49.13 19.08 22.93
N THR A 348 -49.27 18.74 24.20
CA THR A 348 -48.12 18.47 25.05
C THR A 348 -48.14 17.01 25.47
N ILE A 349 -47.04 16.31 25.22
CA ILE A 349 -47.01 14.89 25.60
C ILE A 349 -46.08 14.63 26.76
N ASN A 350 -46.61 14.10 27.86
CA ASN A 350 -45.77 13.81 29.01
C ASN A 350 -44.82 12.66 28.71
N ILE A 351 -43.57 12.81 29.14
CA ILE A 351 -42.59 11.75 29.01
C ILE A 351 -42.44 11.05 30.35
N MET A 352 -42.85 9.78 30.43
CA MET A 352 -42.76 9.08 31.70
C MET A 352 -41.60 8.10 31.75
N GLU A 353 -41.34 7.63 32.97
CA GLU A 353 -40.29 6.64 33.24
C GLU A 353 -40.78 5.80 34.41
N LEU A 354 -40.52 4.50 34.35
CA LEU A 354 -40.97 3.59 35.39
C LEU A 354 -39.82 3.31 36.34
N LYS A 355 -39.98 3.71 37.60
CA LYS A 355 -38.96 3.50 38.61
C LYS A 355 -39.48 2.63 39.75
N THR A 356 -38.65 2.45 40.77
CA THR A 356 -38.99 1.58 41.91
C THR A 356 -40.26 2.04 42.62
N ASN A 357 -40.37 3.33 42.87
CA ASN A 357 -41.54 3.92 43.53
C ASN A 357 -42.75 3.97 42.59
N GLY A 358 -42.53 3.62 41.33
CA GLY A 358 -43.58 3.69 40.32
C GLY A 358 -43.26 4.72 39.25
N PRO A 359 -44.21 4.96 38.34
CA PRO A 359 -44.01 5.86 37.20
C PRO A 359 -43.85 7.32 37.63
N ARG A 360 -43.04 8.07 36.88
CA ARG A 360 -42.77 9.47 37.19
C ARG A 360 -42.56 10.29 35.92
N LYS A 361 -43.02 11.54 35.95
CA LYS A 361 -42.87 12.43 34.80
C LYS A 361 -41.47 13.04 34.79
N ILE A 362 -40.72 12.76 33.74
CA ILE A 362 -39.35 13.29 33.62
C ILE A 362 -39.27 14.53 32.74
N GLY A 363 -40.39 14.92 32.14
CA GLY A 363 -40.42 16.06 31.26
C GLY A 363 -41.58 15.99 30.30
N TYR A 364 -41.56 16.85 29.28
CA TYR A 364 -42.63 16.85 28.29
C TYR A 364 -42.09 17.07 26.89
N TRP A 365 -42.94 16.82 25.89
CA TRP A 365 -42.58 17.03 24.51
C TRP A 365 -43.61 17.95 23.86
N SER A 366 -43.10 19.09 23.41
CA SER A 366 -43.87 20.09 22.69
C SER A 366 -43.61 20.04 21.18
N GLU A 367 -44.57 20.53 20.41
CA GLU A 367 -44.45 20.59 18.95
C GLU A 367 -43.33 21.53 18.52
N VAL A 368 -42.88 22.38 19.45
CA VAL A 368 -41.87 23.39 19.15
C VAL A 368 -40.61 23.15 19.96
N ASP A 369 -40.73 23.20 21.29
CA ASP A 369 -39.57 23.04 22.17
C ASP A 369 -38.99 21.63 22.17
N LYS A 370 -39.69 20.69 21.54
CA LYS A 370 -39.28 19.29 21.52
C LYS A 370 -39.19 18.76 22.95
N MET A 371 -38.12 18.05 23.27
CA MET A 371 -37.97 17.47 24.60
C MET A 371 -37.51 18.52 25.61
N VAL A 372 -38.34 18.73 26.62
CA VAL A 372 -38.03 19.65 27.71
C VAL A 372 -38.06 18.92 29.03
N VAL A 373 -36.91 18.83 29.69
CA VAL A 373 -36.80 18.08 30.93
C VAL A 373 -37.29 18.84 32.16
N THR A 374 -38.29 18.24 32.81
CA THR A 374 -38.89 18.77 34.02
C THR A 374 -38.44 17.90 35.19
N LEU A 375 -38.29 18.54 36.35
CA LEU A 375 -37.78 17.98 37.62
C LEU A 375 -36.28 18.25 37.78
N THR A 376 -35.66 18.76 36.72
CA THR A 376 -34.27 19.20 36.75
C THR A 376 -33.32 18.17 37.37
N GLU A 377 -33.48 16.91 36.96
CA GLU A 377 -32.69 15.80 37.52
C GLU A 377 -32.87 15.74 39.03
N SER A 378 -34.12 15.68 39.49
CA SER A 378 -34.40 15.63 40.92
C SER A 378 -33.96 14.30 41.50
N GLY A 379 -33.76 14.29 42.82
CA GLY A 379 -33.14 13.14 43.46
C GLY A 379 -31.68 13.12 43.07
N ASP A 380 -31.04 14.29 43.19
CA ASP A 380 -29.65 14.47 42.79
C ASP A 380 -28.71 13.52 43.49
N GLY A 384 -25.62 1.23 48.60
CA GLY A 384 -25.08 0.39 47.55
C GLY A 384 -25.53 -1.05 47.67
N LEU A 385 -26.82 -1.24 47.93
CA LEU A 385 -27.41 -2.57 48.10
C LEU A 385 -26.67 -3.38 49.16
N GLU A 386 -26.33 -4.62 48.82
CA GLU A 386 -25.52 -5.46 49.68
C GLU A 386 -24.18 -5.77 49.01
N GLN A 387 -23.09 -5.40 49.69
CA GLN A 387 -21.76 -5.63 49.12
C GLN A 387 -21.48 -7.12 49.02
N LYS A 388 -20.74 -7.50 47.97
CA LYS A 388 -20.55 -8.90 47.62
C LYS A 388 -19.11 -9.35 47.83
N THR A 389 -18.94 -10.63 48.18
CA THR A 389 -17.62 -11.21 48.34
C THR A 389 -16.88 -11.21 47.00
N VAL A 390 -15.66 -10.69 47.02
CA VAL A 390 -14.86 -10.55 45.81
C VAL A 390 -14.10 -11.83 45.49
N VAL A 391 -14.21 -12.26 44.24
CA VAL A 391 -13.54 -13.49 43.80
C VAL A 391 -12.15 -13.19 43.29
N VAL A 392 -11.14 -13.69 44.01
CA VAL A 392 -9.76 -13.45 43.65
C VAL A 392 -9.19 -14.70 43.01
N THR A 393 -8.75 -14.58 41.76
CA THR A 393 -8.15 -15.72 41.09
C THR A 393 -6.63 -15.59 41.13
N THR A 394 -5.98 -16.71 41.45
CA THR A 394 -4.53 -16.74 41.55
C THR A 394 -4.02 -18.09 41.06
N ILE A 395 -2.72 -18.18 40.83
CA ILE A 395 -2.09 -19.42 40.38
C ILE A 395 -1.20 -19.94 41.49
N LEU A 396 -0.89 -21.24 41.48
CA LEU A 396 -0.02 -21.80 42.50
C LEU A 396 1.42 -21.73 42.01
N GLU A 397 2.13 -20.72 42.49
CA GLU A 397 3.53 -20.50 42.17
C GLU A 397 4.27 -20.17 43.46
N SER A 398 5.40 -20.80 43.73
CA SER A 398 6.19 -20.41 44.89
C SER A 398 7.13 -19.26 44.56
N PRO A 399 7.39 -18.37 45.54
CA PRO A 399 6.73 -18.28 46.85
C PRO A 399 5.56 -17.31 46.83
N TYR A 400 4.64 -17.47 45.88
CA TYR A 400 3.54 -16.52 45.75
C TYR A 400 2.27 -17.06 46.38
N VAL A 401 1.80 -18.19 45.87
CA VAL A 401 0.68 -18.88 46.47
C VAL A 401 1.03 -20.36 46.61
N MET A 402 1.10 -20.81 47.86
CA MET A 402 1.43 -22.19 48.17
C MET A 402 0.43 -22.70 49.18
N MET A 403 0.07 -23.97 49.06
CA MET A 403 -0.83 -24.58 50.03
C MET A 403 -0.08 -24.88 51.31
N LYS A 404 -0.76 -24.75 52.45
CA LYS A 404 -0.13 -24.93 53.76
C LYS A 404 0.22 -26.39 54.03
N LYS A 405 0.92 -26.62 55.13
CA LYS A 405 1.34 -27.96 55.51
C LYS A 405 0.14 -28.91 55.49
N ASN A 406 -0.92 -28.56 56.22
CA ASN A 406 -2.16 -29.28 56.07
C ASN A 406 -3.21 -28.39 55.42
N HIS A 407 -3.39 -28.54 54.12
CA HIS A 407 -4.45 -27.81 53.42
C HIS A 407 -5.76 -28.56 53.62
N GLU A 408 -5.64 -29.80 54.06
CA GLU A 408 -6.78 -30.68 54.27
C GLU A 408 -7.59 -30.30 55.51
N MET A 409 -6.90 -29.78 56.54
CA MET A 409 -7.57 -29.46 57.79
C MET A 409 -8.15 -28.05 57.81
N LEU A 410 -7.79 -27.24 56.82
CA LEU A 410 -8.25 -25.86 56.76
C LEU A 410 -9.20 -25.60 55.59
N GLU A 411 -10.08 -24.62 55.77
CA GLU A 411 -11.06 -24.26 54.75
C GLU A 411 -10.96 -22.76 54.45
N GLY A 412 -11.37 -22.35 53.25
CA GLY A 412 -11.39 -20.95 52.90
C GLY A 412 -10.03 -20.37 52.60
N ASN A 413 -9.88 -19.07 52.81
CA ASN A 413 -8.64 -18.38 52.48
C ASN A 413 -7.49 -18.77 53.41
N GLU A 414 -7.81 -19.53 54.45
CA GLU A 414 -6.82 -20.07 55.37
C GLU A 414 -6.12 -21.28 54.75
N ARG A 415 -6.59 -21.70 53.59
CA ARG A 415 -6.02 -22.85 52.90
C ARG A 415 -4.63 -22.53 52.33
N TYR A 416 -4.48 -21.29 51.87
CA TYR A 416 -3.28 -20.86 51.16
C TYR A 416 -2.35 -19.94 51.96
N GLU A 417 -1.05 -19.99 51.65
CA GLU A 417 -0.08 -19.08 52.26
C GLU A 417 1.00 -18.72 51.24
N GLY A 418 1.42 -17.46 51.25
CA GLY A 418 2.42 -16.97 50.32
C GLY A 418 2.43 -15.47 50.21
N TYR A 419 3.36 -14.94 49.40
CA TYR A 419 3.48 -13.50 49.20
C TYR A 419 2.19 -12.90 48.65
N CYS A 420 1.65 -13.53 47.62
CA CYS A 420 0.43 -13.05 46.98
C CYS A 420 -0.76 -13.19 47.92
N VAL A 421 -0.72 -14.18 48.81
CA VAL A 421 -1.77 -14.36 49.80
C VAL A 421 -1.79 -13.17 50.76
N ASP A 422 -0.62 -12.84 51.28
CA ASP A 422 -0.49 -11.72 52.21
C ASP A 422 -0.86 -10.41 51.52
N LEU A 423 -0.44 -10.29 50.26
CA LEU A 423 -0.76 -9.10 49.47
C LEU A 423 -2.26 -9.00 49.25
N ALA A 424 -2.92 -10.14 49.09
CA ALA A 424 -4.36 -10.17 48.92
C ALA A 424 -5.05 -9.71 50.18
N ALA A 425 -4.61 -10.25 51.31
CA ALA A 425 -5.13 -9.84 52.61
C ALA A 425 -4.99 -8.34 52.81
N GLU A 426 -3.80 -7.82 52.55
CA GLU A 426 -3.52 -6.39 52.70
C GLU A 426 -4.40 -5.53 51.80
N ILE A 427 -4.39 -5.86 50.51
CA ILE A 427 -5.15 -5.12 49.50
C ILE A 427 -6.61 -5.05 49.92
N ALA A 428 -7.13 -6.20 50.35
CA ALA A 428 -8.52 -6.29 50.78
C ALA A 428 -8.79 -5.47 52.04
N LYS A 429 -7.85 -5.50 52.98
CA LYS A 429 -8.00 -4.79 54.25
C LYS A 429 -8.03 -3.28 54.00
N HIS A 430 -7.21 -2.80 53.08
CA HIS A 430 -7.21 -1.37 52.75
C HIS A 430 -8.44 -0.96 51.93
N CYS A 431 -8.77 -1.75 50.92
CA CYS A 431 -9.90 -1.44 50.05
C CYS A 431 -11.22 -1.76 50.74
N GLY A 432 -11.16 -2.58 51.79
CA GLY A 432 -12.33 -2.91 52.58
C GLY A 432 -13.36 -3.82 51.92
N PHE A 433 -12.92 -4.99 51.47
CA PHE A 433 -13.84 -5.98 50.92
C PHE A 433 -13.55 -7.39 51.42
N LYS A 434 -14.59 -8.21 51.50
CA LYS A 434 -14.43 -9.62 51.81
C LYS A 434 -14.01 -10.38 50.55
N TYR A 435 -12.87 -11.04 50.61
CA TYR A 435 -12.31 -11.72 49.44
C TYR A 435 -12.33 -13.24 49.57
N LYS A 436 -12.48 -13.91 48.44
CA LYS A 436 -12.39 -15.37 48.40
C LYS A 436 -11.28 -15.80 47.46
N LEU A 437 -10.20 -16.35 48.00
CA LEU A 437 -9.10 -16.84 47.20
C LEU A 437 -9.48 -18.15 46.52
N THR A 438 -9.33 -18.21 45.21
CA THR A 438 -9.60 -19.41 44.45
C THR A 438 -8.53 -19.63 43.39
N ILE A 439 -7.95 -20.83 43.35
CA ILE A 439 -6.93 -21.12 42.34
C ILE A 439 -7.59 -21.23 40.97
N VAL A 440 -6.85 -20.83 39.94
CA VAL A 440 -7.37 -20.83 38.58
C VAL A 440 -7.63 -22.27 38.13
N GLY A 441 -8.65 -22.44 37.31
CA GLY A 441 -9.09 -23.77 36.90
C GLY A 441 -8.10 -24.48 35.99
N ASP A 442 -7.70 -23.82 34.91
CA ASP A 442 -6.82 -24.44 33.93
C ASP A 442 -5.37 -24.50 34.41
N GLY A 443 -4.98 -23.55 35.25
CA GLY A 443 -3.63 -23.54 35.81
C GLY A 443 -2.59 -22.81 34.97
N LYS A 444 -3.03 -21.82 34.20
CA LYS A 444 -2.12 -21.02 33.37
C LYS A 444 -2.27 -19.54 33.70
N TYR A 445 -1.33 -18.72 33.25
CA TYR A 445 -1.38 -17.28 33.55
C TYR A 445 -2.32 -16.53 32.60
N GLY A 446 -1.89 -16.37 31.35
CA GLY A 446 -2.79 -15.93 30.31
C GLY A 446 -2.20 -16.12 28.93
N ALA A 447 -3.08 -16.39 27.96
CA ALA A 447 -2.64 -16.60 26.58
C ALA A 447 -3.79 -16.43 25.59
N ARG A 448 -3.47 -16.22 24.32
CA ARG A 448 -4.50 -16.19 23.29
C ARG A 448 -4.22 -17.30 22.29
N ASP A 449 -5.12 -18.28 22.26
CA ASP A 449 -5.02 -19.41 21.33
C ASP A 449 -5.00 -18.95 19.88
N ALA A 450 -4.00 -19.42 19.12
CA ALA A 450 -3.83 -19.00 17.73
C ALA A 450 -4.99 -19.45 16.83
N ASP A 451 -5.76 -20.42 17.30
CA ASP A 451 -6.89 -20.93 16.53
C ASP A 451 -8.21 -20.33 17.00
N THR A 452 -8.57 -20.63 18.24
CA THR A 452 -9.86 -20.22 18.79
C THR A 452 -9.92 -18.76 19.20
N LYS A 453 -8.76 -18.11 19.25
CA LYS A 453 -8.64 -16.71 19.67
C LYS A 453 -9.27 -16.47 21.03
N ILE A 454 -9.15 -17.47 21.90
CA ILE A 454 -9.77 -17.45 23.22
C ILE A 454 -8.70 -17.30 24.30
N TRP A 455 -8.94 -16.41 25.25
CA TRP A 455 -7.99 -16.24 26.34
C TRP A 455 -8.01 -17.46 27.26
N ASP A 456 -6.82 -17.91 27.63
CA ASP A 456 -6.65 -19.03 28.53
C ASP A 456 -5.96 -18.54 29.79
N GLY A 457 -6.27 -19.16 30.92
CA GLY A 457 -5.69 -18.81 32.21
C GLY A 457 -6.46 -17.75 32.97
N MET A 458 -5.78 -17.08 33.91
CA MET A 458 -6.38 -16.05 34.75
C MET A 458 -6.94 -14.88 33.94
N VAL A 459 -6.16 -14.43 32.95
CA VAL A 459 -6.56 -13.32 32.08
C VAL A 459 -7.90 -13.64 31.43
N GLY A 460 -8.07 -14.90 31.05
CA GLY A 460 -9.32 -15.38 30.51
C GLY A 460 -10.44 -15.23 31.52
N GLU A 461 -10.18 -15.66 32.75
CA GLU A 461 -11.18 -15.58 33.81
C GLU A 461 -11.59 -14.14 34.11
N LEU A 462 -10.70 -13.19 33.85
CA LEU A 462 -11.05 -11.78 34.00
C LEU A 462 -11.89 -11.30 32.81
N VAL A 463 -11.45 -11.64 31.60
CA VAL A 463 -12.11 -11.15 30.40
C VAL A 463 -13.50 -11.76 30.24
N TYR A 464 -13.61 -13.05 30.53
CA TYR A 464 -14.88 -13.75 30.38
C TYR A 464 -15.67 -13.74 31.68
N GLY A 465 -15.12 -13.04 32.67
CA GLY A 465 -15.78 -12.80 33.95
C GLY A 465 -16.05 -13.98 34.86
N LYS A 466 -15.06 -14.83 35.08
CA LYS A 466 -15.15 -15.84 36.13
C LYS A 466 -14.68 -15.29 37.47
N ALA A 467 -13.88 -14.23 37.45
CA ALA A 467 -13.35 -13.65 38.68
C ALA A 467 -13.33 -12.13 38.68
N ASP A 468 -13.51 -11.54 39.86
CA ASP A 468 -13.61 -10.10 40.00
C ASP A 468 -12.26 -9.40 40.01
N ILE A 469 -11.22 -10.12 40.44
CA ILE A 469 -9.88 -9.55 40.51
C ILE A 469 -8.83 -10.67 40.50
N ALA A 470 -7.61 -10.35 40.09
CA ALA A 470 -6.53 -11.34 40.05
C ALA A 470 -5.29 -10.85 40.79
N ILE A 471 -4.96 -11.52 41.90
CA ILE A 471 -3.76 -11.20 42.65
C ILE A 471 -2.78 -12.37 42.56
N ALA A 472 -1.67 -12.15 41.85
CA ALA A 472 -0.74 -13.21 41.50
C ALA A 472 0.48 -12.63 40.78
N PRO A 473 1.53 -13.43 40.56
CA PRO A 473 2.65 -12.90 39.77
C PRO A 473 2.28 -12.80 38.30
N LEU A 474 1.33 -11.93 37.98
CA LEU A 474 0.87 -11.75 36.62
C LEU A 474 1.67 -10.63 35.96
N THR A 475 2.53 -11.00 35.01
CA THR A 475 3.40 -10.06 34.34
C THR A 475 2.61 -9.08 33.49
N ILE A 476 2.95 -7.79 33.61
CA ILE A 476 2.29 -6.76 32.81
C ILE A 476 2.80 -6.80 31.37
N THR A 477 1.88 -7.03 30.45
CA THR A 477 2.21 -7.03 29.04
C THR A 477 1.19 -6.19 28.27
N LEU A 478 1.67 -5.50 27.25
CA LEU A 478 0.81 -4.66 26.41
C LEU A 478 -0.38 -5.45 25.91
N VAL A 479 -0.12 -6.69 25.49
CA VAL A 479 -1.15 -7.57 24.96
C VAL A 479 -2.28 -7.77 25.96
N ARG A 480 -1.90 -7.85 27.23
CA ARG A 480 -2.89 -7.95 28.28
C ARG A 480 -3.46 -6.60 28.67
N GLU A 481 -2.59 -5.58 28.70
CA GLU A 481 -3.02 -4.25 29.08
C GLU A 481 -4.15 -3.74 28.18
N GLU A 482 -4.23 -4.24 26.95
CA GLU A 482 -5.33 -3.84 26.09
C GLU A 482 -6.63 -4.55 26.44
N VAL A 483 -6.57 -5.80 26.90
CA VAL A 483 -7.81 -6.48 27.26
C VAL A 483 -8.24 -6.36 28.73
N ILE A 484 -7.33 -5.94 29.60
CA ILE A 484 -7.66 -5.79 31.02
C ILE A 484 -6.89 -4.58 31.56
N ASP A 485 -7.25 -4.08 32.75
CA ASP A 485 -6.44 -2.99 33.32
C ASP A 485 -5.55 -3.52 34.46
N PHE A 486 -4.33 -2.99 34.48
CA PHE A 486 -3.30 -3.36 35.45
C PHE A 486 -3.03 -2.22 36.43
N SER A 487 -2.99 -2.55 37.71
CA SER A 487 -2.55 -1.62 38.75
C SER A 487 -1.06 -1.34 38.59
N LYS A 488 -0.58 -0.27 39.21
CA LYS A 488 0.86 0.00 39.25
C LYS A 488 1.60 -1.23 39.78
N PRO A 489 2.79 -1.50 39.22
CA PRO A 489 3.51 -2.73 39.57
C PRO A 489 3.90 -2.82 41.04
N PHE A 490 3.65 -3.97 41.66
CA PHE A 490 4.03 -4.18 43.06
C PHE A 490 5.36 -4.90 43.20
N MET A 491 5.91 -5.36 42.08
CA MET A 491 7.21 -6.01 42.09
C MET A 491 7.90 -5.88 40.73
N SER A 492 9.22 -5.80 40.75
CA SER A 492 10.00 -5.64 39.53
C SER A 492 10.71 -6.93 39.15
N LEU A 493 10.83 -7.17 37.85
CA LEU A 493 11.51 -8.36 37.34
C LEU A 493 11.87 -8.21 35.87
N GLY A 494 12.42 -9.28 35.31
CA GLY A 494 12.83 -9.31 33.92
C GLY A 494 13.23 -10.71 33.51
N ILE A 495 13.27 -10.96 32.21
CA ILE A 495 13.66 -12.28 31.71
C ILE A 495 15.13 -12.51 32.03
N SER A 496 15.42 -13.63 32.69
CA SER A 496 16.77 -13.92 33.14
C SER A 496 17.20 -15.34 32.80
N ILE A 497 18.50 -15.60 32.89
CA ILE A 497 19.07 -16.90 32.52
C ILE A 497 19.48 -17.70 33.75
N MET A 498 19.09 -18.98 33.77
CA MET A 498 19.48 -19.89 34.84
C MET A 498 20.30 -21.07 34.33
N ILE A 499 21.44 -21.31 34.98
CA ILE A 499 22.31 -22.44 34.67
C ILE A 499 22.70 -23.15 35.96
N LYS A 500 23.15 -24.39 35.85
CA LYS A 500 23.63 -25.13 37.02
C LYS A 500 25.03 -24.65 37.40
N LYS A 501 25.27 -24.45 38.71
CA LYS A 501 26.55 -23.95 39.19
C LYS A 501 27.56 -25.09 39.40
N PRO A 502 28.81 -24.88 38.94
CA PRO A 502 29.88 -25.88 39.02
C PRO A 502 30.52 -26.01 40.42
N GLN A 503 31.17 -27.14 40.68
CA GLN A 503 31.84 -27.37 41.96
C GLN A 503 33.36 -27.31 41.82
N LYS A 504 33.93 -28.28 41.11
CA LYS A 504 35.36 -28.28 40.76
C LYS A 504 36.31 -28.29 41.97
N SER A 505 36.38 -29.42 42.68
CA SER A 505 37.39 -29.58 43.72
C SER A 505 37.97 -31.00 43.75
N LYS A 506 39.28 -31.11 43.67
CA LYS A 506 39.97 -32.40 43.75
C LYS A 506 41.30 -32.31 44.50
N PRO A 507 41.25 -32.24 45.83
CA PRO A 507 42.46 -32.20 46.67
C PRO A 507 43.08 -33.58 46.91
N GLY A 508 43.88 -34.05 45.96
CA GLY A 508 44.49 -35.37 46.06
C GLY A 508 45.83 -35.45 45.37
N VAL A 509 46.48 -36.62 45.50
CA VAL A 509 47.83 -36.82 44.94
C VAL A 509 47.88 -36.67 43.42
N PHE A 510 46.91 -37.27 42.73
CA PHE A 510 46.93 -37.36 41.27
C PHE A 510 47.07 -36.01 40.56
N SER A 511 46.57 -34.96 41.19
CA SER A 511 46.65 -33.62 40.60
C SER A 511 48.10 -33.18 40.40
N PHE A 512 48.96 -33.57 41.33
CA PHE A 512 50.38 -33.26 41.22
C PHE A 512 50.97 -33.92 39.98
N LEU A 513 50.41 -35.08 39.63
CA LEU A 513 50.83 -35.83 38.46
C LEU A 513 50.19 -35.28 37.18
N ASP A 514 49.16 -34.44 37.35
CA ASP A 514 48.36 -33.99 36.21
C ASP A 514 49.08 -33.12 35.17
N PRO A 515 49.76 -32.03 35.59
CA PRO A 515 50.28 -31.09 34.58
C PRO A 515 51.20 -31.72 33.55
N LEU A 516 52.12 -32.57 34.00
CA LEU A 516 52.95 -33.33 33.08
C LEU A 516 52.25 -34.64 32.74
N ALA A 517 52.34 -35.05 31.48
CA ALA A 517 51.70 -36.28 31.03
C ALA A 517 52.21 -37.47 31.84
N TYR A 518 51.35 -38.47 32.03
CA TYR A 518 51.71 -39.64 32.82
C TYR A 518 52.86 -40.40 32.15
N GLU A 519 52.88 -40.35 30.82
CA GLU A 519 53.95 -40.99 30.05
C GLU A 519 55.28 -40.27 30.27
N ILE A 520 55.20 -38.97 30.60
CA ILE A 520 56.39 -38.17 30.86
C ILE A 520 57.07 -38.58 32.15
N TRP A 521 56.29 -38.86 33.18
CA TRP A 521 56.84 -39.25 34.47
C TRP A 521 57.62 -40.55 34.34
N MET A 522 57.08 -41.47 33.54
CA MET A 522 57.77 -42.72 33.27
C MET A 522 59.04 -42.45 32.49
N ALA A 523 58.94 -41.55 31.51
CA ALA A 523 60.09 -41.24 30.67
C ALA A 523 61.23 -40.62 31.47
N ILE A 524 60.90 -39.68 32.36
CA ILE A 524 61.91 -39.01 33.18
C ILE A 524 62.49 -39.92 34.27
N VAL A 525 61.67 -40.80 34.83
CA VAL A 525 62.21 -41.75 35.81
C VAL A 525 63.18 -42.75 35.16
N PHE A 526 62.77 -43.32 34.03
CA PHE A 526 63.61 -44.27 33.31
C PHE A 526 64.87 -43.59 32.77
N ALA A 527 64.74 -42.34 32.36
CA ALA A 527 65.87 -41.57 31.88
C ALA A 527 66.83 -41.28 33.03
N TYR A 528 66.26 -41.01 34.20
CA TYR A 528 67.03 -40.76 35.40
C TYR A 528 67.86 -41.97 35.78
N ILE A 529 67.23 -43.14 35.85
CA ILE A 529 67.97 -44.36 36.20
C ILE A 529 68.99 -44.70 35.12
N LEU A 530 68.69 -44.34 33.86
CA LEU A 530 69.65 -44.57 32.78
C LEU A 530 70.90 -43.71 32.97
N VAL A 531 70.70 -42.43 33.25
CA VAL A 531 71.81 -41.51 33.49
C VAL A 531 72.60 -41.98 34.70
N SER A 532 71.88 -42.44 35.72
CA SER A 532 72.50 -42.94 36.95
C SER A 532 73.39 -44.15 36.70
N VAL A 533 72.91 -45.10 35.91
CA VAL A 533 73.70 -46.30 35.63
C VAL A 533 74.88 -45.95 34.72
N VAL A 534 74.70 -44.95 33.85
CA VAL A 534 75.83 -44.48 33.04
C VAL A 534 76.91 -43.88 33.94
N LEU A 535 76.49 -43.08 34.93
CA LEU A 535 77.42 -42.53 35.91
C LEU A 535 78.12 -43.65 36.67
N PHE A 536 77.37 -44.69 37.02
CA PHE A 536 77.94 -45.86 37.68
C PHE A 536 78.98 -46.60 36.87
N LEU A 537 78.72 -46.75 35.57
CA LEU A 537 79.63 -47.51 34.72
C LEU A 537 80.97 -46.81 34.58
N VAL A 538 80.96 -45.49 34.60
CA VAL A 538 82.21 -44.75 34.51
C VAL A 538 82.46 -43.94 35.78
N SER A 539 83.39 -44.41 36.60
CA SER A 539 83.68 -43.86 37.92
C SER A 539 84.62 -44.79 38.68
N SER A 582 83.16 -35.83 44.07
CA SER A 582 84.42 -36.54 43.91
C SER A 582 85.44 -35.69 43.15
N PRO A 583 86.60 -35.43 43.77
CA PRO A 583 87.69 -34.63 43.21
C PRO A 583 88.12 -35.09 41.82
N ARG A 584 87.99 -36.37 41.52
CA ARG A 584 88.23 -36.83 40.16
C ARG A 584 86.92 -36.86 39.39
N SER A 585 86.76 -35.90 38.49
CA SER A 585 85.61 -35.87 37.59
C SER A 585 86.04 -35.45 36.19
N LEU A 586 85.85 -36.32 35.22
CA LEU A 586 86.18 -36.01 33.84
C LEU A 586 85.03 -36.34 32.91
N SER A 587 84.74 -37.63 32.81
CA SER A 587 83.68 -38.13 31.93
C SER A 587 82.29 -37.71 32.40
N ALA A 588 82.06 -37.78 33.71
CA ALA A 588 80.73 -37.54 34.28
C ALA A 588 80.31 -36.08 34.21
N ARG A 589 81.27 -35.18 33.99
CA ARG A 589 80.99 -33.75 33.96
C ARG A 589 80.01 -33.38 32.84
N ILE A 590 80.30 -33.85 31.63
CA ILE A 590 79.47 -33.55 30.47
C ILE A 590 78.07 -34.13 30.67
N VAL A 591 78.00 -35.24 31.40
CA VAL A 591 76.72 -35.87 31.70
C VAL A 591 75.93 -35.00 32.67
N ALA A 592 76.63 -34.44 33.65
CA ALA A 592 76.02 -33.51 34.59
C ALA A 592 75.48 -32.29 33.86
N GLY A 593 76.22 -31.83 32.86
CA GLY A 593 75.77 -30.71 32.04
C GLY A 593 74.50 -31.01 31.25
N VAL A 594 74.52 -32.13 30.52
CA VAL A 594 73.37 -32.54 29.73
C VAL A 594 72.13 -32.73 30.61
N TRP A 595 72.31 -33.41 31.73
CA TRP A 595 71.22 -33.62 32.68
C TRP A 595 70.72 -32.29 33.23
N TRP A 596 71.63 -31.34 33.42
CA TRP A 596 71.28 -30.00 33.88
C TRP A 596 70.34 -29.32 32.89
N PHE A 597 70.71 -29.38 31.60
CA PHE A 597 69.86 -28.80 30.57
C PHE A 597 68.48 -29.47 30.55
N PHE A 598 68.49 -30.80 30.57
CA PHE A 598 67.26 -31.60 30.59
C PHE A 598 66.31 -31.21 31.73
N THR A 599 66.83 -31.24 32.95
CA THR A 599 66.02 -30.94 34.13
C THR A 599 65.56 -29.48 34.10
N LEU A 600 66.39 -28.60 33.56
CA LEU A 600 66.01 -27.19 33.42
C LEU A 600 64.78 -27.06 32.51
N ILE A 601 64.84 -27.73 31.37
CA ILE A 601 63.73 -27.70 30.42
C ILE A 601 62.45 -28.28 31.03
N ILE A 602 62.57 -29.40 31.72
CA ILE A 602 61.39 -29.99 32.35
C ILE A 602 60.78 -29.11 33.46
N ILE A 603 61.61 -28.55 34.33
CA ILE A 603 61.06 -27.71 35.40
C ILE A 603 60.41 -26.45 34.83
N SER A 604 61.03 -25.88 33.79
CA SER A 604 60.44 -24.71 33.13
C SER A 604 59.10 -25.08 32.50
N SER A 605 59.05 -26.25 31.88
CA SER A 605 57.84 -26.72 31.23
C SER A 605 56.70 -26.96 32.21
N TYR A 606 57.00 -27.57 33.35
CA TYR A 606 56.00 -27.79 34.39
C TYR A 606 55.51 -26.43 34.88
N THR A 607 56.44 -25.50 35.03
CA THR A 607 56.11 -24.16 35.50
C THR A 607 55.12 -23.47 34.55
N ALA A 608 55.42 -23.50 33.26
CA ALA A 608 54.57 -22.87 32.25
C ALA A 608 53.21 -23.56 32.14
N ASN A 609 53.23 -24.89 32.11
CA ASN A 609 52.02 -25.70 31.96
C ASN A 609 51.05 -25.52 33.11
N LEU A 610 51.58 -25.40 34.33
CA LEU A 610 50.76 -25.23 35.52
C LEU A 610 49.99 -23.91 35.53
N ALA A 611 50.54 -22.88 34.90
CA ALA A 611 49.93 -21.56 34.84
C ALA A 611 48.57 -21.53 34.14
N ALA A 612 48.47 -22.20 33.00
CA ALA A 612 47.24 -22.20 32.20
C ALA A 612 46.02 -22.72 32.96
N PHE A 613 46.23 -23.55 33.97
CA PHE A 613 45.13 -24.07 34.79
C PHE A 613 44.53 -22.97 35.67
N LEU A 614 45.40 -22.29 36.41
CA LEU A 614 44.98 -21.21 37.29
C LEU A 614 44.57 -19.99 36.47
N THR A 615 44.92 -20.00 35.19
CA THR A 615 44.41 -19.00 34.25
C THR A 615 42.99 -19.37 33.86
N VAL A 616 42.76 -20.67 33.65
CA VAL A 616 41.43 -21.20 33.36
C VAL A 616 40.48 -20.92 34.51
N GLU A 617 41.01 -20.90 35.73
CA GLU A 617 40.21 -20.58 36.92
C GLU A 617 39.44 -19.26 36.78
N ARG A 618 40.04 -18.28 36.10
CA ARG A 618 39.36 -17.02 35.83
C ARG A 618 38.73 -16.97 34.43
N MET A 619 38.90 -18.06 33.69
CA MET A 619 38.26 -18.23 32.39
C MET A 619 36.90 -18.89 32.65
N VAL A 620 36.59 -19.03 33.93
CA VAL A 620 35.44 -19.76 34.45
C VAL A 620 34.07 -19.27 33.94
N SER A 621 34.00 -18.05 33.44
CA SER A 621 32.70 -17.44 33.11
C SER A 621 32.55 -17.11 31.63
N PRO A 622 32.21 -18.11 30.81
CA PRO A 622 32.04 -17.96 29.36
C PRO A 622 30.81 -17.17 28.96
N ILE A 623 29.70 -17.36 29.68
CA ILE A 623 28.43 -16.77 29.28
C ILE A 623 27.97 -15.67 30.23
N GLU A 624 27.97 -14.45 29.73
CA GLU A 624 27.51 -13.31 30.50
C GLU A 624 26.12 -12.91 30.03
N SER A 625 26.04 -12.33 28.84
CA SER A 625 24.78 -11.84 28.30
C SER A 625 23.97 -12.92 27.58
N ALA A 626 22.94 -12.47 26.87
CA ALA A 626 22.02 -13.35 26.18
C ALA A 626 22.55 -13.64 24.80
N GLU A 627 23.06 -12.60 24.15
CA GLU A 627 23.64 -12.66 22.82
C GLU A 627 24.65 -13.80 22.71
N ASP A 628 25.48 -13.95 23.73
CA ASP A 628 26.50 -15.01 23.75
C ASP A 628 25.84 -16.37 23.65
N LEU A 629 24.79 -16.56 24.44
CA LEU A 629 24.01 -17.77 24.44
C LEU A 629 23.30 -17.94 23.09
N SER A 630 22.97 -16.83 22.43
CA SER A 630 22.25 -16.90 21.16
C SER A 630 23.17 -17.42 20.08
N LYS A 631 24.46 -17.12 20.19
CA LYS A 631 25.37 -17.50 19.13
C LYS A 631 25.83 -18.95 19.16
N GLN A 632 25.68 -19.63 20.30
CA GLN A 632 26.11 -21.02 20.38
C GLN A 632 24.95 -22.02 20.41
N THR A 633 25.11 -23.14 19.70
CA THR A 633 24.10 -24.20 19.70
C THR A 633 24.46 -25.31 20.67
N GLU A 634 25.62 -25.19 21.30
CA GLU A 634 26.14 -26.20 22.21
C GLU A 634 25.23 -26.33 23.43
N ILE A 635 25.04 -25.23 24.15
CA ILE A 635 24.15 -25.23 25.30
C ILE A 635 22.73 -24.95 24.83
N ALA A 636 21.84 -25.93 25.02
CA ALA A 636 20.45 -25.76 24.63
C ALA A 636 19.74 -24.84 25.62
N TYR A 637 18.67 -24.19 25.18
CA TYR A 637 17.91 -23.31 26.06
C TYR A 637 16.45 -23.13 25.61
N GLY A 638 15.61 -22.76 26.57
CA GLY A 638 14.19 -22.56 26.31
C GLY A 638 13.50 -21.78 27.40
N THR A 639 12.17 -21.73 27.33
CA THR A 639 11.34 -21.00 28.28
C THR A 639 10.10 -21.81 28.63
N LEU A 640 9.18 -21.20 29.37
CA LEU A 640 7.93 -21.86 29.71
C LEU A 640 7.07 -22.04 28.46
N ASP A 641 6.19 -23.05 28.48
CA ASP A 641 5.32 -23.33 27.33
C ASP A 641 4.31 -22.20 27.09
N SER A 642 3.69 -21.72 28.16
CA SER A 642 2.77 -20.60 28.05
C SER A 642 3.01 -19.58 29.15
N GLY A 643 3.40 -18.37 28.75
CA GLY A 643 3.69 -17.31 29.69
C GLY A 643 4.02 -16.02 28.98
N SER A 644 4.15 -14.94 29.74
CA SER A 644 4.50 -13.64 29.20
C SER A 644 5.88 -13.65 28.57
N THR A 645 6.73 -14.55 29.05
CA THR A 645 8.10 -14.67 28.54
C THR A 645 8.15 -15.17 27.10
N LYS A 646 7.51 -16.30 26.85
CA LYS A 646 7.48 -16.87 25.51
C LYS A 646 6.80 -15.93 24.55
N GLU A 647 5.67 -15.39 24.97
CA GLU A 647 4.91 -14.45 24.14
C GLU A 647 5.75 -13.20 23.85
N PHE A 648 6.62 -12.85 24.80
CA PHE A 648 7.57 -11.76 24.60
C PHE A 648 8.51 -12.12 23.48
N PHE A 649 9.16 -13.28 23.58
CA PHE A 649 10.10 -13.71 22.54
C PHE A 649 9.46 -13.78 21.15
N ARG A 650 8.29 -14.39 21.07
CA ARG A 650 7.53 -14.45 19.83
C ARG A 650 7.30 -13.05 19.28
N ARG A 651 6.55 -12.24 20.03
CA ARG A 651 6.13 -10.94 19.53
C ARG A 651 7.29 -9.94 19.39
N SER A 652 8.47 -10.30 19.91
CA SER A 652 9.62 -9.39 19.85
C SER A 652 10.34 -9.46 18.51
N LYS A 653 10.53 -8.30 17.89
CA LYS A 653 11.22 -8.20 16.61
C LYS A 653 12.68 -7.81 16.82
N ILE A 654 13.11 -7.76 18.07
CA ILE A 654 14.48 -7.40 18.41
C ILE A 654 15.44 -8.51 17.98
N ALA A 655 16.56 -8.11 17.39
CA ALA A 655 17.50 -9.01 16.71
C ALA A 655 17.86 -10.26 17.51
N VAL A 656 18.53 -10.07 18.64
CA VAL A 656 18.99 -11.20 19.45
C VAL A 656 17.83 -12.12 19.83
N PHE A 657 16.77 -11.53 20.36
CA PHE A 657 15.61 -12.29 20.79
C PHE A 657 14.93 -12.96 19.60
N ASP A 658 14.96 -12.30 18.45
CA ASP A 658 14.43 -12.89 17.22
C ASP A 658 15.16 -14.18 16.90
N LYS A 659 16.50 -14.11 16.90
CA LYS A 659 17.34 -15.28 16.67
C LYS A 659 17.01 -16.41 17.65
N MET A 660 16.96 -16.04 18.92
CA MET A 660 16.67 -17.00 19.98
C MET A 660 15.31 -17.68 19.80
N TRP A 661 14.28 -16.88 19.52
CA TRP A 661 12.93 -17.40 19.29
C TRP A 661 12.88 -18.32 18.09
N THR A 662 13.52 -17.91 16.99
CA THR A 662 13.61 -18.75 15.81
C THR A 662 14.21 -20.10 16.18
N TYR A 663 15.25 -20.07 17.01
CA TYR A 663 15.87 -21.30 17.50
C TYR A 663 14.90 -22.15 18.33
N MET A 664 14.23 -21.52 19.28
CA MET A 664 13.39 -22.24 20.24
C MET A 664 12.10 -22.81 19.66
N ARG A 665 11.50 -22.09 18.71
CA ARG A 665 10.22 -22.51 18.16
C ARG A 665 10.37 -23.83 17.43
N SER A 666 11.35 -23.92 16.53
CA SER A 666 11.65 -25.20 15.93
C SER A 666 12.95 -25.73 16.52
N ALA A 667 12.82 -26.66 17.47
CA ALA A 667 13.96 -27.34 18.06
C ALA A 667 13.48 -28.68 18.58
N GLU A 668 14.29 -29.73 18.43
CA GLU A 668 13.89 -31.01 18.99
C GLU A 668 15.06 -31.70 19.69
N PRO A 669 14.78 -32.32 20.86
CA PRO A 669 13.46 -32.34 21.52
C PRO A 669 13.03 -30.96 22.04
N SER A 670 11.74 -30.80 22.31
CA SER A 670 11.17 -29.53 22.73
C SER A 670 11.90 -28.94 23.93
N VAL A 671 12.33 -27.69 23.80
CA VAL A 671 13.11 -27.05 24.85
C VAL A 671 12.22 -26.32 25.86
N PHE A 672 10.92 -26.33 25.60
CA PHE A 672 9.95 -25.72 26.49
C PHE A 672 9.59 -26.64 27.64
N VAL A 673 9.14 -26.06 28.75
CA VAL A 673 8.78 -26.85 29.93
C VAL A 673 7.38 -26.49 30.41
N ARG A 674 6.71 -27.46 31.03
CA ARG A 674 5.32 -27.30 31.46
C ARG A 674 5.20 -26.34 32.65
N THR A 675 6.09 -26.49 33.63
CA THR A 675 6.09 -25.63 34.81
C THR A 675 7.50 -25.19 35.16
N THR A 676 7.62 -24.19 36.04
CA THR A 676 8.91 -23.68 36.46
C THR A 676 9.75 -24.77 37.13
N ALA A 677 9.15 -25.49 38.05
CA ALA A 677 9.81 -26.59 38.77
C ALA A 677 10.41 -27.60 37.79
N GLU A 678 9.62 -27.95 36.78
CA GLU A 678 10.07 -28.88 35.74
C GLU A 678 11.28 -28.32 35.00
N GLY A 679 11.24 -27.02 34.73
CA GLY A 679 12.34 -26.36 34.04
C GLY A 679 13.62 -26.41 34.84
N VAL A 680 13.53 -26.03 36.11
CA VAL A 680 14.69 -26.03 37.00
C VAL A 680 15.26 -27.43 37.14
N ALA A 681 14.38 -28.39 37.39
CA ALA A 681 14.77 -29.80 37.48
C ALA A 681 15.46 -30.24 36.20
N ARG A 682 15.03 -29.70 35.07
CA ARG A 682 15.68 -30.00 33.79
C ARG A 682 17.07 -29.34 33.69
N VAL A 683 17.22 -28.19 34.33
CA VAL A 683 18.52 -27.52 34.35
C VAL A 683 19.51 -28.30 35.20
N ARG A 684 18.99 -28.93 36.26
CA ARG A 684 19.82 -29.65 37.21
C ARG A 684 20.32 -30.99 36.65
N LYS A 685 19.48 -31.66 35.87
CA LYS A 685 19.82 -32.98 35.35
C LYS A 685 20.63 -32.92 34.06
N SER A 686 20.91 -31.71 33.58
CA SER A 686 21.61 -31.54 32.32
C SER A 686 23.11 -31.31 32.47
N LYS A 687 23.59 -31.27 33.71
CA LYS A 687 24.99 -30.94 34.01
C LYS A 687 25.40 -29.63 33.34
N GLY A 688 24.52 -28.63 33.41
CA GLY A 688 24.78 -27.31 32.86
C GLY A 688 24.85 -27.20 31.35
N LYS A 689 24.33 -28.21 30.65
CA LYS A 689 24.29 -28.16 29.19
C LYS A 689 22.93 -27.64 28.71
N TYR A 690 22.08 -27.27 29.66
CA TYR A 690 20.79 -26.69 29.35
C TYR A 690 20.51 -25.48 30.23
N ALA A 691 20.14 -24.38 29.60
CA ALA A 691 19.83 -23.15 30.32
C ALA A 691 18.33 -22.88 30.32
N TYR A 692 17.82 -22.31 31.40
CA TYR A 692 16.39 -22.00 31.46
C TYR A 692 16.17 -20.51 31.62
N LEU A 693 15.46 -19.94 30.66
CA LEU A 693 15.13 -18.53 30.72
C LEU A 693 13.82 -18.39 31.47
N LEU A 694 13.90 -17.79 32.65
CA LEU A 694 12.70 -17.60 33.46
C LEU A 694 12.70 -16.20 34.03
N GLU A 695 11.54 -15.78 34.52
CA GLU A 695 11.41 -14.45 35.08
C GLU A 695 12.33 -14.29 36.29
N SER A 696 12.85 -13.07 36.46
CA SER A 696 13.83 -12.74 37.48
C SER A 696 13.48 -13.27 38.87
N THR A 697 12.35 -12.85 39.41
CA THR A 697 11.91 -13.22 40.76
C THR A 697 12.08 -14.71 41.09
N MET A 698 11.37 -15.57 40.37
CA MET A 698 11.49 -17.02 40.60
C MET A 698 12.94 -17.50 40.53
N ASN A 699 13.72 -16.90 39.64
CA ASN A 699 15.13 -17.26 39.51
C ASN A 699 15.88 -16.97 40.80
N GLU A 700 15.67 -15.76 41.33
CA GLU A 700 16.27 -15.35 42.60
C GLU A 700 15.78 -16.21 43.77
N TYR A 701 14.54 -16.67 43.68
CA TYR A 701 13.96 -17.52 44.72
C TYR A 701 14.57 -18.92 44.72
N ILE A 702 14.56 -19.57 43.56
CA ILE A 702 15.15 -20.89 43.41
C ILE A 702 16.64 -20.85 43.75
N GLU A 703 17.30 -19.73 43.43
CA GLU A 703 18.71 -19.57 43.77
C GLU A 703 18.92 -19.52 45.28
N GLN A 704 17.95 -18.99 46.00
CA GLN A 704 18.05 -18.82 47.45
C GLN A 704 17.48 -19.98 48.25
N ARG A 705 17.06 -21.04 47.56
CA ARG A 705 16.52 -22.21 48.23
C ARG A 705 17.37 -23.44 47.93
N LYS A 706 17.50 -24.30 48.92
CA LYS A 706 18.30 -25.53 48.81
C LYS A 706 17.85 -26.40 47.63
N PRO A 707 18.76 -27.22 47.07
CA PRO A 707 20.16 -27.35 47.50
C PRO A 707 21.13 -26.33 46.90
N CYS A 708 20.70 -25.10 46.69
CA CYS A 708 21.60 -23.99 46.32
C CYS A 708 22.55 -24.32 45.15
N ASP A 709 22.10 -25.17 44.23
CA ASP A 709 22.96 -25.63 43.14
C ASP A 709 22.89 -24.80 41.84
N THR A 710 21.91 -23.90 41.75
CA THR A 710 21.75 -23.11 40.53
C THR A 710 22.35 -21.72 40.65
N MET A 711 22.31 -20.95 39.56
CA MET A 711 22.90 -19.62 39.54
C MET A 711 22.27 -18.73 38.47
N LYS A 712 22.29 -17.43 38.71
CA LYS A 712 21.84 -16.44 37.73
C LYS A 712 23.04 -15.81 37.02
N VAL A 713 23.06 -15.88 35.70
CA VAL A 713 24.18 -15.34 34.94
C VAL A 713 23.76 -14.12 34.14
N GLY A 714 24.64 -13.12 34.12
CA GLY A 714 24.39 -11.88 33.40
C GLY A 714 23.22 -11.10 33.98
N GLY A 715 22.77 -10.12 33.22
CA GLY A 715 21.66 -9.29 33.64
C GLY A 715 20.32 -9.87 33.25
N ASN A 716 19.36 -8.98 33.03
CA ASN A 716 18.02 -9.37 32.62
C ASN A 716 17.81 -8.95 31.18
N LEU A 717 16.96 -9.68 30.47
CA LEU A 717 16.74 -9.43 29.05
C LEU A 717 15.83 -8.21 28.84
N ASP A 718 14.89 -8.00 29.76
CA ASP A 718 13.98 -6.87 29.70
C ASP A 718 13.65 -6.36 31.10
N SER A 719 13.07 -5.18 31.18
CA SER A 719 12.69 -4.60 32.47
C SER A 719 11.18 -4.40 32.55
N LYS A 720 10.56 -5.14 33.46
CA LYS A 720 9.10 -5.10 33.60
C LYS A 720 8.68 -5.37 35.04
N GLY A 721 7.38 -5.52 35.26
CA GLY A 721 6.87 -5.75 36.60
C GLY A 721 5.60 -6.59 36.66
N TYR A 722 5.30 -7.11 37.85
CA TYR A 722 4.01 -7.77 38.08
C TYR A 722 2.97 -6.72 38.42
N GLY A 723 1.72 -7.13 38.61
CA GLY A 723 0.67 -6.17 38.92
C GLY A 723 -0.67 -6.80 39.22
N ILE A 724 -1.55 -6.05 39.88
CA ILE A 724 -2.88 -6.56 40.19
C ILE A 724 -3.81 -6.29 39.02
N ALA A 725 -4.40 -7.36 38.47
CA ALA A 725 -5.21 -7.24 37.26
C ALA A 725 -6.70 -7.25 37.52
N THR A 726 -7.41 -6.37 36.81
CA THR A 726 -8.86 -6.29 36.92
C THR A 726 -9.48 -6.23 35.53
N PRO A 727 -10.73 -6.72 35.40
CA PRO A 727 -11.45 -6.64 34.13
C PRO A 727 -11.74 -5.19 33.75
N LYS A 728 -11.78 -4.89 32.46
CA LYS A 728 -11.94 -3.52 32.00
C LYS A 728 -13.23 -2.87 32.50
N GLY A 729 -13.10 -1.65 33.01
CA GLY A 729 -14.24 -0.90 33.51
C GLY A 729 -14.67 -1.27 34.91
N SER A 730 -13.91 -2.14 35.57
CA SER A 730 -14.23 -2.53 36.93
C SER A 730 -14.04 -1.37 37.89
N SER A 731 -14.84 -1.34 38.95
CA SER A 731 -14.76 -0.30 39.96
C SER A 731 -13.50 -0.45 40.82
N LEU A 732 -13.10 -1.70 41.04
CA LEU A 732 -11.97 -2.02 41.91
C LEU A 732 -10.63 -1.49 41.38
N GLY A 733 -10.58 -1.13 40.10
CA GLY A 733 -9.34 -0.77 39.46
C GLY A 733 -8.60 0.35 40.17
N THR A 734 -9.27 1.50 40.31
CA THR A 734 -8.66 2.66 40.95
C THR A 734 -8.29 2.47 42.43
N PRO A 735 -9.22 1.96 43.26
CA PRO A 735 -8.84 1.77 44.67
C PRO A 735 -7.69 0.78 44.89
N VAL A 736 -7.71 -0.35 44.18
CA VAL A 736 -6.64 -1.33 44.32
C VAL A 736 -5.31 -0.71 43.93
N ASN A 737 -5.31 0.09 42.87
CA ASN A 737 -4.11 0.80 42.43
C ASN A 737 -3.55 1.67 43.54
N LEU A 738 -4.38 2.53 44.11
CA LEU A 738 -3.97 3.39 45.20
C LEU A 738 -3.46 2.58 46.38
N ALA A 739 -4.11 1.45 46.64
CA ALA A 739 -3.72 0.57 47.72
C ALA A 739 -2.29 0.06 47.52
N VAL A 740 -1.97 -0.37 46.32
CA VAL A 740 -0.64 -0.87 46.00
C VAL A 740 0.39 0.24 46.19
N LEU A 741 0.02 1.45 45.80
CA LEU A 741 0.89 2.61 45.98
C LEU A 741 1.23 2.88 47.44
N LYS A 742 0.21 2.80 48.31
CA LYS A 742 0.42 3.08 49.71
C LYS A 742 1.28 1.96 50.33
N LEU A 743 0.96 0.72 50.01
CA LEU A 743 1.78 -0.42 50.44
C LEU A 743 3.22 -0.28 49.98
N SER A 744 3.42 0.33 48.81
CA SER A 744 4.76 0.59 48.30
C SER A 744 5.46 1.61 49.18
N GLU A 745 4.81 2.75 49.39
CA GLU A 745 5.37 3.84 50.16
C GLU A 745 5.53 3.46 51.64
N GLN A 746 4.72 2.54 52.12
CA GLN A 746 4.77 2.12 53.52
C GLN A 746 5.86 1.07 53.75
N GLY A 747 6.48 0.61 52.66
CA GLY A 747 7.54 -0.38 52.74
C GLY A 747 7.03 -1.80 52.92
N VAL A 748 5.71 -1.95 52.91
CA VAL A 748 5.07 -3.26 53.08
C VAL A 748 5.51 -4.25 51.99
N LEU A 749 5.58 -3.77 50.75
CA LEU A 749 5.93 -4.62 49.61
C LEU A 749 7.33 -5.21 49.76
N ASP A 750 8.30 -4.35 50.09
CA ASP A 750 9.68 -4.79 50.27
C ASP A 750 9.79 -5.81 51.38
N LYS A 751 9.20 -5.49 52.52
CA LYS A 751 9.26 -6.36 53.69
C LYS A 751 8.60 -7.70 53.39
N LEU A 752 7.54 -7.67 52.58
CA LEU A 752 6.84 -8.88 52.20
C LEU A 752 7.70 -9.77 51.31
N LYS A 753 8.35 -9.16 50.33
CA LYS A 753 9.26 -9.91 49.48
C LYS A 753 10.34 -10.55 50.35
N ASN A 754 10.88 -9.78 51.29
CA ASN A 754 11.84 -10.31 52.23
C ASN A 754 11.32 -11.50 53.00
N LYS A 755 10.11 -11.38 53.53
CA LYS A 755 9.47 -12.46 54.26
C LYS A 755 9.45 -13.72 53.43
N TRP A 756 9.09 -13.58 52.15
CA TRP A 756 8.93 -14.77 51.31
C TRP A 756 10.13 -15.10 50.42
N TRP A 757 11.22 -14.33 50.52
CA TRP A 757 12.40 -14.63 49.73
C TRP A 757 13.66 -14.84 50.55
N TYR A 758 14.26 -13.72 50.99
CA TYR A 758 15.59 -13.73 51.59
C TYR A 758 15.66 -14.03 53.08
N ASP A 759 14.65 -13.61 53.84
CA ASP A 759 14.65 -13.73 55.30
C ASP A 759 14.96 -15.14 55.79
N LYS A 760 14.26 -16.13 55.22
CA LYS A 760 14.46 -17.52 55.59
C LYS A 760 15.50 -18.19 54.69
N GLY A 761 16.15 -17.37 53.86
CA GLY A 761 17.06 -17.87 52.83
C GLY A 761 18.12 -18.83 53.33
N GLU A 762 18.14 -20.00 52.73
CA GLU A 762 18.93 -21.13 53.22
C GLU A 762 20.32 -21.22 52.60
N CYS A 763 20.57 -20.40 51.58
CA CYS A 763 21.88 -20.39 50.93
C CYS A 763 22.76 -19.29 51.49
N GLY A 764 22.20 -18.49 52.40
CA GLY A 764 22.93 -17.38 52.99
C GLY A 764 22.82 -16.11 52.17
N SER A 775 39.77 -18.36 46.23
CA SER A 775 40.46 -17.08 46.07
C SER A 775 41.96 -17.28 45.96
N ALA A 776 42.60 -17.64 47.07
CA ALA A 776 44.04 -17.87 47.10
C ALA A 776 44.40 -19.22 46.46
N LEU A 777 45.68 -19.58 46.52
CA LEU A 777 46.13 -20.84 45.94
C LEU A 777 45.59 -22.03 46.73
N SER A 778 45.18 -23.06 46.01
CA SER A 778 44.49 -24.20 46.61
C SER A 778 45.41 -25.11 47.41
N LEU A 779 44.80 -26.08 48.07
CA LEU A 779 45.52 -27.12 48.80
C LEU A 779 45.62 -28.39 47.95
N SER A 780 45.18 -28.29 46.71
CA SER A 780 44.96 -29.46 45.86
C SER A 780 46.25 -30.12 45.40
N ASN A 781 47.04 -29.41 44.60
CA ASN A 781 48.29 -29.95 44.06
C ASN A 781 49.27 -30.41 45.15
N VAL A 782 49.15 -29.79 46.32
CA VAL A 782 50.07 -30.05 47.43
C VAL A 782 50.01 -31.48 47.98
N ALA A 783 48.82 -32.06 47.99
CA ALA A 783 48.59 -33.37 48.62
C ALA A 783 49.55 -34.44 48.15
N GLY A 784 49.87 -34.44 46.86
CA GLY A 784 50.85 -35.37 46.35
C GLY A 784 52.23 -35.13 46.93
N VAL A 785 52.70 -33.89 46.77
CA VAL A 785 54.06 -33.54 47.16
C VAL A 785 54.32 -33.74 48.64
N PHE A 786 53.38 -33.27 49.46
CA PHE A 786 53.52 -33.40 50.90
C PHE A 786 53.48 -34.85 51.34
N TYR A 787 52.88 -35.70 50.51
CA TYR A 787 52.88 -37.11 50.87
C TYR A 787 54.24 -37.69 50.53
N ILE A 788 54.76 -37.33 49.35
CA ILE A 788 56.05 -37.86 48.91
C ILE A 788 57.12 -37.40 49.88
N LEU A 789 56.94 -36.19 50.40
CA LEU A 789 57.85 -35.63 51.37
C LEU A 789 57.90 -36.58 52.55
N VAL A 790 56.73 -36.86 53.13
CA VAL A 790 56.69 -37.75 54.28
C VAL A 790 57.31 -39.08 53.91
N GLY A 791 57.00 -39.56 52.71
CA GLY A 791 57.53 -40.84 52.28
C GLY A 791 59.03 -40.80 52.24
N GLY A 792 59.56 -39.73 51.67
CA GLY A 792 60.99 -39.58 51.56
C GLY A 792 61.55 -39.50 52.96
N LEU A 793 60.89 -38.71 53.81
CA LEU A 793 61.34 -38.52 55.17
C LEU A 793 61.33 -39.88 55.87
N GLY A 794 60.31 -40.68 55.55
CA GLY A 794 60.19 -41.99 56.17
C GLY A 794 61.41 -42.80 55.83
N LEU A 795 61.77 -42.80 54.55
CA LEU A 795 62.95 -43.52 54.10
C LEU A 795 64.17 -42.97 54.82
N ALA A 796 64.22 -41.65 54.96
CA ALA A 796 65.35 -41.01 55.62
C ALA A 796 65.43 -41.45 57.07
N MET A 797 64.26 -41.65 57.69
CA MET A 797 64.26 -42.16 59.05
C MET A 797 64.74 -43.61 59.06
N LEU A 798 64.25 -44.39 58.10
CA LEU A 798 64.56 -45.82 58.07
C LEU A 798 66.03 -46.16 57.81
N VAL A 799 66.55 -45.70 56.67
CA VAL A 799 67.89 -46.08 56.22
C VAL A 799 68.97 -45.70 57.21
N ALA A 800 68.86 -44.50 57.78
CA ALA A 800 69.84 -43.99 58.73
C ALA A 800 69.92 -44.97 59.87
N LEU A 801 68.76 -45.47 60.28
CA LEU A 801 68.70 -46.41 61.39
C LEU A 801 69.39 -47.72 61.01
N ILE A 802 69.08 -48.28 59.84
CA ILE A 802 69.60 -49.61 59.49
C ILE A 802 71.12 -49.63 59.44
N GLU A 803 71.72 -48.51 59.02
CA GLU A 803 73.16 -48.44 58.91
C GLU A 803 73.71 -48.55 60.32
N PHE A 804 73.14 -47.76 61.23
CA PHE A 804 73.58 -47.79 62.62
C PHE A 804 73.24 -49.13 63.24
N ALA A 805 72.22 -49.80 62.70
CA ALA A 805 71.88 -51.13 63.18
C ALA A 805 72.87 -52.16 62.62
N TYR A 806 73.37 -51.89 61.42
CA TYR A 806 74.30 -52.81 60.76
C TYR A 806 75.70 -52.72 61.36
N LYS A 807 76.18 -51.48 61.53
CA LYS A 807 77.53 -51.24 62.05
C LYS A 807 77.48 -50.34 63.28
N SER B 2 -72.11 -15.77 -23.02
CA SER B 2 -73.41 -15.68 -22.37
C SER B 2 -73.24 -15.37 -20.88
N ILE B 3 -71.99 -15.26 -20.45
CA ILE B 3 -71.66 -15.00 -19.05
C ILE B 3 -71.19 -13.56 -18.84
N GLN B 4 -71.75 -12.89 -17.84
CA GLN B 4 -71.43 -11.48 -17.59
C GLN B 4 -70.45 -11.34 -16.43
N ILE B 5 -69.31 -10.74 -16.75
CA ILE B 5 -68.20 -10.55 -15.81
C ILE B 5 -67.86 -9.08 -15.60
N GLY B 6 -67.33 -8.75 -14.42
CA GLY B 6 -66.99 -7.36 -14.12
C GLY B 6 -65.64 -6.96 -14.71
N GLY B 7 -65.57 -5.70 -15.11
CA GLY B 7 -64.42 -5.10 -15.73
C GLY B 7 -63.64 -3.95 -15.10
N LEU B 8 -63.60 -3.83 -13.77
CA LEU B 8 -62.95 -2.65 -13.17
C LEU B 8 -61.51 -2.36 -13.65
N PHE B 9 -61.35 -1.22 -14.31
CA PHE B 9 -60.06 -0.70 -14.77
C PHE B 9 -59.72 0.69 -14.22
N PRO B 10 -58.61 0.80 -13.47
CA PRO B 10 -58.17 2.12 -12.99
C PRO B 10 -58.00 3.10 -14.14
N ARG B 11 -58.25 4.39 -13.90
CA ARG B 11 -58.01 5.41 -14.91
C ARG B 11 -56.54 5.41 -15.33
N GLY B 12 -56.31 5.29 -16.62
CA GLY B 12 -54.96 5.26 -17.15
C GLY B 12 -54.49 3.87 -17.51
N ALA B 13 -55.36 2.88 -17.31
CA ALA B 13 -55.02 1.51 -17.68
C ALA B 13 -55.44 1.30 -19.12
N ASP B 14 -54.47 1.12 -19.99
CA ASP B 14 -54.74 1.12 -21.42
C ASP B 14 -54.26 -0.16 -22.08
N GLN B 15 -52.94 -0.38 -22.04
CA GLN B 15 -52.36 -1.60 -22.57
C GLN B 15 -52.99 -2.80 -21.87
N GLU B 16 -53.27 -2.65 -20.58
CA GLU B 16 -53.95 -3.68 -19.80
C GLU B 16 -55.31 -4.03 -20.41
N TYR B 17 -56.15 -3.01 -20.60
CA TYR B 17 -57.47 -3.19 -21.19
C TYR B 17 -57.37 -3.72 -22.63
N SER B 18 -56.32 -3.31 -23.34
CA SER B 18 -56.07 -3.78 -24.69
C SER B 18 -55.86 -5.29 -24.67
N ALA B 19 -54.95 -5.74 -23.82
CA ALA B 19 -54.69 -7.17 -23.64
C ALA B 19 -55.92 -7.90 -23.13
N PHE B 20 -56.78 -7.16 -22.41
CA PHE B 20 -58.03 -7.72 -21.91
C PHE B 20 -58.95 -8.04 -23.08
N ARG B 21 -59.07 -7.09 -24.01
CA ARG B 21 -59.91 -7.29 -25.19
C ARG B 21 -59.32 -8.37 -26.10
N VAL B 22 -58.00 -8.41 -26.21
CA VAL B 22 -57.32 -9.42 -26.99
C VAL B 22 -57.56 -10.81 -26.40
N GLY B 23 -57.52 -10.91 -25.08
CA GLY B 23 -57.83 -12.16 -24.40
C GLY B 23 -59.29 -12.53 -24.58
N MET B 24 -60.15 -11.51 -24.63
CA MET B 24 -61.57 -11.72 -24.87
C MET B 24 -61.83 -12.34 -26.24
N VAL B 25 -61.16 -11.83 -27.26
CA VAL B 25 -61.32 -12.36 -28.61
C VAL B 25 -60.69 -13.73 -28.73
N GLN B 26 -59.48 -13.88 -28.19
CA GLN B 26 -58.73 -15.13 -28.28
C GLN B 26 -59.40 -16.31 -27.59
N PHE B 27 -59.90 -16.07 -26.38
CA PHE B 27 -60.46 -17.15 -25.56
C PHE B 27 -61.98 -17.31 -25.62
N SER B 28 -62.65 -16.64 -26.56
CA SER B 28 -64.11 -16.72 -26.59
C SER B 28 -64.53 -17.88 -27.49
N THR B 29 -65.15 -18.87 -26.88
CA THR B 29 -65.60 -20.06 -27.59
C THR B 29 -67.05 -20.00 -28.04
N SER B 30 -67.44 -20.97 -28.85
CA SER B 30 -68.81 -21.08 -29.36
C SER B 30 -69.75 -21.47 -28.22
N GLU B 31 -69.22 -22.18 -27.24
CA GLU B 31 -69.99 -22.69 -26.12
C GLU B 31 -70.61 -21.53 -25.34
N PHE B 32 -69.81 -20.49 -25.17
CA PHE B 32 -70.23 -19.29 -24.48
C PHE B 32 -69.18 -18.20 -24.64
N ARG B 33 -69.61 -16.95 -24.53
CA ARG B 33 -68.68 -15.83 -24.60
C ARG B 33 -68.89 -14.99 -23.35
N LEU B 34 -67.79 -14.53 -22.76
CA LEU B 34 -67.92 -13.65 -21.61
C LEU B 34 -68.42 -12.30 -22.08
N THR B 35 -69.24 -11.65 -21.25
CA THR B 35 -69.78 -10.34 -21.58
C THR B 35 -69.37 -9.34 -20.52
N PRO B 36 -68.18 -8.74 -20.71
CA PRO B 36 -67.60 -7.78 -19.76
C PRO B 36 -68.36 -6.48 -19.65
N HIS B 37 -68.59 -6.03 -18.43
CA HIS B 37 -69.02 -4.67 -18.20
C HIS B 37 -67.90 -3.92 -17.51
N ILE B 38 -67.22 -3.05 -18.26
CA ILE B 38 -66.03 -2.38 -17.75
C ILE B 38 -66.40 -1.10 -17.01
N ASP B 39 -65.69 -0.83 -15.92
CA ASP B 39 -65.85 0.42 -15.21
C ASP B 39 -64.49 1.07 -14.96
N ASN B 40 -64.28 2.22 -15.60
CA ASN B 40 -63.09 3.02 -15.37
C ASN B 40 -63.32 3.98 -14.21
N LEU B 41 -62.39 3.97 -13.25
CA LEU B 41 -62.52 4.80 -12.06
C LEU B 41 -61.18 5.07 -11.40
N GLU B 42 -61.19 5.91 -10.37
CA GLU B 42 -59.98 6.16 -9.62
C GLU B 42 -59.92 5.08 -8.55
N VAL B 43 -58.97 4.17 -8.70
CA VAL B 43 -58.96 2.96 -7.89
C VAL B 43 -58.47 3.31 -6.50
N ALA B 44 -57.68 4.38 -6.40
CA ALA B 44 -57.17 4.83 -5.11
C ALA B 44 -58.30 5.35 -4.22
N ASN B 45 -59.45 5.65 -4.83
CA ASN B 45 -60.57 6.14 -4.05
C ASN B 45 -61.44 4.99 -3.60
N SER B 46 -61.47 4.76 -2.30
CA SER B 46 -62.23 3.66 -1.72
C SER B 46 -63.71 3.82 -2.02
N PHE B 47 -64.24 5.03 -1.86
CA PHE B 47 -65.65 5.30 -2.15
C PHE B 47 -66.00 4.92 -3.58
N ALA B 48 -65.17 5.35 -4.52
CA ALA B 48 -65.39 5.07 -5.94
C ALA B 48 -65.42 3.58 -6.21
N VAL B 49 -64.48 2.86 -5.62
CA VAL B 49 -64.38 1.42 -5.79
C VAL B 49 -65.57 0.70 -5.19
N THR B 50 -65.94 1.06 -3.96
CA THR B 50 -67.15 0.55 -3.31
C THR B 50 -68.37 0.73 -4.21
N ASN B 51 -68.53 1.94 -4.73
CA ASN B 51 -69.68 2.28 -5.54
C ASN B 51 -69.71 1.52 -6.85
N ALA B 52 -68.54 1.40 -7.48
CA ALA B 52 -68.43 0.67 -8.73
C ALA B 52 -68.69 -0.82 -8.53
N PHE B 53 -68.13 -1.38 -7.46
CA PHE B 53 -68.29 -2.78 -7.13
C PHE B 53 -69.76 -3.11 -6.88
N CYS B 54 -70.44 -2.25 -6.15
CA CYS B 54 -71.87 -2.45 -5.91
C CYS B 54 -72.65 -2.27 -7.21
N SER B 55 -72.16 -1.37 -8.08
CA SER B 55 -72.79 -1.18 -9.38
C SER B 55 -72.69 -2.46 -10.21
N GLN B 56 -71.56 -3.15 -10.13
CA GLN B 56 -71.37 -4.43 -10.83
C GLN B 56 -72.24 -5.51 -10.21
N PHE B 57 -72.26 -5.52 -8.88
CA PHE B 57 -72.98 -6.50 -8.10
C PHE B 57 -74.47 -6.47 -8.40
N SER B 58 -75.05 -5.28 -8.33
CA SER B 58 -76.49 -5.11 -8.55
C SER B 58 -76.92 -5.46 -9.97
N ARG B 59 -75.99 -5.42 -10.92
CA ARG B 59 -76.28 -5.81 -12.29
C ARG B 59 -76.24 -7.33 -12.42
N GLY B 60 -75.88 -7.99 -11.32
CA GLY B 60 -75.87 -9.44 -11.28
C GLY B 60 -74.68 -10.04 -12.00
N VAL B 61 -73.49 -9.53 -11.70
CA VAL B 61 -72.28 -10.05 -12.32
C VAL B 61 -71.87 -11.35 -11.63
N TYR B 62 -71.39 -12.30 -12.42
CA TYR B 62 -70.98 -13.60 -11.89
C TYR B 62 -69.58 -13.57 -11.28
N ALA B 63 -68.70 -12.76 -11.86
CA ALA B 63 -67.33 -12.60 -11.34
C ALA B 63 -66.77 -11.26 -11.78
N ILE B 64 -65.79 -10.74 -11.04
CA ILE B 64 -65.23 -9.43 -11.36
C ILE B 64 -63.71 -9.48 -11.56
N PHE B 65 -63.24 -8.78 -12.58
CA PHE B 65 -61.82 -8.65 -12.82
C PHE B 65 -61.42 -7.19 -12.71
N GLY B 66 -60.37 -6.90 -11.96
CA GLY B 66 -60.00 -5.53 -11.70
C GLY B 66 -58.64 -5.32 -11.07
N PHE B 67 -58.45 -4.11 -10.52
CA PHE B 67 -57.22 -3.75 -9.82
C PHE B 67 -57.56 -3.08 -8.49
N TYR B 68 -56.57 -2.95 -7.61
CA TYR B 68 -56.80 -2.24 -6.35
C TYR B 68 -55.55 -1.53 -5.86
N ASP B 69 -55.75 -0.47 -5.09
CA ASP B 69 -54.65 0.28 -4.49
C ASP B 69 -54.42 -0.26 -3.07
N LYS B 70 -53.37 0.23 -2.40
CA LYS B 70 -53.12 -0.14 -1.01
C LYS B 70 -54.23 0.41 -0.10
N LYS B 71 -55.03 1.30 -0.67
CA LYS B 71 -56.15 1.92 0.02
C LYS B 71 -57.41 1.09 -0.20
N SER B 72 -57.79 0.92 -1.46
CA SER B 72 -59.04 0.27 -1.83
C SER B 72 -59.08 -1.23 -1.59
N VAL B 73 -57.91 -1.85 -1.44
CA VAL B 73 -57.82 -3.31 -1.35
C VAL B 73 -58.75 -3.91 -0.29
N ASN B 74 -58.74 -3.35 0.92
CA ASN B 74 -59.59 -3.87 1.98
C ASN B 74 -61.08 -3.81 1.62
N THR B 75 -61.49 -2.76 0.92
CA THR B 75 -62.88 -2.64 0.48
C THR B 75 -63.24 -3.81 -0.46
N ILE B 76 -62.36 -4.10 -1.42
CA ILE B 76 -62.56 -5.20 -2.37
C ILE B 76 -62.56 -6.56 -1.67
N THR B 77 -61.52 -6.85 -0.88
CA THR B 77 -61.43 -8.15 -0.21
C THR B 77 -62.65 -8.38 0.70
N SER B 78 -63.03 -7.35 1.46
CA SER B 78 -64.17 -7.46 2.37
C SER B 78 -65.51 -7.63 1.67
N PHE B 79 -65.71 -6.84 0.62
CA PHE B 79 -66.96 -6.89 -0.13
C PHE B 79 -67.11 -8.20 -0.91
N CYS B 80 -66.00 -8.68 -1.46
CA CYS B 80 -66.00 -9.96 -2.16
C CYS B 80 -66.24 -11.11 -1.19
N GLY B 81 -65.55 -11.07 -0.05
CA GLY B 81 -65.69 -12.10 0.95
C GLY B 81 -67.10 -12.15 1.54
N THR B 82 -67.72 -10.99 1.72
CA THR B 82 -69.08 -10.96 2.30
C THR B 82 -70.17 -11.26 1.27
N LEU B 83 -70.02 -10.74 0.06
CA LEU B 83 -71.04 -10.90 -0.97
C LEU B 83 -70.78 -12.12 -1.83
N HIS B 84 -69.72 -12.85 -1.50
CA HIS B 84 -69.34 -14.07 -2.21
C HIS B 84 -69.16 -13.84 -3.71
N VAL B 85 -68.47 -12.76 -4.04
CA VAL B 85 -68.19 -12.44 -5.44
C VAL B 85 -66.71 -12.63 -5.73
N SER B 86 -66.42 -13.48 -6.71
CA SER B 86 -65.05 -13.78 -7.07
C SER B 86 -64.35 -12.57 -7.69
N PHE B 87 -63.09 -12.36 -7.33
CA PHE B 87 -62.33 -11.22 -7.83
C PHE B 87 -60.95 -11.64 -8.33
N ILE B 88 -60.73 -11.45 -9.63
CA ILE B 88 -59.45 -11.76 -10.27
C ILE B 88 -58.69 -10.45 -10.49
N THR B 89 -57.36 -10.49 -10.40
CA THR B 89 -56.56 -9.27 -10.47
C THR B 89 -55.05 -9.50 -10.52
N PRO B 90 -54.38 -8.73 -11.39
CA PRO B 90 -52.91 -8.64 -11.54
C PRO B 90 -52.24 -7.89 -10.40
N SER B 91 -53.03 -7.16 -9.62
CA SER B 91 -52.51 -6.30 -8.56
C SER B 91 -51.82 -7.10 -7.47
N PHE B 92 -50.99 -6.41 -6.68
CA PHE B 92 -50.15 -7.03 -5.67
C PHE B 92 -50.91 -7.96 -4.73
N PRO B 93 -50.27 -9.05 -4.34
CA PRO B 93 -50.80 -10.05 -3.41
C PRO B 93 -51.14 -9.47 -2.04
N THR B 94 -52.02 -10.15 -1.32
CA THR B 94 -52.44 -9.72 0.00
C THR B 94 -51.54 -10.37 1.05
N ASP B 95 -51.30 -9.65 2.13
CA ASP B 95 -50.38 -10.06 3.19
C ASP B 95 -51.01 -11.06 4.14
N GLY B 96 -52.21 -11.51 3.81
CA GLY B 96 -52.95 -12.46 4.62
C GLY B 96 -53.79 -13.32 3.70
N THR B 97 -54.65 -14.15 4.28
CA THR B 97 -55.44 -15.06 3.48
C THR B 97 -56.85 -14.51 3.29
N HIS B 98 -57.14 -14.09 2.06
CA HIS B 98 -58.42 -13.48 1.72
C HIS B 98 -59.20 -14.30 0.71
N PRO B 99 -60.36 -14.82 1.13
CA PRO B 99 -61.22 -15.66 0.30
C PRO B 99 -61.92 -14.85 -0.79
N PHE B 100 -62.34 -15.54 -1.85
CA PHE B 100 -63.05 -14.93 -2.97
C PHE B 100 -62.18 -13.91 -3.69
N VAL B 101 -60.87 -14.11 -3.64
CA VAL B 101 -59.93 -13.29 -4.38
C VAL B 101 -58.91 -14.18 -5.06
N ILE B 102 -58.73 -13.98 -6.35
CA ILE B 102 -57.74 -14.72 -7.11
C ILE B 102 -56.65 -13.76 -7.54
N GLN B 103 -55.47 -13.89 -6.94
CA GLN B 103 -54.40 -12.96 -7.22
C GLN B 103 -53.53 -13.51 -8.33
N MET B 104 -53.61 -12.87 -9.50
CA MET B 104 -52.87 -13.30 -10.67
C MET B 104 -51.37 -13.12 -10.54
N ARG B 105 -50.94 -12.16 -9.72
CA ARG B 105 -49.52 -11.89 -9.56
C ARG B 105 -48.86 -12.87 -8.59
N PRO B 106 -47.74 -13.47 -9.02
CA PRO B 106 -46.90 -14.34 -8.17
C PRO B 106 -46.20 -13.54 -7.08
N ASP B 107 -45.87 -14.19 -5.96
CA ASP B 107 -45.21 -13.50 -4.86
C ASP B 107 -43.70 -13.37 -5.14
N LEU B 108 -43.20 -12.14 -5.05
CA LEU B 108 -41.80 -11.86 -5.39
C LEU B 108 -40.80 -11.92 -4.23
N LYS B 109 -41.29 -11.94 -3.00
CA LYS B 109 -40.43 -11.84 -1.82
C LYS B 109 -39.29 -12.84 -1.84
N GLY B 110 -39.65 -14.12 -1.96
CA GLY B 110 -38.68 -15.20 -1.96
C GLY B 110 -37.63 -15.02 -3.02
N ALA B 111 -38.08 -14.70 -4.23
CA ALA B 111 -37.18 -14.47 -5.36
C ALA B 111 -36.15 -13.38 -5.05
N LEU B 112 -36.64 -12.24 -4.56
CA LEU B 112 -35.78 -11.12 -4.23
C LEU B 112 -34.74 -11.48 -3.19
N LEU B 113 -35.20 -12.00 -2.05
CA LEU B 113 -34.32 -12.38 -0.96
C LEU B 113 -33.28 -13.38 -1.45
N SER B 114 -33.72 -14.32 -2.27
CA SER B 114 -32.85 -15.32 -2.84
C SER B 114 -31.77 -14.70 -3.75
N LEU B 115 -32.13 -13.64 -4.47
CA LEU B 115 -31.17 -12.96 -5.32
C LEU B 115 -30.16 -12.17 -4.49
N ILE B 116 -30.65 -11.55 -3.41
CA ILE B 116 -29.78 -10.81 -2.49
C ILE B 116 -28.75 -11.77 -1.90
N GLU B 117 -29.23 -12.96 -1.51
CA GLU B 117 -28.34 -13.98 -0.95
C GLU B 117 -27.37 -14.49 -2.02
N TYR B 118 -27.84 -14.55 -3.25
CA TYR B 118 -27.02 -15.04 -4.36
C TYR B 118 -25.80 -14.17 -4.62
N TYR B 119 -26.02 -12.85 -4.69
CA TYR B 119 -24.93 -11.92 -4.92
C TYR B 119 -24.10 -11.68 -3.66
N GLN B 120 -24.55 -12.25 -2.55
CA GLN B 120 -23.88 -12.12 -1.26
C GLN B 120 -23.75 -10.65 -0.85
N TRP B 121 -24.87 -10.02 -0.55
CA TRP B 121 -24.87 -8.62 -0.15
C TRP B 121 -24.98 -8.51 1.37
N ASP B 122 -23.89 -8.13 2.02
CA ASP B 122 -23.90 -7.90 3.46
C ASP B 122 -24.42 -6.51 3.81
N LYS B 123 -24.22 -5.57 2.89
CA LYS B 123 -24.66 -4.19 3.08
C LYS B 123 -25.12 -3.60 1.75
N PHE B 124 -26.27 -2.93 1.77
CA PHE B 124 -26.82 -2.32 0.56
C PHE B 124 -27.89 -1.29 0.88
N ALA B 125 -28.42 -0.66 -0.17
CA ALA B 125 -29.47 0.34 -0.01
C ALA B 125 -30.78 -0.16 -0.61
N TYR B 126 -31.90 0.27 -0.02
CA TYR B 126 -33.20 -0.18 -0.45
C TYR B 126 -34.15 1.01 -0.63
N LEU B 127 -34.59 1.24 -1.86
CA LEU B 127 -35.51 2.33 -2.16
C LEU B 127 -36.93 1.84 -2.38
N TYR B 128 -37.82 2.16 -1.44
CA TYR B 128 -39.21 1.75 -1.49
C TYR B 128 -40.09 2.98 -1.66
N ASP B 129 -41.41 2.82 -1.79
CA ASP B 129 -42.23 4.03 -1.66
C ASP B 129 -43.55 3.96 -0.87
N SER B 130 -44.63 3.64 -1.57
CA SER B 130 -45.97 3.53 -0.97
C SER B 130 -46.78 2.40 -1.59
N ASP B 131 -46.98 2.59 -2.89
CA ASP B 131 -47.87 1.84 -3.78
C ASP B 131 -47.92 0.33 -3.61
N ARG B 132 -46.79 -0.34 -3.79
CA ARG B 132 -46.77 -1.79 -3.79
C ARG B 132 -46.78 -2.32 -2.36
N GLY B 133 -46.81 -1.39 -1.41
CA GLY B 133 -46.87 -1.75 -0.01
C GLY B 133 -45.47 -1.82 0.57
N LEU B 134 -45.38 -1.78 1.89
CA LEU B 134 -44.09 -1.84 2.54
C LEU B 134 -43.81 -3.30 2.89
N SER B 135 -44.70 -4.17 2.42
CA SER B 135 -44.61 -5.61 2.66
C SER B 135 -43.27 -6.21 2.25
N THR B 136 -42.83 -5.89 1.04
CA THR B 136 -41.54 -6.36 0.56
C THR B 136 -40.43 -5.77 1.45
N LEU B 137 -40.60 -4.51 1.82
CA LEU B 137 -39.66 -3.84 2.70
C LEU B 137 -39.61 -4.48 4.07
N GLN B 138 -40.78 -4.77 4.63
CA GLN B 138 -40.86 -5.44 5.93
C GLN B 138 -40.16 -6.80 5.86
N ALA B 139 -40.35 -7.48 4.73
CA ALA B 139 -39.74 -8.79 4.52
C ALA B 139 -38.23 -8.71 4.49
N VAL B 140 -37.71 -7.83 3.64
CA VAL B 140 -36.27 -7.68 3.47
C VAL B 140 -35.63 -7.16 4.76
N LEU B 141 -36.40 -6.41 5.56
CA LEU B 141 -35.92 -5.92 6.84
C LEU B 141 -35.79 -7.05 7.85
N ASP B 142 -36.80 -7.91 7.90
CA ASP B 142 -36.76 -9.07 8.79
C ASP B 142 -35.59 -10.00 8.43
N SER B 143 -35.52 -10.34 7.15
CA SER B 143 -34.47 -11.21 6.66
C SER B 143 -33.09 -10.57 6.83
N ALA B 144 -33.04 -9.24 6.81
CA ALA B 144 -31.80 -8.52 7.04
C ALA B 144 -31.41 -8.64 8.50
N ALA B 145 -32.40 -8.58 9.37
CA ALA B 145 -32.17 -8.72 10.80
C ALA B 145 -31.59 -10.10 11.09
N GLU B 146 -32.12 -11.11 10.41
CA GLU B 146 -31.60 -12.47 10.58
C GLU B 146 -30.20 -12.66 9.99
N LYS B 147 -30.01 -12.21 8.76
CA LYS B 147 -28.78 -12.45 8.01
C LYS B 147 -27.73 -11.35 8.20
N LYS B 148 -28.02 -10.38 9.04
CA LYS B 148 -27.09 -9.28 9.35
C LYS B 148 -26.79 -8.40 8.15
N TRP B 149 -27.76 -8.25 7.25
CA TRP B 149 -27.63 -7.29 6.16
C TRP B 149 -27.75 -5.88 6.72
N GLN B 150 -27.05 -4.91 6.14
CA GLN B 150 -27.28 -3.53 6.55
C GLN B 150 -28.13 -2.84 5.50
N VAL B 151 -29.44 -2.79 5.75
CA VAL B 151 -30.38 -2.16 4.83
C VAL B 151 -30.51 -0.67 5.12
N THR B 152 -30.50 0.15 4.08
CA THR B 152 -30.82 1.55 4.25
C THR B 152 -32.15 1.82 3.54
N ALA B 153 -33.20 2.02 4.34
CA ALA B 153 -34.54 2.20 3.79
C ALA B 153 -34.78 3.67 3.49
N ILE B 154 -35.12 3.95 2.23
CA ILE B 154 -35.38 5.32 1.81
C ILE B 154 -36.67 5.39 1.00
N ASN B 155 -37.64 6.14 1.50
CA ASN B 155 -38.91 6.30 0.80
C ASN B 155 -38.84 7.31 -0.33
N VAL B 156 -39.05 6.83 -1.55
CA VAL B 156 -39.01 7.69 -2.72
C VAL B 156 -40.41 8.11 -3.21
N GLY B 157 -41.45 7.65 -2.52
CA GLY B 157 -42.82 7.89 -2.94
C GLY B 157 -43.47 9.16 -2.45
N ASN B 158 -42.93 9.71 -1.38
CA ASN B 158 -43.47 10.94 -0.80
C ASN B 158 -42.78 12.13 -1.42
N ILE B 159 -42.08 11.88 -2.53
CA ILE B 159 -41.33 12.92 -3.20
C ILE B 159 -42.09 13.40 -4.42
N ASN B 160 -42.48 14.69 -4.36
CA ASN B 160 -43.25 15.34 -5.39
C ASN B 160 -42.55 15.42 -6.75
N ASN B 161 -43.35 15.40 -7.81
CA ASN B 161 -42.85 15.46 -9.18
C ASN B 161 -42.14 16.79 -9.40
N ASP B 162 -42.55 17.83 -8.66
CA ASP B 162 -41.95 19.15 -8.80
C ASP B 162 -40.50 19.23 -8.32
N LYS B 163 -40.24 18.75 -7.10
CA LYS B 163 -38.92 18.85 -6.48
C LYS B 163 -38.04 17.61 -6.62
N LYS B 164 -38.50 16.61 -7.38
CA LYS B 164 -37.89 15.28 -7.38
C LYS B 164 -36.40 15.20 -7.76
N ASP B 165 -35.99 15.88 -8.82
CA ASP B 165 -34.60 15.82 -9.28
C ASP B 165 -33.60 16.18 -8.18
N GLU B 166 -33.83 17.32 -7.54
CA GLU B 166 -32.92 17.85 -6.53
C GLU B 166 -32.73 16.90 -5.37
N THR B 167 -33.84 16.37 -4.85
CA THR B 167 -33.80 15.42 -3.74
C THR B 167 -33.16 14.09 -4.16
N TYR B 168 -33.40 13.64 -5.38
CA TYR B 168 -32.75 12.41 -5.84
C TYR B 168 -31.24 12.57 -5.83
N ARG B 169 -30.76 13.66 -6.41
CA ARG B 169 -29.32 13.93 -6.40
C ARG B 169 -28.80 14.04 -4.98
N SER B 170 -29.60 14.64 -4.09
CA SER B 170 -29.21 14.76 -2.69
C SER B 170 -29.03 13.39 -2.01
N LEU B 171 -30.08 12.58 -2.03
CA LEU B 171 -30.06 11.29 -1.34
C LEU B 171 -28.98 10.40 -1.94
N PHE B 172 -28.83 10.41 -3.26
CA PHE B 172 -27.78 9.63 -3.88
C PHE B 172 -26.39 10.17 -3.53
N GLN B 173 -26.30 11.47 -3.24
CA GLN B 173 -25.07 12.02 -2.73
C GLN B 173 -24.73 11.40 -1.38
N ASP B 174 -25.73 11.37 -0.48
CA ASP B 174 -25.54 10.74 0.82
C ASP B 174 -25.19 9.26 0.68
N LEU B 175 -25.79 8.61 -0.32
CA LEU B 175 -25.52 7.21 -0.62
C LEU B 175 -24.09 6.99 -1.05
N GLU B 176 -23.58 7.90 -1.87
CA GLU B 176 -22.20 7.86 -2.33
C GLU B 176 -21.29 8.02 -1.13
N LEU B 177 -21.69 8.93 -0.23
CA LEU B 177 -20.92 9.18 0.98
C LEU B 177 -20.89 7.98 1.92
N LYS B 178 -22.01 7.26 2.03
CA LYS B 178 -22.05 6.06 2.87
C LYS B 178 -21.30 4.92 2.19
N GLY B 179 -20.91 5.14 0.94
CA GLY B 179 -20.16 4.17 0.17
C GLY B 179 -20.97 2.95 -0.22
N GLU B 180 -22.27 3.15 -0.41
CA GLU B 180 -23.13 2.05 -0.80
C GLU B 180 -23.25 1.98 -2.33
N ARG B 181 -22.60 0.99 -2.92
CA ARG B 181 -22.71 0.78 -4.36
C ARG B 181 -23.98 0.00 -4.67
N ARG B 182 -24.23 -1.05 -3.91
CA ARG B 182 -25.36 -1.92 -4.16
C ARG B 182 -26.68 -1.28 -3.77
N VAL B 183 -27.62 -1.25 -4.70
CA VAL B 183 -28.91 -0.60 -4.50
C VAL B 183 -30.06 -1.48 -5.02
N ILE B 184 -31.17 -1.48 -4.30
CA ILE B 184 -32.36 -2.18 -4.74
C ILE B 184 -33.51 -1.20 -4.97
N LEU B 185 -34.01 -1.18 -6.20
CA LEU B 185 -35.13 -0.33 -6.56
C LEU B 185 -36.44 -1.13 -6.46
N ASP B 186 -37.28 -0.79 -5.49
CA ASP B 186 -38.59 -1.41 -5.40
C ASP B 186 -39.70 -0.40 -5.67
N CYS B 187 -40.27 -0.46 -6.87
CA CYS B 187 -41.25 0.52 -7.34
C CYS B 187 -41.84 0.14 -8.70
N GLU B 188 -42.83 0.90 -9.15
CA GLU B 188 -43.36 0.75 -10.50
C GLU B 188 -42.34 1.17 -11.54
N ARG B 189 -42.55 0.71 -12.77
CA ARG B 189 -41.70 1.05 -13.90
C ARG B 189 -41.40 2.55 -14.01
N ASP B 190 -42.40 3.40 -13.78
CA ASP B 190 -42.21 4.84 -13.91
C ASP B 190 -41.17 5.38 -12.93
N LYS B 191 -41.36 5.07 -11.64
CA LYS B 191 -40.42 5.44 -10.61
C LYS B 191 -39.03 4.91 -10.94
N VAL B 192 -38.98 3.69 -11.43
CA VAL B 192 -37.72 3.08 -11.84
C VAL B 192 -37.04 3.91 -12.92
N ASN B 193 -37.76 4.24 -14.00
CA ASN B 193 -37.22 5.09 -15.05
C ASN B 193 -36.69 6.42 -14.54
N ASP B 194 -37.47 7.10 -13.70
CA ASP B 194 -37.00 8.36 -13.11
C ASP B 194 -35.69 8.17 -12.35
N ILE B 195 -35.68 7.21 -11.44
CA ILE B 195 -34.50 6.94 -10.62
C ILE B 195 -33.28 6.60 -11.46
N VAL B 196 -33.46 5.74 -12.48
CA VAL B 196 -32.38 5.37 -13.37
C VAL B 196 -31.85 6.57 -14.15
N ASP B 197 -32.77 7.39 -14.65
CA ASP B 197 -32.39 8.63 -15.35
C ASP B 197 -31.50 9.47 -14.45
N GLN B 198 -31.92 9.65 -13.21
CA GLN B 198 -31.14 10.43 -12.26
C GLN B 198 -29.80 9.79 -11.94
N VAL B 199 -29.76 8.46 -12.02
CA VAL B 199 -28.52 7.73 -11.79
C VAL B 199 -27.52 8.00 -12.91
N ILE B 200 -28.01 7.99 -14.14
CA ILE B 200 -27.16 8.22 -15.30
C ILE B 200 -26.69 9.67 -15.30
N THR B 201 -27.59 10.58 -14.95
CA THR B 201 -27.30 12.00 -14.94
C THR B 201 -26.11 12.34 -14.05
N ILE B 202 -26.10 11.73 -12.86
CA ILE B 202 -25.02 11.96 -11.90
C ILE B 202 -23.92 10.91 -12.07
N GLY B 203 -24.09 10.06 -13.08
CA GLY B 203 -23.08 9.09 -13.45
C GLY B 203 -22.80 8.04 -12.39
N LYS B 204 -23.86 7.45 -11.85
CA LYS B 204 -23.72 6.36 -10.90
C LYS B 204 -23.89 5.02 -11.61
N HIS B 205 -24.05 5.06 -12.92
CA HIS B 205 -24.26 3.86 -13.71
C HIS B 205 -22.96 3.27 -14.29
N VAL B 206 -21.82 3.84 -13.89
CA VAL B 206 -20.51 3.31 -14.29
C VAL B 206 -20.15 2.03 -13.53
N LYS B 207 -19.05 1.40 -13.94
CA LYS B 207 -18.60 0.16 -13.31
C LYS B 207 -18.36 0.30 -11.80
N GLY B 208 -18.67 -0.75 -11.07
CA GLY B 208 -18.50 -0.76 -9.62
C GLY B 208 -19.82 -0.63 -8.90
N TYR B 209 -20.83 -0.16 -9.62
CA TYR B 209 -22.16 -0.03 -9.07
C TYR B 209 -23.01 -1.25 -9.41
N HIS B 210 -23.88 -1.66 -8.48
CA HIS B 210 -24.76 -2.80 -8.75
C HIS B 210 -26.22 -2.45 -8.42
N TYR B 211 -27.09 -2.58 -9.42
CA TYR B 211 -28.51 -2.28 -9.24
C TYR B 211 -29.41 -3.50 -9.38
N ILE B 212 -30.40 -3.62 -8.51
CA ILE B 212 -31.41 -4.66 -8.62
C ILE B 212 -32.83 -4.09 -8.75
N ILE B 213 -33.46 -4.33 -9.89
CA ILE B 213 -34.84 -3.93 -10.10
C ILE B 213 -35.77 -4.97 -9.50
N ALA B 214 -36.61 -4.52 -8.57
CA ALA B 214 -37.54 -5.40 -7.86
C ALA B 214 -38.90 -5.44 -8.54
N ASN B 215 -38.99 -4.88 -9.75
CA ASN B 215 -40.20 -5.03 -10.55
C ASN B 215 -40.18 -6.40 -11.22
N LEU B 216 -41.34 -6.93 -11.59
CA LEU B 216 -41.38 -8.26 -12.22
C LEU B 216 -41.19 -8.25 -13.73
N GLY B 217 -41.20 -7.09 -14.36
CA GLY B 217 -41.03 -7.08 -15.80
C GLY B 217 -39.56 -7.05 -16.18
N PHE B 218 -38.88 -6.02 -15.67
CA PHE B 218 -37.46 -5.73 -15.94
C PHE B 218 -37.13 -5.47 -17.41
N THR B 219 -37.83 -6.14 -18.31
CA THR B 219 -37.68 -5.91 -19.74
C THR B 219 -38.77 -4.97 -20.23
N ASP B 220 -39.76 -4.76 -19.37
CA ASP B 220 -40.91 -3.96 -19.76
C ASP B 220 -40.61 -2.46 -19.82
N GLY B 221 -39.62 -2.02 -19.04
CA GLY B 221 -39.24 -0.62 -19.07
C GLY B 221 -38.08 -0.41 -20.02
N ASP B 222 -37.66 0.84 -20.19
CA ASP B 222 -36.55 1.11 -21.10
C ASP B 222 -35.24 1.13 -20.31
N LEU B 223 -34.43 0.09 -20.48
CA LEU B 223 -33.12 0.03 -19.85
C LEU B 223 -31.94 0.27 -20.79
N LEU B 224 -32.22 0.55 -22.07
CA LEU B 224 -31.15 0.65 -23.06
C LEU B 224 -30.20 1.78 -22.73
N LYS B 225 -30.71 2.81 -22.07
CA LYS B 225 -29.90 3.97 -21.70
C LYS B 225 -28.87 3.62 -20.63
N ILE B 226 -29.24 2.77 -19.68
CA ILE B 226 -28.33 2.38 -18.60
C ILE B 226 -27.50 1.15 -18.99
N GLN B 227 -27.82 0.56 -20.13
CA GLN B 227 -27.18 -0.67 -20.58
C GLN B 227 -25.67 -0.57 -20.83
N PHE B 228 -25.21 0.59 -21.32
CA PHE B 228 -23.80 0.77 -21.68
C PHE B 228 -22.95 1.44 -20.61
N GLY B 229 -23.57 1.77 -19.47
CA GLY B 229 -22.89 2.43 -18.38
C GLY B 229 -21.70 1.68 -17.78
N GLY B 230 -21.84 0.37 -17.67
CA GLY B 230 -20.78 -0.45 -17.10
C GLY B 230 -21.12 -1.01 -15.73
N ALA B 231 -22.24 -0.55 -15.16
CA ALA B 231 -22.69 -1.05 -13.87
C ALA B 231 -23.58 -2.26 -14.05
N GLU B 232 -23.44 -3.24 -13.14
CA GLU B 232 -24.27 -4.44 -13.20
C GLU B 232 -25.71 -4.13 -12.88
N VAL B 233 -26.62 -4.77 -13.60
CA VAL B 233 -28.05 -4.61 -13.34
C VAL B 233 -28.72 -5.98 -13.39
N SER B 234 -29.55 -6.28 -12.39
CA SER B 234 -30.25 -7.55 -12.31
C SER B 234 -31.73 -7.33 -12.08
N GLY B 235 -32.56 -8.24 -12.59
CA GLY B 235 -33.99 -8.09 -12.46
C GLY B 235 -34.74 -9.41 -12.48
N PHE B 236 -36.07 -9.32 -12.49
CA PHE B 236 -36.90 -10.51 -12.52
C PHE B 236 -37.86 -10.43 -13.70
N GLN B 237 -38.09 -11.57 -14.36
CA GLN B 237 -38.98 -11.61 -15.51
C GLN B 237 -40.07 -12.68 -15.36
N ILE B 238 -41.32 -12.25 -15.33
CA ILE B 238 -42.46 -13.17 -15.26
C ILE B 238 -42.90 -13.68 -16.63
N VAL B 239 -42.61 -12.93 -17.69
CA VAL B 239 -43.01 -13.32 -19.03
C VAL B 239 -41.80 -13.67 -19.88
N ASP B 240 -41.63 -14.95 -20.18
CA ASP B 240 -40.51 -15.41 -20.98
C ASP B 240 -40.79 -15.24 -22.47
N TYR B 241 -39.97 -14.44 -23.14
CA TYR B 241 -40.21 -14.13 -24.54
C TYR B 241 -39.64 -15.19 -25.48
N ASP B 242 -38.99 -16.20 -24.91
CA ASP B 242 -38.49 -17.32 -25.72
C ASP B 242 -39.50 -18.45 -25.86
N ASP B 243 -40.56 -18.43 -25.05
CA ASP B 243 -41.62 -19.42 -25.15
C ASP B 243 -42.48 -19.24 -26.39
N SER B 244 -42.81 -20.36 -27.04
CA SER B 244 -43.57 -20.35 -28.28
C SER B 244 -44.93 -19.65 -28.13
N LEU B 245 -45.55 -19.84 -26.98
CA LEU B 245 -46.84 -19.21 -26.68
C LEU B 245 -46.67 -17.70 -26.71
N VAL B 246 -45.64 -17.23 -26.00
CA VAL B 246 -45.34 -15.82 -25.90
C VAL B 246 -44.84 -15.29 -27.24
N SER B 247 -44.04 -16.09 -27.94
CA SER B 247 -43.54 -15.71 -29.26
C SER B 247 -44.68 -15.42 -30.24
N LYS B 248 -45.61 -16.36 -30.36
CA LYS B 248 -46.74 -16.18 -31.26
C LYS B 248 -47.64 -15.07 -30.78
N PHE B 249 -47.72 -14.93 -29.45
CA PHE B 249 -48.54 -13.87 -28.87
C PHE B 249 -48.00 -12.53 -29.31
N ILE B 250 -46.70 -12.34 -29.15
CA ILE B 250 -46.02 -11.12 -29.59
C ILE B 250 -46.20 -10.93 -31.09
N GLU B 251 -46.15 -12.02 -31.85
CA GLU B 251 -46.35 -11.96 -33.29
C GLU B 251 -47.69 -11.33 -33.66
N ARG B 252 -48.76 -11.77 -32.99
CA ARG B 252 -50.08 -11.19 -33.29
C ARG B 252 -50.25 -9.81 -32.65
N TRP B 253 -49.55 -9.61 -31.53
CA TRP B 253 -49.70 -8.41 -30.72
C TRP B 253 -48.96 -7.23 -31.34
N SER B 254 -47.77 -7.50 -31.87
CA SER B 254 -46.93 -6.46 -32.43
C SER B 254 -47.45 -5.96 -33.77
N THR B 255 -48.37 -6.71 -34.37
CA THR B 255 -48.98 -6.33 -35.64
C THR B 255 -50.34 -5.66 -35.47
N LEU B 256 -50.77 -5.49 -34.23
CA LEU B 256 -52.08 -4.91 -33.95
C LEU B 256 -52.06 -3.40 -34.24
N GLU B 257 -53.23 -2.87 -34.62
CA GLU B 257 -53.32 -1.44 -34.86
C GLU B 257 -53.25 -0.71 -33.54
N GLU B 258 -52.29 0.20 -33.43
CA GLU B 258 -52.10 0.95 -32.18
C GLU B 258 -53.28 1.87 -31.94
N LYS B 259 -53.95 2.26 -33.01
CA LYS B 259 -55.15 3.10 -32.92
C LYS B 259 -56.29 2.38 -32.22
N GLU B 260 -56.58 1.17 -32.67
CA GLU B 260 -57.67 0.37 -32.11
C GLU B 260 -57.31 -0.08 -30.70
N TYR B 261 -56.17 -0.74 -30.57
CA TYR B 261 -55.69 -1.20 -29.28
C TYR B 261 -54.46 -0.39 -28.92
N PRO B 262 -54.60 0.52 -27.94
CA PRO B 262 -53.48 1.38 -27.56
C PRO B 262 -52.33 0.61 -26.91
N GLY B 263 -51.10 0.97 -27.26
CA GLY B 263 -49.92 0.31 -26.73
C GLY B 263 -49.78 -1.12 -27.18
N ALA B 264 -50.54 -1.50 -28.20
CA ALA B 264 -50.51 -2.88 -28.69
C ALA B 264 -49.33 -3.12 -29.60
N HIS B 265 -48.91 -2.11 -30.36
CA HIS B 265 -47.87 -2.32 -31.34
C HIS B 265 -46.57 -2.19 -30.56
N THR B 266 -45.97 -3.33 -30.21
CA THR B 266 -44.74 -3.34 -29.44
C THR B 266 -44.06 -4.70 -29.54
N ALA B 267 -42.76 -4.75 -29.30
CA ALA B 267 -42.05 -6.02 -29.27
C ALA B 267 -42.28 -6.71 -27.93
N THR B 268 -42.57 -5.91 -26.90
CA THR B 268 -42.82 -6.43 -25.55
C THR B 268 -44.19 -6.07 -24.99
N ILE B 269 -44.43 -6.48 -23.76
CA ILE B 269 -45.68 -6.18 -23.06
C ILE B 269 -45.44 -6.08 -21.56
N LYS B 270 -46.12 -5.14 -20.90
CA LYS B 270 -45.97 -4.97 -19.46
C LYS B 270 -46.53 -6.19 -18.76
N TYR B 271 -45.88 -6.61 -17.67
CA TYR B 271 -46.26 -7.85 -16.99
C TYR B 271 -47.67 -7.81 -16.42
N THR B 272 -48.11 -6.64 -15.99
CA THR B 272 -49.47 -6.46 -15.50
C THR B 272 -50.50 -6.79 -16.58
N SER B 273 -50.22 -6.32 -17.79
CA SER B 273 -51.10 -6.53 -18.93
C SER B 273 -51.16 -8.01 -19.29
N ALA B 274 -49.99 -8.65 -19.30
CA ALA B 274 -49.91 -10.07 -19.56
C ALA B 274 -50.75 -10.84 -18.55
N LEU B 275 -50.62 -10.45 -17.28
CA LEU B 275 -51.43 -11.03 -16.22
C LEU B 275 -52.91 -10.81 -16.46
N THR B 276 -53.27 -9.67 -17.03
CA THR B 276 -54.66 -9.41 -17.40
C THR B 276 -55.15 -10.43 -18.43
N TYR B 277 -54.31 -10.69 -19.43
CA TYR B 277 -54.64 -11.63 -20.49
C TYR B 277 -54.82 -13.05 -19.94
N ASP B 278 -53.83 -13.47 -19.15
CA ASP B 278 -53.88 -14.78 -18.53
C ASP B 278 -55.07 -14.89 -17.59
N ALA B 279 -55.47 -13.76 -17.01
CA ALA B 279 -56.67 -13.71 -16.19
C ALA B 279 -57.88 -14.05 -17.04
N VAL B 280 -57.93 -13.48 -18.25
CA VAL B 280 -59.02 -13.81 -19.16
C VAL B 280 -59.04 -15.31 -19.41
N GLN B 281 -57.85 -15.87 -19.64
CA GLN B 281 -57.74 -17.32 -19.86
C GLN B 281 -58.32 -18.11 -18.69
N VAL B 282 -57.92 -17.72 -17.48
CA VAL B 282 -58.34 -18.41 -16.27
C VAL B 282 -59.85 -18.35 -16.09
N MET B 283 -60.44 -17.19 -16.39
CA MET B 283 -61.88 -17.04 -16.24
C MET B 283 -62.61 -17.94 -17.24
N THR B 284 -62.09 -17.97 -18.46
CA THR B 284 -62.66 -18.83 -19.51
C THR B 284 -62.62 -20.29 -19.09
N GLU B 285 -61.44 -20.79 -18.74
CA GLU B 285 -61.30 -22.18 -18.32
C GLU B 285 -62.12 -22.52 -17.09
N ALA B 286 -62.28 -21.54 -16.21
CA ALA B 286 -63.05 -21.74 -14.99
C ALA B 286 -64.52 -21.95 -15.30
N PHE B 287 -65.12 -21.05 -16.08
CA PHE B 287 -66.53 -21.20 -16.41
C PHE B 287 -66.76 -22.38 -17.35
N ARG B 288 -65.75 -22.70 -18.15
CA ARG B 288 -65.82 -23.86 -19.03
C ARG B 288 -65.88 -25.14 -18.24
N ASN B 289 -65.01 -25.26 -17.22
CA ASN B 289 -65.04 -26.42 -16.35
C ASN B 289 -66.25 -26.44 -15.43
N LEU B 290 -66.83 -25.26 -15.19
CA LEU B 290 -68.03 -25.18 -14.37
C LEU B 290 -69.23 -25.70 -15.13
N ARG B 291 -69.30 -25.38 -16.41
CA ARG B 291 -70.38 -25.88 -17.27
C ARG B 291 -70.11 -27.32 -17.66
N LYS B 292 -68.83 -27.71 -17.60
CA LYS B 292 -68.38 -29.05 -17.95
C LYS B 292 -68.65 -30.02 -16.80
N GLN B 293 -68.81 -29.48 -15.60
CA GLN B 293 -69.08 -30.26 -14.39
C GLN B 293 -70.59 -30.36 -14.17
N ARG B 294 -71.34 -29.88 -15.15
CA ARG B 294 -72.80 -29.98 -15.17
C ARG B 294 -73.46 -29.18 -14.05
N ILE B 295 -72.82 -28.08 -13.65
CA ILE B 295 -73.40 -27.19 -12.66
C ILE B 295 -73.92 -25.92 -13.33
N GLU B 296 -75.23 -25.72 -13.26
CA GLU B 296 -75.86 -24.54 -13.84
C GLU B 296 -75.63 -23.29 -13.01
N ILE B 297 -75.11 -22.26 -13.67
CA ILE B 297 -74.71 -21.01 -13.04
C ILE B 297 -75.84 -20.00 -12.97
N SER B 298 -76.90 -20.24 -13.77
CA SER B 298 -77.96 -19.29 -14.02
C SER B 298 -78.48 -18.63 -12.73
N ARG B 299 -78.70 -17.32 -12.81
CA ARG B 299 -78.97 -16.52 -11.62
C ARG B 299 -80.23 -16.95 -10.89
N ARG B 300 -80.06 -17.27 -9.61
CA ARG B 300 -81.15 -17.73 -8.75
C ARG B 300 -82.20 -16.63 -8.56
N GLY B 301 -81.77 -15.52 -7.98
CA GLY B 301 -82.62 -14.38 -7.73
C GLY B 301 -81.83 -13.11 -7.95
N ASN B 302 -82.52 -11.96 -7.91
CA ASN B 302 -81.85 -10.68 -8.07
C ASN B 302 -80.80 -10.44 -7.00
N ALA B 303 -79.67 -9.86 -7.41
CA ALA B 303 -78.58 -9.56 -6.49
C ALA B 303 -79.06 -8.62 -5.38
N GLY B 304 -79.75 -7.56 -5.77
CA GLY B 304 -80.29 -6.61 -4.83
C GLY B 304 -79.35 -5.50 -4.46
N ASP B 305 -79.64 -4.83 -3.35
CA ASP B 305 -78.84 -3.71 -2.88
C ASP B 305 -77.68 -4.21 -2.03
N CYS B 306 -76.45 -3.88 -2.44
CA CYS B 306 -75.25 -4.31 -1.72
C CYS B 306 -75.27 -3.81 -0.27
N LEU B 307 -75.90 -2.67 -0.03
CA LEU B 307 -76.01 -2.15 1.34
C LEU B 307 -77.05 -2.97 2.10
N ALA B 308 -78.04 -3.45 1.38
CA ALA B 308 -79.12 -4.27 1.92
C ALA B 308 -78.69 -5.74 1.89
N ASN B 309 -77.43 -5.96 1.50
CA ASN B 309 -76.94 -7.30 1.28
C ASN B 309 -76.09 -7.80 2.45
N PRO B 310 -75.64 -9.06 2.42
CA PRO B 310 -75.84 -10.18 1.48
C PRO B 310 -77.20 -10.85 1.53
N ALA B 311 -77.88 -10.76 2.67
CA ALA B 311 -79.14 -11.48 2.87
C ALA B 311 -78.84 -12.97 2.72
N VAL B 312 -79.47 -13.63 1.77
CA VAL B 312 -79.15 -15.03 1.49
C VAL B 312 -77.93 -15.07 0.57
N PRO B 313 -76.80 -15.62 1.06
CA PRO B 313 -75.75 -15.73 0.05
C PRO B 313 -76.10 -16.84 -0.93
N TRP B 314 -75.84 -16.62 -2.22
CA TRP B 314 -76.03 -17.68 -3.22
C TRP B 314 -74.81 -18.59 -3.31
N GLY B 315 -75.04 -19.88 -3.11
CA GLY B 315 -74.00 -20.90 -3.14
C GLY B 315 -73.24 -20.97 -4.46
N GLN B 316 -74.00 -20.82 -5.54
CA GLN B 316 -73.46 -20.82 -6.90
C GLN B 316 -72.14 -20.06 -6.97
N GLY B 317 -72.11 -18.83 -6.47
CA GLY B 317 -70.88 -18.06 -6.55
C GLY B 317 -69.73 -18.68 -5.77
N VAL B 318 -70.03 -19.40 -4.70
CA VAL B 318 -69.00 -20.13 -3.95
C VAL B 318 -68.41 -21.18 -4.86
N GLU B 319 -69.32 -21.87 -5.55
CA GLU B 319 -68.94 -22.86 -6.54
C GLU B 319 -68.00 -22.21 -7.55
N ILE B 320 -68.36 -21.03 -8.03
CA ILE B 320 -67.53 -20.25 -8.96
C ILE B 320 -66.12 -20.01 -8.41
N GLU B 321 -66.05 -19.58 -7.14
CA GLU B 321 -64.76 -19.37 -6.47
C GLU B 321 -63.90 -20.63 -6.57
N ARG B 322 -64.45 -21.75 -6.13
CA ARG B 322 -63.73 -23.01 -6.17
C ARG B 322 -63.29 -23.31 -7.61
N ALA B 323 -64.20 -23.08 -8.55
CA ALA B 323 -63.96 -23.33 -9.96
C ALA B 323 -62.75 -22.57 -10.45
N LEU B 324 -62.62 -21.32 -10.02
CA LEU B 324 -61.47 -20.50 -10.38
C LEU B 324 -60.18 -21.00 -9.76
N LYS B 325 -60.20 -21.28 -8.45
CA LYS B 325 -58.97 -21.67 -7.76
C LYS B 325 -58.44 -23.03 -8.22
N GLN B 326 -59.32 -23.88 -8.74
CA GLN B 326 -58.92 -25.21 -9.18
C GLN B 326 -58.34 -25.21 -10.60
N VAL B 327 -58.40 -24.04 -11.25
CA VAL B 327 -57.92 -23.93 -12.62
C VAL B 327 -56.39 -24.07 -12.69
N GLN B 328 -55.93 -24.87 -13.64
CA GLN B 328 -54.50 -24.96 -13.92
C GLN B 328 -54.28 -24.87 -15.42
N VAL B 329 -53.62 -23.80 -15.86
CA VAL B 329 -53.39 -23.59 -17.29
C VAL B 329 -51.99 -23.08 -17.59
N GLU B 330 -51.60 -23.11 -18.86
CA GLU B 330 -50.30 -22.58 -19.24
C GLU B 330 -50.50 -21.30 -20.06
N GLY B 331 -50.18 -20.17 -19.45
CA GLY B 331 -50.31 -18.87 -20.12
C GLY B 331 -49.00 -18.20 -20.42
N LEU B 332 -49.06 -16.87 -20.55
CA LEU B 332 -47.87 -16.05 -20.78
C LEU B 332 -47.00 -16.03 -19.52
N SER B 333 -47.68 -15.88 -18.38
CA SER B 333 -47.04 -15.76 -17.08
C SER B 333 -46.30 -17.02 -16.64
N GLY B 334 -46.54 -18.13 -17.33
CA GLY B 334 -45.97 -19.39 -16.93
C GLY B 334 -47.06 -20.32 -16.42
N ASN B 335 -46.66 -21.38 -15.74
CA ASN B 335 -47.61 -22.33 -15.17
C ASN B 335 -48.51 -21.60 -14.18
N ILE B 336 -49.82 -21.73 -14.39
CA ILE B 336 -50.81 -21.06 -13.55
C ILE B 336 -51.63 -22.06 -12.75
N LYS B 337 -51.50 -21.98 -11.42
CA LYS B 337 -52.24 -22.81 -10.48
C LYS B 337 -52.38 -22.08 -9.15
N PHE B 338 -53.48 -22.32 -8.44
CA PHE B 338 -53.74 -21.61 -7.19
C PHE B 338 -53.95 -22.53 -5.99
N ASP B 339 -53.75 -21.99 -4.79
CA ASP B 339 -54.04 -22.70 -3.55
C ASP B 339 -55.39 -22.28 -3.00
N GLN B 340 -55.74 -22.79 -1.82
CA GLN B 340 -57.04 -22.52 -1.22
C GLN B 340 -57.28 -21.03 -0.98
N ASN B 341 -56.20 -20.31 -0.70
CA ASN B 341 -56.29 -18.87 -0.40
C ASN B 341 -56.36 -17.99 -1.65
N GLY B 342 -56.00 -18.54 -2.80
CA GLY B 342 -56.09 -17.82 -4.05
C GLY B 342 -54.77 -17.27 -4.55
N LYS B 343 -53.69 -17.59 -3.85
CA LYS B 343 -52.36 -17.13 -4.25
C LYS B 343 -51.74 -18.11 -5.26
N ARG B 344 -50.99 -17.57 -6.21
CA ARG B 344 -50.33 -18.41 -7.21
C ARG B 344 -49.29 -19.35 -6.63
N ILE B 345 -49.28 -20.56 -7.15
CA ILE B 345 -48.27 -21.55 -6.76
C ILE B 345 -47.69 -22.26 -7.98
N ASN B 346 -46.53 -22.87 -7.78
CA ASN B 346 -45.81 -23.59 -8.82
C ASN B 346 -45.44 -22.62 -9.95
N TYR B 347 -45.31 -21.34 -9.61
CA TYR B 347 -44.90 -20.33 -10.57
C TYR B 347 -43.38 -20.29 -10.66
N THR B 348 -42.87 -19.96 -11.85
CA THR B 348 -41.44 -19.79 -12.03
C THR B 348 -41.09 -18.35 -12.40
N ILE B 349 -40.15 -17.76 -11.67
CA ILE B 349 -39.74 -16.38 -11.94
C ILE B 349 -38.33 -16.33 -12.53
N ASN B 350 -38.21 -15.79 -13.74
CA ASN B 350 -36.90 -15.72 -14.39
C ASN B 350 -35.97 -14.71 -13.73
N ILE B 351 -34.70 -15.09 -13.59
CA ILE B 351 -33.69 -14.18 -13.05
C ILE B 351 -32.88 -13.60 -14.20
N MET B 352 -33.00 -12.29 -14.39
CA MET B 352 -32.33 -11.60 -15.50
C MET B 352 -31.14 -10.76 -15.10
N GLU B 353 -30.28 -10.50 -16.08
CA GLU B 353 -29.08 -9.68 -15.92
C GLU B 353 -28.84 -8.88 -17.20
N LEU B 354 -28.41 -7.63 -17.03
CA LEU B 354 -28.19 -6.75 -18.16
C LEU B 354 -26.72 -6.62 -18.56
N LYS B 355 -26.41 -7.06 -19.78
CA LYS B 355 -25.06 -6.99 -20.31
C LYS B 355 -25.00 -6.14 -21.58
N THR B 356 -23.82 -6.10 -22.19
CA THR B 356 -23.58 -5.29 -23.38
C THR B 356 -24.52 -5.64 -24.54
N ASN B 357 -24.67 -6.93 -24.80
CA ASN B 357 -25.55 -7.42 -25.85
C ASN B 357 -27.03 -7.31 -25.51
N GLY B 358 -27.31 -6.96 -24.27
CA GLY B 358 -28.68 -6.85 -23.78
C GLY B 358 -29.02 -7.88 -22.71
N PRO B 359 -30.28 -7.92 -22.28
CA PRO B 359 -30.74 -8.78 -21.19
C PRO B 359 -30.72 -10.28 -21.53
N ARG B 360 -30.40 -11.10 -20.53
CA ARG B 360 -30.37 -12.54 -20.69
C ARG B 360 -30.67 -13.24 -19.37
N LYS B 361 -31.33 -14.39 -19.44
CA LYS B 361 -31.69 -15.16 -18.25
C LYS B 361 -30.52 -15.98 -17.70
N ILE B 362 -30.15 -15.70 -16.46
CA ILE B 362 -29.04 -16.40 -15.80
C ILE B 362 -29.55 -17.56 -14.96
N GLY B 363 -30.86 -17.74 -14.92
CA GLY B 363 -31.46 -18.82 -14.16
C GLY B 363 -32.90 -18.55 -13.81
N TYR B 364 -33.47 -19.36 -12.93
CA TYR B 364 -34.86 -19.15 -12.54
C TYR B 364 -35.05 -19.35 -11.04
N TRP B 365 -36.20 -18.93 -10.53
CA TRP B 365 -36.52 -19.11 -9.14
C TRP B 365 -37.90 -19.76 -9.01
N SER B 366 -37.91 -20.96 -8.42
CA SER B 366 -39.15 -21.68 -8.13
C SER B 366 -39.47 -21.56 -6.65
N GLU B 367 -40.75 -21.72 -6.30
CA GLU B 367 -41.17 -21.65 -4.92
C GLU B 367 -40.55 -22.75 -4.07
N VAL B 368 -39.99 -23.77 -4.73
CA VAL B 368 -39.43 -24.93 -4.05
C VAL B 368 -37.92 -25.04 -4.31
N ASP B 369 -37.53 -25.16 -5.58
CA ASP B 369 -36.14 -25.35 -5.95
C ASP B 369 -35.30 -24.12 -5.61
N LYS B 370 -35.98 -23.04 -5.21
CA LYS B 370 -35.36 -21.76 -4.90
C LYS B 370 -34.61 -21.22 -6.11
N MET B 371 -33.43 -20.66 -5.89
CA MET B 371 -32.65 -20.11 -7.00
C MET B 371 -31.87 -21.21 -7.72
N VAL B 372 -32.12 -21.34 -9.01
CA VAL B 372 -31.41 -22.30 -9.84
C VAL B 372 -30.68 -21.57 -10.94
N VAL B 373 -29.35 -21.60 -10.85
CA VAL B 373 -28.51 -20.89 -11.81
C VAL B 373 -28.28 -21.68 -13.09
N THR B 374 -28.69 -21.10 -14.21
CA THR B 374 -28.45 -21.73 -15.50
C THR B 374 -27.36 -20.90 -16.17
N LEU B 375 -26.37 -21.56 -16.76
CA LEU B 375 -25.26 -20.81 -17.32
C LEU B 375 -24.95 -21.31 -18.72
N THR B 376 -25.13 -20.42 -19.69
CA THR B 376 -24.84 -20.71 -21.09
C THR B 376 -23.37 -20.93 -21.35
N GLU B 377 -22.50 -20.33 -20.54
CA GLU B 377 -21.07 -20.44 -20.75
C GLU B 377 -20.25 -20.34 -19.47
N SER B 378 -19.15 -21.09 -19.43
CA SER B 378 -18.23 -21.08 -18.30
C SER B 378 -16.84 -20.66 -18.74
N GLY B 379 -16.32 -19.59 -18.15
CA GLY B 379 -15.01 -19.08 -18.52
C GLY B 379 -14.44 -18.11 -17.51
N GLY B 384 -10.72 -11.76 -17.52
CA GLY B 384 -10.89 -12.34 -16.20
C GLY B 384 -10.18 -13.68 -16.05
N LEU B 385 -8.91 -13.71 -16.41
CA LEU B 385 -8.12 -14.94 -16.29
C LEU B 385 -7.07 -14.82 -15.19
N GLU B 386 -6.76 -15.95 -14.55
CA GLU B 386 -5.82 -15.98 -13.44
C GLU B 386 -4.67 -16.95 -13.73
N GLN B 387 -3.61 -16.83 -12.95
CA GLN B 387 -2.38 -17.58 -13.20
C GLN B 387 -2.54 -19.10 -13.06
N LYS B 388 -1.65 -19.82 -13.74
CA LYS B 388 -1.59 -21.27 -13.70
C LYS B 388 -0.48 -21.67 -12.76
N THR B 389 -0.63 -22.82 -12.09
CA THR B 389 0.39 -23.29 -11.16
C THR B 389 1.70 -23.49 -11.90
N VAL B 390 2.76 -22.89 -11.37
CA VAL B 390 4.07 -22.91 -12.01
C VAL B 390 4.86 -24.16 -11.63
N VAL B 391 5.36 -24.85 -12.65
CA VAL B 391 6.11 -26.07 -12.46
C VAL B 391 7.60 -25.78 -12.32
N VAL B 392 8.13 -26.08 -11.14
CA VAL B 392 9.53 -25.83 -10.84
C VAL B 392 10.32 -27.12 -10.90
N THR B 393 11.33 -27.15 -11.77
CA THR B 393 12.16 -28.34 -11.88
C THR B 393 13.46 -28.17 -11.12
N THR B 394 13.82 -29.21 -10.38
CA THR B 394 15.03 -29.19 -9.55
C THR B 394 15.67 -30.58 -9.53
N ILE B 395 16.91 -30.64 -9.05
CA ILE B 395 17.63 -31.91 -8.95
C ILE B 395 17.80 -32.25 -7.47
N LEU B 396 18.03 -33.52 -7.15
CA LEU B 396 18.19 -33.88 -5.75
C LEU B 396 19.66 -33.80 -5.39
N GLU B 397 20.01 -32.73 -4.68
CA GLU B 397 21.37 -32.50 -4.22
C GLU B 397 21.31 -31.88 -2.84
N SER B 398 22.08 -32.38 -1.89
CA SER B 398 22.16 -31.74 -0.58
C SER B 398 23.20 -30.62 -0.61
N PRO B 399 22.96 -29.53 0.15
CA PRO B 399 21.73 -29.22 0.90
C PRO B 399 20.77 -28.37 0.08
N TYR B 400 20.45 -28.81 -1.14
CA TYR B 400 19.59 -28.03 -2.02
C TYR B 400 18.17 -28.60 -2.00
N VAL B 401 18.03 -29.86 -2.42
CA VAL B 401 16.76 -30.55 -2.30
C VAL B 401 16.98 -31.93 -1.68
N MET B 402 16.38 -32.13 -0.51
CA MET B 402 16.49 -33.37 0.25
C MET B 402 15.12 -33.85 0.72
N MET B 403 14.95 -35.16 0.85
CA MET B 403 13.70 -35.72 1.34
C MET B 403 13.54 -35.51 2.84
N LYS B 404 12.30 -35.25 3.27
CA LYS B 404 12.00 -35.03 4.68
C LYS B 404 12.18 -36.33 5.45
N LYS B 405 12.28 -36.23 6.78
CA LYS B 405 12.46 -37.40 7.62
C LYS B 405 11.42 -38.47 7.32
N ASN B 406 10.14 -38.12 7.41
CA ASN B 406 9.11 -39.02 6.90
C ASN B 406 8.48 -38.48 5.63
N HIS B 407 9.03 -38.89 4.49
CA HIS B 407 8.47 -38.53 3.20
C HIS B 407 7.33 -39.46 2.78
N GLU B 408 7.26 -40.62 3.43
CA GLU B 408 6.27 -41.63 3.07
C GLU B 408 4.86 -41.21 3.47
N MET B 409 4.75 -40.52 4.61
CA MET B 409 3.46 -40.08 5.12
C MET B 409 3.11 -38.67 4.65
N LEU B 410 4.03 -38.03 3.94
CA LEU B 410 3.81 -36.65 3.50
C LEU B 410 3.60 -36.54 1.99
N GLU B 411 2.82 -35.53 1.59
CA GLU B 411 2.50 -35.31 0.18
C GLU B 411 2.74 -33.87 -0.28
N GLY B 412 2.95 -33.70 -1.59
CA GLY B 412 3.12 -32.39 -2.20
C GLY B 412 4.47 -31.74 -1.97
N ASN B 413 4.53 -30.41 -2.03
CA ASN B 413 5.80 -29.70 -1.90
C ASN B 413 6.34 -29.77 -0.49
N GLU B 414 5.52 -30.29 0.42
CA GLU B 414 5.94 -30.50 1.80
C GLU B 414 6.84 -31.72 1.89
N ARG B 415 6.99 -32.44 0.78
CA ARG B 415 7.87 -33.60 0.74
C ARG B 415 9.33 -33.19 0.76
N TYR B 416 9.63 -32.05 0.14
CA TYR B 416 11.02 -31.63 -0.06
C TYR B 416 11.45 -30.55 0.93
N GLU B 417 12.73 -30.56 1.27
CA GLU B 417 13.32 -29.54 2.14
C GLU B 417 14.76 -29.26 1.73
N GLY B 418 15.15 -27.99 1.75
CA GLY B 418 16.51 -27.62 1.37
C GLY B 418 16.64 -26.15 1.02
N TYR B 419 17.86 -25.74 0.69
CA TYR B 419 18.15 -24.36 0.31
C TYR B 419 17.30 -23.98 -0.89
N CYS B 420 17.27 -24.85 -1.89
CA CYS B 420 16.52 -24.60 -3.10
C CYS B 420 15.02 -24.56 -2.84
N VAL B 421 14.56 -25.32 -1.85
CA VAL B 421 13.15 -25.33 -1.48
C VAL B 421 12.71 -23.99 -0.90
N ASP B 422 13.47 -23.51 0.08
CA ASP B 422 13.20 -22.23 0.72
C ASP B 422 13.36 -21.09 -0.28
N LEU B 423 14.38 -21.19 -1.12
CA LEU B 423 14.62 -20.18 -2.15
C LEU B 423 13.47 -20.16 -3.15
N ALA B 424 12.94 -21.33 -3.44
CA ALA B 424 11.80 -21.46 -4.35
C ALA B 424 10.58 -20.80 -3.74
N ALA B 425 10.34 -21.10 -2.46
CA ALA B 425 9.25 -20.49 -1.73
C ALA B 425 9.34 -18.97 -1.75
N GLU B 426 10.52 -18.46 -1.41
CA GLU B 426 10.77 -17.02 -1.38
C GLU B 426 10.53 -16.38 -2.75
N ILE B 427 11.17 -16.95 -3.76
CA ILE B 427 11.04 -16.48 -5.13
C ILE B 427 9.58 -16.43 -5.57
N ALA B 428 8.83 -17.47 -5.24
CA ALA B 428 7.41 -17.57 -5.57
C ALA B 428 6.58 -16.50 -4.86
N LYS B 429 6.91 -16.29 -3.60
CA LYS B 429 6.25 -15.32 -2.75
C LYS B 429 6.44 -13.90 -3.28
N HIS B 430 7.65 -13.61 -3.75
CA HIS B 430 7.96 -12.31 -4.32
C HIS B 430 7.32 -12.12 -5.68
N CYS B 431 7.43 -13.14 -6.52
CA CYS B 431 6.88 -13.09 -7.87
C CYS B 431 5.37 -13.30 -7.88
N GLY B 432 4.84 -13.88 -6.80
CA GLY B 432 3.42 -14.11 -6.65
C GLY B 432 2.81 -15.19 -7.54
N PHE B 433 3.35 -16.40 -7.45
CA PHE B 433 2.77 -17.53 -8.15
C PHE B 433 2.71 -18.79 -7.29
N LYS B 434 1.70 -19.63 -7.53
CA LYS B 434 1.62 -20.93 -6.87
C LYS B 434 2.56 -21.89 -7.55
N TYR B 435 3.50 -22.46 -6.80
CA TYR B 435 4.51 -23.32 -7.43
C TYR B 435 4.38 -24.79 -7.05
N LYS B 436 4.74 -25.66 -7.98
CA LYS B 436 4.82 -27.08 -7.74
C LYS B 436 6.23 -27.60 -8.00
N LEU B 437 6.92 -28.02 -6.95
CA LEU B 437 8.27 -28.56 -7.09
C LEU B 437 8.26 -29.97 -7.69
N THR B 438 9.04 -30.15 -8.74
CA THR B 438 9.19 -31.47 -9.37
C THR B 438 10.65 -31.75 -9.70
N ILE B 439 11.16 -32.87 -9.21
CA ILE B 439 12.53 -33.29 -9.50
C ILE B 439 12.65 -33.83 -10.92
N VAL B 440 13.82 -33.67 -11.52
CA VAL B 440 14.04 -34.10 -12.90
C VAL B 440 13.96 -35.62 -13.09
N GLY B 441 13.51 -36.03 -14.27
CA GLY B 441 13.31 -37.42 -14.58
C GLY B 441 14.62 -38.16 -14.69
N ASP B 442 15.53 -37.63 -15.51
CA ASP B 442 16.81 -38.29 -15.74
C ASP B 442 17.76 -38.10 -14.56
N GLY B 443 17.62 -36.97 -13.87
CA GLY B 443 18.44 -36.69 -12.70
C GLY B 443 19.77 -36.02 -13.01
N LYS B 444 19.82 -35.26 -14.10
CA LYS B 444 21.03 -34.52 -14.47
C LYS B 444 20.74 -33.04 -14.63
N TYR B 445 21.81 -32.23 -14.68
CA TYR B 445 21.66 -30.79 -14.75
C TYR B 445 21.36 -30.32 -16.17
N GLY B 446 22.37 -30.35 -17.03
CA GLY B 446 22.13 -30.18 -18.45
C GLY B 446 23.32 -30.46 -19.36
N ALA B 447 23.01 -30.92 -20.57
CA ALA B 447 24.02 -31.16 -21.59
C ALA B 447 23.37 -31.22 -22.97
N ARG B 448 24.16 -30.97 -24.01
CA ARG B 448 23.72 -31.10 -25.39
C ARG B 448 24.59 -32.09 -26.15
N ASP B 449 24.01 -33.20 -26.58
CA ASP B 449 24.74 -34.18 -27.38
C ASP B 449 25.24 -33.49 -28.65
N ALA B 450 26.54 -33.62 -28.95
CA ALA B 450 27.14 -32.95 -30.09
C ALA B 450 26.58 -33.48 -31.41
N ASP B 451 25.92 -34.64 -31.34
CA ASP B 451 25.33 -35.26 -32.52
C ASP B 451 23.83 -34.98 -32.64
N THR B 452 23.07 -35.47 -31.67
CA THR B 452 21.61 -35.38 -31.73
C THR B 452 21.10 -33.98 -31.37
N LYS B 453 21.97 -33.16 -30.79
CA LYS B 453 21.61 -31.81 -30.34
C LYS B 453 20.41 -31.78 -29.41
N ILE B 454 20.29 -32.80 -28.56
CA ILE B 454 19.14 -32.87 -27.65
C ILE B 454 19.61 -32.62 -26.22
N TRP B 455 18.98 -31.65 -25.57
CA TRP B 455 19.30 -31.28 -24.19
C TRP B 455 18.75 -32.26 -23.16
N ASP B 456 19.56 -32.56 -22.14
CA ASP B 456 19.09 -33.44 -21.08
C ASP B 456 19.05 -32.72 -19.73
N GLY B 457 18.19 -33.17 -18.83
CA GLY B 457 18.14 -32.59 -17.51
C GLY B 457 17.24 -31.37 -17.39
N MET B 458 17.52 -30.54 -16.39
CA MET B 458 16.73 -29.36 -16.11
C MET B 458 16.69 -28.41 -17.31
N VAL B 459 17.86 -28.16 -17.90
CA VAL B 459 17.95 -27.30 -19.08
C VAL B 459 17.08 -27.86 -20.21
N GLY B 460 17.10 -29.19 -20.34
CA GLY B 460 16.28 -29.86 -21.33
C GLY B 460 14.80 -29.60 -21.07
N GLU B 461 14.40 -29.78 -19.82
CA GLU B 461 13.02 -29.60 -19.42
C GLU B 461 12.58 -28.15 -19.60
N LEU B 462 13.53 -27.22 -19.58
CA LEU B 462 13.24 -25.82 -19.84
C LEU B 462 13.07 -25.53 -21.33
N VAL B 463 13.99 -26.03 -22.15
CA VAL B 463 13.99 -25.73 -23.58
C VAL B 463 12.81 -26.35 -24.30
N TYR B 464 12.50 -27.59 -23.96
CA TYR B 464 11.44 -28.34 -24.62
C TYR B 464 10.12 -28.15 -23.89
N GLY B 465 10.14 -27.30 -22.88
CA GLY B 465 8.96 -26.91 -22.14
C GLY B 465 8.28 -28.00 -21.34
N LYS B 466 9.07 -28.76 -20.59
CA LYS B 466 8.51 -29.68 -19.60
C LYS B 466 8.27 -28.97 -18.26
N ALA B 467 8.98 -27.86 -18.04
CA ALA B 467 8.85 -27.09 -16.81
C ALA B 467 8.93 -25.59 -17.07
N ASP B 468 8.20 -24.81 -16.26
CA ASP B 468 8.13 -23.36 -16.44
C ASP B 468 9.35 -22.61 -15.88
N ILE B 469 10.03 -23.20 -14.90
CA ILE B 469 11.19 -22.55 -14.29
C ILE B 469 12.09 -23.59 -13.62
N ALA B 470 13.35 -23.24 -13.42
CA ALA B 470 14.29 -24.14 -12.76
C ALA B 470 14.99 -23.47 -11.57
N ILE B 471 14.69 -23.97 -10.38
CA ILE B 471 15.34 -23.50 -9.16
C ILE B 471 16.24 -24.61 -8.62
N ALA B 472 17.54 -24.42 -8.71
CA ALA B 472 18.50 -25.49 -8.41
C ALA B 472 19.95 -24.99 -8.50
N PRO B 473 20.91 -25.80 -8.04
CA PRO B 473 22.32 -25.39 -8.22
C PRO B 473 22.76 -25.52 -9.67
N LEU B 474 22.16 -24.75 -10.55
CA LEU B 474 22.49 -24.80 -11.97
C LEU B 474 23.58 -23.79 -12.28
N THR B 475 24.76 -24.29 -12.60
CA THR B 475 25.90 -23.42 -12.87
C THR B 475 25.61 -22.62 -14.13
N ILE B 476 25.86 -21.32 -14.07
CA ILE B 476 25.67 -20.47 -15.22
C ILE B 476 26.80 -20.72 -16.22
N THR B 477 26.45 -21.14 -17.42
CA THR B 477 27.42 -21.37 -18.47
C THR B 477 26.98 -20.74 -19.78
N LEU B 478 27.94 -20.22 -20.53
CA LEU B 478 27.67 -19.61 -21.83
C LEU B 478 26.89 -20.53 -22.76
N VAL B 479 27.24 -21.82 -22.72
CA VAL B 479 26.59 -22.82 -23.54
C VAL B 479 25.07 -22.87 -23.29
N ARG B 480 24.68 -22.66 -22.03
CA ARG B 480 23.28 -22.64 -21.64
C ARG B 480 22.60 -21.28 -21.88
N GLU B 481 23.33 -20.20 -21.64
CA GLU B 481 22.78 -18.84 -21.75
C GLU B 481 22.13 -18.55 -23.11
N GLU B 482 22.56 -19.30 -24.12
CA GLU B 482 22.03 -19.17 -25.47
C GLU B 482 20.67 -19.84 -25.65
N VAL B 483 20.46 -20.98 -25.00
CA VAL B 483 19.18 -21.70 -25.08
C VAL B 483 18.20 -21.34 -23.97
N ILE B 484 18.69 -20.69 -22.91
CA ILE B 484 17.85 -20.33 -21.77
C ILE B 484 18.19 -18.96 -21.18
N ASP B 485 17.33 -18.48 -20.29
CA ASP B 485 17.59 -17.24 -19.57
C ASP B 485 18.07 -17.53 -18.15
N PHE B 486 19.13 -16.84 -17.73
CA PHE B 486 19.64 -16.97 -16.37
C PHE B 486 19.45 -15.68 -15.59
N SER B 487 18.88 -15.81 -14.40
CA SER B 487 18.78 -14.70 -13.45
C SER B 487 20.16 -14.35 -12.96
N LYS B 488 20.32 -13.17 -12.37
CA LYS B 488 21.56 -12.82 -11.70
C LYS B 488 21.90 -13.93 -10.72
N PRO B 489 23.18 -14.25 -10.57
CA PRO B 489 23.58 -15.41 -9.76
C PRO B 489 23.16 -15.25 -8.30
N PHE B 490 22.56 -16.30 -7.73
CA PHE B 490 22.12 -16.25 -6.34
C PHE B 490 23.13 -16.88 -5.39
N MET B 491 24.20 -17.46 -5.93
CA MET B 491 25.25 -18.03 -5.10
C MET B 491 26.59 -18.09 -5.81
N SER B 492 27.68 -17.97 -5.04
CA SER B 492 29.03 -18.02 -5.60
C SER B 492 29.69 -19.36 -5.28
N LEU B 493 30.50 -19.84 -6.21
CA LEU B 493 31.24 -21.08 -6.02
C LEU B 493 32.40 -21.20 -7.01
N GLY B 494 33.10 -22.31 -6.96
CA GLY B 494 34.21 -22.56 -7.85
C GLY B 494 34.71 -23.97 -7.68
N ILE B 495 35.41 -24.49 -8.69
CA ILE B 495 35.93 -25.84 -8.61
C ILE B 495 37.01 -25.94 -7.55
N SER B 496 36.83 -26.89 -6.64
CA SER B 496 37.71 -27.06 -5.50
C SER B 496 38.11 -28.52 -5.33
N ILE B 497 39.12 -28.75 -4.51
CA ILE B 497 39.65 -30.09 -4.30
C ILE B 497 39.22 -30.61 -2.93
N MET B 498 38.79 -31.87 -2.88
CA MET B 498 38.43 -32.53 -1.63
C MET B 498 39.35 -33.71 -1.35
N ILE B 499 39.87 -33.75 -0.13
CA ILE B 499 40.77 -34.81 0.33
C ILE B 499 40.29 -35.32 1.68
N LYS B 500 40.79 -36.48 2.10
CA LYS B 500 40.48 -37.01 3.42
C LYS B 500 41.22 -36.20 4.49
N LYS B 501 40.55 -35.95 5.60
CA LYS B 501 41.13 -35.22 6.71
C LYS B 501 42.39 -35.92 7.22
N PRO B 502 43.53 -35.23 7.17
CA PRO B 502 44.80 -35.76 7.68
C PRO B 502 44.74 -35.99 9.18
N GLN B 503 45.60 -36.87 9.70
CA GLN B 503 45.57 -37.20 11.13
C GLN B 503 45.81 -35.96 12.00
N LYS B 504 45.12 -35.91 13.12
CA LYS B 504 45.04 -34.70 13.94
C LYS B 504 46.36 -34.29 14.60
N SER B 505 46.41 -33.01 14.99
CA SER B 505 47.57 -32.35 15.60
C SER B 505 48.86 -32.44 14.77
N LYS B 506 50.01 -32.44 15.44
CA LYS B 506 51.29 -32.65 14.76
C LYS B 506 52.35 -33.23 15.69
N PRO B 507 53.19 -34.14 15.17
CA PRO B 507 54.47 -34.56 15.75
C PRO B 507 55.62 -33.60 15.45
N GLY B 508 56.58 -33.45 16.37
CA GLY B 508 57.85 -32.86 16.01
C GLY B 508 58.75 -32.35 17.12
N VAL B 509 60.02 -32.14 16.80
CA VAL B 509 60.95 -31.41 17.65
C VAL B 509 60.92 -29.95 17.22
N PHE B 510 60.32 -29.71 16.06
CA PHE B 510 60.26 -28.37 15.46
C PHE B 510 59.53 -27.39 16.36
N SER B 511 58.57 -27.90 17.12
CA SER B 511 57.84 -27.08 18.08
C SER B 511 58.78 -26.62 19.19
N PHE B 512 59.76 -27.44 19.51
CA PHE B 512 60.75 -27.13 20.53
C PHE B 512 61.93 -26.33 19.97
N LEU B 513 62.04 -26.29 18.65
CA LEU B 513 62.99 -25.40 18.00
C LEU B 513 62.38 -24.00 17.89
N ASP B 514 61.07 -23.97 17.73
CA ASP B 514 60.30 -22.72 17.55
C ASP B 514 60.16 -21.73 18.73
N PRO B 515 59.96 -22.22 19.98
CA PRO B 515 59.35 -21.36 21.01
C PRO B 515 60.12 -20.06 21.28
N LEU B 516 61.43 -20.10 21.11
CA LEU B 516 62.25 -18.90 21.18
C LEU B 516 62.98 -18.74 19.86
N ALA B 517 63.36 -17.51 19.53
CA ALA B 517 63.99 -17.23 18.23
C ALA B 517 65.28 -18.03 18.07
N TYR B 518 65.49 -18.55 16.87
CA TYR B 518 66.67 -19.32 16.53
C TYR B 518 67.97 -18.53 16.71
N GLU B 519 67.89 -17.23 16.44
CA GLU B 519 69.04 -16.36 16.59
C GLU B 519 69.42 -16.23 18.06
N ILE B 520 68.45 -16.43 18.95
CA ILE B 520 68.71 -16.39 20.38
C ILE B 520 69.50 -17.60 20.83
N TRP B 521 69.11 -18.77 20.32
CA TRP B 521 69.75 -20.03 20.63
C TRP B 521 71.19 -20.06 20.08
N MET B 522 71.35 -19.52 18.87
CA MET B 522 72.68 -19.42 18.27
C MET B 522 73.51 -18.45 19.09
N ALA B 523 72.87 -17.36 19.48
CA ALA B 523 73.54 -16.32 20.25
C ALA B 523 74.00 -16.85 21.60
N ILE B 524 73.17 -17.63 22.29
CA ILE B 524 73.52 -18.16 23.60
C ILE B 524 74.61 -19.21 23.47
N VAL B 525 74.63 -19.96 22.37
CA VAL B 525 75.75 -20.88 22.15
C VAL B 525 77.05 -20.07 22.00
N PHE B 526 76.95 -18.98 21.23
CA PHE B 526 78.07 -18.07 21.02
C PHE B 526 78.53 -17.42 22.34
N ALA B 527 77.57 -17.16 23.21
CA ALA B 527 77.83 -16.59 24.53
C ALA B 527 78.58 -17.60 25.38
N TYR B 528 78.16 -18.84 25.26
CA TYR B 528 78.80 -19.95 25.97
C TYR B 528 80.26 -20.08 25.56
N ILE B 529 80.52 -20.14 24.26
CA ILE B 529 81.90 -20.28 23.80
C ILE B 529 82.72 -19.03 24.15
N LEU B 530 82.09 -17.86 24.19
CA LEU B 530 82.80 -16.64 24.59
C LEU B 530 83.21 -16.68 26.06
N VAL B 531 82.29 -17.06 26.94
CA VAL B 531 82.60 -17.16 28.36
C VAL B 531 83.65 -18.24 28.61
N SER B 532 83.51 -19.36 27.90
CA SER B 532 84.47 -20.45 28.03
C SER B 532 85.88 -20.02 27.62
N VAL B 533 85.98 -19.30 26.51
CA VAL B 533 87.30 -18.86 26.04
C VAL B 533 87.87 -17.76 26.95
N VAL B 534 87.01 -16.92 27.53
CA VAL B 534 87.48 -15.94 28.51
C VAL B 534 88.04 -16.62 29.76
N LEU B 535 87.31 -17.60 30.27
CA LEU B 535 87.78 -18.39 31.41
C LEU B 535 89.07 -19.14 31.12
N PHE B 536 89.18 -19.66 29.90
CA PHE B 536 90.36 -20.42 29.49
C PHE B 536 91.58 -19.50 29.55
N LEU B 537 91.41 -18.25 29.12
CA LEU B 537 92.50 -17.29 29.15
C LEU B 537 92.84 -16.89 30.59
N SER B 582 86.41 -25.14 43.56
CA SER B 582 87.42 -24.18 43.99
C SER B 582 87.53 -23.01 43.01
N PRO B 583 86.74 -21.95 43.25
CA PRO B 583 86.77 -20.76 42.40
C PRO B 583 88.05 -19.93 42.59
N ARG B 584 88.57 -19.39 41.51
CA ARG B 584 89.78 -18.58 41.56
C ARG B 584 89.48 -17.17 42.08
N SER B 585 88.19 -16.89 42.26
CA SER B 585 87.71 -15.58 42.69
C SER B 585 88.27 -14.47 41.80
N LEU B 586 88.65 -13.36 42.41
CA LEU B 586 89.16 -12.20 41.69
C LEU B 586 88.21 -11.77 40.58
N SER B 587 88.69 -11.84 39.34
CA SER B 587 87.87 -11.51 38.18
C SER B 587 86.91 -12.66 37.83
N ALA B 588 87.41 -13.89 37.91
CA ALA B 588 86.64 -15.07 37.56
C ALA B 588 85.31 -15.14 38.31
N ARG B 589 85.31 -14.66 39.54
CA ARG B 589 84.12 -14.65 40.37
C ARG B 589 83.00 -13.82 39.72
N ILE B 590 83.32 -12.58 39.37
CA ILE B 590 82.32 -11.71 38.75
C ILE B 590 82.01 -12.16 37.33
N VAL B 591 82.93 -12.90 36.70
CA VAL B 591 82.62 -13.52 35.42
C VAL B 591 81.47 -14.52 35.60
N ALA B 592 81.66 -15.44 36.54
CA ALA B 592 80.66 -16.44 36.86
C ALA B 592 79.34 -15.80 37.27
N GLY B 593 79.43 -14.70 38.01
CA GLY B 593 78.25 -13.95 38.39
C GLY B 593 77.50 -13.40 37.19
N VAL B 594 78.23 -12.83 36.24
CA VAL B 594 77.63 -12.30 35.02
C VAL B 594 76.92 -13.40 34.23
N TRP B 595 77.60 -14.53 34.04
CA TRP B 595 76.97 -15.66 33.34
C TRP B 595 75.72 -16.14 34.08
N TRP B 596 75.78 -16.10 35.41
CA TRP B 596 74.63 -16.50 36.23
C TRP B 596 73.44 -15.59 35.99
N PHE B 597 73.68 -14.29 35.99
CA PHE B 597 72.62 -13.31 35.71
C PHE B 597 72.03 -13.54 34.32
N PHE B 598 72.92 -13.76 33.36
CA PHE B 598 72.55 -14.02 31.97
C PHE B 598 71.60 -15.22 31.85
N THR B 599 72.03 -16.38 32.36
CA THR B 599 71.22 -17.59 32.27
C THR B 599 69.93 -17.47 33.08
N LEU B 600 69.98 -16.68 34.15
CA LEU B 600 68.79 -16.44 34.97
C LEU B 600 67.71 -15.70 34.17
N ILE B 601 68.13 -14.61 33.52
CA ILE B 601 67.22 -13.83 32.72
C ILE B 601 66.66 -14.68 31.58
N ILE B 602 67.54 -15.48 30.95
CA ILE B 602 67.08 -16.34 29.87
C ILE B 602 66.05 -17.38 30.32
N ILE B 603 66.30 -18.07 31.43
CA ILE B 603 65.34 -19.08 31.88
C ILE B 603 64.01 -18.45 32.34
N SER B 604 64.06 -17.31 33.02
CA SER B 604 62.82 -16.65 33.44
C SER B 604 62.01 -16.16 32.25
N SER B 605 62.70 -15.58 31.27
CA SER B 605 62.04 -15.08 30.07
C SER B 605 61.43 -16.22 29.27
N TYR B 606 62.17 -17.32 29.17
CA TYR B 606 61.68 -18.52 28.49
C TYR B 606 60.43 -19.04 29.18
N THR B 607 60.45 -19.06 30.51
CA THR B 607 59.31 -19.53 31.27
C THR B 607 58.07 -18.68 31.00
N ALA B 608 58.26 -17.36 31.05
CA ALA B 608 57.14 -16.43 30.85
C ALA B 608 56.54 -16.54 29.45
N ASN B 609 57.43 -16.57 28.45
CA ASN B 609 56.99 -16.69 27.06
C ASN B 609 56.28 -18.01 26.81
N LEU B 610 56.80 -19.07 27.41
CA LEU B 610 56.19 -20.39 27.25
C LEU B 610 54.82 -20.45 27.91
N ALA B 611 54.65 -19.77 29.04
CA ALA B 611 53.36 -19.73 29.71
C ALA B 611 52.33 -19.00 28.85
N ALA B 612 52.73 -17.82 28.37
CA ALA B 612 51.87 -17.01 27.53
C ALA B 612 51.48 -17.77 26.27
N PHE B 613 52.43 -18.56 25.76
CA PHE B 613 52.16 -19.43 24.61
C PHE B 613 51.16 -20.53 24.98
N LEU B 614 51.30 -21.08 26.17
CA LEU B 614 50.46 -22.20 26.60
C LEU B 614 49.04 -21.74 26.90
N THR B 615 48.84 -20.44 27.03
CA THR B 615 47.47 -19.92 27.16
C THR B 615 46.67 -20.06 25.86
N VAL B 616 47.27 -19.70 24.72
CA VAL B 616 46.56 -19.72 23.44
C VAL B 616 47.38 -20.29 22.28
N GLU B 617 46.70 -20.97 21.34
CA GLU B 617 47.36 -21.58 20.18
C GLU B 617 46.65 -21.25 18.86
N ARG B 618 47.44 -20.90 17.85
CA ARG B 618 46.91 -20.46 16.55
C ARG B 618 46.79 -21.58 15.50
N MET B 619 47.30 -22.76 15.83
CA MET B 619 47.34 -23.93 14.95
C MET B 619 48.02 -23.66 13.59
N VAL B 620 47.58 -24.36 12.54
CA VAL B 620 48.16 -24.32 11.19
C VAL B 620 47.10 -24.88 10.22
N SER B 621 47.19 -24.54 8.93
CA SER B 621 46.38 -25.21 7.90
C SER B 621 47.25 -25.68 6.72
N PRO B 622 46.96 -26.89 6.19
CA PRO B 622 47.67 -27.45 5.04
C PRO B 622 47.29 -26.81 3.71
N ILE B 623 48.22 -26.73 2.76
CA ILE B 623 47.97 -26.10 1.48
C ILE B 623 48.52 -26.90 0.29
N GLU B 624 47.66 -27.21 -0.67
CA GLU B 624 48.03 -28.00 -1.85
C GLU B 624 47.58 -27.36 -3.17
N SER B 625 46.27 -27.18 -3.30
CA SER B 625 45.55 -26.79 -4.52
C SER B 625 45.70 -27.74 -5.71
N ALA B 626 45.62 -27.18 -6.91
CA ALA B 626 45.56 -27.97 -8.15
C ALA B 626 46.89 -28.30 -8.81
N GLU B 627 47.79 -27.32 -8.89
CA GLU B 627 49.07 -27.48 -9.55
C GLU B 627 49.83 -28.71 -9.10
N ASP B 628 49.81 -28.97 -7.80
CA ASP B 628 50.45 -30.16 -7.27
C ASP B 628 49.86 -31.41 -7.90
N LEU B 629 48.53 -31.45 -7.97
CA LEU B 629 47.83 -32.61 -8.55
C LEU B 629 48.22 -32.82 -10.01
N SER B 630 48.49 -31.73 -10.72
CA SER B 630 48.85 -31.84 -12.12
C SER B 630 50.26 -32.39 -12.24
N LYS B 631 51.11 -31.98 -11.30
CA LYS B 631 52.51 -32.38 -11.36
C LYS B 631 52.83 -33.74 -10.70
N GLN B 632 51.93 -34.24 -9.85
CA GLN B 632 52.17 -35.51 -9.18
C GLN B 632 51.29 -36.64 -9.71
N THR B 633 51.86 -37.83 -9.84
CA THR B 633 51.08 -39.00 -10.25
C THR B 633 50.68 -39.87 -9.06
N GLU B 634 51.15 -39.51 -7.87
CA GLU B 634 50.91 -40.31 -6.67
C GLU B 634 49.43 -40.44 -6.31
N ILE B 635 48.82 -39.32 -5.97
CA ILE B 635 47.39 -39.29 -5.63
C ILE B 635 46.50 -39.15 -6.85
N ALA B 636 45.66 -40.16 -7.08
CA ALA B 636 44.71 -40.10 -8.19
C ALA B 636 43.59 -39.12 -7.87
N TYR B 637 42.94 -38.61 -8.91
CA TYR B 637 41.85 -37.66 -8.73
C TYR B 637 40.90 -37.68 -9.92
N GLY B 638 39.68 -37.18 -9.71
CA GLY B 638 38.67 -37.14 -10.75
C GLY B 638 37.54 -36.18 -10.45
N THR B 639 36.49 -36.24 -11.27
CA THR B 639 35.33 -35.35 -11.16
C THR B 639 34.03 -36.13 -11.36
N LEU B 640 32.94 -35.39 -11.48
CA LEU B 640 31.64 -35.99 -11.72
C LEU B 640 31.61 -36.61 -13.12
N ASP B 641 30.75 -37.60 -13.33
CA ASP B 641 30.66 -38.29 -14.62
C ASP B 641 30.19 -37.34 -15.70
N SER B 642 29.16 -36.55 -15.39
CA SER B 642 28.68 -35.51 -16.29
C SER B 642 28.36 -34.24 -15.50
N GLY B 643 29.06 -33.14 -15.81
CA GLY B 643 28.84 -31.90 -15.09
C GLY B 643 29.61 -30.71 -15.64
N SER B 644 29.31 -29.52 -15.13
CA SER B 644 29.99 -28.29 -15.54
C SER B 644 31.48 -28.30 -15.19
N THR B 645 31.83 -29.01 -14.12
CA THR B 645 33.22 -29.12 -13.70
C THR B 645 34.03 -29.92 -14.72
N LYS B 646 33.48 -31.08 -15.08
CA LYS B 646 34.10 -31.94 -16.08
C LYS B 646 34.20 -31.20 -17.41
N GLU B 647 33.13 -30.52 -17.78
CA GLU B 647 33.11 -29.73 -19.00
C GLU B 647 34.15 -28.61 -18.99
N PHE B 648 34.40 -28.08 -17.80
CA PHE B 648 35.45 -27.09 -17.60
C PHE B 648 36.78 -27.70 -17.92
N PHE B 649 37.09 -28.82 -17.26
CA PHE B 649 38.35 -29.51 -17.48
C PHE B 649 38.55 -29.87 -18.94
N ARG B 650 37.52 -30.39 -19.60
CA ARG B 650 37.59 -30.68 -21.02
C ARG B 650 38.04 -29.45 -21.80
N ARG B 651 37.18 -28.45 -21.85
CA ARG B 651 37.43 -27.26 -22.68
C ARG B 651 38.49 -26.27 -22.20
N SER B 652 39.07 -26.49 -21.02
CA SER B 652 40.02 -25.54 -20.46
C SER B 652 41.35 -25.58 -21.20
N LYS B 653 41.80 -24.40 -21.62
CA LYS B 653 43.03 -24.23 -22.38
C LYS B 653 44.20 -23.87 -21.47
N ILE B 654 43.95 -23.84 -20.17
CA ILE B 654 44.99 -23.55 -19.19
C ILE B 654 45.92 -24.75 -18.98
N ALA B 655 47.22 -24.48 -18.90
CA ALA B 655 48.26 -25.50 -18.82
C ALA B 655 47.95 -26.58 -17.78
N VAL B 656 47.89 -26.17 -16.52
CA VAL B 656 47.67 -27.07 -15.40
C VAL B 656 46.42 -27.93 -15.59
N PHE B 657 45.31 -27.27 -15.90
CA PHE B 657 44.03 -27.95 -16.08
C PHE B 657 44.11 -28.88 -17.30
N ASP B 658 44.86 -28.47 -18.32
CA ASP B 658 45.07 -29.34 -19.47
C ASP B 658 45.75 -30.62 -19.05
N LYS B 659 46.84 -30.50 -18.29
CA LYS B 659 47.56 -31.69 -17.79
C LYS B 659 46.61 -32.60 -17.03
N MET B 660 45.86 -32.01 -16.11
CA MET B 660 44.93 -32.79 -15.29
C MET B 660 43.91 -33.53 -16.14
N TRP B 661 43.30 -32.81 -17.09
CA TRP B 661 42.30 -33.40 -17.97
C TRP B 661 42.87 -34.52 -18.83
N THR B 662 44.05 -34.29 -19.39
CA THR B 662 44.75 -35.30 -20.17
C THR B 662 44.94 -36.54 -19.31
N TYR B 663 45.27 -36.33 -18.04
CA TYR B 663 45.41 -37.45 -17.12
C TYR B 663 44.09 -38.21 -16.93
N MET B 664 43.00 -37.48 -16.65
CA MET B 664 41.73 -38.11 -16.30
C MET B 664 41.03 -38.81 -17.46
N ARG B 665 41.18 -38.26 -18.66
CA ARG B 665 40.52 -38.81 -19.84
C ARG B 665 40.97 -40.22 -20.18
N SER B 666 42.27 -40.47 -20.12
CA SER B 666 42.81 -41.81 -20.39
C SER B 666 43.13 -42.58 -19.12
N ALA B 667 42.85 -41.99 -17.96
CA ALA B 667 43.06 -42.68 -16.69
C ALA B 667 42.22 -43.95 -16.60
N GLU B 668 42.82 -45.01 -16.08
CA GLU B 668 42.10 -46.25 -15.87
C GLU B 668 42.44 -46.87 -14.51
N PRO B 669 41.43 -47.39 -13.80
CA PRO B 669 40.02 -47.38 -14.17
C PRO B 669 39.43 -45.97 -14.07
N SER B 670 38.26 -45.75 -14.68
CA SER B 670 37.66 -44.43 -14.71
C SER B 670 37.51 -43.84 -13.32
N VAL B 671 38.04 -42.63 -13.14
CA VAL B 671 38.06 -41.97 -11.85
C VAL B 671 36.81 -41.13 -11.62
N PHE B 672 35.93 -41.14 -12.62
CA PHE B 672 34.68 -40.38 -12.54
C PHE B 672 33.62 -41.10 -11.72
N VAL B 673 32.68 -40.31 -11.19
CA VAL B 673 31.61 -40.85 -10.35
C VAL B 673 30.24 -40.36 -10.84
N ARG B 674 29.22 -41.18 -10.60
CA ARG B 674 27.87 -40.90 -11.09
C ARG B 674 27.26 -39.72 -10.33
N THR B 675 27.48 -39.69 -9.02
CA THR B 675 26.96 -38.62 -8.17
C THR B 675 28.04 -38.12 -7.22
N THR B 676 27.78 -36.98 -6.59
CA THR B 676 28.72 -36.38 -5.64
C THR B 676 28.98 -37.36 -4.50
N ALA B 677 27.91 -37.94 -3.98
CA ALA B 677 27.99 -38.91 -2.89
C ALA B 677 28.97 -40.04 -3.21
N GLU B 678 28.91 -40.57 -4.42
CA GLU B 678 29.84 -41.62 -4.83
C GLU B 678 31.28 -41.13 -4.77
N GLY B 679 31.51 -39.90 -5.21
CA GLY B 679 32.84 -39.31 -5.20
C GLY B 679 33.38 -39.18 -3.80
N VAL B 680 32.58 -38.60 -2.91
CA VAL B 680 32.97 -38.42 -1.51
C VAL B 680 33.25 -39.76 -0.85
N ALA B 681 32.32 -40.71 -1.03
CA ALA B 681 32.49 -42.06 -0.52
C ALA B 681 33.78 -42.70 -1.03
N ARG B 682 34.14 -42.37 -2.27
CA ARG B 682 35.38 -42.86 -2.86
C ARG B 682 36.59 -42.20 -2.21
N VAL B 683 36.45 -40.94 -1.82
CA VAL B 683 37.54 -40.23 -1.13
C VAL B 683 37.75 -40.80 0.26
N ARG B 684 36.67 -41.26 0.88
CA ARG B 684 36.73 -41.77 2.25
C ARG B 684 37.37 -43.15 2.33
N LYS B 685 37.10 -43.99 1.33
CA LYS B 685 37.58 -45.36 1.35
C LYS B 685 39.00 -45.51 0.78
N SER B 686 39.57 -44.40 0.33
CA SER B 686 40.88 -44.44 -0.31
C SER B 686 42.02 -44.13 0.65
N LYS B 687 41.67 -43.85 1.90
CA LYS B 687 42.64 -43.42 2.91
C LYS B 687 43.47 -42.24 2.42
N GLY B 688 42.79 -41.26 1.81
CA GLY B 688 43.42 -40.06 1.32
C GLY B 688 44.33 -40.26 0.13
N LYS B 689 44.19 -41.39 -0.56
CA LYS B 689 44.98 -41.66 -1.76
C LYS B 689 44.22 -41.24 -3.02
N TYR B 690 43.03 -40.69 -2.84
CA TYR B 690 42.22 -40.20 -3.94
C TYR B 690 41.61 -38.84 -3.64
N ALA B 691 41.79 -37.91 -4.58
CA ALA B 691 41.25 -36.55 -4.43
C ALA B 691 40.03 -36.39 -5.32
N TYR B 692 39.06 -35.59 -4.89
CA TYR B 692 37.87 -35.35 -5.71
C TYR B 692 37.67 -33.87 -6.04
N LEU B 693 37.63 -33.55 -7.32
CA LEU B 693 37.37 -32.17 -7.73
C LEU B 693 35.87 -31.94 -7.87
N LEU B 694 35.34 -31.12 -6.96
CA LEU B 694 33.91 -30.83 -6.96
C LEU B 694 33.67 -29.34 -6.73
N GLU B 695 32.45 -28.89 -6.97
CA GLU B 695 32.08 -27.49 -6.79
C GLU B 695 32.27 -27.03 -5.35
N SER B 696 32.67 -25.77 -5.20
CA SER B 696 32.98 -25.18 -3.89
C SER B 696 31.94 -25.46 -2.81
N THR B 697 30.72 -24.99 -3.06
CA THR B 697 29.62 -25.13 -2.12
C THR B 697 29.49 -26.54 -1.56
N MET B 698 29.22 -27.51 -2.44
CA MET B 698 29.08 -28.90 -2.03
C MET B 698 30.26 -29.38 -1.20
N ASN B 699 31.46 -28.94 -1.56
CA ASN B 699 32.65 -29.31 -0.82
C ASN B 699 32.61 -28.77 0.61
N GLU B 700 32.27 -27.49 0.74
CA GLU B 700 32.13 -26.86 2.04
C GLU B 700 31.02 -27.50 2.87
N TYR B 701 29.97 -27.95 2.20
CA TYR B 701 28.84 -28.60 2.84
C TYR B 701 29.20 -29.96 3.41
N ILE B 702 29.80 -30.81 2.58
CA ILE B 702 30.26 -32.11 3.04
C ILE B 702 31.30 -31.94 4.15
N GLU B 703 32.10 -30.88 4.06
CA GLU B 703 33.10 -30.59 5.07
C GLU B 703 32.47 -30.25 6.42
N GLN B 704 31.30 -29.63 6.41
CA GLN B 704 30.65 -29.21 7.64
C GLN B 704 29.69 -30.26 8.20
N ARG B 705 29.63 -31.42 7.56
CA ARG B 705 28.74 -32.49 8.03
C ARG B 705 29.48 -33.78 8.36
N LYS B 706 28.98 -34.48 9.38
CA LYS B 706 29.54 -35.74 9.87
C LYS B 706 29.63 -36.81 8.79
N PRO B 707 30.57 -37.76 8.94
CA PRO B 707 31.52 -37.88 10.07
C PRO B 707 32.80 -37.04 9.91
N CYS B 708 32.71 -35.86 9.33
CA CYS B 708 33.82 -34.90 9.28
C CYS B 708 35.14 -35.48 8.80
N ASP B 709 35.09 -36.48 7.92
CA ASP B 709 36.32 -37.13 7.46
C ASP B 709 36.92 -36.51 6.21
N THR B 710 36.17 -35.63 5.54
CA THR B 710 36.65 -34.96 4.34
C THR B 710 37.15 -33.56 4.65
N MET B 711 37.69 -32.87 3.65
CA MET B 711 38.24 -31.54 3.86
C MET B 711 38.33 -30.76 2.56
N LYS B 712 38.37 -29.44 2.66
CA LYS B 712 38.62 -28.59 1.51
C LYS B 712 40.08 -28.16 1.47
N VAL B 713 40.77 -28.48 0.37
CA VAL B 713 42.17 -28.15 0.24
C VAL B 713 42.44 -27.13 -0.88
N GLY B 714 43.35 -26.22 -0.60
CA GLY B 714 43.74 -25.18 -1.54
C GLY B 714 42.63 -24.20 -1.86
N GLY B 715 42.85 -23.38 -2.89
CA GLY B 715 41.87 -22.41 -3.31
C GLY B 715 40.87 -22.97 -4.30
N ASN B 716 40.33 -22.10 -5.14
CA ASN B 716 39.38 -22.54 -6.16
C ASN B 716 39.98 -22.43 -7.56
N LEU B 717 39.55 -23.32 -8.44
CA LEU B 717 40.10 -23.39 -9.78
C LEU B 717 39.50 -22.34 -10.70
N ASP B 718 38.24 -22.00 -10.47
CA ASP B 718 37.56 -20.98 -11.26
C ASP B 718 36.57 -20.22 -10.39
N SER B 719 36.10 -19.08 -10.88
CA SER B 719 35.12 -18.28 -10.16
C SER B 719 33.84 -18.13 -10.98
N LYS B 720 32.74 -18.69 -10.49
CA LYS B 720 31.47 -18.67 -11.22
C LYS B 720 30.28 -18.66 -10.23
N GLY B 721 29.06 -18.82 -10.75
CA GLY B 721 27.89 -18.82 -9.89
C GLY B 721 26.73 -19.65 -10.40
N TYR B 722 25.81 -20.00 -9.50
CA TYR B 722 24.56 -20.68 -9.91
C TYR B 722 23.56 -19.63 -10.34
N GLY B 723 22.36 -20.07 -10.72
CA GLY B 723 21.32 -19.13 -11.12
C GLY B 723 19.97 -19.76 -11.37
N ILE B 724 18.94 -18.92 -11.34
CA ILE B 724 17.59 -19.37 -11.61
C ILE B 724 17.33 -19.34 -13.11
N ALA B 725 16.98 -20.49 -13.66
CA ALA B 725 16.83 -20.59 -15.10
C ALA B 725 15.37 -20.56 -15.53
N THR B 726 15.11 -19.84 -16.61
CA THR B 726 13.78 -19.75 -17.18
C THR B 726 13.87 -19.94 -18.69
N PRO B 727 12.83 -20.53 -19.30
CA PRO B 727 12.87 -20.61 -20.76
C PRO B 727 12.81 -19.22 -21.37
N LYS B 728 13.49 -19.02 -22.50
CA LYS B 728 13.55 -17.70 -23.12
C LYS B 728 12.17 -17.19 -23.49
N GLY B 729 11.92 -15.91 -23.17
CA GLY B 729 10.64 -15.28 -23.45
C GLY B 729 9.59 -15.53 -22.40
N SER B 730 9.98 -16.17 -21.30
CA SER B 730 9.09 -16.40 -20.18
C SER B 730 8.77 -15.08 -19.47
N SER B 731 7.58 -14.98 -18.90
CA SER B 731 7.18 -13.79 -18.18
C SER B 731 7.96 -13.69 -16.86
N LEU B 732 8.25 -14.83 -16.27
CA LEU B 732 8.90 -14.91 -14.96
C LEU B 732 10.35 -14.38 -14.90
N GLY B 733 10.99 -14.20 -16.05
CA GLY B 733 12.41 -13.87 -16.06
C GLY B 733 12.79 -12.64 -15.26
N THR B 734 12.21 -11.50 -15.62
CA THR B 734 12.49 -10.23 -14.95
C THR B 734 12.07 -10.22 -13.47
N PRO B 735 10.83 -10.64 -13.16
CA PRO B 735 10.47 -10.66 -11.74
C PRO B 735 11.34 -11.57 -10.89
N VAL B 736 11.66 -12.78 -11.38
CA VAL B 736 12.54 -13.67 -10.64
C VAL B 736 13.90 -13.02 -10.45
N ASN B 737 14.39 -12.36 -11.49
CA ASN B 737 15.66 -11.65 -11.41
C ASN B 737 15.66 -10.61 -10.29
N LEU B 738 14.70 -9.69 -10.33
CA LEU B 738 14.57 -8.65 -9.32
C LEU B 738 14.41 -9.24 -7.92
N ALA B 739 13.67 -10.34 -7.84
CA ALA B 739 13.47 -11.05 -6.58
C ALA B 739 14.81 -11.55 -6.03
N VAL B 740 15.63 -12.14 -6.88
CA VAL B 740 16.94 -12.63 -6.46
C VAL B 740 17.80 -11.47 -5.99
N LEU B 741 17.72 -10.35 -6.69
CA LEU B 741 18.47 -9.15 -6.27
C LEU B 741 18.04 -8.69 -4.88
N LYS B 742 16.73 -8.72 -4.63
CA LYS B 742 16.16 -8.29 -3.36
C LYS B 742 16.57 -9.21 -2.23
N LEU B 743 16.43 -10.52 -2.45
CA LEU B 743 16.87 -11.52 -1.51
C LEU B 743 18.36 -11.37 -1.22
N SER B 744 19.11 -10.95 -2.23
CA SER B 744 20.54 -10.71 -2.08
C SER B 744 20.82 -9.55 -1.14
N GLU B 745 20.25 -8.38 -1.43
CA GLU B 745 20.53 -7.20 -0.62
C GLU B 745 19.97 -7.31 0.80
N GLN B 746 18.91 -8.08 0.96
CA GLN B 746 18.26 -8.20 2.26
C GLN B 746 18.99 -9.22 3.12
N GLY B 747 19.97 -9.88 2.53
CA GLY B 747 20.76 -10.87 3.26
C GLY B 747 20.06 -12.22 3.35
N VAL B 748 18.90 -12.33 2.70
CA VAL B 748 18.14 -13.57 2.70
C VAL B 748 18.94 -14.73 2.13
N LEU B 749 19.65 -14.47 1.03
CA LEU B 749 20.47 -15.50 0.40
C LEU B 749 21.56 -15.96 1.34
N ASP B 750 22.27 -14.99 1.92
CA ASP B 750 23.35 -15.26 2.86
C ASP B 750 22.84 -16.03 4.06
N LYS B 751 21.75 -15.51 4.64
CA LYS B 751 21.16 -16.11 5.83
C LYS B 751 20.70 -17.53 5.54
N LEU B 752 20.20 -17.76 4.32
CA LEU B 752 19.75 -19.08 3.92
C LEU B 752 20.91 -20.06 3.79
N LYS B 753 21.98 -19.63 3.14
CA LYS B 753 23.17 -20.47 3.02
C LYS B 753 23.66 -20.83 4.41
N ASN B 754 23.71 -19.83 5.29
CA ASN B 754 24.10 -20.05 6.67
C ASN B 754 23.22 -21.10 7.33
N LYS B 755 21.90 -20.94 7.15
CA LYS B 755 20.92 -21.88 7.68
C LYS B 755 21.19 -23.31 7.24
N TRP B 756 21.51 -23.49 5.97
CA TRP B 756 21.68 -24.84 5.43
C TRP B 756 23.11 -25.34 5.37
N TRP B 757 24.05 -24.53 5.85
CA TRP B 757 25.44 -24.94 5.85
C TRP B 757 26.03 -24.92 7.25
N TYR B 758 26.33 -23.71 7.71
CA TYR B 758 27.08 -23.50 8.96
C TYR B 758 26.24 -23.52 10.23
N ASP B 759 24.98 -23.07 10.14
CA ASP B 759 24.13 -22.92 11.32
C ASP B 759 24.10 -24.16 12.22
N LYS B 760 23.98 -25.34 11.63
CA LYS B 760 24.34 -26.51 12.41
C LYS B 760 25.67 -27.01 11.89
N GLY B 761 26.75 -26.63 12.57
CA GLY B 761 28.04 -27.24 12.38
C GLY B 761 28.08 -28.55 13.14
N GLU B 762 28.35 -29.66 12.46
CA GLU B 762 28.62 -30.88 13.19
C GLU B 762 30.12 -31.11 13.32
N CYS B 763 30.91 -30.36 12.54
CA CYS B 763 32.36 -30.45 12.60
C CYS B 763 33.00 -29.31 13.39
N GLY B 764 32.18 -28.37 13.83
CA GLY B 764 32.69 -27.20 14.52
C GLY B 764 31.68 -26.62 15.50
N SER B 778 51.20 -32.68 26.20
CA SER B 778 52.55 -32.71 26.77
C SER B 778 53.34 -33.90 26.25
N LEU B 779 53.55 -33.95 24.94
CA LEU B 779 54.30 -35.03 24.33
C LEU B 779 55.39 -34.53 23.37
N SER B 780 54.97 -33.79 22.35
CA SER B 780 55.82 -33.45 21.19
C SER B 780 57.26 -33.01 21.49
N ASN B 781 57.43 -31.86 22.15
CA ASN B 781 58.77 -31.33 22.45
C ASN B 781 59.64 -32.25 23.32
N VAL B 782 58.95 -33.09 24.10
CA VAL B 782 59.62 -33.97 25.03
C VAL B 782 60.53 -34.92 24.28
N ALA B 783 60.10 -35.35 23.10
CA ALA B 783 60.92 -36.25 22.29
C ALA B 783 62.26 -35.60 21.97
N GLY B 784 62.22 -34.30 21.69
CA GLY B 784 63.42 -33.51 21.42
C GLY B 784 64.35 -33.44 22.61
N VAL B 785 63.78 -33.07 23.77
CA VAL B 785 64.60 -32.94 24.98
C VAL B 785 65.24 -34.30 25.31
N PHE B 786 64.45 -35.35 25.09
CA PHE B 786 64.86 -36.72 25.33
C PHE B 786 65.97 -37.10 24.35
N TYR B 787 65.97 -36.43 23.21
CA TYR B 787 66.97 -36.68 22.18
C TYR B 787 68.29 -36.06 22.56
N ILE B 788 68.26 -34.81 23.06
CA ILE B 788 69.51 -34.19 23.49
C ILE B 788 70.08 -34.92 24.70
N LEU B 789 69.19 -35.44 25.56
CA LEU B 789 69.64 -36.20 26.72
C LEU B 789 70.36 -37.49 26.28
N VAL B 790 69.66 -38.31 25.50
CA VAL B 790 70.22 -39.58 25.02
C VAL B 790 71.54 -39.33 24.29
N GLY B 791 71.57 -38.25 23.51
CA GLY B 791 72.77 -37.85 22.78
C GLY B 791 73.89 -37.58 23.76
N GLY B 792 73.56 -36.93 24.86
CA GLY B 792 74.56 -36.63 25.87
C GLY B 792 75.14 -37.90 26.47
N LEU B 793 74.27 -38.87 26.78
CA LEU B 793 74.73 -40.14 27.32
C LEU B 793 75.65 -40.86 26.34
N GLY B 794 75.31 -40.76 25.05
CA GLY B 794 76.11 -41.36 24.01
C GLY B 794 77.50 -40.75 23.97
N LEU B 795 77.54 -39.43 24.06
CA LEU B 795 78.81 -38.70 24.11
C LEU B 795 79.63 -39.16 25.32
N ALA B 796 78.94 -39.41 26.44
CA ALA B 796 79.61 -39.89 27.64
C ALA B 796 80.22 -41.28 27.42
N MET B 797 79.52 -42.09 26.62
CA MET B 797 80.05 -43.40 26.25
C MET B 797 81.32 -43.20 25.44
N LEU B 798 81.29 -42.20 24.56
CA LEU B 798 82.43 -41.90 23.70
C LEU B 798 83.63 -41.54 24.58
N VAL B 799 83.44 -40.60 25.50
CA VAL B 799 84.51 -40.13 26.38
C VAL B 799 85.08 -41.30 27.21
N ALA B 800 84.20 -42.18 27.66
CA ALA B 800 84.62 -43.34 28.43
C ALA B 800 85.53 -44.22 27.57
N LEU B 801 85.11 -44.43 26.33
CA LEU B 801 85.85 -45.31 25.42
C LEU B 801 87.23 -44.70 25.13
N ILE B 802 87.28 -43.41 24.81
CA ILE B 802 88.54 -42.75 24.50
C ILE B 802 89.47 -42.77 25.71
N GLU B 803 88.89 -42.74 26.91
CA GLU B 803 89.69 -42.79 28.14
C GLU B 803 90.32 -44.17 28.29
N PHE B 804 89.51 -45.22 28.14
CA PHE B 804 90.00 -46.58 28.27
C PHE B 804 90.99 -46.91 27.16
N ALA B 805 90.85 -46.24 26.02
CA ALA B 805 91.78 -46.38 24.91
C ALA B 805 93.07 -45.63 25.19
N TYR B 806 92.96 -44.55 25.97
CA TYR B 806 94.11 -43.74 26.32
C TYR B 806 94.97 -44.50 27.32
N LYS B 807 94.32 -45.26 28.20
CA LYS B 807 95.05 -46.12 29.13
C LYS B 807 95.71 -47.28 28.39
N ARG B 808 94.90 -48.04 27.65
CA ARG B 808 95.36 -49.16 26.83
C ARG B 808 96.32 -50.10 27.58
N ASN C 1 -24.03 13.91 -85.96
CA ASN C 1 -22.88 13.91 -86.85
C ASN C 1 -21.69 14.63 -86.24
N SER C 2 -21.96 15.72 -85.51
CA SER C 2 -20.92 16.49 -84.86
C SER C 2 -21.23 16.71 -83.38
N ILE C 3 -20.41 16.14 -82.51
CA ILE C 3 -20.61 16.28 -81.08
C ILE C 3 -19.85 17.47 -80.52
N GLN C 4 -20.53 18.32 -79.76
CA GLN C 4 -19.91 19.51 -79.21
C GLN C 4 -19.62 19.36 -77.72
N ILE C 5 -18.34 19.39 -77.37
CA ILE C 5 -17.95 19.28 -75.97
C ILE C 5 -17.12 20.48 -75.54
N GLY C 6 -17.33 20.91 -74.30
CA GLY C 6 -16.61 22.04 -73.75
C GLY C 6 -15.32 21.63 -73.05
N GLY C 7 -14.32 22.50 -73.04
CA GLY C 7 -13.14 22.21 -72.25
C GLY C 7 -12.48 23.41 -71.61
N LEU C 8 -11.94 23.17 -70.41
CA LEU C 8 -11.27 24.19 -69.61
C LEU C 8 -9.79 23.86 -69.40
N PHE C 9 -8.88 24.69 -69.91
CA PHE C 9 -7.48 24.43 -69.64
C PHE C 9 -6.81 25.57 -68.88
N PRO C 10 -6.41 25.31 -67.64
CA PRO C 10 -5.67 26.23 -66.77
C PRO C 10 -4.36 26.66 -67.39
N ARG C 11 -3.89 27.86 -67.08
CA ARG C 11 -2.58 28.30 -67.55
C ARG C 11 -1.53 27.30 -67.08
N GLY C 12 -0.73 26.80 -68.02
CA GLY C 12 0.25 25.78 -67.68
C GLY C 12 -0.15 24.39 -68.12
N ALA C 13 -1.27 24.31 -68.83
CA ALA C 13 -1.84 23.04 -69.30
C ALA C 13 -1.25 22.59 -70.64
N ASP C 14 -0.19 23.25 -71.09
CA ASP C 14 0.36 23.08 -72.43
C ASP C 14 0.42 21.63 -72.91
N GLN C 15 1.23 20.81 -72.24
CA GLN C 15 1.32 19.38 -72.57
C GLN C 15 -0.02 18.66 -72.43
N GLU C 16 -0.80 19.01 -71.42
CA GLU C 16 -2.12 18.42 -71.22
C GLU C 16 -3.02 18.64 -72.43
N TYR C 17 -3.17 19.89 -72.83
CA TYR C 17 -3.97 20.23 -74.01
C TYR C 17 -3.41 19.60 -75.27
N SER C 18 -2.09 19.48 -75.34
CA SER C 18 -1.44 18.82 -76.46
C SER C 18 -1.89 17.36 -76.56
N ALA C 19 -1.78 16.65 -75.44
CA ALA C 19 -2.24 15.26 -75.36
C ALA C 19 -3.74 15.16 -75.58
N PHE C 20 -4.46 16.24 -75.29
CA PHE C 20 -5.89 16.29 -75.54
C PHE C 20 -6.17 16.26 -77.02
N ARG C 21 -5.43 17.09 -77.75
CA ARG C 21 -5.56 17.21 -79.20
C ARG C 21 -5.09 15.94 -79.91
N VAL C 22 -4.01 15.36 -79.38
CA VAL C 22 -3.49 14.10 -79.89
C VAL C 22 -4.52 12.99 -79.67
N GLY C 23 -5.19 13.03 -78.52
CA GLY C 23 -6.27 12.10 -78.24
C GLY C 23 -7.45 12.34 -79.16
N MET C 24 -7.65 13.60 -79.55
CA MET C 24 -8.70 13.96 -80.49
C MET C 24 -8.46 13.29 -81.83
N VAL C 25 -7.21 13.34 -82.30
CA VAL C 25 -6.88 12.70 -83.58
C VAL C 25 -6.87 11.16 -83.49
N GLN C 26 -6.27 10.64 -82.43
CA GLN C 26 -6.11 9.19 -82.24
C GLN C 26 -7.43 8.45 -82.10
N PHE C 27 -8.34 9.04 -81.33
CA PHE C 27 -9.63 8.42 -81.02
C PHE C 27 -10.75 8.87 -81.94
N SER C 28 -10.39 9.51 -83.06
CA SER C 28 -11.40 10.09 -83.93
C SER C 28 -11.93 9.07 -84.93
N THR C 29 -13.22 8.78 -84.81
CA THR C 29 -13.89 7.85 -85.72
C THR C 29 -14.38 8.60 -86.95
N SER C 30 -14.60 7.86 -88.04
CA SER C 30 -15.06 8.46 -89.29
C SER C 30 -16.51 8.95 -89.23
N GLU C 31 -17.34 8.25 -88.47
CA GLU C 31 -18.77 8.58 -88.40
C GLU C 31 -19.04 9.96 -87.78
N PHE C 32 -18.29 10.31 -86.73
CA PHE C 32 -18.48 11.61 -86.09
C PHE C 32 -17.22 12.08 -85.39
N ARG C 33 -17.06 13.40 -85.34
CA ARG C 33 -15.92 13.99 -84.66
C ARG C 33 -16.38 14.99 -83.59
N LEU C 34 -15.70 14.97 -82.45
CA LEU C 34 -15.99 15.88 -81.35
C LEU C 34 -15.60 17.31 -81.70
N THR C 35 -16.32 18.27 -81.14
CA THR C 35 -16.05 19.69 -81.40
C THR C 35 -15.65 20.39 -80.11
N PRO C 36 -14.36 20.36 -79.78
CA PRO C 36 -13.86 20.97 -78.55
C PRO C 36 -14.00 22.48 -78.60
N HIS C 37 -14.54 23.07 -77.54
CA HIS C 37 -14.48 24.51 -77.38
C HIS C 37 -13.59 24.79 -76.17
N ILE C 38 -12.37 25.25 -76.45
CA ILE C 38 -11.37 25.42 -75.40
C ILE C 38 -11.45 26.81 -74.76
N ASP C 39 -11.32 26.84 -73.43
CA ASP C 39 -11.24 28.08 -72.69
C ASP C 39 -10.08 28.07 -71.70
N ASN C 40 -9.11 28.94 -71.91
CA ASN C 40 -8.01 29.09 -70.97
C ASN C 40 -8.38 30.09 -69.88
N LEU C 41 -8.19 29.68 -68.62
CA LEU C 41 -8.58 30.51 -67.49
C LEU C 41 -7.80 30.18 -66.23
N GLU C 42 -7.91 31.04 -65.23
CA GLU C 42 -7.28 30.77 -63.95
C GLU C 42 -8.27 29.96 -63.12
N VAL C 43 -7.90 28.71 -62.88
CA VAL C 43 -8.82 27.74 -62.32
C VAL C 43 -9.02 27.95 -60.82
N ALA C 44 -8.02 28.55 -60.19
CA ALA C 44 -8.10 28.84 -58.75
C ALA C 44 -9.17 29.89 -58.46
N ASN C 45 -9.59 30.61 -59.49
CA ASN C 45 -10.62 31.64 -59.32
C ASN C 45 -12.00 31.07 -59.57
N SER C 46 -12.82 31.07 -58.53
CA SER C 46 -14.17 30.51 -58.60
C SER C 46 -15.06 31.23 -59.61
N PHE C 47 -15.07 32.56 -59.58
CA PHE C 47 -15.90 33.37 -60.48
C PHE C 47 -15.54 33.05 -61.94
N ALA C 48 -14.25 33.05 -62.26
CA ALA C 48 -13.80 32.79 -63.62
C ALA C 48 -14.28 31.42 -64.10
N VAL C 49 -14.19 30.44 -63.22
CA VAL C 49 -14.62 29.07 -63.54
C VAL C 49 -16.13 29.02 -63.76
N THR C 50 -16.88 29.65 -62.87
CA THR C 50 -18.34 29.78 -63.02
C THR C 50 -18.69 30.34 -64.40
N ASN C 51 -18.02 31.44 -64.75
CA ASN C 51 -18.30 32.15 -65.98
C ASN C 51 -17.96 31.32 -67.22
N ALA C 52 -16.84 30.62 -67.17
CA ALA C 52 -16.43 29.77 -68.28
C ALA C 52 -17.38 28.59 -68.44
N PHE C 53 -17.76 28.00 -67.31
CA PHE C 53 -18.67 26.86 -67.31
C PHE C 53 -20.01 27.24 -67.89
N CYS C 54 -20.54 28.40 -67.49
CA CYS C 54 -21.80 28.87 -68.03
C CYS C 54 -21.68 29.23 -69.51
N SER C 55 -20.50 29.73 -69.89
CA SER C 55 -20.22 30.04 -71.29
C SER C 55 -20.27 28.79 -72.14
N GLN C 56 -19.74 27.69 -71.60
CA GLN C 56 -19.77 26.41 -72.30
C GLN C 56 -21.18 25.85 -72.34
N PHE C 57 -21.86 25.94 -71.20
CA PHE C 57 -23.22 25.41 -71.02
C PHE C 57 -24.21 26.05 -72.00
N SER C 58 -24.21 27.37 -72.04
CA SER C 58 -25.12 28.12 -72.89
C SER C 58 -24.87 27.85 -74.37
N ARG C 59 -23.67 27.38 -74.69
CA ARG C 59 -23.33 27.01 -76.06
C ARG C 59 -23.89 25.64 -76.43
N GLY C 60 -24.47 24.96 -75.44
CA GLY C 60 -25.13 23.69 -75.67
C GLY C 60 -24.19 22.52 -75.86
N VAL C 61 -23.20 22.41 -74.98
CA VAL C 61 -22.25 21.30 -75.04
C VAL C 61 -22.86 20.06 -74.37
N TYR C 62 -22.56 18.89 -74.92
CA TYR C 62 -23.10 17.64 -74.38
C TYR C 62 -22.34 17.22 -73.13
N ALA C 63 -21.05 17.54 -73.07
CA ALA C 63 -20.22 17.22 -71.91
C ALA C 63 -19.04 18.17 -71.81
N ILE C 64 -18.51 18.30 -70.60
CA ILE C 64 -17.39 19.22 -70.37
C ILE C 64 -16.20 18.50 -69.74
N PHE C 65 -15.01 18.82 -70.22
CA PHE C 65 -13.76 18.30 -69.67
C PHE C 65 -12.93 19.45 -69.16
N GLY C 66 -12.38 19.33 -67.96
CA GLY C 66 -11.65 20.44 -67.38
C GLY C 66 -10.83 20.09 -66.17
N PHE C 67 -10.43 21.12 -65.42
CA PHE C 67 -9.67 20.93 -64.20
C PHE C 67 -10.30 21.80 -63.11
N TYR C 68 -9.93 21.54 -61.86
CA TYR C 68 -10.41 22.36 -60.76
C TYR C 68 -9.38 22.44 -59.64
N ASP C 69 -9.42 23.54 -58.90
CA ASP C 69 -8.56 23.75 -57.74
C ASP C 69 -9.33 23.33 -56.49
N LYS C 70 -8.67 23.38 -55.34
CA LYS C 70 -9.33 23.11 -54.06
C LYS C 70 -10.38 24.18 -53.79
N LYS C 71 -10.31 25.26 -54.56
CA LYS C 71 -11.21 26.39 -54.44
C LYS C 71 -12.43 26.21 -55.36
N SER C 72 -12.17 26.09 -56.66
CA SER C 72 -13.22 26.04 -57.67
C SER C 72 -13.99 24.73 -57.70
N VAL C 73 -13.43 23.68 -57.10
CA VAL C 73 -14.00 22.34 -57.20
C VAL C 73 -15.49 22.29 -56.84
N ASN C 74 -15.85 22.89 -55.70
CA ASN C 74 -17.25 22.91 -55.27
C ASN C 74 -18.16 23.59 -56.29
N THR C 75 -17.62 24.61 -56.96
CA THR C 75 -18.36 25.30 -58.00
C THR C 75 -18.69 24.31 -59.14
N ILE C 76 -17.70 23.54 -59.55
CA ILE C 76 -17.86 22.55 -60.62
C ILE C 76 -18.88 21.47 -60.24
N THR C 77 -18.67 20.84 -59.08
CA THR C 77 -19.56 19.78 -58.61
C THR C 77 -21.00 20.27 -58.48
N SER C 78 -21.18 21.46 -57.90
CA SER C 78 -22.50 22.05 -57.69
C SER C 78 -23.22 22.43 -58.97
N PHE C 79 -22.50 23.08 -59.88
CA PHE C 79 -23.10 23.53 -61.12
C PHE C 79 -23.43 22.33 -62.02
N CYS C 80 -22.57 21.31 -62.02
CA CYS C 80 -22.86 20.09 -62.76
C CYS C 80 -24.06 19.35 -62.15
N GLY C 81 -24.08 19.27 -60.83
CA GLY C 81 -25.13 18.58 -60.10
C GLY C 81 -26.49 19.24 -60.28
N THR C 82 -26.52 20.56 -60.37
CA THR C 82 -27.78 21.27 -60.56
C THR C 82 -28.21 21.24 -62.02
N LEU C 83 -27.26 21.45 -62.92
CA LEU C 83 -27.57 21.52 -64.35
C LEU C 83 -27.43 20.17 -65.07
N HIS C 84 -27.10 19.12 -64.32
CA HIS C 84 -26.99 17.76 -64.88
C HIS C 84 -26.07 17.70 -66.09
N VAL C 85 -24.91 18.35 -65.97
CA VAL C 85 -23.91 18.38 -67.03
C VAL C 85 -22.68 17.57 -66.64
N SER C 86 -22.33 16.61 -67.49
CA SER C 86 -21.19 15.73 -67.22
C SER C 86 -19.84 16.47 -67.21
N PHE C 87 -18.99 16.10 -66.26
CA PHE C 87 -17.68 16.74 -66.11
C PHE C 87 -16.56 15.69 -65.95
N ILE C 88 -15.65 15.68 -66.91
CA ILE C 88 -14.48 14.79 -66.89
C ILE C 88 -13.25 15.58 -66.44
N THR C 89 -12.33 14.93 -65.74
CA THR C 89 -11.16 15.63 -65.19
C THR C 89 -10.11 14.75 -64.52
N PRO C 90 -8.83 15.03 -64.82
CA PRO C 90 -7.63 14.44 -64.22
C PRO C 90 -7.36 14.94 -62.81
N SER C 91 -8.02 16.02 -62.43
CA SER C 91 -7.77 16.67 -61.14
C SER C 91 -8.13 15.74 -59.98
N PHE C 92 -7.61 16.07 -58.80
CA PHE C 92 -7.71 15.21 -57.62
C PHE C 92 -9.14 14.73 -57.33
N PRO C 93 -9.27 13.49 -56.83
CA PRO C 93 -10.57 12.90 -56.50
C PRO C 93 -11.32 13.71 -55.46
N THR C 94 -12.63 13.61 -55.47
CA THR C 94 -13.48 14.35 -54.55
C THR C 94 -13.86 13.53 -53.33
N ASP C 95 -13.97 14.19 -52.19
CA ASP C 95 -14.34 13.53 -50.95
C ASP C 95 -15.85 13.36 -50.92
N GLY C 96 -16.30 12.11 -50.83
CA GLY C 96 -17.73 11.83 -50.82
C GLY C 96 -18.24 11.49 -52.20
N THR C 97 -19.56 11.42 -52.34
CA THR C 97 -20.19 11.05 -53.60
C THR C 97 -20.74 12.27 -54.35
N HIS C 98 -20.09 12.61 -55.45
CA HIS C 98 -20.49 13.76 -56.26
C HIS C 98 -20.91 13.32 -57.67
N PRO C 99 -22.19 13.50 -58.00
CA PRO C 99 -22.77 13.09 -59.29
C PRO C 99 -22.34 13.98 -60.45
N PHE C 100 -22.39 13.43 -61.67
CA PHE C 100 -22.04 14.15 -62.89
C PHE C 100 -20.59 14.59 -62.89
N VAL C 101 -19.74 13.81 -62.23
CA VAL C 101 -18.31 14.04 -62.24
C VAL C 101 -17.57 12.74 -62.53
N ILE C 102 -16.67 12.78 -63.51
CA ILE C 102 -15.86 11.63 -63.83
C ILE C 102 -14.41 11.93 -63.47
N GLN C 103 -13.92 11.32 -62.41
CA GLN C 103 -12.56 11.60 -61.96
C GLN C 103 -11.59 10.60 -62.53
N MET C 104 -10.76 11.07 -63.46
CA MET C 104 -9.78 10.22 -64.14
C MET C 104 -8.69 9.76 -63.18
N ARG C 105 -8.42 10.56 -62.15
CA ARG C 105 -7.36 10.23 -61.22
C ARG C 105 -7.82 9.15 -60.23
N PRO C 106 -7.04 8.07 -60.11
CA PRO C 106 -7.28 7.03 -59.11
C PRO C 106 -6.99 7.54 -57.70
N ASP C 107 -7.63 6.95 -56.69
CA ASP C 107 -7.40 7.38 -55.32
C ASP C 107 -6.11 6.76 -54.78
N LEU C 108 -5.23 7.61 -54.25
CA LEU C 108 -3.91 7.16 -53.82
C LEU C 108 -3.83 6.76 -52.34
N LYS C 109 -4.86 7.10 -51.56
CA LYS C 109 -4.83 6.89 -50.11
C LYS C 109 -4.45 5.45 -49.72
N GLY C 110 -5.20 4.49 -50.25
CA GLY C 110 -4.98 3.08 -49.94
C GLY C 110 -3.57 2.63 -50.29
N ALA C 111 -3.14 2.95 -51.49
CA ALA C 111 -1.79 2.61 -51.96
C ALA C 111 -0.73 3.13 -51.00
N LEU C 112 -0.85 4.41 -50.65
CA LEU C 112 0.09 5.05 -49.73
C LEU C 112 0.13 4.33 -48.38
N LEU C 113 -1.03 4.19 -47.75
CA LEU C 113 -1.11 3.55 -46.43
C LEU C 113 -0.53 2.14 -46.45
N SER C 114 -0.87 1.38 -47.49
CA SER C 114 -0.35 0.03 -47.64
C SER C 114 1.16 0.05 -47.80
N LEU C 115 1.67 1.08 -48.46
CA LEU C 115 3.12 1.22 -48.60
C LEU C 115 3.76 1.52 -47.26
N ILE C 116 3.11 2.37 -46.47
CA ILE C 116 3.60 2.70 -45.13
C ILE C 116 3.68 1.47 -44.24
N GLU C 117 2.65 0.64 -44.28
CA GLU C 117 2.67 -0.59 -43.49
C GLU C 117 3.68 -1.60 -44.04
N TYR C 118 3.85 -1.62 -45.36
CA TYR C 118 4.77 -2.57 -45.99
C TYR C 118 6.21 -2.32 -45.53
N TYR C 119 6.62 -1.06 -45.53
CA TYR C 119 7.96 -0.70 -45.06
C TYR C 119 8.05 -0.79 -43.54
N GLN C 120 6.90 -1.01 -42.91
CA GLN C 120 6.81 -1.10 -41.45
C GLN C 120 7.31 0.18 -40.79
N TRP C 121 6.57 1.27 -40.98
CA TRP C 121 6.94 2.55 -40.37
C TRP C 121 6.13 2.80 -39.11
N ASP C 122 6.80 2.72 -37.96
CA ASP C 122 6.13 2.98 -36.69
C ASP C 122 6.06 4.47 -36.38
N LYS C 123 7.05 5.22 -36.85
CA LYS C 123 7.13 6.66 -36.60
C LYS C 123 7.72 7.38 -37.79
N PHE C 124 7.12 8.49 -38.20
CA PHE C 124 7.61 9.25 -39.33
C PHE C 124 7.08 10.67 -39.38
N ALA C 125 7.54 11.41 -40.38
CA ALA C 125 7.11 12.78 -40.60
C ALA C 125 6.32 12.87 -41.88
N TYR C 126 5.39 13.82 -41.92
CA TYR C 126 4.52 13.98 -43.07
C TYR C 126 4.49 15.45 -43.49
N LEU C 127 5.00 15.71 -44.69
CA LEU C 127 5.06 17.07 -45.19
C LEU C 127 3.96 17.28 -46.20
N TYR C 128 2.94 18.03 -45.82
CA TYR C 128 1.83 18.26 -46.73
C TYR C 128 1.72 19.74 -47.10
N ASP C 129 0.78 20.03 -47.97
CA ASP C 129 0.38 21.39 -48.32
C ASP C 129 -1.12 21.35 -48.50
N SER C 130 -1.77 22.50 -48.65
CA SER C 130 -3.21 22.41 -48.88
C SER C 130 -3.45 22.91 -50.29
N ASP C 131 -3.53 21.94 -51.20
CA ASP C 131 -3.67 22.17 -52.62
C ASP C 131 -4.68 21.18 -53.16
N ARG C 132 -4.30 19.91 -53.07
CA ARG C 132 -5.10 18.79 -53.54
C ARG C 132 -6.04 18.31 -52.44
N GLY C 133 -6.03 19.04 -51.32
CA GLY C 133 -6.89 18.74 -50.19
C GLY C 133 -6.22 17.94 -49.09
N LEU C 134 -6.83 17.98 -47.91
CA LEU C 134 -6.28 17.35 -46.72
C LEU C 134 -6.80 15.93 -46.50
N SER C 135 -7.54 15.42 -47.48
CA SER C 135 -8.10 14.08 -47.42
C SER C 135 -7.04 13.03 -47.08
N THR C 136 -5.89 13.11 -47.77
CA THR C 136 -4.78 12.22 -47.51
C THR C 136 -4.26 12.40 -46.09
N LEU C 137 -4.22 13.65 -45.62
CA LEU C 137 -3.80 13.94 -44.26
C LEU C 137 -4.75 13.32 -43.22
N GLN C 138 -6.06 13.49 -43.40
CA GLN C 138 -7.04 12.89 -42.51
C GLN C 138 -6.91 11.38 -42.53
N ALA C 139 -6.67 10.83 -43.72
CA ALA C 139 -6.54 9.38 -43.87
C ALA C 139 -5.34 8.85 -43.10
N VAL C 140 -4.17 9.43 -43.34
CA VAL C 140 -2.94 8.98 -42.67
C VAL C 140 -2.99 9.24 -41.17
N LEU C 141 -3.71 10.28 -40.75
CA LEU C 141 -3.85 10.57 -39.33
C LEU C 141 -4.73 9.54 -38.64
N ASP C 142 -5.86 9.23 -39.26
CA ASP C 142 -6.76 8.20 -38.73
C ASP C 142 -6.05 6.85 -38.68
N SER C 143 -5.43 6.48 -39.79
CA SER C 143 -4.72 5.21 -39.89
C SER C 143 -3.55 5.15 -38.90
N ALA C 144 -2.97 6.30 -38.60
CA ALA C 144 -1.91 6.37 -37.60
C ALA C 144 -2.50 6.14 -36.21
N ALA C 145 -3.68 6.70 -35.97
CA ALA C 145 -4.36 6.52 -34.70
C ALA C 145 -4.71 5.06 -34.46
N GLU C 146 -5.16 4.38 -35.52
CA GLU C 146 -5.48 2.96 -35.41
C GLU C 146 -4.22 2.09 -35.28
N LYS C 147 -3.22 2.32 -36.13
CA LYS C 147 -2.03 1.48 -36.15
C LYS C 147 -0.95 1.96 -35.19
N LYS C 148 -1.30 2.98 -34.40
CA LYS C 148 -0.44 3.47 -33.33
C LYS C 148 0.86 4.09 -33.84
N TRP C 149 0.81 4.69 -35.02
CA TRP C 149 1.93 5.46 -35.55
C TRP C 149 2.06 6.79 -34.83
N GLN C 150 3.28 7.28 -34.68
CA GLN C 150 3.47 8.63 -34.17
C GLN C 150 3.76 9.53 -35.35
N VAL C 151 2.76 10.30 -35.78
CA VAL C 151 2.90 11.16 -36.95
C VAL C 151 3.06 12.60 -36.56
N THR C 152 4.00 13.29 -37.20
CA THR C 152 4.14 14.72 -37.04
C THR C 152 3.74 15.41 -38.34
N ALA C 153 2.56 16.01 -38.34
CA ALA C 153 2.04 16.66 -39.53
C ALA C 153 2.47 18.11 -39.59
N ILE C 154 3.14 18.49 -40.67
CA ILE C 154 3.57 19.87 -40.83
C ILE C 154 3.30 20.38 -42.25
N ASN C 155 2.52 21.45 -42.33
CA ASN C 155 2.16 22.07 -43.60
C ASN C 155 3.28 22.93 -44.15
N VAL C 156 3.77 22.59 -45.34
CA VAL C 156 4.87 23.32 -45.96
C VAL C 156 4.36 24.36 -46.97
N GLY C 157 3.04 24.45 -47.08
CA GLY C 157 2.38 25.36 -48.02
C GLY C 157 2.11 26.76 -47.50
N ASN C 158 2.07 26.89 -46.18
CA ASN C 158 1.76 28.17 -45.52
C ASN C 158 2.94 29.06 -45.16
N ILE C 159 4.13 28.70 -45.62
CA ILE C 159 5.35 29.43 -45.28
C ILE C 159 5.79 30.33 -46.43
N ASN C 160 5.99 31.62 -46.13
CA ASN C 160 6.32 32.62 -47.15
C ASN C 160 7.55 32.24 -47.95
N ASN C 161 7.54 32.55 -49.24
CA ASN C 161 8.63 32.21 -50.15
C ASN C 161 9.93 32.93 -49.83
N ASP C 162 9.83 34.13 -49.28
CA ASP C 162 11.00 34.91 -48.92
C ASP C 162 11.77 34.23 -47.78
N LYS C 163 11.05 33.85 -46.75
CA LYS C 163 11.65 33.27 -45.56
C LYS C 163 11.64 31.73 -45.62
N LYS C 164 11.21 31.19 -46.76
CA LYS C 164 10.99 29.75 -46.91
C LYS C 164 12.26 28.95 -46.65
N ASP C 165 13.36 29.41 -47.23
CA ASP C 165 14.65 28.73 -47.11
C ASP C 165 15.09 28.57 -45.66
N GLU C 166 15.13 29.68 -44.93
CA GLU C 166 15.57 29.68 -43.54
C GLU C 166 14.68 28.81 -42.66
N THR C 167 13.37 28.93 -42.86
CA THR C 167 12.42 28.14 -42.09
C THR C 167 12.61 26.65 -42.38
N TYR C 168 12.87 26.33 -43.65
CA TYR C 168 13.13 24.96 -44.06
C TYR C 168 14.37 24.42 -43.37
N ARG C 169 15.45 25.20 -43.37
CA ARG C 169 16.68 24.82 -42.69
C ARG C 169 16.45 24.59 -41.20
N SER C 170 15.61 25.44 -40.60
CA SER C 170 15.26 25.30 -39.18
C SER C 170 14.54 23.98 -38.92
N LEU C 171 13.47 23.75 -39.65
CA LEU C 171 12.66 22.55 -39.48
C LEU C 171 13.48 21.28 -39.71
N PHE C 172 14.34 21.32 -40.72
CA PHE C 172 15.22 20.19 -41.02
C PHE C 172 16.26 20.00 -39.92
N GLN C 173 16.65 21.10 -39.27
CA GLN C 173 17.51 21.00 -38.09
C GLN C 173 16.77 20.25 -36.99
N ASP C 174 15.51 20.62 -36.76
CA ASP C 174 14.70 19.93 -35.76
C ASP C 174 14.58 18.45 -36.08
N LEU C 175 14.48 18.15 -37.38
CA LEU C 175 14.43 16.77 -37.85
C LEU C 175 15.72 16.02 -37.55
N GLU C 176 16.86 16.67 -37.78
CA GLU C 176 18.15 16.06 -37.48
C GLU C 176 18.37 15.80 -36.00
N LEU C 177 18.00 16.77 -35.16
CA LEU C 177 18.15 16.61 -33.72
C LEU C 177 17.20 15.53 -33.20
N LYS C 178 16.01 15.46 -33.79
CA LYS C 178 15.04 14.45 -33.40
C LYS C 178 15.42 13.05 -33.90
N GLY C 179 16.38 12.97 -34.81
CA GLY C 179 16.80 11.68 -35.32
C GLY C 179 15.70 11.02 -36.12
N GLU C 180 14.91 11.83 -36.81
CA GLU C 180 13.79 11.34 -37.61
C GLU C 180 14.22 11.06 -39.04
N ARG C 181 14.26 9.78 -39.38
CA ARG C 181 14.69 9.34 -40.70
C ARG C 181 13.59 9.36 -41.76
N ARG C 182 12.50 8.63 -41.49
CA ARG C 182 11.43 8.44 -42.45
C ARG C 182 10.54 9.66 -42.70
N VAL C 183 10.36 10.00 -43.97
CA VAL C 183 9.61 11.19 -44.39
C VAL C 183 8.68 10.89 -45.57
N ILE C 184 7.51 11.53 -45.58
CA ILE C 184 6.57 11.47 -46.69
C ILE C 184 6.35 12.86 -47.29
N LEU C 185 6.65 13.02 -48.57
CA LEU C 185 6.41 14.28 -49.26
C LEU C 185 5.04 14.24 -49.93
N ASP C 186 4.11 15.03 -49.42
CA ASP C 186 2.81 15.15 -50.06
C ASP C 186 2.69 16.57 -50.59
N CYS C 187 2.84 16.72 -51.90
CA CYS C 187 2.93 18.04 -52.54
C CYS C 187 2.69 17.94 -54.04
N GLU C 188 2.65 19.10 -54.69
CA GLU C 188 2.61 19.15 -56.15
C GLU C 188 3.95 18.69 -56.69
N ARG C 189 3.96 18.20 -57.92
CA ARG C 189 5.17 17.74 -58.59
C ARG C 189 6.31 18.78 -58.55
N ASP C 190 5.98 20.00 -58.94
CA ASP C 190 6.93 21.11 -58.95
C ASP C 190 7.37 21.44 -57.52
N LYS C 191 6.39 21.58 -56.64
CA LYS C 191 6.64 21.83 -55.22
C LYS C 191 7.57 20.77 -54.65
N VAL C 192 7.35 19.52 -55.05
CA VAL C 192 8.23 18.42 -54.67
C VAL C 192 9.64 18.74 -55.16
N ASN C 193 9.79 19.11 -56.42
CA ASN C 193 11.10 19.52 -56.94
C ASN C 193 11.80 20.58 -56.08
N ASP C 194 11.06 21.62 -55.71
CA ASP C 194 11.59 22.66 -54.83
C ASP C 194 12.10 22.09 -53.50
N ILE C 195 11.22 21.35 -52.82
CA ILE C 195 11.57 20.77 -51.52
C ILE C 195 12.80 19.88 -51.64
N VAL C 196 12.88 19.09 -52.70
CA VAL C 196 14.04 18.24 -52.96
C VAL C 196 15.30 19.08 -53.11
N ASP C 197 15.20 20.19 -53.84
CA ASP C 197 16.32 21.12 -53.97
C ASP C 197 16.80 21.57 -52.59
N GLN C 198 15.85 21.95 -51.75
CA GLN C 198 16.18 22.39 -50.39
C GLN C 198 16.79 21.26 -49.57
N VAL C 199 16.39 20.03 -49.87
CA VAL C 199 16.92 18.85 -49.19
C VAL C 199 18.38 18.58 -49.55
N ILE C 200 18.69 18.63 -50.85
CA ILE C 200 20.04 18.37 -51.31
C ILE C 200 20.99 19.50 -50.93
N THR C 201 20.50 20.73 -51.01
CA THR C 201 21.32 21.91 -50.69
C THR C 201 21.86 21.85 -49.25
N ILE C 202 21.00 21.46 -48.31
CA ILE C 202 21.40 21.37 -46.91
C ILE C 202 21.91 19.95 -46.61
N GLY C 203 21.96 19.13 -47.66
CA GLY C 203 22.50 17.78 -47.56
C GLY C 203 21.68 16.86 -46.67
N LYS C 204 20.37 16.85 -46.89
CA LYS C 204 19.48 15.95 -46.17
C LYS C 204 19.18 14.69 -46.97
N HIS C 205 19.80 14.56 -48.14
CA HIS C 205 19.57 13.42 -49.02
C HIS C 205 20.58 12.30 -48.78
N VAL C 206 21.39 12.45 -47.74
CA VAL C 206 22.40 11.45 -47.41
C VAL C 206 21.74 10.16 -46.91
N LYS C 207 22.54 9.09 -46.87
CA LYS C 207 22.07 7.76 -46.48
C LYS C 207 21.42 7.76 -45.09
N GLY C 208 20.40 6.91 -44.94
CA GLY C 208 19.67 6.81 -43.69
C GLY C 208 18.29 7.44 -43.80
N TYR C 209 18.11 8.28 -44.81
CA TYR C 209 16.83 8.91 -45.05
C TYR C 209 15.98 8.11 -46.03
N HIS C 210 14.67 8.10 -45.78
CA HIS C 210 13.73 7.42 -46.65
C HIS C 210 12.61 8.38 -47.01
N TYR C 211 12.41 8.60 -48.30
CA TYR C 211 11.37 9.51 -48.77
C TYR C 211 10.27 8.75 -49.50
N ILE C 212 9.03 9.13 -49.24
CA ILE C 212 7.93 8.60 -50.04
C ILE C 212 7.24 9.76 -50.73
N ILE C 213 7.35 9.81 -52.05
CA ILE C 213 6.68 10.86 -52.80
C ILE C 213 5.24 10.44 -53.07
N ALA C 214 4.29 11.21 -52.54
CA ALA C 214 2.89 10.87 -52.73
C ALA C 214 2.32 11.68 -53.88
N ASN C 215 2.22 11.02 -55.01
CA ASN C 215 1.62 11.51 -56.24
C ASN C 215 1.81 10.43 -57.28
N LEU C 216 1.05 10.50 -58.36
CA LEU C 216 1.11 9.48 -59.38
C LEU C 216 2.24 9.76 -60.38
N GLY C 217 2.89 10.90 -60.19
CA GLY C 217 3.94 11.39 -61.08
C GLY C 217 5.39 11.06 -60.75
N PHE C 218 5.63 10.03 -59.96
CA PHE C 218 6.98 9.71 -59.46
C PHE C 218 8.08 9.75 -60.52
N THR C 219 7.81 9.22 -61.71
CA THR C 219 8.80 9.27 -62.79
C THR C 219 8.61 10.44 -63.74
N ASP C 220 7.51 11.17 -63.58
CA ASP C 220 7.21 12.29 -64.48
C ASP C 220 8.12 13.48 -64.21
N GLY C 221 8.64 13.55 -62.99
CA GLY C 221 9.54 14.62 -62.57
C GLY C 221 10.99 14.21 -62.72
N ASP C 222 11.90 15.10 -62.31
CA ASP C 222 13.33 14.82 -62.43
C ASP C 222 13.83 14.12 -61.19
N LEU C 223 14.20 12.85 -61.33
CA LEU C 223 14.69 12.07 -60.21
C LEU C 223 16.21 11.94 -60.14
N LEU C 224 16.91 12.44 -61.15
CA LEU C 224 18.36 12.24 -61.21
C LEU C 224 19.15 12.98 -60.13
N LYS C 225 18.65 14.13 -59.69
CA LYS C 225 19.37 14.92 -58.70
C LYS C 225 19.42 14.22 -57.34
N ILE C 226 18.31 13.62 -56.93
CA ILE C 226 18.25 12.93 -55.65
C ILE C 226 18.58 11.43 -55.80
N GLN C 227 18.69 10.96 -57.04
CA GLN C 227 18.94 9.53 -57.30
C GLN C 227 20.28 9.05 -56.76
N PHE C 228 21.28 9.91 -56.88
CA PHE C 228 22.64 9.56 -56.48
C PHE C 228 22.96 10.08 -55.08
N GLY C 229 21.96 10.69 -54.45
CA GLY C 229 22.10 11.23 -53.11
C GLY C 229 22.46 10.14 -52.11
N GLY C 230 21.88 8.96 -52.31
CA GLY C 230 22.15 7.82 -51.44
C GLY C 230 21.00 7.45 -50.54
N ALA C 231 19.99 8.31 -50.48
CA ALA C 231 18.81 8.05 -49.66
C ALA C 231 17.75 7.29 -50.44
N GLU C 232 17.09 6.36 -49.76
CA GLU C 232 16.03 5.59 -50.38
C GLU C 232 14.83 6.48 -50.71
N VAL C 233 14.25 6.25 -51.88
CA VAL C 233 13.08 7.01 -52.34
C VAL C 233 12.06 6.06 -52.97
N SER C 234 10.79 6.22 -52.63
CA SER C 234 9.74 5.36 -53.18
C SER C 234 8.59 6.22 -53.71
N GLY C 235 7.92 5.73 -54.75
CA GLY C 235 6.84 6.50 -55.36
C GLY C 235 5.77 5.68 -56.01
N PHE C 236 4.83 6.36 -56.67
CA PHE C 236 3.73 5.68 -57.35
C PHE C 236 3.66 6.06 -58.83
N GLN C 237 3.36 5.06 -59.66
CA GLN C 237 3.26 5.24 -61.10
C GLN C 237 1.95 4.69 -61.69
N ILE C 238 1.19 5.56 -62.33
CA ILE C 238 -0.03 5.15 -63.01
C ILE C 238 0.25 4.62 -64.42
N VAL C 239 1.27 5.15 -65.08
CA VAL C 239 1.57 4.77 -66.45
C VAL C 239 2.92 4.06 -66.62
N ASP C 240 2.87 2.77 -66.91
CA ASP C 240 4.08 1.99 -67.15
C ASP C 240 4.48 2.12 -68.63
N TYR C 241 5.71 2.55 -68.88
CA TYR C 241 6.15 2.83 -70.25
C TYR C 241 6.59 1.58 -71.02
N ASP C 242 6.54 0.42 -70.38
CA ASP C 242 6.88 -0.83 -71.04
C ASP C 242 5.68 -1.49 -71.72
N ASP C 243 4.48 -0.99 -71.44
CA ASP C 243 3.28 -1.50 -72.10
C ASP C 243 3.32 -1.11 -73.57
N SER C 244 2.93 -2.04 -74.44
CA SER C 244 2.97 -1.82 -75.88
C SER C 244 2.15 -0.59 -76.28
N LEU C 245 1.03 -0.40 -75.58
CA LEU C 245 0.16 0.74 -75.82
C LEU C 245 0.90 2.04 -75.54
N VAL C 246 1.52 2.10 -74.37
CA VAL C 246 2.24 3.30 -73.95
C VAL C 246 3.53 3.49 -74.75
N SER C 247 4.24 2.40 -75.00
CA SER C 247 5.47 2.44 -75.78
C SER C 247 5.22 3.01 -77.17
N LYS C 248 4.20 2.46 -77.84
CA LYS C 248 3.84 2.93 -79.17
C LYS C 248 3.30 4.35 -79.11
N PHE C 249 2.66 4.68 -78.00
CA PHE C 249 2.16 6.03 -77.82
C PHE C 249 3.30 7.03 -77.82
N ILE C 250 4.32 6.76 -77.00
CA ILE C 250 5.52 7.59 -76.96
C ILE C 250 6.18 7.61 -78.35
N GLU C 251 6.14 6.47 -79.04
CA GLU C 251 6.68 6.38 -80.39
C GLU C 251 6.05 7.41 -81.31
N ARG C 252 4.73 7.57 -81.24
CA ARG C 252 4.02 8.56 -82.04
C ARG C 252 4.15 9.99 -81.48
N TRP C 253 4.30 10.07 -80.16
CA TRP C 253 4.30 11.33 -79.43
C TRP C 253 5.62 12.09 -79.53
N SER C 254 6.72 11.36 -79.45
CA SER C 254 8.06 11.94 -79.48
C SER C 254 8.45 12.43 -80.87
N THR C 255 7.69 11.99 -81.87
CA THR C 255 7.92 12.37 -83.26
C THR C 255 7.05 13.54 -83.70
N LEU C 256 6.48 14.27 -82.75
CA LEU C 256 5.58 15.36 -83.09
C LEU C 256 6.28 16.71 -83.08
N GLU C 257 5.82 17.60 -83.96
CA GLU C 257 6.38 18.94 -84.10
C GLU C 257 6.02 19.82 -82.91
N GLU C 258 7.03 20.44 -82.30
CA GLU C 258 6.83 21.27 -81.12
C GLU C 258 5.94 22.48 -81.44
N LYS C 259 5.95 22.89 -82.70
CA LYS C 259 5.09 23.97 -83.17
C LYS C 259 3.62 23.57 -83.08
N GLU C 260 3.31 22.39 -83.63
CA GLU C 260 1.95 21.89 -83.68
C GLU C 260 1.43 21.55 -82.30
N TYR C 261 2.14 20.65 -81.62
CA TYR C 261 1.79 20.25 -80.26
C TYR C 261 2.93 20.63 -79.32
N PRO C 262 2.71 21.65 -78.47
CA PRO C 262 3.77 22.07 -77.56
C PRO C 262 4.05 21.02 -76.49
N GLY C 263 5.33 20.84 -76.16
CA GLY C 263 5.73 19.87 -75.15
C GLY C 263 5.49 18.43 -75.56
N ALA C 264 5.24 18.22 -76.85
CA ALA C 264 4.96 16.89 -77.38
C ALA C 264 6.21 16.05 -77.63
N HIS C 265 7.31 16.71 -77.94
CA HIS C 265 8.51 16.02 -78.41
C HIS C 265 9.26 15.30 -77.29
N THR C 266 8.77 15.44 -76.06
CA THR C 266 9.40 14.80 -74.91
C THR C 266 9.41 13.28 -75.07
N ALA C 267 10.36 12.61 -74.43
CA ALA C 267 10.45 11.16 -74.48
C ALA C 267 9.43 10.52 -73.54
N THR C 268 9.04 11.25 -72.50
CA THR C 268 8.06 10.75 -71.54
C THR C 268 6.85 11.69 -71.51
N ILE C 269 5.91 11.40 -70.63
CA ILE C 269 4.71 12.22 -70.52
C ILE C 269 4.19 12.23 -69.08
N LYS C 270 3.73 13.40 -68.63
CA LYS C 270 3.18 13.54 -67.29
C LYS C 270 1.87 12.76 -67.18
N TYR C 271 1.64 12.17 -66.01
CA TYR C 271 0.47 11.33 -65.80
C TYR C 271 -0.83 12.10 -66.00
N THR C 272 -0.81 13.39 -65.67
CA THR C 272 -1.96 14.25 -65.87
C THR C 272 -2.35 14.33 -67.35
N SER C 273 -1.35 14.47 -68.21
CA SER C 273 -1.57 14.57 -69.64
C SER C 273 -2.11 13.26 -70.20
N ALA C 274 -1.51 12.16 -69.74
CA ALA C 274 -1.97 10.82 -70.11
C ALA C 274 -3.43 10.63 -69.71
N LEU C 275 -3.77 11.06 -68.50
CA LEU C 275 -5.15 11.03 -68.03
C LEU C 275 -6.08 11.87 -68.91
N THR C 276 -5.57 12.99 -69.41
CA THR C 276 -6.35 13.83 -70.34
C THR C 276 -6.65 13.03 -71.62
N TYR C 277 -5.64 12.31 -72.08
CA TYR C 277 -5.74 11.50 -73.29
C TYR C 277 -6.79 10.39 -73.10
N ASP C 278 -6.66 9.68 -71.98
CA ASP C 278 -7.60 8.63 -71.65
C ASP C 278 -9.01 9.20 -71.45
N ALA C 279 -9.08 10.46 -71.04
CA ALA C 279 -10.36 11.15 -70.93
C ALA C 279 -10.99 11.27 -72.31
N VAL C 280 -10.16 11.63 -73.29
CA VAL C 280 -10.65 11.70 -74.66
C VAL C 280 -11.17 10.33 -75.08
N GLN C 281 -10.42 9.29 -74.75
CA GLN C 281 -10.86 7.92 -75.06
C GLN C 281 -12.22 7.59 -74.44
N VAL C 282 -12.37 7.91 -73.16
CA VAL C 282 -13.58 7.59 -72.42
C VAL C 282 -14.79 8.31 -73.00
N MET C 283 -14.62 9.57 -73.37
CA MET C 283 -15.72 10.34 -73.95
C MET C 283 -16.08 9.75 -75.30
N THR C 284 -15.06 9.38 -76.07
CA THR C 284 -15.25 8.76 -77.37
C THR C 284 -16.06 7.48 -77.27
N GLU C 285 -15.58 6.54 -76.45
CA GLU C 285 -16.24 5.26 -76.24
C GLU C 285 -17.65 5.44 -75.69
N ALA C 286 -17.84 6.46 -74.86
CA ALA C 286 -19.14 6.72 -74.26
C ALA C 286 -20.16 7.14 -75.32
N PHE C 287 -19.81 8.13 -76.13
CA PHE C 287 -20.75 8.60 -77.13
C PHE C 287 -20.93 7.57 -78.25
N ARG C 288 -19.90 6.76 -78.47
CA ARG C 288 -19.97 5.67 -79.42
C ARG C 288 -20.98 4.63 -78.96
N ASN C 289 -20.93 4.30 -77.67
CA ASN C 289 -21.90 3.38 -77.09
C ASN C 289 -23.30 4.00 -77.01
N LEU C 290 -23.37 5.33 -77.01
CA LEU C 290 -24.66 6.01 -77.05
C LEU C 290 -25.29 5.89 -78.43
N ARG C 291 -24.47 6.01 -79.47
CA ARG C 291 -24.97 5.88 -80.83
C ARG C 291 -25.23 4.41 -81.17
N LYS C 292 -24.52 3.52 -80.49
CA LYS C 292 -24.67 2.09 -80.73
C LYS C 292 -25.90 1.53 -80.00
N GLN C 293 -26.35 2.24 -78.97
CA GLN C 293 -27.52 1.79 -78.22
C GLN C 293 -28.81 2.39 -78.74
N ARG C 294 -28.73 3.12 -79.85
CA ARG C 294 -29.91 3.67 -80.52
C ARG C 294 -30.66 4.65 -79.60
N ILE C 295 -29.90 5.37 -78.78
CA ILE C 295 -30.44 6.36 -77.87
C ILE C 295 -30.26 7.76 -78.47
N GLU C 296 -31.37 8.50 -78.58
CA GLU C 296 -31.33 9.81 -79.22
C GLU C 296 -30.52 10.82 -78.43
N ILE C 297 -29.54 11.40 -79.12
CA ILE C 297 -28.56 12.30 -78.54
C ILE C 297 -28.86 13.80 -78.71
N SER C 298 -28.96 14.24 -79.96
CA SER C 298 -28.92 15.65 -80.34
C SER C 298 -29.83 16.59 -79.55
N ARG C 299 -29.24 17.72 -79.14
CA ARG C 299 -29.88 18.68 -78.24
C ARG C 299 -31.08 19.34 -78.92
N ARG C 300 -32.25 19.22 -78.30
CA ARG C 300 -33.48 19.78 -78.87
C ARG C 300 -33.43 21.29 -79.02
N GLY C 301 -33.43 22.00 -77.89
CA GLY C 301 -33.37 23.46 -77.89
C GLY C 301 -32.10 24.03 -77.28
N ASN C 302 -31.96 25.35 -77.37
CA ASN C 302 -30.83 26.05 -76.75
C ASN C 302 -30.87 25.89 -75.23
N ALA C 303 -29.69 25.73 -74.62
CA ALA C 303 -29.56 25.58 -73.18
C ALA C 303 -30.15 26.75 -72.40
N GLY C 304 -29.82 27.97 -72.81
CA GLY C 304 -30.31 29.16 -72.14
C GLY C 304 -29.38 29.62 -71.04
N ASP C 305 -29.91 30.42 -70.12
CA ASP C 305 -29.09 30.99 -69.05
C ASP C 305 -28.99 30.01 -67.88
N CYS C 306 -27.75 29.60 -67.57
CA CYS C 306 -27.48 28.65 -66.50
C CYS C 306 -27.95 29.13 -65.13
N LEU C 307 -27.84 30.44 -64.90
CA LEU C 307 -28.25 31.04 -63.63
C LEU C 307 -29.76 31.19 -63.45
N ALA C 308 -30.52 31.12 -64.54
CA ALA C 308 -31.95 31.42 -64.45
C ALA C 308 -32.68 30.39 -63.61
N ASN C 309 -33.38 30.88 -62.59
CA ASN C 309 -34.07 30.02 -61.63
C ASN C 309 -35.59 30.08 -61.79
N PRO C 310 -36.29 28.99 -61.43
CA PRO C 310 -35.68 27.72 -61.02
C PRO C 310 -35.04 27.01 -62.20
N ALA C 311 -33.82 26.52 -62.01
CA ALA C 311 -33.06 25.89 -63.08
C ALA C 311 -33.82 24.77 -63.78
N VAL C 312 -33.41 24.49 -65.01
CA VAL C 312 -34.00 23.41 -65.78
C VAL C 312 -32.90 22.51 -66.35
N PRO C 313 -32.68 21.36 -65.68
CA PRO C 313 -31.76 20.36 -66.22
C PRO C 313 -32.38 19.63 -67.39
N TRP C 314 -31.58 19.34 -68.41
CA TRP C 314 -32.04 18.54 -69.53
C TRP C 314 -32.03 17.06 -69.16
N GLY C 315 -33.15 16.39 -69.41
CA GLY C 315 -33.29 14.97 -69.12
C GLY C 315 -32.24 14.19 -69.87
N GLN C 316 -32.05 14.58 -71.12
CA GLN C 316 -31.05 14.01 -72.04
C GLN C 316 -29.72 13.62 -71.37
N GLY C 317 -29.01 14.61 -70.86
CA GLY C 317 -27.68 14.41 -70.32
C GLY C 317 -27.50 13.41 -69.19
N VAL C 318 -28.57 13.07 -68.47
CA VAL C 318 -28.49 12.04 -67.43
C VAL C 318 -28.00 10.75 -68.08
N GLU C 319 -28.58 10.46 -69.24
CA GLU C 319 -28.18 9.33 -70.06
C GLU C 319 -26.68 9.41 -70.33
N ILE C 320 -26.21 10.59 -70.72
CA ILE C 320 -24.77 10.80 -70.97
C ILE C 320 -23.93 10.45 -69.75
N GLU C 321 -24.35 10.91 -68.57
CA GLU C 321 -23.69 10.56 -67.31
C GLU C 321 -23.53 9.06 -67.19
N ARG C 322 -24.66 8.36 -67.29
CA ARG C 322 -24.66 6.90 -67.19
C ARG C 322 -23.72 6.26 -68.21
N ALA C 323 -23.81 6.74 -69.44
CA ALA C 323 -23.03 6.25 -70.56
C ALA C 323 -21.54 6.36 -70.28
N LEU C 324 -21.14 7.48 -69.69
CA LEU C 324 -19.76 7.69 -69.32
C LEU C 324 -19.32 6.76 -68.21
N LYS C 325 -20.12 6.65 -67.15
CA LYS C 325 -19.71 5.84 -66.00
C LYS C 325 -19.61 4.34 -66.32
N GLN C 326 -20.36 3.88 -67.31
CA GLN C 326 -20.32 2.45 -67.65
C GLN C 326 -19.18 2.08 -68.61
N VAL C 327 -18.42 3.07 -69.07
CA VAL C 327 -17.33 2.81 -70.02
C VAL C 327 -16.21 2.01 -69.37
N GLN C 328 -15.72 1.01 -70.09
CA GLN C 328 -14.55 0.26 -69.68
C GLN C 328 -13.57 0.12 -70.82
N VAL C 329 -12.40 0.74 -70.69
CA VAL C 329 -11.38 0.68 -71.74
C VAL C 329 -10.00 0.59 -71.13
N GLU C 330 -9.00 0.23 -71.94
CA GLU C 330 -7.63 0.23 -71.45
C GLU C 330 -6.82 1.32 -72.16
N GLY C 331 -6.48 2.36 -71.40
CA GLY C 331 -5.71 3.46 -71.93
C GLY C 331 -4.29 3.50 -71.39
N LEU C 332 -3.71 4.69 -71.38
CA LEU C 332 -2.36 4.88 -70.86
C LEU C 332 -2.33 4.65 -69.36
N SER C 333 -3.35 5.16 -68.67
CA SER C 333 -3.41 5.08 -67.21
C SER C 333 -3.55 3.66 -66.69
N GLY C 334 -3.87 2.72 -67.58
CA GLY C 334 -4.13 1.36 -67.18
C GLY C 334 -5.60 1.04 -67.39
N ASN C 335 -6.07 -0.06 -66.80
CA ASN C 335 -7.48 -0.42 -66.90
C ASN C 335 -8.38 0.69 -66.35
N ILE C 336 -9.31 1.13 -67.19
CA ILE C 336 -10.22 2.22 -66.86
C ILE C 336 -11.68 1.77 -66.79
N LYS C 337 -12.25 1.90 -65.60
CA LYS C 337 -13.65 1.61 -65.35
C LYS C 337 -14.12 2.47 -64.17
N PHE C 338 -15.38 2.85 -64.16
CA PHE C 338 -15.88 3.72 -63.10
C PHE C 338 -17.06 3.11 -62.36
N ASP C 339 -17.27 3.58 -61.13
CA ASP C 339 -18.43 3.18 -60.35
C ASP C 339 -19.52 4.24 -60.44
N GLN C 340 -20.60 4.02 -59.71
CA GLN C 340 -21.75 4.93 -59.74
C GLN C 340 -21.39 6.35 -59.32
N ASN C 341 -20.40 6.49 -58.46
CA ASN C 341 -19.99 7.80 -57.97
C ASN C 341 -19.06 8.53 -58.93
N GLY C 342 -18.47 7.79 -59.86
CA GLY C 342 -17.61 8.37 -60.87
C GLY C 342 -16.13 8.21 -60.57
N LYS C 343 -15.83 7.48 -59.50
CA LYS C 343 -14.44 7.23 -59.11
C LYS C 343 -13.86 6.01 -59.82
N ARG C 344 -12.56 6.07 -60.13
CA ARG C 344 -11.88 4.95 -60.76
C ARG C 344 -11.88 3.75 -59.81
N ILE C 345 -12.19 2.56 -60.33
CA ILE C 345 -12.10 1.33 -59.54
C ILE C 345 -11.44 0.25 -60.39
N ASN C 346 -10.95 -0.81 -59.75
CA ASN C 346 -10.24 -1.89 -60.44
C ASN C 346 -8.98 -1.40 -61.12
N TYR C 347 -8.46 -0.29 -60.59
CA TYR C 347 -7.21 0.28 -61.08
C TYR C 347 -6.03 -0.41 -60.43
N THR C 348 -4.92 -0.49 -61.16
CA THR C 348 -3.69 -1.02 -60.59
C THR C 348 -2.67 0.10 -60.54
N ILE C 349 -2.11 0.33 -59.35
CA ILE C 349 -1.12 1.40 -59.22
C ILE C 349 0.27 0.82 -58.98
N ASN C 350 1.20 1.10 -59.89
CA ASN C 350 2.55 0.59 -59.74
C ASN C 350 3.27 1.25 -58.58
N ILE C 351 3.97 0.45 -57.79
CA ILE C 351 4.82 1.01 -56.74
C ILE C 351 6.26 1.02 -57.22
N MET C 352 6.81 2.20 -57.42
CA MET C 352 8.17 2.30 -57.90
C MET C 352 9.12 2.63 -56.77
N GLU C 353 10.41 2.49 -57.06
CA GLU C 353 11.45 2.81 -56.12
C GLU C 353 12.68 3.31 -56.85
N LEU C 354 13.32 4.32 -56.28
CA LEU C 354 14.53 4.88 -56.84
C LEU C 354 15.68 4.25 -56.09
N LYS C 355 16.49 3.49 -56.81
CA LYS C 355 17.61 2.79 -56.19
C LYS C 355 18.89 3.34 -56.78
N THR C 356 20.02 2.75 -56.38
CA THR C 356 21.32 3.21 -56.85
C THR C 356 21.38 3.13 -58.37
N ASN C 357 20.94 2.01 -58.94
CA ASN C 357 20.94 1.83 -60.38
C ASN C 357 19.85 2.60 -61.12
N GLY C 358 18.81 3.04 -60.41
CA GLY C 358 17.72 3.76 -61.04
C GLY C 358 16.35 3.33 -60.57
N PRO C 359 15.29 3.86 -61.21
CA PRO C 359 13.91 3.54 -60.85
C PRO C 359 13.53 2.11 -61.23
N ARG C 360 12.72 1.44 -60.41
CA ARG C 360 12.27 0.09 -60.73
C ARG C 360 10.92 -0.22 -60.11
N LYS C 361 10.09 -1.00 -60.82
CA LYS C 361 8.79 -1.39 -60.30
C LYS C 361 8.96 -2.58 -59.36
N ILE C 362 8.57 -2.41 -58.10
CA ILE C 362 8.69 -3.49 -57.13
C ILE C 362 7.39 -4.26 -56.94
N GLY C 363 6.34 -3.80 -57.62
CA GLY C 363 5.04 -4.45 -57.50
C GLY C 363 3.89 -3.53 -57.85
N TYR C 364 2.68 -3.98 -57.52
CA TYR C 364 1.49 -3.19 -57.82
C TYR C 364 0.52 -3.18 -56.65
N TRP C 365 -0.44 -2.26 -56.72
CA TRP C 365 -1.45 -2.13 -55.68
C TRP C 365 -2.85 -2.15 -56.28
N SER C 366 -3.61 -3.16 -55.89
CA SER C 366 -5.02 -3.29 -56.27
C SER C 366 -5.91 -2.61 -55.25
N GLU C 367 -7.11 -2.23 -55.68
CA GLU C 367 -8.09 -1.63 -54.79
C GLU C 367 -8.56 -2.66 -53.75
N VAL C 368 -8.24 -3.93 -54.03
CA VAL C 368 -8.68 -5.06 -53.20
C VAL C 368 -7.49 -5.80 -52.59
N ASP C 369 -6.61 -6.32 -53.44
CA ASP C 369 -5.47 -7.15 -53.03
C ASP C 369 -4.45 -6.39 -52.18
N LYS C 370 -4.66 -5.09 -52.04
CA LYS C 370 -3.76 -4.20 -51.31
C LYS C 370 -2.36 -4.22 -51.92
N MET C 371 -1.35 -4.31 -51.07
CA MET C 371 0.03 -4.26 -51.52
C MET C 371 0.46 -5.62 -52.07
N VAL C 372 0.85 -5.64 -53.34
CA VAL C 372 1.34 -6.88 -53.94
C VAL C 372 2.77 -6.71 -54.47
N VAL C 373 3.69 -7.42 -53.82
CA VAL C 373 5.10 -7.36 -54.17
C VAL C 373 5.40 -8.27 -55.36
N THR C 374 5.99 -7.70 -56.41
CA THR C 374 6.33 -8.49 -57.59
C THR C 374 7.82 -8.82 -57.59
N LEU C 375 8.12 -10.07 -57.92
CA LEU C 375 9.47 -10.62 -57.84
C LEU C 375 10.03 -10.42 -56.43
N THR C 376 11.32 -10.11 -56.34
CA THR C 376 12.02 -9.82 -55.09
C THR C 376 13.52 -9.65 -55.34
N THR C 382 23.04 -5.33 -44.74
CA THR C 382 23.76 -4.85 -45.92
C THR C 382 24.28 -3.42 -45.68
N SER C 383 24.06 -2.53 -46.65
CA SER C 383 24.52 -1.15 -46.58
C SER C 383 26.02 -1.06 -46.31
N GLY C 384 26.79 -2.00 -46.86
CA GLY C 384 28.22 -2.02 -46.68
C GLY C 384 28.63 -2.24 -45.25
N LEU C 385 29.53 -1.38 -44.75
CA LEU C 385 30.00 -1.46 -43.37
C LEU C 385 29.88 -0.10 -42.69
N GLU C 386 29.16 -0.06 -41.57
CA GLU C 386 29.02 1.18 -40.81
C GLU C 386 29.78 1.13 -39.48
N GLN C 387 29.36 0.24 -38.59
CA GLN C 387 29.93 0.12 -37.26
C GLN C 387 29.93 1.46 -36.54
N LYS C 388 28.73 1.94 -36.20
CA LYS C 388 28.58 3.24 -35.55
C LYS C 388 29.36 3.26 -34.24
N THR C 389 29.94 4.40 -33.90
CA THR C 389 30.72 4.53 -32.67
C THR C 389 29.90 4.42 -31.39
N VAL C 390 30.29 3.47 -30.54
CA VAL C 390 29.62 3.24 -29.26
C VAL C 390 30.29 4.09 -28.18
N VAL C 391 29.50 4.82 -27.41
CA VAL C 391 30.07 5.67 -26.36
C VAL C 391 30.18 4.91 -25.04
N VAL C 392 31.41 4.69 -24.60
CA VAL C 392 31.69 3.96 -23.37
C VAL C 392 32.07 4.89 -22.23
N THR C 393 31.30 4.88 -21.15
CA THR C 393 31.59 5.71 -20.00
C THR C 393 32.27 4.91 -18.88
N THR C 394 33.33 5.48 -18.31
CA THR C 394 34.10 4.82 -17.24
C THR C 394 34.62 5.84 -16.21
N ILE C 395 35.12 5.35 -15.08
CA ILE C 395 35.67 6.23 -14.06
C ILE C 395 37.20 6.12 -14.11
N LEU C 396 37.89 7.03 -13.42
CA LEU C 396 39.35 7.06 -13.42
C LEU C 396 39.98 6.24 -12.28
N GLU C 397 39.17 5.51 -11.53
CA GLU C 397 39.65 4.70 -10.42
C GLU C 397 40.66 3.61 -10.83
N SER C 398 41.76 3.53 -10.09
CA SER C 398 42.77 2.49 -10.27
C SER C 398 42.39 1.23 -9.49
N PRO C 399 42.81 0.04 -9.98
CA PRO C 399 43.48 -0.22 -11.25
C PRO C 399 42.51 -0.56 -12.37
N TYR C 400 41.52 0.29 -12.57
CA TYR C 400 40.49 0.06 -13.58
C TYR C 400 40.76 0.90 -14.81
N VAL C 401 40.78 2.22 -14.63
CA VAL C 401 41.18 3.12 -15.71
C VAL C 401 42.21 4.13 -15.20
N MET C 402 43.41 4.08 -15.77
CA MET C 402 44.49 4.97 -15.36
C MET C 402 45.14 5.59 -16.59
N MET C 403 45.57 6.83 -16.46
CA MET C 403 46.26 7.50 -17.56
C MET C 403 47.69 7.00 -17.71
N LYS C 404 48.15 6.91 -18.96
CA LYS C 404 49.49 6.44 -19.27
C LYS C 404 50.54 7.45 -18.84
N LYS C 405 51.79 7.02 -18.79
CA LYS C 405 52.91 7.88 -18.42
C LYS C 405 52.86 9.15 -19.25
N ASN C 406 52.77 9.01 -20.57
CA ASN C 406 52.54 10.18 -21.39
C ASN C 406 51.11 10.24 -21.92
N HIS C 407 50.25 10.93 -21.17
CA HIS C 407 48.87 11.16 -21.59
C HIS C 407 48.78 12.38 -22.49
N GLU C 408 49.81 13.21 -22.44
CA GLU C 408 49.85 14.47 -23.18
C GLU C 408 50.11 14.28 -24.66
N MET C 409 50.92 13.27 -24.98
CA MET C 409 51.34 13.00 -26.35
C MET C 409 50.40 12.04 -27.10
N LEU C 410 49.42 11.49 -26.38
CA LEU C 410 48.52 10.52 -26.96
C LEU C 410 47.10 11.06 -27.12
N GLU C 411 46.39 10.53 -28.12
CA GLU C 411 45.02 10.95 -28.39
C GLU C 411 44.08 9.76 -28.42
N GLY C 412 42.81 10.02 -28.12
CA GLY C 412 41.79 8.99 -28.18
C GLY C 412 41.84 7.99 -27.04
N ASN C 413 41.34 6.80 -27.29
CA ASN C 413 41.23 5.76 -26.27
C ASN C 413 42.59 5.21 -25.87
N GLU C 414 43.63 5.63 -26.58
CA GLU C 414 45.00 5.26 -26.24
C GLU C 414 45.49 6.04 -25.04
N ARG C 415 44.69 7.00 -24.56
CA ARG C 415 45.08 7.80 -23.40
C ARG C 415 45.05 7.01 -22.09
N TYR C 416 44.05 6.14 -21.94
CA TYR C 416 43.84 5.40 -20.69
C TYR C 416 44.24 3.94 -20.79
N GLU C 417 44.66 3.40 -19.65
CA GLU C 417 45.07 2.00 -19.54
C GLU C 417 44.68 1.41 -18.18
N GLY C 418 44.22 0.16 -18.19
CA GLY C 418 43.77 -0.47 -16.96
C GLY C 418 42.91 -1.70 -17.25
N TYR C 419 42.43 -2.34 -16.18
CA TYR C 419 41.58 -3.52 -16.28
C TYR C 419 40.34 -3.25 -17.12
N CYS C 420 39.66 -2.15 -16.81
CA CYS C 420 38.45 -1.78 -17.52
C CYS C 420 38.72 -1.43 -18.98
N VAL C 421 39.91 -0.90 -19.25
CA VAL C 421 40.31 -0.59 -20.62
C VAL C 421 40.45 -1.86 -21.45
N ASP C 422 41.20 -2.83 -20.91
CA ASP C 422 41.42 -4.10 -21.57
C ASP C 422 40.11 -4.87 -21.73
N LEU C 423 39.28 -4.83 -20.70
CA LEU C 423 37.97 -5.48 -20.74
C LEU C 423 37.07 -4.83 -21.79
N ALA C 424 37.19 -3.51 -21.94
CA ALA C 424 36.42 -2.79 -22.95
C ALA C 424 36.87 -3.21 -24.34
N ALA C 425 38.18 -3.24 -24.55
CA ALA C 425 38.75 -3.67 -25.81
C ALA C 425 38.29 -5.08 -26.17
N GLU C 426 38.40 -5.98 -25.21
CA GLU C 426 38.00 -7.38 -25.40
C GLU C 426 36.52 -7.52 -25.73
N ILE C 427 35.68 -6.95 -24.88
CA ILE C 427 34.23 -7.00 -25.04
C ILE C 427 33.82 -6.45 -26.41
N ALA C 428 34.43 -5.32 -26.79
CA ALA C 428 34.14 -4.70 -28.07
C ALA C 428 34.57 -5.62 -29.21
N LYS C 429 35.72 -6.25 -29.06
CA LYS C 429 36.27 -7.11 -30.09
C LYS C 429 35.38 -8.35 -30.31
N HIS C 430 34.82 -8.89 -29.23
CA HIS C 430 33.91 -10.02 -29.36
C HIS C 430 32.54 -9.61 -29.92
N CYS C 431 32.01 -8.50 -29.42
CA CYS C 431 30.71 -8.01 -29.88
C CYS C 431 30.79 -7.32 -31.24
N GLY C 432 32.00 -6.91 -31.61
CA GLY C 432 32.23 -6.28 -32.90
C GLY C 432 31.66 -4.90 -33.07
N PHE C 433 32.04 -3.97 -32.19
CA PHE C 433 31.63 -2.58 -32.34
C PHE C 433 32.81 -1.63 -32.08
N LYS C 434 32.77 -0.47 -32.73
CA LYS C 434 33.75 0.58 -32.48
C LYS C 434 33.42 1.34 -31.20
N TYR C 435 34.37 1.37 -30.27
CA TYR C 435 34.12 1.98 -28.97
C TYR C 435 34.89 3.28 -28.78
N LYS C 436 34.28 4.22 -28.05
CA LYS C 436 34.95 5.45 -27.66
C LYS C 436 34.96 5.59 -26.14
N LEU C 437 36.13 5.50 -25.52
CA LEU C 437 36.26 5.65 -24.08
C LEU C 437 36.13 7.11 -23.64
N THR C 438 35.21 7.36 -22.72
CA THR C 438 35.01 8.70 -22.16
C THR C 438 34.77 8.63 -20.65
N ILE C 439 35.53 9.40 -19.89
CA ILE C 439 35.35 9.44 -18.44
C ILE C 439 34.08 10.19 -18.06
N VAL C 440 33.47 9.78 -16.95
CA VAL C 440 32.22 10.40 -16.49
C VAL C 440 32.46 11.85 -16.05
N GLY C 441 31.46 12.71 -16.29
CA GLY C 441 31.58 14.13 -16.01
C GLY C 441 31.63 14.48 -14.53
N ASP C 442 30.64 13.99 -13.79
CA ASP C 442 30.52 14.32 -12.37
C ASP C 442 31.54 13.58 -11.51
N GLY C 443 31.97 12.41 -11.96
CA GLY C 443 32.97 11.64 -11.24
C GLY C 443 32.40 10.70 -10.20
N LYS C 444 31.18 10.24 -10.43
CA LYS C 444 30.53 9.31 -9.51
C LYS C 444 30.10 8.05 -10.24
N TYR C 445 29.79 6.99 -9.48
CA TYR C 445 29.37 5.74 -10.07
C TYR C 445 27.90 5.84 -10.40
N GLY C 446 27.06 5.80 -9.37
CA GLY C 446 25.69 6.22 -9.56
C GLY C 446 24.94 6.37 -8.25
N ALA C 447 24.03 7.33 -8.22
CA ALA C 447 23.19 7.53 -7.04
C ALA C 447 21.97 8.36 -7.41
N ARG C 448 20.91 8.31 -6.62
CA ARG C 448 19.79 9.21 -6.87
C ARG C 448 19.50 10.08 -5.64
N ASP C 449 19.70 11.38 -5.82
CA ASP C 449 19.48 12.39 -4.78
C ASP C 449 18.06 12.29 -4.22
N ALA C 450 17.96 12.23 -2.90
CA ALA C 450 16.67 12.10 -2.24
C ALA C 450 15.80 13.34 -2.44
N ASP C 451 16.42 14.43 -2.87
CA ASP C 451 15.70 15.68 -3.11
C ASP C 451 15.41 15.91 -4.60
N THR C 452 16.47 16.04 -5.40
CA THR C 452 16.32 16.38 -6.80
C THR C 452 15.88 15.19 -7.66
N LYS C 453 15.96 13.99 -7.09
CA LYS C 453 15.61 12.74 -7.78
C LYS C 453 16.39 12.57 -9.08
N ILE C 454 17.64 13.01 -9.08
CA ILE C 454 18.46 12.94 -10.29
C ILE C 454 19.56 11.90 -10.13
N TRP C 455 19.68 11.02 -11.11
CA TRP C 455 20.77 10.04 -11.06
C TRP C 455 22.06 10.79 -11.39
N ASP C 456 23.10 10.55 -10.60
CA ASP C 456 24.40 11.13 -10.87
C ASP C 456 25.35 9.98 -11.10
N GLY C 457 26.39 10.23 -11.89
CA GLY C 457 27.38 9.22 -12.22
C GLY C 457 27.12 8.42 -13.49
N MET C 458 27.70 7.22 -13.54
CA MET C 458 27.65 6.35 -14.71
C MET C 458 26.21 6.07 -15.09
N VAL C 459 25.46 5.67 -14.07
CA VAL C 459 24.05 5.33 -14.20
C VAL C 459 23.29 6.52 -14.76
N GLY C 460 23.67 7.73 -14.35
CA GLY C 460 23.06 8.93 -14.86
C GLY C 460 23.25 9.07 -16.35
N GLU C 461 24.49 8.88 -16.82
CA GLU C 461 24.80 8.97 -18.24
C GLU C 461 24.09 7.86 -19.02
N LEU C 462 23.77 6.77 -18.34
CA LEU C 462 23.00 5.69 -18.98
C LEU C 462 21.52 6.01 -19.12
N VAL C 463 20.92 6.50 -18.04
CA VAL C 463 19.48 6.72 -17.99
C VAL C 463 19.06 7.87 -18.91
N TYR C 464 19.87 8.92 -18.91
CA TYR C 464 19.55 10.12 -19.69
C TYR C 464 20.19 10.04 -21.08
N GLY C 465 20.83 8.91 -21.36
CA GLY C 465 21.39 8.63 -22.68
C GLY C 465 22.53 9.51 -23.12
N LYS C 466 23.50 9.73 -22.24
CA LYS C 466 24.76 10.36 -22.62
C LYS C 466 25.76 9.33 -23.14
N ALA C 467 25.54 8.07 -22.78
CA ALA C 467 26.45 7.00 -23.20
C ALA C 467 25.69 5.73 -23.58
N ASP C 468 26.23 5.00 -24.55
CA ASP C 468 25.58 3.80 -25.06
C ASP C 468 25.80 2.59 -24.17
N ILE C 469 26.90 2.60 -23.42
CA ILE C 469 27.26 1.50 -22.54
C ILE C 469 28.20 1.97 -21.43
N ALA C 470 28.28 1.22 -20.35
CA ALA C 470 29.15 1.57 -19.24
C ALA C 470 30.08 0.42 -18.86
N ILE C 471 31.38 0.62 -19.09
CA ILE C 471 32.40 -0.34 -18.71
C ILE C 471 33.23 0.24 -17.57
N ALA C 472 33.07 -0.31 -16.38
CA ALA C 472 33.66 0.27 -15.17
C ALA C 472 33.39 -0.63 -13.98
N PRO C 473 34.04 -0.37 -12.84
CA PRO C 473 33.67 -1.15 -11.66
C PRO C 473 32.32 -0.70 -11.11
N LEU C 474 31.27 -0.91 -11.89
CA LEU C 474 29.94 -0.50 -11.48
C LEU C 474 29.26 -1.65 -10.76
N THR C 475 29.10 -1.48 -9.45
CA THR C 475 28.52 -2.51 -8.61
C THR C 475 27.06 -2.74 -8.92
N ILE C 476 26.67 -4.00 -9.04
CA ILE C 476 25.26 -4.31 -9.29
C ILE C 476 24.44 -4.13 -8.02
N THR C 477 23.44 -3.26 -8.11
CA THR C 477 22.52 -3.01 -7.01
C THR C 477 21.12 -3.08 -7.59
N LEU C 478 20.19 -3.60 -6.80
CA LEU C 478 18.80 -3.73 -7.23
C LEU C 478 18.25 -2.38 -7.71
N VAL C 479 18.61 -1.32 -7.00
CA VAL C 479 18.15 0.03 -7.34
C VAL C 479 18.56 0.42 -8.77
N ARG C 480 19.73 -0.04 -9.20
CA ARG C 480 20.19 0.23 -10.56
C ARG C 480 19.58 -0.77 -11.51
N GLU C 481 19.48 -2.03 -11.07
CA GLU C 481 18.93 -3.07 -11.92
C GLU C 481 17.50 -2.76 -12.36
N GLU C 482 16.78 -1.95 -11.58
CA GLU C 482 15.44 -1.57 -12.00
C GLU C 482 15.46 -0.47 -13.07
N VAL C 483 16.43 0.43 -13.00
CA VAL C 483 16.52 1.50 -13.99
C VAL C 483 17.42 1.21 -15.20
N ILE C 484 18.26 0.18 -15.14
CA ILE C 484 19.17 -0.15 -16.22
C ILE C 484 19.34 -1.66 -16.39
N ASP C 485 20.07 -2.06 -17.44
CA ASP C 485 20.41 -3.47 -17.64
C ASP C 485 21.85 -3.73 -17.21
N PHE C 486 22.06 -4.78 -16.43
CA PHE C 486 23.39 -5.18 -16.02
C PHE C 486 23.75 -6.53 -16.62
N SER C 487 24.92 -6.63 -17.24
CA SER C 487 25.42 -7.92 -17.71
C SER C 487 25.74 -8.81 -16.53
N LYS C 488 25.86 -10.12 -16.76
CA LYS C 488 26.34 -11.04 -15.74
C LYS C 488 27.68 -10.52 -15.20
N PRO C 489 27.91 -10.70 -13.88
CA PRO C 489 29.08 -10.10 -13.24
C PRO C 489 30.43 -10.61 -13.78
N PHE C 490 31.34 -9.67 -14.06
CA PHE C 490 32.67 -10.02 -14.55
C PHE C 490 33.70 -10.03 -13.43
N MET C 491 33.31 -9.60 -12.24
CA MET C 491 34.20 -9.62 -11.09
C MET C 491 33.40 -9.68 -9.79
N SER C 492 33.97 -10.34 -8.78
CA SER C 492 33.29 -10.50 -7.50
C SER C 492 33.89 -9.59 -6.44
N LEU C 493 33.05 -9.12 -5.52
CA LEU C 493 33.50 -8.26 -4.43
C LEU C 493 32.49 -8.18 -3.30
N GLY C 494 32.83 -7.39 -2.29
CA GLY C 494 31.99 -7.17 -1.14
C GLY C 494 32.60 -6.11 -0.24
N ILE C 495 31.79 -5.52 0.64
CA ILE C 495 32.29 -4.53 1.57
C ILE C 495 33.25 -5.15 2.57
N SER C 496 34.44 -4.55 2.68
CA SER C 496 35.52 -5.05 3.51
C SER C 496 36.13 -3.97 4.37
N ILE C 497 36.90 -4.39 5.37
CA ILE C 497 37.53 -3.48 6.33
C ILE C 497 39.01 -3.28 6.09
N MET C 498 39.42 -2.01 6.09
CA MET C 498 40.81 -1.64 5.98
C MET C 498 41.26 -0.90 7.23
N ILE C 499 42.35 -1.35 7.82
CA ILE C 499 42.93 -0.73 9.01
C ILE C 499 44.43 -0.61 8.75
N LYS C 500 45.12 0.22 9.51
CA LYS C 500 46.56 0.33 9.37
C LYS C 500 47.22 -0.89 10.01
N LYS C 501 48.08 -1.56 9.24
CA LYS C 501 48.75 -2.77 9.71
C LYS C 501 49.60 -2.49 10.95
N PRO C 502 49.43 -3.31 11.99
CA PRO C 502 50.22 -3.13 13.22
C PRO C 502 51.70 -3.38 12.95
N GLN C 503 52.55 -2.48 13.42
CA GLN C 503 53.98 -2.58 13.17
C GLN C 503 54.65 -3.61 14.07
N LYS C 504 55.61 -4.33 13.50
CA LYS C 504 56.39 -5.33 14.23
C LYS C 504 57.53 -4.65 14.97
N SER C 505 57.52 -3.33 14.92
CA SER C 505 58.55 -2.48 15.48
C SER C 505 58.41 -2.36 16.99
N LYS C 506 59.08 -1.35 17.56
CA LYS C 506 59.25 -1.09 19.00
C LYS C 506 59.95 -2.23 19.77
N PRO C 507 61.19 -2.58 19.34
CA PRO C 507 62.02 -3.60 19.98
C PRO C 507 62.86 -3.02 21.12
N GLY C 508 63.84 -3.79 21.58
CA GLY C 508 64.85 -3.28 22.50
C GLY C 508 64.88 -3.77 23.93
N VAL C 509 65.84 -3.23 24.68
CA VAL C 509 66.30 -3.79 25.94
C VAL C 509 65.45 -3.49 27.17
N PHE C 510 64.70 -2.38 27.13
CA PHE C 510 63.95 -1.89 28.29
C PHE C 510 63.02 -2.95 28.88
N SER C 511 62.53 -3.84 28.01
CA SER C 511 61.59 -4.87 28.42
C SER C 511 62.17 -5.86 29.42
N PHE C 512 63.49 -5.79 29.64
CA PHE C 512 64.11 -6.58 30.70
C PHE C 512 63.95 -5.91 32.06
N LEU C 513 64.16 -4.59 32.08
CA LEU C 513 64.10 -3.84 33.33
C LEU C 513 62.67 -3.42 33.69
N ASP C 514 61.79 -3.43 32.69
CA ASP C 514 60.42 -2.96 32.87
C ASP C 514 59.49 -3.81 33.75
N PRO C 515 59.48 -5.16 33.59
CA PRO C 515 58.53 -5.96 34.38
C PRO C 515 58.64 -5.71 35.88
N LEU C 516 59.86 -5.53 36.38
CA LEU C 516 60.07 -5.12 37.75
C LEU C 516 60.17 -3.59 37.80
N ALA C 517 59.57 -2.98 38.82
CA ALA C 517 59.67 -1.53 38.98
C ALA C 517 61.12 -1.11 39.14
N TYR C 518 61.47 0.07 38.66
CA TYR C 518 62.86 0.52 38.70
C TYR C 518 63.35 0.77 40.13
N GLU C 519 62.44 1.25 40.97
CA GLU C 519 62.77 1.51 42.37
C GLU C 519 63.00 0.18 43.06
N ILE C 520 62.42 -0.88 42.50
CA ILE C 520 62.63 -2.23 43.01
C ILE C 520 64.06 -2.64 42.65
N TRP C 521 64.51 -2.30 41.44
CA TRP C 521 65.89 -2.60 41.06
C TRP C 521 66.91 -1.85 41.92
N MET C 522 66.60 -0.60 42.25
CA MET C 522 67.50 0.15 43.12
C MET C 522 67.51 -0.54 44.50
N ALA C 523 66.32 -0.96 44.92
CA ALA C 523 66.15 -1.62 46.20
C ALA C 523 66.91 -2.95 46.26
N ILE C 524 66.88 -3.72 45.19
CA ILE C 524 67.60 -5.01 45.15
C ILE C 524 69.10 -4.74 45.13
N VAL C 525 69.52 -3.63 44.53
CA VAL C 525 70.94 -3.28 44.58
C VAL C 525 71.32 -3.00 46.04
N PHE C 526 70.48 -2.26 46.76
CA PHE C 526 70.73 -2.01 48.18
C PHE C 526 70.71 -3.30 49.00
N ALA C 527 69.89 -4.25 48.59
CA ALA C 527 69.80 -5.54 49.25
C ALA C 527 71.09 -6.32 49.05
N TYR C 528 71.63 -6.25 47.83
CA TYR C 528 72.89 -6.89 47.49
C TYR C 528 74.04 -6.33 48.31
N ILE C 529 74.18 -5.01 48.31
CA ILE C 529 75.28 -4.40 49.06
C ILE C 529 75.11 -4.63 50.57
N LEU C 530 73.87 -4.71 51.03
CA LEU C 530 73.62 -5.00 52.44
C LEU C 530 74.06 -6.41 52.80
N VAL C 531 73.69 -7.38 51.97
CA VAL C 531 74.10 -8.77 52.21
C VAL C 531 75.61 -8.91 52.14
N SER C 532 76.23 -8.23 51.17
CA SER C 532 77.68 -8.24 51.01
C SER C 532 78.39 -7.66 52.22
N VAL C 533 77.91 -6.53 52.72
CA VAL C 533 78.57 -5.89 53.87
C VAL C 533 78.34 -6.69 55.16
N VAL C 534 77.18 -7.33 55.29
CA VAL C 534 76.94 -8.20 56.43
C VAL C 534 77.89 -9.39 56.37
N LEU C 535 78.07 -9.95 55.18
CA LEU C 535 79.03 -11.03 54.95
C LEU C 535 80.42 -10.56 55.34
N PHE C 536 80.74 -9.32 55.01
CA PHE C 536 82.02 -8.72 55.36
C PHE C 536 82.21 -8.64 56.87
N LEU C 537 81.14 -8.30 57.58
CA LEU C 537 81.20 -8.18 59.03
C LEU C 537 81.41 -9.53 59.71
N VAL C 538 81.01 -10.61 59.04
CA VAL C 538 81.19 -11.94 59.58
C VAL C 538 82.59 -12.45 59.28
N SER C 582 82.98 -24.18 51.91
CA SER C 582 83.52 -23.03 52.65
C SER C 582 82.50 -22.45 53.64
N PRO C 583 82.15 -23.23 54.69
CA PRO C 583 81.18 -22.73 55.67
C PRO C 583 81.80 -21.70 56.60
N ARG C 584 81.04 -20.66 56.94
CA ARG C 584 81.51 -19.66 57.89
C ARG C 584 80.56 -19.54 59.08
N SER C 585 81.02 -20.00 60.24
CA SER C 585 80.30 -19.87 61.51
C SER C 585 78.81 -20.24 61.40
N LEU C 586 77.97 -19.35 61.92
CA LEU C 586 76.52 -19.51 61.88
C LEU C 586 75.91 -18.42 61.02
N SER C 587 76.17 -17.17 61.40
CA SER C 587 75.60 -15.98 60.75
C SER C 587 75.62 -16.02 59.22
N ALA C 588 76.69 -16.54 58.64
CA ALA C 588 76.76 -16.66 57.18
C ALA C 588 75.60 -17.49 56.63
N ARG C 589 75.12 -18.44 57.43
CA ARG C 589 74.02 -19.31 57.03
C ARG C 589 72.67 -18.58 57.04
N ILE C 590 72.47 -17.70 58.02
CA ILE C 590 71.21 -16.97 58.10
C ILE C 590 71.21 -15.86 57.04
N VAL C 591 72.39 -15.30 56.76
CA VAL C 591 72.53 -14.31 55.68
C VAL C 591 72.24 -14.95 54.32
N ALA C 592 72.94 -16.03 54.02
CA ALA C 592 72.78 -16.73 52.75
C ALA C 592 71.37 -17.28 52.61
N GLY C 593 70.78 -17.68 53.74
CA GLY C 593 69.43 -18.18 53.75
C GLY C 593 68.41 -17.11 53.41
N VAL C 594 68.50 -15.97 54.10
CA VAL C 594 67.54 -14.90 53.88
C VAL C 594 67.69 -14.32 52.46
N TRP C 595 68.93 -14.29 51.97
CA TRP C 595 69.17 -13.85 50.60
C TRP C 595 68.62 -14.87 49.62
N TRP C 596 68.64 -16.14 49.99
CA TRP C 596 68.08 -17.18 49.14
C TRP C 596 66.57 -17.03 49.00
N PHE C 597 65.90 -16.87 50.13
CA PHE C 597 64.46 -16.63 50.14
C PHE C 597 64.14 -15.42 49.26
N PHE C 598 64.86 -14.33 49.54
CA PHE C 598 64.70 -13.08 48.81
C PHE C 598 64.83 -13.23 47.28
N THR C 599 65.95 -13.81 46.85
CA THR C 599 66.23 -13.94 45.42
C THR C 599 65.27 -14.91 44.75
N LEU C 600 64.81 -15.91 45.50
CA LEU C 600 63.81 -16.84 44.99
C LEU C 600 62.51 -16.11 44.70
N ILE C 601 62.09 -15.30 45.67
CA ILE C 601 60.86 -14.52 45.51
C ILE C 601 60.99 -13.55 44.33
N ILE C 602 62.14 -12.90 44.19
CA ILE C 602 62.35 -11.97 43.08
C ILE C 602 62.33 -12.67 41.70
N ILE C 603 63.02 -13.79 41.55
CA ILE C 603 63.02 -14.48 40.26
C ILE C 603 61.62 -14.96 39.94
N SER C 604 60.89 -15.39 40.96
CA SER C 604 59.51 -15.82 40.79
C SER C 604 58.64 -14.65 40.33
N SER C 605 58.86 -13.48 40.92
CA SER C 605 58.09 -12.29 40.58
C SER C 605 58.35 -11.82 39.15
N TYR C 606 59.61 -11.82 38.74
CA TYR C 606 59.96 -11.45 37.37
C TYR C 606 59.32 -12.44 36.40
N THR C 607 59.38 -13.71 36.74
CA THR C 607 58.81 -14.76 35.89
C THR C 607 57.31 -14.58 35.72
N ALA C 608 56.62 -14.40 36.83
CA ALA C 608 55.16 -14.28 36.83
C ALA C 608 54.68 -13.01 36.13
N ASN C 609 55.32 -11.88 36.44
CA ASN C 609 54.94 -10.61 35.84
C ASN C 609 55.17 -10.59 34.33
N LEU C 610 56.32 -11.12 33.91
CA LEU C 610 56.64 -11.19 32.49
C LEU C 610 55.67 -12.12 31.78
N ALA C 611 55.27 -13.18 32.50
CA ALA C 611 54.31 -14.15 31.98
C ALA C 611 52.96 -13.46 31.76
N ALA C 612 52.54 -12.68 32.75
CA ALA C 612 51.27 -11.96 32.70
C ALA C 612 51.23 -11.00 31.52
N PHE C 613 52.30 -10.22 31.36
CA PHE C 613 52.33 -9.25 30.26
C PHE C 613 52.37 -9.92 28.88
N LEU C 614 53.23 -10.93 28.74
CA LEU C 614 53.30 -11.68 27.50
C LEU C 614 51.99 -12.40 27.20
N THR C 615 51.21 -12.64 28.25
CA THR C 615 49.88 -13.23 28.10
C THR C 615 48.89 -12.18 27.61
N VAL C 616 49.01 -10.97 28.16
CA VAL C 616 48.15 -9.86 27.75
C VAL C 616 48.35 -9.54 26.27
N GLU C 617 49.60 -9.54 25.82
CA GLU C 617 49.88 -9.24 24.41
C GLU C 617 49.22 -10.24 23.46
N ARG C 618 49.18 -11.51 23.86
CA ARG C 618 48.59 -12.55 23.03
C ARG C 618 47.08 -12.66 23.21
N MET C 619 46.57 -12.09 24.29
CA MET C 619 45.13 -12.16 24.59
C MET C 619 44.38 -10.95 24.03
N VAL C 620 45.12 -9.96 23.55
CA VAL C 620 44.49 -8.76 22.99
C VAL C 620 44.49 -8.81 21.47
N SER C 621 43.29 -8.98 20.90
CA SER C 621 43.11 -9.03 19.46
C SER C 621 42.42 -7.76 18.97
N PRO C 622 43.02 -7.08 17.99
CA PRO C 622 42.40 -5.88 17.42
C PRO C 622 41.09 -6.18 16.70
N ILE C 623 40.48 -5.14 16.15
CA ILE C 623 39.23 -5.30 15.40
C ILE C 623 39.42 -6.29 14.26
N GLU C 624 38.57 -7.31 14.21
CA GLU C 624 38.67 -8.32 13.16
C GLU C 624 37.32 -8.56 12.47
N SER C 625 36.35 -9.08 13.20
CA SER C 625 35.00 -9.20 12.69
C SER C 625 34.38 -7.81 12.58
N ALA C 626 33.31 -7.68 11.81
CA ALA C 626 32.69 -6.38 11.57
C ALA C 626 31.75 -6.04 12.73
N GLU C 627 30.96 -7.03 13.15
CA GLU C 627 30.04 -6.85 14.27
C GLU C 627 30.75 -6.33 15.51
N ASP C 628 31.93 -6.89 15.76
CA ASP C 628 32.77 -6.48 16.87
C ASP C 628 33.13 -5.00 16.72
N LEU C 629 33.46 -4.60 15.49
CA LEU C 629 33.81 -3.20 15.20
C LEU C 629 32.67 -2.21 15.44
N SER C 630 31.45 -2.68 15.22
CA SER C 630 30.25 -1.84 15.33
C SER C 630 29.92 -1.36 16.75
N LYS C 631 30.18 -2.21 17.74
CA LYS C 631 29.79 -1.91 19.12
C LYS C 631 30.79 -1.00 19.85
N GLN C 632 31.97 -0.80 19.27
CA GLN C 632 32.98 0.05 19.90
C GLN C 632 33.06 1.44 19.26
N THR C 633 33.22 2.43 20.12
CA THR C 633 33.32 3.82 19.68
C THR C 633 34.77 4.31 19.61
N GLU C 634 35.72 3.48 20.01
CA GLU C 634 37.13 3.90 20.03
C GLU C 634 37.64 4.18 18.63
N ILE C 635 37.61 3.17 17.78
CA ILE C 635 38.04 3.33 16.39
C ILE C 635 36.89 3.86 15.53
N ALA C 636 37.08 5.05 14.98
CA ALA C 636 36.09 5.65 14.09
C ALA C 636 36.13 4.88 12.79
N TYR C 637 35.06 4.94 12.01
CA TYR C 637 35.02 4.22 10.74
C TYR C 637 34.08 4.86 9.73
N GLY C 638 34.30 4.59 8.45
CA GLY C 638 33.45 5.20 7.43
C GLY C 638 33.48 4.58 6.05
N THR C 639 32.84 5.25 5.09
CA THR C 639 32.76 4.76 3.71
C THR C 639 32.94 5.89 2.69
N LEU C 640 32.70 5.58 1.42
CA LEU C 640 32.79 6.55 0.34
C LEU C 640 31.67 7.59 0.44
N ASP C 641 31.90 8.78 -0.14
CA ASP C 641 30.93 9.86 -0.09
C ASP C 641 29.64 9.51 -0.84
N SER C 642 29.78 8.99 -2.06
CA SER C 642 28.64 8.50 -2.82
C SER C 642 28.97 7.18 -3.50
N GLY C 643 28.22 6.13 -3.16
CA GLY C 643 28.47 4.83 -3.75
C GLY C 643 27.48 3.75 -3.36
N SER C 644 27.61 2.60 -4.01
CA SER C 644 26.76 1.45 -3.76
C SER C 644 26.94 0.96 -2.33
N THR C 645 28.13 1.18 -1.78
CA THR C 645 28.44 0.80 -0.40
C THR C 645 27.66 1.60 0.62
N LYS C 646 27.75 2.92 0.50
CA LYS C 646 27.04 3.83 1.38
C LYS C 646 25.54 3.62 1.27
N GLU C 647 25.05 3.57 0.03
CA GLU C 647 23.63 3.35 -0.21
C GLU C 647 23.21 1.98 0.32
N PHE C 648 24.13 1.02 0.32
CA PHE C 648 23.87 -0.28 0.91
C PHE C 648 23.63 -0.14 2.40
N PHE C 649 24.56 0.50 3.10
CA PHE C 649 24.41 0.70 4.55
C PHE C 649 23.12 1.42 4.89
N ARG C 650 22.86 2.51 4.18
CA ARG C 650 21.62 3.27 4.35
C ARG C 650 20.38 2.40 4.15
N ARG C 651 20.20 1.89 2.94
CA ARG C 651 18.96 1.17 2.63
C ARG C 651 18.84 -0.20 3.34
N SER C 652 19.93 -0.65 3.97
CA SER C 652 19.91 -1.96 4.64
C SER C 652 19.32 -1.89 6.04
N LYS C 653 18.34 -2.74 6.29
CA LYS C 653 17.66 -2.80 7.59
C LYS C 653 18.25 -3.90 8.48
N ILE C 654 19.35 -4.50 8.04
CA ILE C 654 20.01 -5.55 8.81
C ILE C 654 20.65 -4.93 10.05
N ALA C 655 20.48 -5.60 11.19
CA ALA C 655 20.82 -5.05 12.51
C ALA C 655 22.18 -4.38 12.63
N VAL C 656 23.24 -5.18 12.48
CA VAL C 656 24.60 -4.70 12.64
C VAL C 656 24.87 -3.49 11.75
N PHE C 657 24.58 -3.66 10.46
CA PHE C 657 24.81 -2.63 9.46
C PHE C 657 23.97 -1.40 9.74
N ASP C 658 22.75 -1.61 10.25
CA ASP C 658 21.88 -0.52 10.64
C ASP C 658 22.54 0.32 11.74
N LYS C 659 23.05 -0.36 12.76
CA LYS C 659 23.76 0.29 13.85
C LYS C 659 24.94 1.12 13.32
N MET C 660 25.73 0.48 12.46
CA MET C 660 26.91 1.11 11.86
C MET C 660 26.52 2.38 11.11
N TRP C 661 25.45 2.26 10.31
CA TRP C 661 24.94 3.38 9.54
C TRP C 661 24.50 4.51 10.45
N THR C 662 23.80 4.14 11.53
CA THR C 662 23.35 5.11 12.52
C THR C 662 24.53 5.90 13.06
N TYR C 663 25.64 5.20 13.33
CA TYR C 663 26.84 5.88 13.78
C TYR C 663 27.39 6.83 12.71
N MET C 664 27.49 6.31 11.48
CA MET C 664 28.17 7.05 10.41
C MET C 664 27.43 8.27 9.89
N ARG C 665 26.10 8.21 9.80
CA ARG C 665 25.36 9.32 9.25
C ARG C 665 25.48 10.53 10.16
N SER C 666 25.33 10.34 11.46
CA SER C 666 25.63 11.42 12.40
C SER C 666 26.94 11.11 13.10
N ALA C 667 28.02 11.74 12.65
CA ALA C 667 29.34 11.63 13.26
C ALA C 667 30.15 12.87 12.91
N GLU C 668 30.96 13.36 13.84
CA GLU C 668 31.81 14.50 13.53
C GLU C 668 33.24 14.30 14.04
N PRO C 669 34.23 14.68 13.21
CA PRO C 669 34.09 15.21 11.86
C PRO C 669 33.61 14.14 10.87
N SER C 670 33.12 14.55 9.69
CA SER C 670 32.54 13.61 8.74
C SER C 670 33.52 12.48 8.44
N VAL C 671 33.05 11.24 8.60
CA VAL C 671 33.91 10.08 8.43
C VAL C 671 33.90 9.59 6.99
N PHE C 672 33.08 10.23 6.16
CA PHE C 672 33.01 9.89 4.75
C PHE C 672 34.13 10.56 3.95
N VAL C 673 34.50 9.96 2.83
CA VAL C 673 35.54 10.49 1.97
C VAL C 673 35.05 10.54 0.51
N ARG C 674 35.55 11.51 -0.25
CA ARG C 674 35.13 11.69 -1.62
C ARG C 674 35.64 10.59 -2.54
N THR C 675 36.89 10.18 -2.34
CA THR C 675 37.49 9.13 -3.16
C THR C 675 38.23 8.10 -2.32
N THR C 676 38.55 6.97 -2.94
CA THR C 676 39.26 5.87 -2.29
C THR C 676 40.62 6.30 -1.75
N ALA C 677 41.41 6.96 -2.60
CA ALA C 677 42.74 7.44 -2.23
C ALA C 677 42.70 8.29 -0.97
N GLU C 678 41.73 9.20 -0.92
CA GLU C 678 41.55 10.07 0.25
C GLU C 678 41.25 9.26 1.51
N GLY C 679 40.42 8.23 1.36
CA GLY C 679 40.06 7.36 2.46
C GLY C 679 41.24 6.59 3.01
N VAL C 680 41.98 5.94 2.12
CA VAL C 680 43.16 5.17 2.50
C VAL C 680 44.19 6.08 3.16
N ALA C 681 44.44 7.23 2.53
CA ALA C 681 45.35 8.23 3.09
C ALA C 681 44.89 8.63 4.50
N ARG C 682 43.58 8.66 4.71
CA ARG C 682 43.03 8.96 6.03
C ARG C 682 43.28 7.81 6.99
N VAL C 683 43.32 6.58 6.46
CA VAL C 683 43.61 5.42 7.29
C VAL C 683 45.06 5.47 7.75
N ARG C 684 45.90 6.05 6.90
CA ARG C 684 47.32 6.13 7.19
C ARG C 684 47.64 7.18 8.26
N LYS C 685 46.91 8.30 8.22
CA LYS C 685 47.20 9.42 9.12
C LYS C 685 46.51 9.29 10.48
N SER C 686 45.72 8.23 10.66
CA SER C 686 44.95 8.06 11.88
C SER C 686 45.63 7.17 12.92
N LYS C 687 46.82 6.67 12.59
CA LYS C 687 47.54 5.72 13.42
C LYS C 687 46.68 4.50 13.76
N GLY C 688 45.94 4.01 12.77
CA GLY C 688 45.09 2.84 12.93
C GLY C 688 43.88 3.06 13.83
N LYS C 689 43.55 4.32 14.08
CA LYS C 689 42.39 4.67 14.89
C LYS C 689 41.17 4.93 14.00
N TYR C 690 41.34 4.74 12.70
CA TYR C 690 40.26 4.93 11.74
C TYR C 690 40.18 3.76 10.76
N ALA C 691 38.98 3.21 10.62
CA ALA C 691 38.75 2.10 9.71
C ALA C 691 38.00 2.56 8.47
N TYR C 692 38.36 1.96 7.34
CA TYR C 692 37.72 2.33 6.09
C TYR C 692 37.03 1.12 5.49
N LEU C 693 35.72 1.26 5.32
CA LEU C 693 34.92 0.24 4.69
C LEU C 693 34.91 0.52 3.21
N LEU C 694 35.56 -0.35 2.46
CA LEU C 694 35.62 -0.15 1.01
C LEU C 694 35.36 -1.48 0.33
N GLU C 695 35.09 -1.43 -0.96
CA GLU C 695 34.82 -2.64 -1.71
C GLU C 695 36.04 -3.55 -1.72
N SER C 696 35.79 -4.86 -1.70
CA SER C 696 36.81 -5.90 -1.60
C SER C 696 37.99 -5.68 -2.54
N THR C 697 37.70 -5.67 -3.83
CA THR C 697 38.70 -5.53 -4.89
C THR C 697 39.71 -4.41 -4.62
N MET C 698 39.23 -3.18 -4.53
CA MET C 698 40.10 -2.03 -4.28
C MET C 698 40.96 -2.24 -3.04
N ASN C 699 40.37 -2.85 -2.02
CA ASN C 699 41.07 -3.13 -0.77
C ASN C 699 42.24 -4.07 -1.02
N GLU C 700 41.97 -5.13 -1.78
CA GLU C 700 42.99 -6.10 -2.16
C GLU C 700 44.10 -5.44 -2.96
N TYR C 701 43.73 -4.45 -3.78
CA TYR C 701 44.70 -3.76 -4.61
C TYR C 701 45.64 -2.88 -3.79
N ILE C 702 45.05 -2.01 -2.96
CA ILE C 702 45.83 -1.14 -2.09
C ILE C 702 46.70 -1.98 -1.15
N GLU C 703 46.17 -3.11 -0.71
CA GLU C 703 46.90 -4.03 0.17
C GLU C 703 48.09 -4.63 -0.58
N GLN C 704 47.93 -4.82 -1.88
CA GLN C 704 48.96 -5.40 -2.73
C GLN C 704 49.85 -4.35 -3.38
N ARG C 705 49.66 -3.09 -3.00
CA ARG C 705 50.46 -2.02 -3.57
C ARG C 705 51.27 -1.33 -2.47
N LYS C 706 52.50 -0.96 -2.82
CA LYS C 706 53.43 -0.33 -1.89
C LYS C 706 52.89 0.96 -1.26
N PRO C 707 53.37 1.32 -0.06
CA PRO C 707 54.36 0.58 0.74
C PRO C 707 53.78 -0.52 1.64
N CYS C 708 52.76 -1.24 1.18
CA CYS C 708 52.25 -2.43 1.89
C CYS C 708 51.91 -2.16 3.37
N ASP C 709 51.48 -0.95 3.70
CA ASP C 709 51.21 -0.61 5.09
C ASP C 709 49.78 -0.91 5.51
N THR C 710 48.91 -1.23 4.54
CA THR C 710 47.52 -1.53 4.84
C THR C 710 47.27 -3.05 4.86
N MET C 711 46.04 -3.42 5.23
CA MET C 711 45.65 -4.83 5.30
C MET C 711 44.13 -5.00 5.26
N LYS C 712 43.68 -6.19 4.86
CA LYS C 712 42.26 -6.53 4.86
C LYS C 712 41.89 -7.28 6.14
N VAL C 713 40.88 -6.79 6.85
CA VAL C 713 40.50 -7.43 8.09
C VAL C 713 39.15 -8.12 8.00
N GLY C 714 39.07 -9.32 8.59
CA GLY C 714 37.85 -10.10 8.60
C GLY C 714 37.41 -10.53 7.21
N GLY C 715 36.18 -11.01 7.12
CA GLY C 715 35.62 -11.44 5.85
C GLY C 715 34.97 -10.25 5.18
N ASN C 716 33.95 -10.52 4.37
CA ASN C 716 33.21 -9.44 3.71
C ASN C 716 31.81 -9.30 4.30
N LEU C 717 31.28 -8.08 4.25
CA LEU C 717 29.99 -7.78 4.84
C LEU C 717 28.85 -8.29 3.96
N ASP C 718 29.07 -8.28 2.65
CA ASP C 718 28.08 -8.78 1.70
C ASP C 718 28.77 -9.43 0.51
N SER C 719 28.01 -10.18 -0.28
CA SER C 719 28.56 -10.82 -1.47
C SER C 719 27.86 -10.35 -2.74
N LYS C 720 28.59 -9.66 -3.60
CA LYS C 720 28.02 -9.10 -4.83
C LYS C 720 29.08 -9.06 -5.93
N GLY C 721 28.77 -8.40 -7.04
CA GLY C 721 29.69 -8.31 -8.17
C GLY C 721 29.60 -7.05 -9.00
N TYR C 722 30.64 -6.78 -9.78
CA TYR C 722 30.60 -5.68 -10.74
C TYR C 722 29.93 -6.14 -12.01
N GLY C 723 29.74 -5.23 -12.96
CA GLY C 723 29.09 -5.59 -14.22
C GLY C 723 29.02 -4.48 -15.22
N ILE C 724 28.81 -4.84 -16.48
CA ILE C 724 28.66 -3.88 -17.57
C ILE C 724 27.21 -3.44 -17.73
N ALA C 725 27.01 -2.13 -17.64
CA ALA C 725 25.66 -1.56 -17.66
C ALA C 725 25.31 -0.96 -19.01
N THR C 726 24.06 -1.17 -19.42
CA THR C 726 23.52 -0.61 -20.65
C THR C 726 22.18 0.00 -20.33
N PRO C 727 21.76 1.03 -21.08
CA PRO C 727 20.44 1.62 -20.82
C PRO C 727 19.33 0.61 -21.06
N LYS C 728 18.24 0.70 -20.31
CA LYS C 728 17.18 -0.31 -20.39
C LYS C 728 16.64 -0.42 -21.80
N GLY C 729 16.53 -1.66 -22.29
CA GLY C 729 16.05 -1.91 -23.63
C GLY C 729 17.09 -1.73 -24.73
N SER C 730 18.34 -1.52 -24.34
CA SER C 730 19.42 -1.36 -25.32
C SER C 730 19.71 -2.64 -26.09
N SER C 731 20.17 -2.48 -27.32
CA SER C 731 20.51 -3.59 -28.18
C SER C 731 21.79 -4.29 -27.73
N LEU C 732 22.73 -3.51 -27.20
CA LEU C 732 24.04 -4.02 -26.81
C LEU C 732 24.01 -5.01 -25.64
N GLY C 733 22.91 -5.02 -24.90
CA GLY C 733 22.81 -5.79 -23.67
C GLY C 733 23.11 -7.27 -23.79
N THR C 734 22.35 -7.95 -24.64
CA THR C 734 22.52 -9.40 -24.81
C THR C 734 23.90 -9.77 -25.39
N PRO C 735 24.35 -9.13 -26.48
CA PRO C 735 25.69 -9.50 -26.97
C PRO C 735 26.79 -9.23 -25.96
N VAL C 736 26.76 -8.09 -25.28
CA VAL C 736 27.78 -7.79 -24.27
C VAL C 736 27.75 -8.84 -23.16
N ASN C 737 26.54 -9.22 -22.74
CA ASN C 737 26.37 -10.27 -21.73
C ASN C 737 27.05 -11.57 -22.14
N LEU C 738 26.69 -12.05 -23.33
CA LEU C 738 27.27 -13.28 -23.88
C LEU C 738 28.79 -13.17 -23.98
N ALA C 739 29.26 -11.98 -24.33
CA ALA C 739 30.69 -11.69 -24.42
C ALA C 739 31.38 -11.88 -23.07
N VAL C 740 30.77 -11.33 -22.01
CA VAL C 740 31.31 -11.46 -20.66
C VAL C 740 31.34 -12.91 -20.21
N LEU C 741 30.28 -13.65 -20.55
CA LEU C 741 30.23 -15.08 -20.27
C LEU C 741 31.37 -15.82 -20.98
N LYS C 742 31.63 -15.41 -22.22
CA LYS C 742 32.66 -16.04 -23.05
C LYS C 742 34.05 -15.77 -22.48
N LEU C 743 34.31 -14.51 -22.16
CA LEU C 743 35.54 -14.09 -21.50
C LEU C 743 35.74 -14.79 -20.16
N SER C 744 34.63 -15.06 -19.47
CA SER C 744 34.67 -15.77 -18.20
C SER C 744 35.11 -17.22 -18.39
N GLU C 745 34.42 -17.94 -19.28
CA GLU C 745 34.73 -19.34 -19.51
C GLU C 745 36.12 -19.51 -20.13
N GLN C 746 36.57 -18.47 -20.82
CA GLN C 746 37.85 -18.51 -21.53
C GLN C 746 39.01 -18.20 -20.59
N GLY C 747 38.70 -17.80 -19.35
CA GLY C 747 39.73 -17.52 -18.36
C GLY C 747 40.38 -16.15 -18.51
N VAL C 748 39.90 -15.36 -19.47
CA VAL C 748 40.43 -14.03 -19.73
C VAL C 748 40.33 -13.12 -18.51
N LEU C 749 39.19 -13.20 -17.83
CA LEU C 749 38.90 -12.38 -16.67
C LEU C 749 39.92 -12.61 -15.56
N ASP C 750 40.19 -13.88 -15.27
CA ASP C 750 41.15 -14.25 -14.24
C ASP C 750 42.52 -13.66 -14.55
N LYS C 751 42.98 -13.86 -15.79
CA LYS C 751 44.29 -13.38 -16.21
C LYS C 751 44.40 -11.86 -16.15
N LEU C 752 43.30 -11.17 -16.47
CA LEU C 752 43.28 -9.72 -16.42
C LEU C 752 43.38 -9.23 -14.97
N LYS C 753 42.59 -9.88 -14.11
CA LYS C 753 42.58 -9.59 -12.69
C LYS C 753 43.98 -9.74 -12.11
N ASN C 754 44.63 -10.86 -12.44
CA ASN C 754 46.01 -11.09 -12.03
C ASN C 754 46.96 -10.01 -12.56
N LYS C 755 46.85 -9.71 -13.85
CA LYS C 755 47.69 -8.68 -14.47
C LYS C 755 47.64 -7.35 -13.73
N TRP C 756 46.45 -6.93 -13.34
CA TRP C 756 46.33 -5.59 -12.77
C TRP C 756 46.34 -5.60 -11.24
N TRP C 757 46.48 -6.77 -10.63
CA TRP C 757 46.50 -6.85 -9.17
C TRP C 757 47.75 -7.51 -8.60
N TYR C 758 47.79 -8.84 -8.68
CA TYR C 758 48.78 -9.65 -7.98
C TYR C 758 50.12 -9.77 -8.69
N ASP C 759 50.11 -9.70 -10.02
CA ASP C 759 51.31 -9.90 -10.82
C ASP C 759 52.49 -9.04 -10.36
N LYS C 760 52.22 -7.77 -10.09
CA LYS C 760 53.25 -6.82 -9.68
C LYS C 760 53.37 -6.70 -8.16
N GLY C 761 52.65 -7.55 -7.44
CA GLY C 761 52.58 -7.49 -5.98
C GLY C 761 53.93 -7.52 -5.29
N GLU C 762 54.17 -6.49 -4.49
CA GLU C 762 55.43 -6.34 -3.77
C GLU C 762 55.35 -6.80 -2.31
N CYS C 763 54.18 -7.24 -1.89
CA CYS C 763 53.96 -7.61 -0.50
C CYS C 763 54.12 -9.12 -0.25
N GLY C 764 54.48 -9.85 -1.29
CA GLY C 764 54.71 -11.28 -1.18
C GLY C 764 53.44 -12.10 -1.34
N SER C 778 61.66 -14.32 20.69
CA SER C 778 61.69 -12.88 20.98
C SER C 778 63.11 -12.34 20.95
N LEU C 779 63.53 -11.86 19.78
CA LEU C 779 64.90 -11.42 19.57
C LEU C 779 65.12 -9.97 20.03
N SER C 780 64.06 -9.38 20.56
CA SER C 780 64.09 -7.96 20.96
C SER C 780 64.85 -7.72 22.26
N ASN C 781 64.30 -8.23 23.36
CA ASN C 781 64.88 -8.06 24.69
C ASN C 781 66.30 -8.59 24.80
N VAL C 782 66.62 -9.53 23.92
CA VAL C 782 67.87 -10.27 23.97
C VAL C 782 69.08 -9.36 23.94
N ALA C 783 68.98 -8.27 23.18
CA ALA C 783 70.09 -7.34 23.03
C ALA C 783 70.58 -6.88 24.40
N GLY C 784 69.65 -6.68 25.33
CA GLY C 784 70.03 -6.30 26.67
C GLY C 784 70.79 -7.39 27.40
N VAL C 785 70.21 -8.60 27.42
CA VAL C 785 70.76 -9.71 28.18
C VAL C 785 72.16 -10.05 27.69
N PHE C 786 72.32 -10.05 26.37
CA PHE C 786 73.63 -10.33 25.79
C PHE C 786 74.63 -9.21 25.93
N TYR C 787 74.14 -7.97 26.08
CA TYR C 787 75.06 -6.85 26.26
C TYR C 787 75.56 -6.77 27.69
N ILE C 788 74.71 -7.08 28.66
CA ILE C 788 75.16 -7.09 30.05
C ILE C 788 76.23 -8.18 30.21
N LEU C 789 76.09 -9.26 29.45
CA LEU C 789 77.12 -10.31 29.46
C LEU C 789 78.40 -9.86 28.77
N VAL C 790 78.30 -9.61 27.47
CA VAL C 790 79.45 -9.23 26.66
C VAL C 790 80.12 -7.97 27.20
N GLY C 791 79.28 -7.00 27.60
CA GLY C 791 79.75 -5.78 28.20
C GLY C 791 80.46 -6.05 29.51
N GLY C 792 79.89 -6.95 30.30
CA GLY C 792 80.45 -7.30 31.59
C GLY C 792 81.81 -7.97 31.50
N LEU C 793 81.92 -8.92 30.57
CA LEU C 793 83.14 -9.70 30.41
C LEU C 793 84.35 -8.82 30.17
N GLY C 794 84.15 -7.74 29.42
CA GLY C 794 85.24 -6.83 29.14
C GLY C 794 85.79 -6.27 30.44
N LEU C 795 84.90 -5.80 31.32
CA LEU C 795 85.36 -5.32 32.62
C LEU C 795 86.01 -6.48 33.36
N ALA C 796 85.38 -7.64 33.23
CA ALA C 796 85.88 -8.85 33.87
C ALA C 796 87.23 -9.22 33.30
N MET C 797 87.43 -8.92 32.02
CA MET C 797 88.73 -9.15 31.40
C MET C 797 89.77 -8.22 32.01
N LEU C 798 89.39 -6.96 32.18
CA LEU C 798 90.31 -5.93 32.62
C LEU C 798 90.90 -6.30 33.96
N VAL C 799 90.01 -6.57 34.93
CA VAL C 799 90.43 -6.90 36.28
C VAL C 799 91.37 -8.10 36.24
N ALA C 800 91.07 -9.07 35.37
CA ALA C 800 91.96 -10.22 35.26
C ALA C 800 93.33 -9.81 34.71
N LEU C 801 93.31 -9.08 33.60
CA LEU C 801 94.54 -8.76 32.89
C LEU C 801 95.41 -7.88 33.76
N ILE C 802 94.79 -6.86 34.34
CA ILE C 802 95.50 -5.89 35.17
C ILE C 802 96.16 -6.62 36.32
N GLU C 803 95.55 -7.72 36.76
CA GLU C 803 96.11 -8.52 37.84
C GLU C 803 97.35 -9.29 37.39
N PHE C 804 97.28 -9.96 36.23
CA PHE C 804 98.41 -10.77 35.77
C PHE C 804 99.66 -9.94 35.44
N ALA C 805 99.45 -8.69 35.05
CA ALA C 805 100.54 -7.76 34.80
C ALA C 805 101.09 -7.21 36.11
N TYR C 806 100.23 -7.14 37.11
CA TYR C 806 100.56 -6.56 38.41
C TYR C 806 101.50 -7.46 39.22
N ASN D 1 -33.26 57.98 -50.02
CA ASN D 1 -32.73 57.99 -48.65
C ASN D 1 -32.50 56.58 -48.14
N SER D 2 -33.34 55.64 -48.56
CA SER D 2 -33.21 54.26 -48.14
C SER D 2 -32.10 53.55 -48.91
N ILE D 3 -31.37 52.70 -48.20
CA ILE D 3 -30.27 51.94 -48.78
C ILE D 3 -30.70 50.49 -48.92
N GLN D 4 -30.46 49.88 -50.07
CA GLN D 4 -30.94 48.52 -50.29
C GLN D 4 -29.82 47.53 -50.07
N ILE D 5 -30.01 46.63 -49.11
CA ILE D 5 -28.98 45.64 -48.85
C ILE D 5 -29.51 44.23 -49.05
N GLY D 6 -28.66 43.37 -49.60
CA GLY D 6 -29.05 42.00 -49.86
C GLY D 6 -28.77 41.11 -48.67
N GLY D 7 -29.56 40.06 -48.49
CA GLY D 7 -29.23 39.12 -47.44
C GLY D 7 -29.49 37.68 -47.82
N LEU D 8 -28.67 36.79 -47.25
CA LEU D 8 -28.75 35.36 -47.50
C LEU D 8 -28.88 34.58 -46.21
N PHE D 9 -30.01 33.91 -46.04
CA PHE D 9 -30.25 33.09 -44.86
C PHE D 9 -30.44 31.62 -45.23
N PRO D 10 -29.55 30.76 -44.70
CA PRO D 10 -29.64 29.31 -44.93
C PRO D 10 -31.00 28.78 -44.51
N ARG D 11 -31.49 27.76 -45.19
CA ARG D 11 -32.73 27.13 -44.76
C ARG D 11 -32.55 26.59 -43.36
N GLY D 12 -33.43 27.00 -42.46
CA GLY D 12 -33.33 26.59 -41.08
C GLY D 12 -32.75 27.68 -40.20
N ALA D 13 -32.45 28.82 -40.80
CA ALA D 13 -31.91 29.95 -40.04
C ALA D 13 -33.09 30.78 -39.52
N ASP D 14 -33.22 30.81 -38.20
CA ASP D 14 -34.40 31.39 -37.57
C ASP D 14 -34.00 32.41 -36.52
N GLN D 15 -33.28 31.94 -35.49
CA GLN D 15 -32.78 32.81 -34.44
C GLN D 15 -31.95 33.94 -35.04
N GLU D 16 -31.15 33.59 -36.04
CA GLU D 16 -30.34 34.57 -36.75
C GLU D 16 -31.20 35.65 -37.41
N TYR D 17 -32.15 35.24 -38.25
CA TYR D 17 -33.03 36.16 -38.95
C TYR D 17 -33.88 36.98 -37.98
N SER D 18 -34.27 36.35 -36.87
CA SER D 18 -35.02 37.02 -35.82
C SER D 18 -34.20 38.16 -35.21
N ALA D 19 -32.98 37.84 -34.79
CA ALA D 19 -32.06 38.85 -34.26
C ALA D 19 -31.73 39.91 -35.32
N PHE D 20 -31.81 39.50 -36.59
CA PHE D 20 -31.59 40.42 -37.69
C PHE D 20 -32.67 41.47 -37.75
N ARG D 21 -33.92 41.02 -37.64
CA ARG D 21 -35.08 41.89 -37.68
C ARG D 21 -35.14 42.78 -36.45
N VAL D 22 -34.77 42.20 -35.31
CA VAL D 22 -34.71 42.94 -34.05
C VAL D 22 -33.66 44.03 -34.14
N GLY D 23 -32.52 43.72 -34.76
CA GLY D 23 -31.49 44.71 -35.00
C GLY D 23 -31.97 45.78 -35.96
N MET D 24 -32.80 45.39 -36.91
CA MET D 24 -33.39 46.32 -37.86
C MET D 24 -34.26 47.34 -37.15
N VAL D 25 -35.10 46.88 -36.23
CA VAL D 25 -35.96 47.79 -35.48
C VAL D 25 -35.17 48.64 -34.48
N GLN D 26 -34.25 48.00 -33.76
CA GLN D 26 -33.46 48.64 -32.72
C GLN D 26 -32.54 49.74 -33.26
N PHE D 27 -31.93 49.49 -34.40
CA PHE D 27 -30.92 50.39 -34.97
C PHE D 27 -31.45 51.41 -35.99
N SER D 28 -32.16 50.96 -37.01
CA SER D 28 -32.55 51.86 -38.10
C SER D 28 -33.18 53.15 -37.57
N THR D 29 -32.49 54.25 -37.92
CA THR D 29 -32.81 55.61 -37.49
C THR D 29 -33.64 56.41 -38.47
N SER D 30 -34.02 57.61 -38.04
CA SER D 30 -34.81 58.54 -38.83
C SER D 30 -34.01 59.08 -40.02
N GLU D 31 -32.69 59.16 -39.88
CA GLU D 31 -31.83 59.73 -40.92
C GLU D 31 -31.88 58.94 -42.22
N PHE D 32 -31.81 57.62 -42.10
CA PHE D 32 -31.87 56.72 -43.24
C PHE D 32 -32.32 55.34 -42.76
N ARG D 33 -32.98 54.59 -43.64
CA ARG D 33 -33.46 53.27 -43.25
C ARG D 33 -32.90 52.18 -44.16
N LEU D 34 -32.44 51.09 -43.55
CA LEU D 34 -31.96 49.95 -44.31
C LEU D 34 -33.13 49.18 -44.90
N THR D 35 -32.93 48.63 -46.10
CA THR D 35 -33.94 47.87 -46.80
C THR D 35 -33.41 46.47 -47.11
N PRO D 36 -33.62 45.54 -46.18
CA PRO D 36 -33.18 44.16 -46.37
C PRO D 36 -33.98 43.46 -47.46
N HIS D 37 -33.29 42.79 -48.37
CA HIS D 37 -33.95 41.86 -49.27
C HIS D 37 -33.46 40.45 -48.95
N ILE D 38 -34.32 39.66 -48.33
CA ILE D 38 -33.93 38.35 -47.83
C ILE D 38 -34.08 37.25 -48.88
N ASP D 39 -33.11 36.34 -48.90
CA ASP D 39 -33.17 35.14 -49.72
C ASP D 39 -32.86 33.92 -48.86
N ASN D 40 -33.85 33.05 -48.71
CA ASN D 40 -33.64 31.79 -48.01
C ASN D 40 -33.15 30.75 -49.00
N LEU D 41 -32.06 30.08 -48.66
CA LEU D 41 -31.47 29.12 -49.60
C LEU D 41 -30.63 28.08 -48.87
N GLU D 42 -30.26 27.00 -49.55
CA GLU D 42 -29.39 26.02 -48.91
C GLU D 42 -27.95 26.47 -49.17
N VAL D 43 -27.30 26.89 -48.10
CA VAL D 43 -26.04 27.62 -48.21
C VAL D 43 -24.89 26.70 -48.58
N ALA D 44 -25.02 25.41 -48.25
CA ALA D 44 -23.99 24.43 -48.57
C ALA D 44 -23.89 24.23 -50.08
N ASN D 45 -24.90 24.65 -50.82
CA ASN D 45 -24.92 24.49 -52.27
C ASN D 45 -24.35 25.70 -52.99
N SER D 46 -23.22 25.50 -53.67
CA SER D 46 -22.51 26.56 -54.37
C SER D 46 -23.35 27.22 -55.46
N PHE D 47 -24.04 26.41 -56.26
CA PHE D 47 -24.89 26.94 -57.33
C PHE D 47 -25.94 27.91 -56.77
N ALA D 48 -26.64 27.49 -55.73
CA ALA D 48 -27.69 28.30 -55.13
C ALA D 48 -27.17 29.64 -54.60
N VAL D 49 -26.04 29.60 -53.89
CA VAL D 49 -25.48 30.82 -53.33
C VAL D 49 -25.01 31.74 -54.47
N THR D 50 -24.37 31.16 -55.49
CA THR D 50 -23.98 31.92 -56.68
C THR D 50 -25.18 32.67 -57.25
N ASN D 51 -26.28 31.94 -57.41
CA ASN D 51 -27.47 32.51 -58.02
C ASN D 51 -28.13 33.58 -57.15
N ALA D 52 -28.15 33.35 -55.85
CA ALA D 52 -28.74 34.32 -54.94
C ALA D 52 -27.91 35.59 -54.92
N PHE D 53 -26.59 35.43 -54.90
CA PHE D 53 -25.65 36.54 -54.90
C PHE D 53 -25.81 37.38 -56.17
N CYS D 54 -25.91 36.70 -57.32
CA CYS D 54 -26.10 37.41 -58.58
C CYS D 54 -27.45 38.10 -58.66
N SER D 55 -28.47 37.47 -58.09
CA SER D 55 -29.82 38.04 -58.05
C SER D 55 -29.83 39.32 -57.21
N GLN D 56 -29.10 39.31 -56.11
CA GLN D 56 -29.02 40.49 -55.25
C GLN D 56 -28.20 41.57 -55.96
N PHE D 57 -27.10 41.15 -56.58
CA PHE D 57 -26.18 42.03 -57.28
C PHE D 57 -26.85 42.81 -58.40
N SER D 58 -27.55 42.11 -59.28
CA SER D 58 -28.18 42.73 -60.44
C SER D 58 -29.28 43.71 -60.07
N ARG D 59 -29.84 43.53 -58.87
CA ARG D 59 -30.86 44.42 -58.34
C ARG D 59 -30.24 45.66 -57.71
N GLY D 60 -28.91 45.75 -57.73
CA GLY D 60 -28.21 46.93 -57.26
C GLY D 60 -28.08 47.10 -55.76
N VAL D 61 -27.62 46.05 -55.08
CA VAL D 61 -27.44 46.11 -53.64
C VAL D 61 -26.15 46.85 -53.30
N TYR D 62 -26.19 47.64 -52.24
CA TYR D 62 -25.01 48.40 -51.80
C TYR D 62 -24.07 47.52 -50.99
N ALA D 63 -24.66 46.56 -50.27
CA ALA D 63 -23.88 45.61 -49.49
C ALA D 63 -24.70 44.35 -49.24
N ILE D 64 -24.02 43.24 -48.99
CA ILE D 64 -24.69 41.98 -48.76
C ILE D 64 -24.29 41.37 -47.43
N PHE D 65 -25.28 40.87 -46.70
CA PHE D 65 -25.05 40.17 -45.45
C PHE D 65 -25.58 38.75 -45.55
N GLY D 66 -24.79 37.76 -45.16
CA GLY D 66 -25.18 36.39 -45.34
C GLY D 66 -24.34 35.38 -44.59
N PHE D 67 -24.44 34.13 -45.01
CA PHE D 67 -23.66 33.05 -44.41
C PHE D 67 -23.02 32.23 -45.53
N TYR D 68 -22.05 31.40 -45.17
CA TYR D 68 -21.45 30.48 -46.14
C TYR D 68 -20.96 29.19 -45.49
N ASP D 69 -20.94 28.11 -46.25
CA ASP D 69 -20.38 26.85 -45.79
C ASP D 69 -18.93 26.81 -46.28
N LYS D 70 -18.16 25.78 -45.91
CA LYS D 70 -16.81 25.65 -46.44
C LYS D 70 -16.86 25.36 -47.94
N LYS D 71 -18.04 25.00 -48.42
CA LYS D 71 -18.24 24.69 -49.82
C LYS D 71 -18.50 25.98 -50.60
N SER D 72 -19.47 26.76 -50.11
CA SER D 72 -19.88 27.99 -50.76
C SER D 72 -18.92 29.17 -50.56
N VAL D 73 -18.07 29.08 -49.54
CA VAL D 73 -17.22 30.20 -49.14
C VAL D 73 -16.37 30.78 -50.29
N ASN D 74 -15.69 29.91 -51.03
CA ASN D 74 -14.86 30.37 -52.15
C ASN D 74 -15.68 31.12 -53.19
N THR D 75 -16.91 30.68 -53.40
CA THR D 75 -17.82 31.35 -54.31
C THR D 75 -18.06 32.78 -53.83
N ILE D 76 -18.33 32.91 -52.54
CA ILE D 76 -18.60 34.21 -51.95
C ILE D 76 -17.37 35.12 -52.06
N THR D 77 -16.23 34.67 -51.56
CA THR D 77 -15.00 35.48 -51.59
C THR D 77 -14.60 35.89 -53.00
N SER D 78 -14.69 34.95 -53.93
CA SER D 78 -14.34 35.24 -55.33
C SER D 78 -15.30 36.24 -55.96
N PHE D 79 -16.60 36.04 -55.76
CA PHE D 79 -17.59 36.90 -56.38
C PHE D 79 -17.59 38.31 -55.78
N CYS D 80 -17.39 38.39 -54.47
CA CYS D 80 -17.29 39.66 -53.79
C CYS D 80 -16.04 40.39 -54.23
N GLY D 81 -14.93 39.67 -54.29
CA GLY D 81 -13.67 40.26 -54.67
C GLY D 81 -13.68 40.76 -56.11
N THR D 82 -14.37 40.04 -56.98
CA THR D 82 -14.43 40.40 -58.39
C THR D 82 -15.44 41.51 -58.68
N LEU D 83 -16.61 41.42 -58.07
CA LEU D 83 -17.68 42.38 -58.33
C LEU D 83 -17.66 43.54 -57.35
N HIS D 84 -16.66 43.55 -56.47
CA HIS D 84 -16.46 44.63 -55.51
C HIS D 84 -17.69 44.87 -54.64
N VAL D 85 -18.28 43.78 -54.14
CA VAL D 85 -19.45 43.88 -53.28
C VAL D 85 -19.10 43.52 -51.85
N SER D 86 -19.37 44.44 -50.92
CA SER D 86 -19.06 44.21 -49.52
C SER D 86 -19.92 43.08 -48.97
N PHE D 87 -19.30 42.21 -48.17
CA PHE D 87 -20.00 41.08 -47.62
C PHE D 87 -19.75 40.92 -46.13
N ILE D 88 -20.83 41.02 -45.35
CA ILE D 88 -20.78 40.87 -43.91
C ILE D 88 -21.31 39.49 -43.57
N THR D 89 -20.78 38.88 -42.50
CA THR D 89 -21.16 37.50 -42.15
C THR D 89 -20.59 37.01 -40.82
N PRO D 90 -21.45 36.34 -40.04
CA PRO D 90 -21.18 35.63 -38.78
C PRO D 90 -20.42 34.32 -38.99
N SER D 91 -20.36 33.86 -40.24
CA SER D 91 -19.74 32.57 -40.56
C SER D 91 -18.26 32.59 -40.24
N PHE D 92 -17.68 31.40 -40.12
CA PHE D 92 -16.31 31.22 -39.66
C PHE D 92 -15.34 32.12 -40.42
N PRO D 93 -14.34 32.66 -39.71
CA PRO D 93 -13.36 33.48 -40.41
C PRO D 93 -12.62 32.65 -41.45
N THR D 94 -12.22 33.29 -42.55
CA THR D 94 -11.48 32.57 -43.58
C THR D 94 -9.99 32.85 -43.42
N ASP D 95 -9.17 31.84 -43.68
CA ASP D 95 -7.73 32.01 -43.51
C ASP D 95 -7.15 32.69 -44.76
N GLY D 96 -6.28 33.67 -44.53
CA GLY D 96 -5.67 34.42 -45.63
C GLY D 96 -6.28 35.80 -45.77
N THR D 97 -5.93 36.50 -46.85
CA THR D 97 -6.41 37.86 -47.04
C THR D 97 -7.56 37.92 -48.05
N HIS D 98 -8.76 38.17 -47.55
CA HIS D 98 -9.94 38.23 -48.41
C HIS D 98 -10.60 39.61 -48.40
N PRO D 99 -10.52 40.33 -49.52
CA PRO D 99 -11.08 41.67 -49.69
C PRO D 99 -12.60 41.66 -49.86
N PHE D 100 -13.25 42.76 -49.51
CA PHE D 100 -14.69 42.93 -49.67
C PHE D 100 -15.51 41.92 -48.88
N VAL D 101 -14.95 41.43 -47.78
CA VAL D 101 -15.65 40.54 -46.88
C VAL D 101 -15.42 41.00 -45.44
N ILE D 102 -16.51 41.14 -44.70
CA ILE D 102 -16.42 41.54 -43.30
C ILE D 102 -16.82 40.37 -42.43
N GLN D 103 -15.84 39.79 -41.74
CA GLN D 103 -16.10 38.63 -40.92
C GLN D 103 -16.38 39.05 -39.48
N MET D 104 -17.65 38.90 -39.09
CA MET D 104 -18.09 39.30 -37.76
C MET D 104 -17.52 38.39 -36.67
N ARG D 105 -17.27 37.14 -37.02
CA ARG D 105 -16.76 36.18 -36.04
C ARG D 105 -15.28 36.33 -35.78
N PRO D 106 -14.92 36.44 -34.49
CA PRO D 106 -13.54 36.46 -33.99
C PRO D 106 -12.87 35.10 -34.12
N ASP D 107 -11.54 35.10 -34.24
CA ASP D 107 -10.78 33.87 -34.38
C ASP D 107 -10.54 33.19 -33.02
N LEU D 108 -10.85 31.91 -32.94
CA LEU D 108 -10.80 31.16 -31.69
C LEU D 108 -9.46 30.47 -31.40
N LYS D 109 -8.59 30.39 -32.40
CA LYS D 109 -7.35 29.62 -32.29
C LYS D 109 -6.52 29.96 -31.06
N GLY D 110 -6.17 31.23 -30.93
CA GLY D 110 -5.33 31.70 -29.84
C GLY D 110 -5.89 31.37 -28.47
N ALA D 111 -7.17 31.66 -28.27
CA ALA D 111 -7.85 31.34 -27.03
C ALA D 111 -7.71 29.86 -26.71
N LEU D 112 -8.02 29.04 -27.70
CA LEU D 112 -7.95 27.58 -27.55
C LEU D 112 -6.56 27.11 -27.14
N LEU D 113 -5.55 27.48 -27.93
CA LEU D 113 -4.17 27.09 -27.67
C LEU D 113 -3.69 27.55 -26.29
N SER D 114 -4.05 28.78 -25.95
CA SER D 114 -3.71 29.36 -24.65
C SER D 114 -4.36 28.58 -23.51
N LEU D 115 -5.58 28.10 -23.76
CA LEU D 115 -6.30 27.29 -22.78
C LEU D 115 -5.65 25.93 -22.61
N ILE D 116 -5.21 25.35 -23.73
CA ILE D 116 -4.51 24.07 -23.71
C ILE D 116 -3.22 24.18 -22.91
N GLU D 117 -2.51 25.28 -23.12
CA GLU D 117 -1.27 25.55 -22.39
C GLU D 117 -1.59 25.80 -20.91
N TYR D 118 -2.74 26.41 -20.66
CA TYR D 118 -3.18 26.75 -19.31
C TYR D 118 -3.39 25.51 -18.43
N TYR D 119 -4.12 24.53 -18.96
CA TYR D 119 -4.35 23.29 -18.23
C TYR D 119 -3.13 22.40 -18.27
N GLN D 120 -2.13 22.83 -19.04
CA GLN D 120 -0.88 22.09 -19.22
C GLN D 120 -1.17 20.70 -19.77
N TRP D 121 -1.65 20.63 -21.00
CA TRP D 121 -1.95 19.35 -21.62
C TRP D 121 -0.82 18.95 -22.55
N ASP D 122 -0.03 17.97 -22.11
CA ASP D 122 1.03 17.40 -22.92
C ASP D 122 0.44 16.33 -23.83
N LYS D 123 -0.70 15.79 -23.41
CA LYS D 123 -1.35 14.71 -24.15
C LYS D 123 -2.87 14.85 -24.11
N PHE D 124 -3.51 14.76 -25.28
CA PHE D 124 -4.96 14.83 -25.36
C PHE D 124 -5.52 14.34 -26.69
N ALA D 125 -6.84 14.33 -26.80
CA ALA D 125 -7.52 13.91 -28.01
C ALA D 125 -8.25 15.08 -28.66
N TYR D 126 -8.37 15.04 -29.97
CA TYR D 126 -9.01 16.14 -30.70
C TYR D 126 -10.06 15.59 -31.65
N LEU D 127 -11.32 15.88 -31.37
CA LEU D 127 -12.40 15.42 -32.23
C LEU D 127 -12.93 16.57 -33.06
N TYR D 128 -12.63 16.56 -34.35
CA TYR D 128 -13.06 17.62 -35.23
C TYR D 128 -14.04 17.13 -36.28
N ASP D 129 -14.52 18.05 -37.09
CA ASP D 129 -15.29 17.74 -38.28
C ASP D 129 -14.85 18.74 -39.34
N SER D 130 -15.22 18.53 -40.59
CA SER D 130 -14.82 19.51 -41.58
C SER D 130 -16.04 20.20 -42.13
N ASP D 131 -16.28 21.37 -41.55
CA ASP D 131 -17.43 22.21 -41.84
C ASP D 131 -16.92 23.65 -41.89
N ARG D 132 -16.39 24.08 -40.76
CA ARG D 132 -15.86 25.42 -40.60
C ARG D 132 -14.41 25.48 -41.08
N GLY D 133 -13.92 24.34 -41.59
CA GLY D 133 -12.56 24.26 -42.09
C GLY D 133 -11.58 23.65 -41.11
N LEU D 134 -10.45 23.21 -41.63
CA LEU D 134 -9.43 22.51 -40.84
C LEU D 134 -8.34 23.44 -40.30
N SER D 135 -8.54 24.74 -40.46
CA SER D 135 -7.56 25.73 -40.01
C SER D 135 -7.16 25.54 -38.54
N THR D 136 -8.15 25.36 -37.68
CA THR D 136 -7.92 25.13 -36.26
C THR D 136 -7.12 23.84 -36.05
N LEU D 137 -7.45 22.83 -36.85
CA LEU D 137 -6.74 21.56 -36.82
C LEU D 137 -5.29 21.72 -37.20
N GLN D 138 -5.04 22.47 -38.27
CA GLN D 138 -3.68 22.75 -38.71
C GLN D 138 -2.91 23.46 -37.60
N ALA D 139 -3.60 24.39 -36.93
CA ALA D 139 -2.97 25.14 -35.85
C ALA D 139 -2.55 24.24 -34.69
N VAL D 140 -3.51 23.49 -34.16
CA VAL D 140 -3.23 22.64 -33.01
C VAL D 140 -2.23 21.54 -33.36
N LEU D 141 -2.24 21.10 -34.61
CA LEU D 141 -1.31 20.07 -35.06
C LEU D 141 0.11 20.62 -35.15
N ASP D 142 0.26 21.82 -35.71
CA ASP D 142 1.57 22.44 -35.78
C ASP D 142 2.14 22.68 -34.38
N SER D 143 1.33 23.30 -33.51
CA SER D 143 1.78 23.58 -32.15
C SER D 143 2.07 22.29 -31.38
N ALA D 144 1.34 21.23 -31.69
CA ALA D 144 1.58 19.93 -31.06
C ALA D 144 2.89 19.33 -31.54
N ALA D 145 3.16 19.49 -32.82
CA ALA D 145 4.39 18.99 -33.41
C ALA D 145 5.58 19.70 -32.77
N GLU D 146 5.43 21.00 -32.53
CA GLU D 146 6.48 21.76 -31.88
C GLU D 146 6.68 21.39 -30.42
N LYS D 147 5.59 21.35 -29.66
CA LYS D 147 5.69 21.15 -28.22
C LYS D 147 5.61 19.67 -27.80
N LYS D 148 5.58 18.78 -28.79
CA LYS D 148 5.58 17.33 -28.54
C LYS D 148 4.35 16.84 -27.80
N TRP D 149 3.21 17.47 -28.07
CA TRP D 149 1.95 16.98 -27.54
C TRP D 149 1.56 15.68 -28.23
N GLN D 150 0.83 14.81 -27.53
CA GLN D 150 0.34 13.61 -28.18
C GLN D 150 -1.10 13.83 -28.58
N VAL D 151 -1.30 14.33 -29.79
CA VAL D 151 -2.63 14.59 -30.30
C VAL D 151 -3.17 13.38 -31.03
N THR D 152 -4.43 13.05 -30.78
CA THR D 152 -5.10 12.04 -31.58
C THR D 152 -6.16 12.77 -32.38
N ALA D 153 -5.92 12.94 -33.68
CA ALA D 153 -6.82 13.69 -34.54
C ALA D 153 -7.88 12.76 -35.12
N ILE D 154 -9.15 13.09 -34.87
CA ILE D 154 -10.24 12.28 -35.39
C ILE D 154 -11.38 13.10 -35.99
N ASN D 155 -11.67 12.89 -37.26
CA ASN D 155 -12.79 13.56 -37.90
C ASN D 155 -14.10 12.84 -37.60
N VAL D 156 -15.01 13.54 -36.90
CA VAL D 156 -16.30 12.97 -36.54
C VAL D 156 -17.44 13.41 -37.46
N GLY D 157 -17.11 14.18 -38.48
CA GLY D 157 -18.11 14.77 -39.37
C GLY D 157 -18.58 13.85 -40.47
N ASN D 158 -17.78 12.83 -40.77
CA ASN D 158 -18.11 11.87 -41.82
C ASN D 158 -18.86 10.67 -41.28
N ILE D 159 -19.23 10.73 -40.01
CA ILE D 159 -19.90 9.62 -39.34
C ILE D 159 -21.36 9.51 -39.78
N ASN D 160 -21.72 8.37 -40.34
CA ASN D 160 -23.07 8.15 -40.84
C ASN D 160 -24.09 8.26 -39.70
N ASN D 161 -25.26 8.82 -39.98
CA ASN D 161 -26.29 8.96 -38.95
C ASN D 161 -26.84 7.60 -38.55
N ASP D 162 -26.85 6.67 -39.50
CA ASP D 162 -27.35 5.33 -39.27
C ASP D 162 -26.46 4.55 -38.31
N LYS D 163 -25.15 4.58 -38.59
CA LYS D 163 -24.17 3.81 -37.84
C LYS D 163 -23.52 4.60 -36.71
N LYS D 164 -24.00 5.81 -36.45
CA LYS D 164 -23.29 6.73 -35.55
C LYS D 164 -23.09 6.18 -34.13
N ASP D 165 -24.12 5.59 -33.54
CA ASP D 165 -24.01 5.11 -32.16
C ASP D 165 -22.87 4.12 -31.97
N GLU D 166 -22.88 3.07 -32.77
CA GLU D 166 -21.88 2.01 -32.68
C GLU D 166 -20.49 2.56 -32.98
N THR D 167 -20.40 3.43 -33.99
CA THR D 167 -19.13 4.04 -34.37
C THR D 167 -18.55 4.86 -33.22
N TYR D 168 -19.41 5.58 -32.52
CA TYR D 168 -19.01 6.35 -31.35
C TYR D 168 -18.51 5.44 -30.22
N ARG D 169 -19.26 4.38 -29.94
CA ARG D 169 -18.85 3.44 -28.88
C ARG D 169 -17.47 2.87 -29.19
N SER D 170 -17.25 2.54 -30.46
CA SER D 170 -15.98 2.01 -30.94
C SER D 170 -14.86 3.02 -30.73
N LEU D 171 -15.09 4.23 -31.24
CA LEU D 171 -14.10 5.29 -31.21
C LEU D 171 -13.66 5.63 -29.81
N PHE D 172 -14.62 5.75 -28.91
CA PHE D 172 -14.32 6.03 -27.52
C PHE D 172 -13.68 4.83 -26.84
N GLN D 173 -13.96 3.63 -27.33
CA GLN D 173 -13.24 2.45 -26.83
C GLN D 173 -11.76 2.57 -27.15
N ASP D 174 -11.44 2.87 -28.40
CA ASP D 174 -10.04 3.03 -28.79
C ASP D 174 -9.39 4.16 -28.00
N LEU D 175 -10.16 5.21 -27.73
CA LEU D 175 -9.68 6.33 -26.93
C LEU D 175 -9.36 5.86 -25.52
N GLU D 176 -10.19 4.97 -25.01
CA GLU D 176 -10.01 4.37 -23.69
C GLU D 176 -8.71 3.57 -23.68
N LEU D 177 -8.44 2.85 -24.76
CA LEU D 177 -7.18 2.10 -24.85
C LEU D 177 -6.00 3.08 -24.85
N LYS D 178 -6.18 4.23 -25.50
CA LYS D 178 -5.13 5.25 -25.49
C LYS D 178 -5.05 5.92 -24.12
N GLY D 179 -6.06 5.66 -23.28
CA GLY D 179 -6.07 6.22 -21.95
C GLY D 179 -6.27 7.72 -21.96
N GLU D 180 -7.05 8.19 -22.93
CA GLU D 180 -7.27 9.62 -23.07
C GLU D 180 -8.49 10.11 -22.30
N ARG D 181 -8.25 10.80 -21.20
CA ARG D 181 -9.32 11.42 -20.44
C ARG D 181 -9.62 12.79 -21.04
N ARG D 182 -8.55 13.54 -21.31
CA ARG D 182 -8.64 14.89 -21.81
C ARG D 182 -9.04 14.88 -23.27
N VAL D 183 -10.11 15.56 -23.62
CA VAL D 183 -10.63 15.56 -24.99
C VAL D 183 -11.05 16.96 -25.39
N ILE D 184 -10.82 17.32 -26.65
CA ILE D 184 -11.29 18.59 -27.18
C ILE D 184 -12.30 18.34 -28.29
N LEU D 185 -13.50 18.86 -28.11
CA LEU D 185 -14.55 18.77 -29.11
C LEU D 185 -14.53 20.00 -29.98
N ASP D 186 -14.13 19.85 -31.24
CA ASP D 186 -14.22 20.96 -32.16
C ASP D 186 -15.31 20.62 -33.16
N CYS D 187 -16.48 21.21 -32.95
CA CYS D 187 -17.68 20.85 -33.69
C CYS D 187 -18.75 21.92 -33.58
N GLU D 188 -19.77 21.83 -34.41
CA GLU D 188 -20.97 22.65 -34.27
C GLU D 188 -21.73 22.20 -33.04
N ARG D 189 -22.58 23.09 -32.54
CA ARG D 189 -23.41 22.83 -31.35
C ARG D 189 -24.14 21.49 -31.38
N ASP D 190 -24.73 21.16 -32.52
CA ASP D 190 -25.49 19.91 -32.67
C ASP D 190 -24.58 18.69 -32.51
N LYS D 191 -23.50 18.68 -33.29
CA LYS D 191 -22.50 17.61 -33.24
C LYS D 191 -21.97 17.43 -31.83
N VAL D 192 -21.71 18.55 -31.15
CA VAL D 192 -21.27 18.53 -29.77
C VAL D 192 -22.29 17.82 -28.91
N ASN D 193 -23.57 18.21 -29.01
CA ASN D 193 -24.64 17.54 -28.28
C ASN D 193 -24.65 16.02 -28.50
N ASP D 194 -24.51 15.60 -29.76
CA ASP D 194 -24.42 14.18 -30.08
C ASP D 194 -23.28 13.51 -29.31
N ILE D 195 -22.08 14.09 -29.44
CA ILE D 195 -20.88 13.55 -28.81
C ILE D 195 -21.04 13.44 -27.29
N VAL D 196 -21.57 14.49 -26.68
CA VAL D 196 -21.82 14.52 -25.24
C VAL D 196 -22.81 13.45 -24.80
N ASP D 197 -23.90 13.32 -25.56
CA ASP D 197 -24.90 12.29 -25.30
C ASP D 197 -24.25 10.92 -25.27
N GLN D 198 -23.44 10.64 -26.29
CA GLN D 198 -22.75 9.37 -26.39
C GLN D 198 -21.72 9.19 -25.29
N VAL D 199 -21.16 10.30 -24.80
CA VAL D 199 -20.21 10.26 -23.69
C VAL D 199 -20.92 9.82 -22.41
N ILE D 200 -22.10 10.37 -22.18
CA ILE D 200 -22.86 10.06 -20.99
C ILE D 200 -23.41 8.63 -21.03
N THR D 201 -23.85 8.20 -22.20
CA THR D 201 -24.44 6.86 -22.34
C THR D 201 -23.46 5.76 -21.90
N ILE D 202 -22.20 5.88 -22.29
CA ILE D 202 -21.19 4.90 -21.91
C ILE D 202 -20.47 5.31 -20.63
N GLY D 203 -20.94 6.40 -20.02
CA GLY D 203 -20.45 6.85 -18.74
C GLY D 203 -19.00 7.33 -18.74
N LYS D 204 -18.66 8.16 -19.72
CA LYS D 204 -17.34 8.79 -19.77
C LYS D 204 -17.37 10.20 -19.20
N HIS D 205 -18.52 10.63 -18.70
CA HIS D 205 -18.64 11.99 -18.16
C HIS D 205 -18.40 12.07 -16.66
N VAL D 206 -17.98 10.97 -16.05
CA VAL D 206 -17.64 10.99 -14.62
C VAL D 206 -16.32 11.70 -14.35
N LYS D 207 -16.01 11.89 -13.06
CA LYS D 207 -14.78 12.58 -12.64
C LYS D 207 -13.51 11.94 -13.18
N GLY D 208 -12.54 12.80 -13.49
CA GLY D 208 -11.26 12.37 -14.03
C GLY D 208 -11.17 12.68 -15.50
N TYR D 209 -12.32 12.90 -16.12
CA TYR D 209 -12.39 13.24 -17.53
C TYR D 209 -12.43 14.75 -17.69
N HIS D 210 -11.76 15.27 -18.72
CA HIS D 210 -11.77 16.71 -18.95
C HIS D 210 -12.12 17.01 -20.41
N TYR D 211 -13.17 17.78 -20.62
CA TYR D 211 -13.62 18.12 -21.98
C TYR D 211 -13.46 19.61 -22.26
N ILE D 212 -13.01 19.95 -23.46
CA ILE D 212 -12.98 21.35 -23.90
C ILE D 212 -13.83 21.54 -25.14
N ILE D 213 -14.91 22.30 -25.01
CA ILE D 213 -15.75 22.60 -26.17
C ILE D 213 -15.16 23.80 -26.90
N ALA D 214 -14.72 23.61 -28.13
CA ALA D 214 -14.15 24.72 -28.88
C ALA D 214 -15.19 25.28 -29.84
N ASN D 215 -15.75 26.41 -29.41
CA ASN D 215 -16.70 27.21 -30.18
C ASN D 215 -17.13 28.34 -29.27
N LEU D 216 -17.72 29.39 -29.83
CA LEU D 216 -18.12 30.54 -29.03
C LEU D 216 -19.47 30.31 -28.37
N GLY D 217 -20.07 29.15 -28.68
CA GLY D 217 -21.40 28.78 -28.21
C GLY D 217 -21.50 27.96 -26.93
N PHE D 218 -20.49 28.00 -26.07
CA PHE D 218 -20.42 27.13 -24.90
C PHE D 218 -21.70 27.04 -24.08
N THR D 219 -22.38 28.16 -23.86
CA THR D 219 -23.63 28.15 -23.12
C THR D 219 -24.83 28.05 -24.06
N ASP D 220 -24.57 28.17 -25.35
CA ASP D 220 -25.63 28.16 -26.35
C ASP D 220 -26.19 26.76 -26.50
N GLY D 221 -25.40 25.75 -26.13
CA GLY D 221 -25.83 24.37 -26.18
C GLY D 221 -26.38 23.94 -24.84
N ASP D 222 -26.80 22.69 -24.73
CA ASP D 222 -27.37 22.19 -23.49
C ASP D 222 -26.26 21.60 -22.61
N LEU D 223 -25.96 22.29 -21.51
CA LEU D 223 -24.92 21.84 -20.59
C LEU D 223 -25.43 21.12 -19.34
N LEU D 224 -26.75 21.04 -19.21
CA LEU D 224 -27.35 20.45 -18.01
C LEU D 224 -27.04 18.96 -17.91
N LYS D 225 -26.81 18.34 -19.07
CA LYS D 225 -26.61 16.90 -19.13
C LYS D 225 -25.31 16.45 -18.45
N ILE D 226 -24.21 17.14 -18.72
CA ILE D 226 -22.93 16.80 -18.12
C ILE D 226 -22.63 17.59 -16.86
N GLN D 227 -23.50 18.55 -16.54
CA GLN D 227 -23.25 19.45 -15.41
C GLN D 227 -23.14 18.72 -14.08
N PHE D 228 -23.95 17.68 -13.92
CA PHE D 228 -23.97 16.94 -12.67
C PHE D 228 -23.14 15.65 -12.73
N GLY D 229 -22.54 15.41 -13.89
CA GLY D 229 -21.73 14.24 -14.12
C GLY D 229 -20.48 14.15 -13.26
N GLY D 230 -19.82 15.28 -13.05
CA GLY D 230 -18.61 15.32 -12.24
C GLY D 230 -17.32 15.52 -12.99
N ALA D 231 -17.37 15.46 -14.32
CA ALA D 231 -16.17 15.68 -15.14
C ALA D 231 -16.01 17.16 -15.48
N GLU D 232 -14.76 17.62 -15.50
CA GLU D 232 -14.47 19.00 -15.83
C GLU D 232 -14.81 19.28 -17.30
N VAL D 233 -15.42 20.43 -17.54
CA VAL D 233 -15.71 20.88 -18.89
C VAL D 233 -15.36 22.37 -18.96
N SER D 234 -14.67 22.76 -20.02
CA SER D 234 -14.26 24.14 -20.20
C SER D 234 -14.65 24.60 -21.59
N GLY D 235 -14.95 25.89 -21.73
CA GLY D 235 -15.40 26.40 -23.01
C GLY D 235 -15.10 27.86 -23.28
N PHE D 236 -15.62 28.36 -24.39
CA PHE D 236 -15.42 29.76 -24.76
C PHE D 236 -16.76 30.45 -24.98
N GLN D 237 -16.87 31.68 -24.50
CA GLN D 237 -18.09 32.45 -24.65
C GLN D 237 -17.77 33.82 -25.25
N ILE D 238 -18.34 34.08 -26.42
CA ILE D 238 -18.17 35.36 -27.07
C ILE D 238 -19.17 36.41 -26.55
N VAL D 239 -20.29 35.95 -26.00
CA VAL D 239 -21.31 36.88 -25.52
C VAL D 239 -21.40 36.88 -24.01
N ASP D 240 -20.95 37.97 -23.40
CA ASP D 240 -20.99 38.11 -21.96
C ASP D 240 -22.34 38.65 -21.51
N TYR D 241 -23.04 37.87 -20.69
CA TYR D 241 -24.39 38.22 -20.29
C TYR D 241 -24.41 39.19 -19.11
N ASP D 242 -23.22 39.55 -18.62
CA ASP D 242 -23.13 40.52 -17.53
C ASP D 242 -23.02 41.97 -18.01
N ASP D 243 -22.78 42.18 -19.31
CA ASP D 243 -22.77 43.55 -19.85
C ASP D 243 -24.16 44.15 -19.92
N SER D 244 -24.23 45.44 -19.57
CA SER D 244 -25.49 46.17 -19.51
C SER D 244 -26.22 46.14 -20.85
N LEU D 245 -25.45 46.21 -21.94
CA LEU D 245 -26.02 46.13 -23.27
C LEU D 245 -26.68 44.77 -23.45
N VAL D 246 -25.95 43.73 -23.12
CA VAL D 246 -26.43 42.37 -23.26
C VAL D 246 -27.54 42.09 -22.25
N SER D 247 -27.38 42.59 -21.04
CA SER D 247 -28.40 42.41 -20.00
C SER D 247 -29.75 43.00 -20.43
N LYS D 248 -29.72 44.24 -20.88
CA LYS D 248 -30.94 44.91 -21.33
C LYS D 248 -31.48 44.24 -22.58
N PHE D 249 -30.56 43.75 -23.40
CA PHE D 249 -30.95 43.09 -24.64
C PHE D 249 -31.75 41.84 -24.32
N ILE D 250 -31.22 41.00 -23.43
CA ILE D 250 -31.94 39.82 -22.96
C ILE D 250 -33.26 40.21 -22.30
N GLU D 251 -33.25 41.33 -21.56
CA GLU D 251 -34.47 41.81 -20.92
C GLU D 251 -35.59 42.03 -21.92
N ARG D 252 -35.27 42.67 -23.05
CA ARG D 252 -36.27 42.90 -24.10
C ARG D 252 -36.51 41.66 -24.95
N TRP D 253 -35.48 40.83 -25.05
CA TRP D 253 -35.45 39.67 -25.95
C TRP D 253 -36.25 38.50 -25.42
N SER D 254 -36.19 38.27 -24.11
CA SER D 254 -36.85 37.11 -23.55
C SER D 254 -38.35 37.29 -23.62
N THR D 255 -38.81 38.53 -23.73
CA THR D 255 -40.22 38.78 -23.95
C THR D 255 -40.47 39.18 -25.40
N LEU D 256 -40.95 38.23 -26.21
CA LEU D 256 -41.26 38.47 -27.62
C LEU D 256 -42.25 37.42 -28.09
N GLU D 257 -43.07 37.75 -29.08
CA GLU D 257 -43.99 36.75 -29.61
C GLU D 257 -43.21 35.75 -30.46
N GLU D 258 -43.31 34.48 -30.10
CA GLU D 258 -42.60 33.43 -30.82
C GLU D 258 -43.14 33.27 -32.23
N LYS D 259 -44.40 33.65 -32.42
CA LYS D 259 -45.03 33.59 -33.73
C LYS D 259 -44.33 34.55 -34.70
N GLU D 260 -44.16 35.80 -34.29
CA GLU D 260 -43.50 36.79 -35.11
C GLU D 260 -42.01 36.49 -35.23
N TYR D 261 -41.34 36.38 -34.09
CA TYR D 261 -39.92 36.07 -34.06
C TYR D 261 -39.68 34.69 -33.48
N PRO D 262 -39.29 33.71 -34.33
CA PRO D 262 -39.02 32.35 -33.88
C PRO D 262 -37.75 32.25 -33.03
N GLY D 263 -37.79 31.43 -31.99
CA GLY D 263 -36.66 31.27 -31.09
C GLY D 263 -36.34 32.51 -30.29
N ALA D 264 -37.28 33.44 -30.25
CA ALA D 264 -37.06 34.71 -29.57
C ALA D 264 -37.22 34.60 -28.06
N HIS D 265 -38.12 33.73 -27.60
CA HIS D 265 -38.41 33.68 -26.18
C HIS D 265 -37.34 32.79 -25.58
N THR D 266 -36.33 33.39 -24.95
CA THR D 266 -35.23 32.65 -24.35
C THR D 266 -34.48 33.52 -23.35
N ALA D 267 -33.81 32.90 -22.39
CA ALA D 267 -32.97 33.64 -21.45
C ALA D 267 -31.64 33.97 -22.13
N THR D 268 -31.27 33.15 -23.11
CA THR D 268 -30.02 33.33 -23.84
C THR D 268 -30.22 33.46 -25.35
N ILE D 269 -29.11 33.59 -26.07
CA ILE D 269 -29.12 33.71 -27.53
C ILE D 269 -27.86 33.09 -28.13
N LYS D 270 -27.99 32.40 -29.25
CA LYS D 270 -26.83 31.80 -29.92
C LYS D 270 -25.91 32.87 -30.49
N TYR D 271 -24.60 32.63 -30.44
CA TYR D 271 -23.62 33.63 -30.86
C TYR D 271 -23.71 34.00 -32.34
N THR D 272 -24.10 33.05 -33.19
CA THR D 272 -24.26 33.32 -34.61
C THR D 272 -25.34 34.39 -34.85
N SER D 273 -26.45 34.25 -34.13
CA SER D 273 -27.57 35.18 -34.24
C SER D 273 -27.18 36.55 -33.68
N ALA D 274 -26.48 36.53 -32.55
CA ALA D 274 -25.98 37.75 -31.94
C ALA D 274 -25.08 38.51 -32.93
N LEU D 275 -24.18 37.78 -33.58
CA LEU D 275 -23.33 38.36 -34.63
C LEU D 275 -24.12 38.91 -35.79
N THR D 276 -25.24 38.27 -36.11
CA THR D 276 -26.13 38.78 -37.15
C THR D 276 -26.65 40.14 -36.75
N TYR D 277 -27.05 40.25 -35.48
CA TYR D 277 -27.58 41.50 -34.95
C TYR D 277 -26.51 42.60 -34.99
N ASP D 278 -25.32 42.23 -34.51
CA ASP D 278 -24.20 43.14 -34.52
C ASP D 278 -23.85 43.53 -35.94
N ALA D 279 -24.11 42.65 -36.90
CA ALA D 279 -23.90 42.97 -38.31
C ALA D 279 -24.83 44.10 -38.70
N VAL D 280 -26.09 44.02 -38.24
CA VAL D 280 -27.01 45.14 -38.52
C VAL D 280 -26.44 46.43 -37.94
N GLN D 281 -25.94 46.36 -36.70
CA GLN D 281 -25.34 47.54 -36.07
C GLN D 281 -24.18 48.12 -36.88
N VAL D 282 -23.28 47.25 -37.32
CA VAL D 282 -22.07 47.65 -38.05
C VAL D 282 -22.43 48.31 -39.38
N MET D 283 -23.39 47.74 -40.08
CA MET D 283 -23.81 48.30 -41.36
C MET D 283 -24.44 49.67 -41.16
N THR D 284 -25.26 49.79 -40.12
CA THR D 284 -25.90 51.07 -39.80
C THR D 284 -24.85 52.15 -39.55
N GLU D 285 -23.93 51.88 -38.61
CA GLU D 285 -22.87 52.83 -38.28
C GLU D 285 -22.00 53.17 -39.49
N ALA D 286 -21.80 52.18 -40.37
CA ALA D 286 -20.97 52.38 -41.55
C ALA D 286 -21.61 53.37 -42.51
N PHE D 287 -22.87 53.15 -42.85
CA PHE D 287 -23.56 54.03 -43.79
C PHE D 287 -23.81 55.40 -43.16
N ARG D 288 -23.91 55.41 -41.84
CA ARG D 288 -24.03 56.66 -41.09
C ARG D 288 -22.75 57.49 -41.23
N ASN D 289 -21.61 56.83 -41.12
CA ASN D 289 -20.32 57.49 -41.32
C ASN D 289 -20.11 57.88 -42.78
N LEU D 290 -20.80 57.18 -43.68
CA LEU D 290 -20.75 57.52 -45.10
C LEU D 290 -21.53 58.81 -45.36
N ARG D 291 -22.68 58.94 -44.71
CA ARG D 291 -23.49 60.14 -44.85
C ARG D 291 -22.92 61.33 -44.08
N LYS D 292 -22.16 61.04 -43.03
CA LYS D 292 -21.59 62.09 -42.19
C LYS D 292 -20.35 62.74 -42.79
N GLN D 293 -19.66 62.02 -43.66
CA GLN D 293 -18.46 62.54 -44.31
C GLN D 293 -18.79 63.17 -45.66
N ARG D 294 -20.09 63.25 -45.96
CA ARG D 294 -20.60 63.91 -47.16
C ARG D 294 -20.12 63.23 -48.43
N ILE D 295 -19.89 61.91 -48.36
CA ILE D 295 -19.50 61.15 -49.53
C ILE D 295 -20.66 60.30 -50.04
N GLU D 296 -21.15 60.63 -51.24
CA GLU D 296 -22.25 59.87 -51.82
C GLU D 296 -21.76 58.56 -52.44
N ILE D 297 -22.32 57.45 -51.96
CA ILE D 297 -21.94 56.13 -52.43
C ILE D 297 -22.87 55.67 -53.54
N SER D 298 -23.97 56.41 -53.72
CA SER D 298 -25.09 55.99 -54.54
C SER D 298 -24.65 55.51 -55.92
N ARG D 299 -25.20 54.37 -56.32
CA ARG D 299 -24.75 53.65 -57.51
C ARG D 299 -24.97 54.45 -58.79
N ARG D 300 -23.88 54.67 -59.53
CA ARG D 300 -23.93 55.44 -60.77
C ARG D 300 -24.85 54.79 -61.81
N GLY D 301 -24.42 53.64 -62.32
CA GLY D 301 -25.22 52.90 -63.27
C GLY D 301 -25.68 51.56 -62.69
N ASN D 302 -26.54 50.86 -63.43
CA ASN D 302 -26.99 49.54 -63.01
C ASN D 302 -25.84 48.55 -62.95
N ALA D 303 -25.86 47.67 -61.96
CA ALA D 303 -24.85 46.63 -61.80
C ALA D 303 -24.76 45.78 -63.06
N GLY D 304 -25.93 45.36 -63.54
CA GLY D 304 -26.01 44.55 -64.74
C GLY D 304 -25.96 43.08 -64.42
N ASP D 305 -25.67 42.26 -65.42
CA ASP D 305 -25.63 40.81 -65.23
C ASP D 305 -24.26 40.37 -64.72
N CYS D 306 -24.26 39.75 -63.54
CA CYS D 306 -23.03 39.29 -62.90
C CYS D 306 -22.24 38.30 -63.76
N LEU D 307 -22.96 37.45 -64.50
CA LEU D 307 -22.32 36.51 -65.39
C LEU D 307 -21.81 37.23 -66.64
N ALA D 308 -22.45 38.36 -66.97
CA ALA D 308 -22.10 39.08 -68.19
C ALA D 308 -20.81 39.84 -67.99
N ASN D 309 -19.80 39.44 -68.75
CA ASN D 309 -18.47 40.02 -68.63
C ASN D 309 -18.07 40.82 -69.86
N PRO D 310 -17.17 41.81 -69.70
CA PRO D 310 -16.60 42.43 -68.49
C PRO D 310 -17.49 43.49 -67.85
N ALA D 311 -17.57 43.56 -66.53
CA ALA D 311 -18.32 44.66 -65.90
C ALA D 311 -17.69 45.12 -64.58
N VAL D 312 -17.15 46.37 -64.53
CA VAL D 312 -16.64 46.94 -63.25
C VAL D 312 -15.92 48.31 -63.36
N PRO D 313 -16.21 49.21 -62.43
CA PRO D 313 -15.49 50.44 -62.05
C PRO D 313 -14.26 50.11 -61.19
N TRP D 314 -13.16 50.87 -61.29
CA TRP D 314 -12.03 50.58 -60.41
C TRP D 314 -12.32 50.97 -58.96
N GLY D 315 -12.73 52.21 -58.73
CA GLY D 315 -13.07 52.63 -57.38
C GLY D 315 -14.23 51.82 -56.82
N GLN D 316 -15.29 51.72 -57.61
CA GLN D 316 -16.48 50.93 -57.27
C GLN D 316 -16.96 51.03 -55.82
N GLY D 317 -17.26 49.85 -55.29
CA GLY D 317 -17.74 49.62 -53.94
C GLY D 317 -16.77 49.94 -52.83
N VAL D 318 -15.50 50.13 -53.16
CA VAL D 318 -14.44 50.28 -52.15
C VAL D 318 -14.72 51.27 -51.02
N GLU D 319 -15.25 52.45 -51.35
CA GLU D 319 -15.59 53.42 -50.31
C GLU D 319 -16.43 52.74 -49.25
N ILE D 320 -17.53 52.11 -49.70
CA ILE D 320 -18.43 51.40 -48.81
C ILE D 320 -17.67 50.37 -48.00
N GLU D 321 -16.86 49.57 -48.69
CA GLU D 321 -16.04 48.56 -48.03
C GLU D 321 -15.24 49.20 -46.92
N ARG D 322 -14.49 50.22 -47.30
CA ARG D 322 -13.62 50.91 -46.36
C ARG D 322 -14.45 51.42 -45.19
N ALA D 323 -15.62 51.98 -45.52
CA ALA D 323 -16.50 52.55 -44.52
C ALA D 323 -16.86 51.52 -43.45
N LEU D 324 -17.09 50.29 -43.88
CA LEU D 324 -17.39 49.20 -42.96
C LEU D 324 -16.20 48.86 -42.09
N LYS D 325 -15.02 48.72 -42.71
CA LYS D 325 -13.83 48.30 -41.99
C LYS D 325 -13.36 49.35 -40.97
N GLN D 326 -13.75 50.60 -41.21
CA GLN D 326 -13.35 51.71 -40.33
C GLN D 326 -14.26 51.82 -39.10
N VAL D 327 -15.33 51.05 -39.09
CA VAL D 327 -16.29 51.07 -37.99
C VAL D 327 -15.73 50.48 -36.71
N GLN D 328 -15.94 51.18 -35.60
CA GLN D 328 -15.64 50.62 -34.29
C GLN D 328 -16.80 50.90 -33.35
N VAL D 329 -17.47 49.84 -32.91
CA VAL D 329 -18.65 49.99 -32.04
C VAL D 329 -18.69 48.94 -30.94
N GLU D 330 -19.55 49.12 -29.96
CA GLU D 330 -19.73 48.11 -28.92
C GLU D 330 -21.08 47.44 -29.02
N GLY D 331 -21.08 46.18 -29.43
CA GLY D 331 -22.28 45.38 -29.56
C GLY D 331 -22.36 44.30 -28.50
N LEU D 332 -23.09 43.23 -28.80
CA LEU D 332 -23.24 42.10 -27.87
C LEU D 332 -21.96 41.29 -27.69
N SER D 333 -21.28 41.00 -28.80
CA SER D 333 -20.09 40.15 -28.74
C SER D 333 -18.90 40.79 -28.03
N GLY D 334 -18.90 42.12 -27.94
CA GLY D 334 -17.78 42.81 -27.33
C GLY D 334 -17.40 44.03 -28.16
N ASN D 335 -16.22 44.56 -27.88
CA ASN D 335 -15.65 45.64 -28.68
C ASN D 335 -15.45 45.16 -30.12
N ILE D 336 -16.01 45.90 -31.07
CA ILE D 336 -15.98 45.52 -32.48
C ILE D 336 -15.14 46.48 -33.32
N LYS D 337 -14.06 45.94 -33.90
CA LYS D 337 -13.16 46.68 -34.78
C LYS D 337 -12.50 45.73 -35.79
N PHE D 338 -12.21 46.23 -36.99
CA PHE D 338 -11.64 45.40 -38.05
C PHE D 338 -10.32 45.94 -38.62
N ASP D 339 -9.54 45.05 -39.23
CA ASP D 339 -8.34 45.46 -39.97
C ASP D 339 -8.60 45.54 -41.48
N GLN D 340 -7.57 45.85 -42.26
CA GLN D 340 -7.69 46.00 -43.71
C GLN D 340 -8.18 44.73 -44.42
N ASN D 341 -7.88 43.56 -43.86
CA ASN D 341 -8.26 42.30 -44.47
C ASN D 341 -9.71 41.94 -44.17
N GLY D 342 -10.29 42.60 -43.17
CA GLY D 342 -11.68 42.37 -42.84
C GLY D 342 -11.85 41.47 -41.63
N LYS D 343 -10.74 41.10 -41.00
CA LYS D 343 -10.79 40.25 -39.81
C LYS D 343 -11.00 41.09 -38.55
N ARG D 344 -11.77 40.54 -37.61
CA ARG D 344 -12.00 41.20 -36.34
C ARG D 344 -10.74 41.26 -35.49
N ILE D 345 -10.53 42.42 -34.88
CA ILE D 345 -9.41 42.64 -33.96
C ILE D 345 -9.94 43.40 -32.74
N ASN D 346 -9.12 43.40 -31.67
CA ASN D 346 -9.41 43.99 -30.38
C ASN D 346 -10.61 43.29 -29.72
N TYR D 347 -10.82 42.01 -30.06
CA TYR D 347 -11.88 41.22 -29.44
C TYR D 347 -11.41 40.59 -28.12
N THR D 348 -12.35 40.45 -27.20
CA THR D 348 -12.11 39.76 -25.94
C THR D 348 -12.98 38.51 -25.87
N ILE D 349 -12.37 37.36 -25.63
CA ILE D 349 -13.11 36.10 -25.56
C ILE D 349 -13.19 35.54 -24.13
N ASN D 350 -14.40 35.39 -23.62
CA ASN D 350 -14.58 34.87 -22.27
C ASN D 350 -14.20 33.39 -22.19
N ILE D 351 -13.51 33.02 -21.12
CA ILE D 351 -13.17 31.63 -20.85
C ILE D 351 -14.12 31.07 -19.80
N MET D 352 -14.96 30.11 -20.18
CA MET D 352 -15.91 29.56 -19.23
C MET D 352 -15.49 28.19 -18.71
N GLU D 353 -16.20 27.77 -17.66
CA GLU D 353 -15.97 26.47 -17.04
C GLU D 353 -17.31 26.00 -16.48
N LEU D 354 -17.58 24.70 -16.59
CA LEU D 354 -18.84 24.15 -16.13
C LEU D 354 -18.70 23.51 -14.76
N LYS D 355 -19.40 24.06 -13.78
CA LYS D 355 -19.38 23.54 -12.41
C LYS D 355 -20.76 23.08 -11.97
N THR D 356 -20.85 22.65 -10.71
CA THR D 356 -22.09 22.14 -10.14
C THR D 356 -23.21 23.16 -10.20
N ASN D 357 -22.90 24.40 -9.83
CA ASN D 357 -23.88 25.47 -9.84
C ASN D 357 -24.21 25.92 -11.26
N GLY D 358 -23.45 25.41 -12.22
CA GLY D 358 -23.62 25.79 -13.61
C GLY D 358 -22.39 26.53 -14.12
N PRO D 359 -22.47 27.03 -15.36
CA PRO D 359 -21.32 27.69 -16.00
C PRO D 359 -20.94 29.00 -15.34
N ARG D 360 -19.64 29.29 -15.30
CA ARG D 360 -19.13 30.52 -14.73
C ARG D 360 -17.83 30.93 -15.40
N LYS D 361 -17.59 32.24 -15.50
CA LYS D 361 -16.39 32.77 -16.14
C LYS D 361 -15.16 32.73 -15.25
N ILE D 362 -14.12 32.04 -15.69
CA ILE D 362 -12.88 31.96 -14.93
C ILE D 362 -11.83 32.99 -15.40
N GLY D 363 -12.16 33.72 -16.46
CA GLY D 363 -11.23 34.71 -17.01
C GLY D 363 -11.50 35.05 -18.46
N TYR D 364 -10.56 35.75 -19.10
CA TYR D 364 -10.73 36.08 -20.52
C TYR D 364 -9.42 35.95 -21.31
N TRP D 365 -9.56 36.01 -22.63
CA TRP D 365 -8.46 35.94 -23.56
C TRP D 365 -8.48 37.15 -24.48
N SER D 366 -7.41 37.93 -24.45
CA SER D 366 -7.28 39.09 -25.32
C SER D 366 -6.48 38.74 -26.57
N GLU D 367 -6.48 39.65 -27.53
CA GLU D 367 -5.74 39.46 -28.79
C GLU D 367 -4.24 39.43 -28.54
N VAL D 368 -3.84 39.92 -27.37
CA VAL D 368 -2.44 40.04 -26.99
C VAL D 368 -2.11 39.28 -25.70
N ASP D 369 -2.80 39.64 -24.61
CA ASP D 369 -2.50 39.16 -23.27
C ASP D 369 -2.65 37.67 -23.04
N LYS D 370 -3.18 36.95 -24.04
CA LYS D 370 -3.41 35.52 -23.94
C LYS D 370 -4.35 35.18 -22.78
N MET D 371 -4.00 34.15 -22.02
CA MET D 371 -4.86 33.71 -20.93
C MET D 371 -4.73 34.61 -19.72
N VAL D 372 -5.85 35.23 -19.34
CA VAL D 372 -5.90 36.08 -18.16
C VAL D 372 -6.96 35.59 -17.20
N VAL D 373 -6.56 35.14 -16.01
CA VAL D 373 -7.52 34.64 -15.05
C VAL D 373 -8.17 35.82 -14.35
N THR D 374 -9.49 35.92 -14.46
CA THR D 374 -10.23 37.03 -13.87
C THR D 374 -10.96 36.61 -12.60
N LEU D 375 -10.89 37.47 -11.59
CA LEU D 375 -11.43 37.22 -10.26
C LEU D 375 -10.91 35.89 -9.71
N THR D 376 -11.77 35.18 -8.99
CA THR D 376 -11.49 33.84 -8.46
C THR D 376 -10.14 33.76 -7.76
N SER D 383 -9.04 28.05 7.44
CA SER D 383 -9.07 28.79 8.69
C SER D 383 -9.34 27.87 9.88
N GLY D 384 -10.61 27.57 10.11
CA GLY D 384 -11.02 26.71 11.21
C GLY D 384 -10.70 25.26 10.98
N LEU D 385 -11.22 24.40 11.86
CA LEU D 385 -11.01 22.95 11.78
C LEU D 385 -9.53 22.58 11.83
N GLU D 386 -8.91 22.79 12.98
CA GLU D 386 -7.50 22.42 13.16
C GLU D 386 -7.27 21.77 14.53
N GLN D 387 -6.22 20.96 14.63
CA GLN D 387 -5.88 20.26 15.86
C GLN D 387 -5.17 21.17 16.86
N LYS D 388 -5.35 20.90 18.15
CA LYS D 388 -4.77 21.72 19.20
C LYS D 388 -3.33 21.35 19.54
N THR D 389 -2.51 22.35 19.80
CA THR D 389 -1.14 22.15 20.25
C THR D 389 -1.11 21.66 21.70
N VAL D 390 -0.45 20.54 21.97
CA VAL D 390 -0.39 20.04 23.33
C VAL D 390 0.81 20.63 24.07
N VAL D 391 0.55 21.17 25.26
CA VAL D 391 1.61 21.78 26.07
C VAL D 391 2.25 20.78 27.01
N VAL D 392 3.53 20.50 26.80
CA VAL D 392 4.26 19.52 27.60
C VAL D 392 5.14 20.24 28.62
N THR D 393 4.91 19.98 29.89
CA THR D 393 5.73 20.60 30.92
C THR D 393 6.82 19.64 31.39
N THR D 394 8.03 20.17 31.50
CA THR D 394 9.19 19.40 31.91
C THR D 394 10.12 20.27 32.75
N ILE D 395 11.06 19.63 33.43
CA ILE D 395 12.03 20.34 34.26
C ILE D 395 13.39 20.19 33.63
N LEU D 396 14.34 21.07 33.93
CA LEU D 396 15.67 20.92 33.34
C LEU D 396 16.53 20.08 34.25
N GLU D 397 16.70 18.82 33.86
CA GLU D 397 17.56 17.89 34.58
C GLU D 397 18.31 17.06 33.54
N SER D 398 19.62 16.93 33.71
CA SER D 398 20.38 16.05 32.84
C SER D 398 20.34 14.61 33.37
N PRO D 399 20.37 13.61 32.47
CA PRO D 399 20.27 13.73 31.01
C PRO D 399 18.84 13.60 30.50
N TYR D 400 17.92 14.38 31.07
CA TYR D 400 16.51 14.29 30.68
C TYR D 400 16.14 15.39 29.72
N VAL D 401 16.29 16.64 30.16
CA VAL D 401 16.12 17.78 29.29
C VAL D 401 17.30 18.73 29.46
N MET D 402 18.06 18.93 28.40
CA MET D 402 19.25 19.78 28.44
C MET D 402 19.24 20.75 27.27
N MET D 403 19.80 21.95 27.49
CA MET D 403 19.92 22.92 26.41
C MET D 403 21.05 22.52 25.46
N LYS D 404 20.84 22.72 24.17
CA LYS D 404 21.88 22.40 23.21
C LYS D 404 23.00 23.42 23.26
N LYS D 405 24.15 23.05 22.70
CA LYS D 405 25.32 23.93 22.62
C LYS D 405 25.02 25.28 21.98
N ASN D 406 24.36 25.24 20.83
CA ASN D 406 23.96 26.42 20.06
C ASN D 406 22.51 26.87 20.25
N HIS D 407 21.84 26.40 21.30
CA HIS D 407 20.43 26.71 21.53
C HIS D 407 20.09 28.20 21.47
N GLU D 408 21.11 29.05 21.58
CA GLU D 408 20.90 30.49 21.57
C GLU D 408 20.47 30.93 20.17
N MET D 409 20.99 30.23 19.16
CA MET D 409 20.71 30.53 17.77
C MET D 409 19.49 29.76 17.26
N LEU D 410 18.99 28.85 18.10
CA LEU D 410 17.85 28.00 17.74
C LEU D 410 16.60 28.39 18.52
N GLU D 411 15.44 28.13 17.93
CA GLU D 411 14.17 28.45 18.57
C GLU D 411 13.26 27.24 18.62
N GLY D 412 12.34 27.23 19.58
CA GLY D 412 11.36 26.17 19.72
C GLY D 412 11.94 24.89 20.31
N ASN D 413 11.31 23.77 19.99
CA ASN D 413 11.70 22.49 20.58
C ASN D 413 13.06 21.99 20.09
N GLU D 414 13.63 22.68 19.11
CA GLU D 414 14.98 22.35 18.67
C GLU D 414 16.02 22.84 19.67
N ARG D 415 15.56 23.59 20.68
CA ARG D 415 16.44 24.08 21.73
C ARG D 415 16.89 22.98 22.70
N TYR D 416 16.00 22.03 22.96
CA TYR D 416 16.23 21.04 24.01
C TYR D 416 16.64 19.66 23.47
N GLU D 417 17.43 18.95 24.25
CA GLU D 417 17.82 17.58 23.91
C GLU D 417 17.97 16.75 25.17
N GLY D 418 17.53 15.50 25.12
CA GLY D 418 17.60 14.62 26.27
C GLY D 418 16.69 13.42 26.20
N TYR D 419 16.75 12.57 27.22
CA TYR D 419 15.92 11.37 27.29
C TYR D 419 14.45 11.73 27.24
N CYS D 420 14.06 12.69 28.08
CA CYS D 420 12.68 13.12 28.14
C CYS D 420 12.25 13.80 26.85
N VAL D 421 13.18 14.46 26.17
CA VAL D 421 12.87 15.10 24.90
C VAL D 421 12.51 14.06 23.85
N ASP D 422 13.37 13.05 23.73
CA ASP D 422 13.17 11.97 22.77
C ASP D 422 11.91 11.15 23.11
N LEU D 423 11.70 10.92 24.41
CA LEU D 423 10.50 10.23 24.88
C LEU D 423 9.25 11.03 24.58
N ALA D 424 9.37 12.35 24.64
CA ALA D 424 8.27 13.24 24.31
C ALA D 424 7.94 13.14 22.84
N ALA D 425 8.99 13.18 22.01
CA ALA D 425 8.83 13.04 20.56
C ALA D 425 8.14 11.72 20.23
N GLU D 426 8.64 10.64 20.82
CA GLU D 426 8.06 9.32 20.59
C GLU D 426 6.60 9.28 21.02
N ILE D 427 6.32 9.66 22.26
CA ILE D 427 4.96 9.63 22.81
C ILE D 427 3.99 10.42 21.94
N ALA D 428 4.41 11.60 21.52
CA ALA D 428 3.59 12.44 20.66
C ALA D 428 3.35 11.76 19.32
N LYS D 429 4.41 11.15 18.78
CA LYS D 429 4.31 10.48 17.49
C LYS D 429 3.34 9.30 17.55
N HIS D 430 3.34 8.59 18.67
CA HIS D 430 2.44 7.46 18.85
C HIS D 430 1.00 7.91 19.05
N CYS D 431 0.82 8.89 19.93
CA CYS D 431 -0.50 9.42 20.25
C CYS D 431 -1.05 10.35 19.19
N GLY D 432 -0.17 10.87 18.34
CA GLY D 432 -0.58 11.75 17.25
C GLY D 432 -1.05 13.14 17.65
N PHE D 433 -0.19 13.87 18.35
CA PHE D 433 -0.48 15.27 18.66
C PHE D 433 0.75 16.15 18.48
N LYS D 434 0.53 17.42 18.13
CA LYS D 434 1.62 18.38 18.07
C LYS D 434 1.96 18.85 19.48
N TYR D 435 3.21 18.68 19.88
CA TYR D 435 3.60 19.02 21.23
C TYR D 435 4.54 20.23 21.28
N LYS D 436 4.40 21.01 22.35
CA LYS D 436 5.30 22.12 22.61
C LYS D 436 5.98 21.94 23.96
N LEU D 437 7.29 21.73 23.94
CA LEU D 437 8.04 21.56 25.17
C LEU D 437 8.19 22.89 25.90
N THR D 438 7.81 22.88 27.18
CA THR D 438 7.91 24.06 28.03
C THR D 438 8.43 23.69 29.42
N ILE D 439 9.46 24.38 29.87
CA ILE D 439 10.00 24.14 31.20
C ILE D 439 9.06 24.71 32.26
N VAL D 440 9.03 24.07 33.43
CA VAL D 440 8.15 24.48 34.51
C VAL D 440 8.61 25.85 35.05
N GLY D 441 7.65 26.66 35.48
CA GLY D 441 7.94 28.02 35.88
C GLY D 441 8.76 28.15 37.15
N ASP D 442 8.30 27.51 38.23
CA ASP D 442 8.97 27.61 39.51
C ASP D 442 10.23 26.76 39.56
N GLY D 443 10.27 25.71 38.75
CA GLY D 443 11.42 24.83 38.71
C GLY D 443 11.38 23.71 39.71
N LYS D 444 10.17 23.28 40.07
CA LYS D 444 10.02 22.19 41.03
C LYS D 444 9.21 21.06 40.41
N TYR D 445 9.28 19.88 41.02
CA TYR D 445 8.60 18.72 40.48
C TYR D 445 7.13 18.77 40.83
N GLY D 446 6.80 18.49 42.10
CA GLY D 446 5.49 18.79 42.61
C GLY D 446 5.37 18.63 44.10
N ALA D 447 4.54 19.47 44.72
CA ALA D 447 4.29 19.37 46.17
C ALA D 447 3.02 20.11 46.55
N ARG D 448 2.45 19.79 47.70
CA ARG D 448 1.31 20.55 48.18
C ARG D 448 1.59 21.15 49.55
N ASP D 449 1.65 22.48 49.60
CA ASP D 449 1.90 23.21 50.81
C ASP D 449 0.87 22.83 51.85
N ALA D 450 1.36 22.43 53.02
CA ALA D 450 0.51 21.94 54.10
C ALA D 450 -0.41 23.04 54.63
N ASP D 451 -0.10 24.27 54.28
CA ASP D 451 -0.88 25.43 54.73
C ASP D 451 -1.88 25.87 53.67
N THR D 452 -1.38 26.28 52.51
CA THR D 452 -2.25 26.82 51.46
C THR D 452 -2.96 25.71 50.68
N LYS D 453 -2.50 24.47 50.85
CA LYS D 453 -3.02 23.30 50.12
C LYS D 453 -2.95 23.53 48.61
N ILE D 454 -1.90 24.23 48.18
CA ILE D 454 -1.72 24.57 46.77
C ILE D 454 -0.56 23.80 46.16
N TRP D 455 -0.82 23.14 45.03
CA TRP D 455 0.23 22.39 44.36
C TRP D 455 1.24 23.28 43.64
N ASP D 456 2.52 22.95 43.78
CA ASP D 456 3.59 23.66 43.09
C ASP D 456 4.34 22.69 42.19
N GLY D 457 4.93 23.24 41.13
CA GLY D 457 5.69 22.45 40.18
C GLY D 457 4.85 21.92 39.04
N MET D 458 5.38 20.91 38.37
CA MET D 458 4.76 20.32 37.18
C MET D 458 3.39 19.78 37.54
N VAL D 459 3.32 19.09 38.67
CA VAL D 459 2.08 18.55 39.15
C VAL D 459 1.06 19.67 39.31
N GLY D 460 1.52 20.81 39.81
CA GLY D 460 0.66 21.97 39.94
C GLY D 460 0.14 22.45 38.60
N GLU D 461 1.05 22.56 37.64
CA GLU D 461 0.69 23.02 36.29
C GLU D 461 -0.27 22.04 35.62
N LEU D 462 -0.27 20.80 36.07
CA LEU D 462 -1.24 19.83 35.57
C LEU D 462 -2.58 20.06 36.23
N VAL D 463 -2.57 20.24 37.55
CA VAL D 463 -3.81 20.35 38.32
C VAL D 463 -4.56 21.64 38.02
N TYR D 464 -3.82 22.73 37.89
CA TYR D 464 -4.43 24.04 37.67
C TYR D 464 -4.52 24.33 36.18
N GLY D 465 -4.12 23.34 35.38
CA GLY D 465 -4.24 23.37 33.93
C GLY D 465 -3.40 24.42 33.24
N LYS D 466 -2.14 24.52 33.63
CA LYS D 466 -1.17 25.32 32.91
C LYS D 466 -0.49 24.50 31.81
N ALA D 467 -0.57 23.17 31.95
CA ALA D 467 0.00 22.25 30.95
C ALA D 467 -0.89 21.02 30.74
N ASP D 468 -0.92 20.52 29.51
CA ASP D 468 -1.78 19.39 29.14
C ASP D 468 -1.19 18.03 29.50
N ILE D 469 0.13 17.95 29.60
CA ILE D 469 0.81 16.70 29.95
C ILE D 469 2.20 16.99 30.53
N ALA D 470 2.72 16.04 31.30
CA ALA D 470 4.05 16.23 31.89
C ALA D 470 4.97 15.06 31.60
N ILE D 471 5.99 15.32 30.80
CA ILE D 471 7.02 14.32 30.51
C ILE D 471 8.34 14.76 31.11
N ALA D 472 8.79 14.05 32.14
CA ALA D 472 9.93 14.45 32.95
C ALA D 472 10.24 13.35 33.96
N PRO D 473 11.38 13.45 34.67
CA PRO D 473 11.61 12.44 35.71
C PRO D 473 10.70 12.66 36.91
N LEU D 474 9.39 12.50 36.69
CA LEU D 474 8.43 12.73 37.75
C LEU D 474 8.17 11.44 38.50
N THR D 475 8.65 11.40 39.73
CA THR D 475 8.54 10.22 40.58
C THR D 475 7.08 9.95 40.93
N ILE D 476 6.68 8.69 40.80
CA ILE D 476 5.32 8.31 41.15
C ILE D 476 5.16 8.26 42.66
N THR D 477 4.24 9.07 43.18
CA THR D 477 3.90 9.06 44.59
C THR D 477 2.39 9.05 44.75
N LEU D 478 1.91 8.35 45.76
CA LEU D 478 0.48 8.27 46.04
C LEU D 478 -0.16 9.64 46.18
N VAL D 479 0.56 10.55 46.84
CA VAL D 479 0.08 11.90 47.07
C VAL D 479 -0.24 12.60 45.76
N ARG D 480 0.54 12.31 44.73
CA ARG D 480 0.30 12.85 43.39
C ARG D 480 -0.72 11.99 42.66
N GLU D 481 -0.64 10.68 42.85
CA GLU D 481 -1.52 9.74 42.16
C GLU D 481 -2.99 10.05 42.50
N GLU D 482 -3.21 10.73 43.63
CA GLU D 482 -4.57 11.11 44.00
C GLU D 482 -5.07 12.31 43.22
N VAL D 483 -4.19 13.28 42.94
CA VAL D 483 -4.61 14.47 42.20
C VAL D 483 -4.39 14.42 40.68
N ILE D 484 -3.60 13.47 40.20
CA ILE D 484 -3.30 13.36 38.77
C ILE D 484 -3.23 11.89 38.33
N ASP D 485 -3.14 11.69 37.03
CA ASP D 485 -2.98 10.35 36.47
C ASP D 485 -1.53 10.09 36.09
N PHE D 486 -1.03 8.92 36.48
CA PHE D 486 0.32 8.50 36.13
C PHE D 486 0.25 7.31 35.20
N SER D 487 0.96 7.40 34.08
CA SER D 487 1.12 6.27 33.18
C SER D 487 1.97 5.21 33.86
N LYS D 488 1.92 3.98 33.36
CA LYS D 488 2.83 2.94 33.84
C LYS D 488 4.24 3.46 33.74
N PRO D 489 5.09 3.11 34.71
CA PRO D 489 6.43 3.71 34.75
C PRO D 489 7.27 3.43 33.52
N PHE D 490 7.91 4.48 33.00
CA PHE D 490 8.76 4.35 31.81
C PHE D 490 10.22 4.19 32.19
N MET D 491 10.52 4.30 33.48
CA MET D 491 11.87 4.13 33.97
C MET D 491 11.86 3.67 35.43
N SER D 492 12.85 2.87 35.81
CA SER D 492 12.93 2.37 37.18
C SER D 492 14.04 3.09 37.94
N LEU D 493 13.83 3.30 39.23
CA LEU D 493 14.85 3.94 40.08
C LEU D 493 14.55 3.73 41.56
N GLY D 494 15.40 4.31 42.40
CA GLY D 494 15.25 4.23 43.83
C GLY D 494 16.27 5.13 44.50
N ILE D 495 16.01 5.50 45.75
CA ILE D 495 16.95 6.35 46.47
C ILE D 495 18.25 5.62 46.74
N SER D 496 19.35 6.26 46.35
CA SER D 496 20.68 5.69 46.42
C SER D 496 21.67 6.66 47.05
N ILE D 497 22.83 6.12 47.43
CA ILE D 497 23.86 6.89 48.11
C ILE D 497 25.03 7.20 47.17
N MET D 498 25.48 8.46 47.20
CA MET D 498 26.64 8.89 46.43
C MET D 498 27.78 9.36 47.32
N ILE D 499 28.96 8.82 47.05
CA ILE D 499 30.18 9.17 47.78
C ILE D 499 31.30 9.43 46.78
N LYS D 500 32.38 10.06 47.22
CA LYS D 500 33.54 10.29 46.36
C LYS D 500 34.29 8.99 46.13
N LYS D 501 34.75 8.77 44.90
CA LYS D 501 35.49 7.56 44.55
C LYS D 501 36.75 7.44 45.38
N PRO D 502 36.86 6.34 46.15
CA PRO D 502 37.96 6.11 47.09
C PRO D 502 39.32 5.98 46.40
N GLN D 503 40.38 6.28 47.14
CA GLN D 503 41.73 6.16 46.63
C GLN D 503 42.08 4.68 46.41
N LYS D 504 42.89 4.41 45.39
CA LYS D 504 43.28 3.05 45.04
C LYS D 504 44.11 2.37 46.13
N SER D 505 44.74 3.19 46.96
CA SER D 505 45.60 2.75 48.06
C SER D 505 46.72 1.81 47.60
N LYS D 506 46.94 0.77 48.39
CA LYS D 506 48.09 -0.12 48.19
C LYS D 506 47.74 -1.57 48.57
N PRO D 507 48.43 -2.54 47.97
CA PRO D 507 48.15 -3.95 48.30
C PRO D 507 48.43 -4.29 49.76
N GLY D 508 49.55 -3.83 50.30
CA GLY D 508 49.89 -4.06 51.69
C GLY D 508 50.93 -5.14 51.90
N VAL D 509 51.42 -5.25 53.13
CA VAL D 509 52.41 -6.27 53.50
C VAL D 509 51.77 -7.65 53.48
N PHE D 510 50.51 -7.71 53.93
CA PHE D 510 49.77 -8.96 53.99
C PHE D 510 49.44 -9.48 52.58
N SER D 511 49.61 -8.62 51.59
CA SER D 511 49.30 -8.96 50.20
C SER D 511 50.43 -9.74 49.53
N PHE D 512 51.62 -9.72 50.12
CA PHE D 512 52.75 -10.45 49.59
C PHE D 512 52.59 -11.95 49.86
N LEU D 513 51.81 -12.26 50.89
CA LEU D 513 51.53 -13.64 51.26
C LEU D 513 50.23 -14.12 50.62
N ASP D 514 49.61 -13.25 49.82
CA ASP D 514 48.38 -13.58 49.11
C ASP D 514 48.50 -14.70 48.06
N PRO D 515 49.59 -14.72 47.26
CA PRO D 515 49.69 -15.76 46.21
C PRO D 515 49.57 -17.20 46.71
N LEU D 516 49.91 -17.45 47.97
CA LEU D 516 49.69 -18.78 48.55
C LEU D 516 48.72 -18.69 49.71
N ALA D 517 47.93 -19.75 49.91
CA ALA D 517 47.02 -19.80 51.04
C ALA D 517 47.79 -19.92 52.35
N TYR D 518 47.15 -19.51 53.44
CA TYR D 518 47.74 -19.58 54.77
C TYR D 518 48.07 -21.01 55.13
N GLU D 519 47.28 -21.95 54.66
CA GLU D 519 47.57 -23.35 54.98
C GLU D 519 48.85 -23.78 54.32
N ILE D 520 49.16 -23.21 53.16
CA ILE D 520 50.38 -23.56 52.44
C ILE D 520 51.58 -22.96 53.14
N TRP D 521 51.47 -21.72 53.56
CA TRP D 521 52.57 -21.08 54.24
C TRP D 521 52.85 -21.77 55.59
N MET D 522 51.80 -22.21 56.27
CA MET D 522 52.01 -22.92 57.53
C MET D 522 52.65 -24.29 57.25
N ALA D 523 52.16 -24.95 56.20
CA ALA D 523 52.60 -26.27 55.80
C ALA D 523 54.08 -26.30 55.42
N ILE D 524 54.54 -25.29 54.69
CA ILE D 524 55.93 -25.24 54.26
C ILE D 524 56.88 -25.02 55.45
N VAL D 525 56.42 -24.27 56.46
CA VAL D 525 57.19 -24.09 57.68
C VAL D 525 57.30 -25.42 58.45
N PHE D 526 56.18 -26.12 58.55
CA PHE D 526 56.20 -27.42 59.22
C PHE D 526 57.10 -28.42 58.49
N ALA D 527 57.11 -28.33 57.17
CA ALA D 527 57.96 -29.19 56.36
C ALA D 527 59.44 -28.87 56.56
N TYR D 528 59.74 -27.58 56.65
CA TYR D 528 61.12 -27.14 56.85
C TYR D 528 61.65 -27.63 58.19
N ILE D 529 60.89 -27.39 59.27
CA ILE D 529 61.34 -27.83 60.59
C ILE D 529 61.40 -29.35 60.70
N LEU D 530 60.51 -30.04 59.98
CA LEU D 530 60.52 -31.49 59.96
C LEU D 530 61.80 -32.01 59.31
N VAL D 531 62.16 -31.42 58.17
CA VAL D 531 63.40 -31.78 57.48
C VAL D 531 64.60 -31.47 58.38
N SER D 532 64.54 -30.35 59.09
CA SER D 532 65.62 -29.97 60.01
C SER D 532 65.83 -31.03 61.10
N VAL D 533 64.74 -31.49 61.71
CA VAL D 533 64.87 -32.47 62.79
C VAL D 533 65.30 -33.82 62.22
N VAL D 534 64.87 -34.14 60.99
CA VAL D 534 65.34 -35.37 60.35
C VAL D 534 66.85 -35.33 60.10
N LEU D 535 67.33 -34.20 59.58
CA LEU D 535 68.76 -34.02 59.37
C LEU D 535 69.54 -34.14 60.67
N PHE D 536 68.98 -33.56 61.73
CA PHE D 536 69.65 -33.63 63.03
C PHE D 536 69.74 -35.10 63.46
N LEU D 537 68.65 -35.85 63.24
CA LEU D 537 68.57 -37.27 63.62
C LEU D 537 69.42 -38.25 62.80
N VAL D 538 69.69 -37.96 61.53
CA VAL D 538 70.45 -38.89 60.69
C VAL D 538 71.84 -39.25 61.23
N SER D 539 72.62 -38.24 61.61
CA SER D 539 74.00 -38.45 62.03
C SER D 539 74.11 -39.15 63.39
N ARG D 540 73.02 -39.13 64.16
CA ARG D 540 73.03 -39.69 65.50
C ARG D 540 71.85 -40.63 65.73
N ALA D 579 76.57 -32.27 49.52
CA ALA D 579 76.65 -31.60 50.81
C ALA D 579 78.10 -31.41 51.24
N ASP D 580 78.35 -31.47 52.54
CA ASP D 580 79.70 -31.32 53.07
C ASP D 580 80.57 -32.50 52.68
N ILE D 581 81.88 -32.29 52.72
CA ILE D 581 82.83 -33.32 52.32
C ILE D 581 82.87 -34.50 53.28
N SER D 582 82.79 -34.22 54.59
CA SER D 582 82.91 -35.27 55.60
C SER D 582 81.76 -36.30 55.53
N PRO D 583 80.49 -35.86 55.68
CA PRO D 583 79.49 -36.93 55.56
C PRO D 583 79.33 -37.45 54.13
N ARG D 584 79.44 -38.77 53.97
CA ARG D 584 79.16 -39.42 52.69
C ARG D 584 77.78 -40.07 52.68
N SER D 585 77.08 -39.95 53.81
CA SER D 585 75.89 -40.75 54.10
C SER D 585 74.80 -40.68 53.03
N LEU D 586 74.16 -41.83 52.80
CA LEU D 586 73.12 -41.95 51.78
C LEU D 586 71.79 -41.37 52.22
N SER D 587 71.46 -41.54 53.50
CA SER D 587 70.21 -41.04 54.06
C SER D 587 70.06 -39.54 53.83
N ALA D 588 71.09 -38.79 54.18
CA ALA D 588 71.09 -37.34 54.00
C ALA D 588 70.94 -36.96 52.52
N ARG D 589 71.54 -37.77 51.65
CA ARG D 589 71.44 -37.55 50.21
C ARG D 589 69.99 -37.69 49.74
N ILE D 590 69.33 -38.74 50.22
CA ILE D 590 67.94 -39.00 49.86
C ILE D 590 67.02 -37.90 50.40
N VAL D 591 67.21 -37.50 51.65
CA VAL D 591 66.35 -36.47 52.22
C VAL D 591 66.58 -35.13 51.51
N ALA D 592 67.81 -34.88 51.09
CA ALA D 592 68.14 -33.68 50.34
C ALA D 592 67.42 -33.69 48.99
N GLY D 593 67.44 -34.86 48.34
CA GLY D 593 66.74 -35.03 47.07
C GLY D 593 65.25 -34.78 47.18
N VAL D 594 64.63 -35.39 48.18
CA VAL D 594 63.19 -35.22 48.39
C VAL D 594 62.84 -33.76 48.68
N TRP D 595 63.62 -33.12 49.55
CA TRP D 595 63.41 -31.70 49.82
C TRP D 595 63.56 -30.86 48.55
N TRP D 596 64.46 -31.29 47.67
CA TRP D 596 64.70 -30.58 46.42
C TRP D 596 63.48 -30.67 45.49
N PHE D 597 62.95 -31.89 45.34
CA PHE D 597 61.75 -32.10 44.55
C PHE D 597 60.60 -31.27 45.10
N PHE D 598 60.43 -31.33 46.42
CA PHE D 598 59.39 -30.60 47.13
C PHE D 598 59.45 -29.09 46.89
N THR D 599 60.60 -28.50 47.19
CA THR D 599 60.77 -27.05 47.04
C THR D 599 60.63 -26.64 45.57
N LEU D 600 61.05 -27.52 44.66
CA LEU D 600 60.88 -27.28 43.23
C LEU D 600 59.40 -27.14 42.87
N ILE D 601 58.60 -28.09 43.34
CA ILE D 601 57.18 -28.06 43.07
C ILE D 601 56.53 -26.82 43.67
N ILE D 602 56.90 -26.48 44.91
CA ILE D 602 56.33 -25.29 45.53
C ILE D 602 56.67 -23.99 44.80
N ILE D 603 57.93 -23.82 44.42
CA ILE D 603 58.31 -22.58 43.72
C ILE D 603 57.63 -22.51 42.36
N SER D 604 57.51 -23.65 41.69
CA SER D 604 56.85 -23.69 40.40
C SER D 604 55.37 -23.30 40.53
N SER D 605 54.74 -23.82 41.58
CA SER D 605 53.34 -23.53 41.84
C SER D 605 53.12 -22.05 42.18
N TYR D 606 54.01 -21.49 42.98
CA TYR D 606 53.93 -20.07 43.32
C TYR D 606 54.08 -19.23 42.06
N THR D 607 54.99 -19.61 41.18
CA THR D 607 55.20 -18.88 39.93
C THR D 607 53.94 -18.90 39.06
N ALA D 608 53.37 -20.08 38.88
CA ALA D 608 52.19 -20.24 38.03
C ALA D 608 51.00 -19.45 38.59
N ASN D 609 50.78 -19.60 39.89
CA ASN D 609 49.68 -18.90 40.55
C ASN D 609 49.83 -17.39 40.50
N LEU D 610 51.05 -16.89 40.72
CA LEU D 610 51.27 -15.46 40.67
C LEU D 610 51.07 -14.93 39.26
N ALA D 611 51.48 -15.71 38.26
CA ALA D 611 51.32 -15.30 36.87
C ALA D 611 49.84 -15.19 36.50
N ALA D 612 49.08 -16.23 36.80
CA ALA D 612 47.65 -16.23 36.50
C ALA D 612 46.94 -15.12 37.25
N PHE D 613 47.07 -15.14 38.58
CA PHE D 613 46.38 -14.21 39.45
C PHE D 613 46.72 -12.75 39.16
N LEU D 614 47.94 -12.50 38.68
CA LEU D 614 48.30 -11.15 38.28
C LEU D 614 47.71 -10.81 36.91
N THR D 615 47.59 -11.82 36.06
CA THR D 615 46.98 -11.62 34.75
C THR D 615 45.50 -11.23 34.89
N VAL D 616 44.84 -11.78 35.91
CA VAL D 616 43.39 -11.61 36.06
C VAL D 616 42.93 -10.26 36.61
N GLU D 617 43.59 -9.78 37.67
CA GLU D 617 43.25 -8.49 38.29
C GLU D 617 41.79 -8.40 38.78
N ARG D 618 41.01 -7.55 38.11
CA ARG D 618 39.71 -7.02 38.54
C ARG D 618 39.80 -6.20 39.84
N MET D 619 38.72 -6.19 40.61
CA MET D 619 38.61 -5.37 41.82
C MET D 619 37.46 -5.85 42.71
N VAL D 620 37.44 -5.44 43.97
CA VAL D 620 36.33 -5.74 44.86
C VAL D 620 35.47 -4.51 45.13
N SER D 621 34.16 -4.67 45.05
CA SER D 621 33.22 -3.56 45.23
C SER D 621 33.04 -3.18 46.70
N PRO D 622 33.37 -1.93 47.06
CA PRO D 622 33.16 -1.40 48.41
C PRO D 622 31.69 -1.15 48.72
N ILE D 623 31.23 -1.54 49.91
CA ILE D 623 29.84 -1.33 50.28
C ILE D 623 29.69 -0.72 51.68
N GLU D 624 29.11 0.48 51.71
CA GLU D 624 28.91 1.23 52.95
C GLU D 624 27.53 0.98 53.55
N SER D 625 26.65 0.33 52.79
CA SER D 625 25.26 0.08 53.14
C SER D 625 24.49 1.35 53.49
N ALA D 626 23.53 1.24 54.40
CA ALA D 626 22.65 2.36 54.76
C ALA D 626 22.58 2.56 56.27
N GLU D 627 22.17 1.50 56.96
CA GLU D 627 22.08 1.50 58.43
C GLU D 627 23.42 1.93 59.03
N ASP D 628 24.50 1.46 58.42
CA ASP D 628 25.85 1.81 58.81
C ASP D 628 26.03 3.31 58.72
N LEU D 629 25.51 3.89 57.64
CA LEU D 629 25.55 5.34 57.45
C LEU D 629 24.78 6.05 58.56
N SER D 630 23.73 5.41 59.06
CA SER D 630 22.88 5.97 60.12
C SER D 630 23.64 5.98 61.44
N LYS D 631 24.51 4.99 61.62
CA LYS D 631 25.24 4.82 62.88
C LYS D 631 26.48 5.70 63.05
N GLN D 632 26.97 6.29 61.95
CA GLN D 632 28.19 7.08 62.03
C GLN D 632 27.94 8.59 61.98
N THR D 633 28.69 9.34 62.79
CA THR D 633 28.60 10.80 62.79
C THR D 633 29.71 11.45 61.96
N GLU D 634 30.61 10.64 61.42
CA GLU D 634 31.76 11.15 60.70
C GLU D 634 31.36 11.75 59.35
N ILE D 635 30.81 10.93 58.47
CA ILE D 635 30.38 11.39 57.15
C ILE D 635 28.98 11.98 57.18
N ALA D 636 28.89 13.27 56.87
CA ALA D 636 27.60 13.94 56.80
C ALA D 636 26.85 13.54 55.54
N TYR D 637 25.53 13.68 55.57
CA TYR D 637 24.72 13.37 54.39
C TYR D 637 23.40 14.13 54.37
N GLY D 638 22.84 14.26 53.19
CA GLY D 638 21.60 15.00 53.02
C GLY D 638 20.93 14.68 51.69
N THR D 639 19.90 15.45 51.36
CA THR D 639 19.13 15.24 50.13
C THR D 639 18.79 16.56 49.44
N LEU D 640 17.94 16.46 48.43
CA LEU D 640 17.50 17.64 47.71
C LEU D 640 16.64 18.52 48.62
N ASP D 641 16.57 19.81 48.30
CA ASP D 641 15.82 20.76 49.12
C ASP D 641 14.33 20.42 49.13
N SER D 642 13.77 20.16 47.96
CA SER D 642 12.39 19.70 47.88
C SER D 642 12.27 18.58 46.85
N GLY D 643 11.84 17.41 47.29
CA GLY D 643 11.71 16.28 46.38
C GLY D 643 11.09 15.05 47.00
N SER D 644 10.78 14.06 46.14
CA SER D 644 10.19 12.81 46.59
C SER D 644 11.14 12.07 47.51
N THR D 645 12.43 12.29 47.32
CA THR D 645 13.45 11.67 48.15
C THR D 645 13.42 12.23 49.57
N LYS D 646 13.45 13.56 49.65
CA LYS D 646 13.36 14.24 50.93
C LYS D 646 12.06 13.88 51.62
N GLU D 647 10.99 13.95 50.84
CA GLU D 647 9.66 13.67 51.36
C GLU D 647 9.61 12.22 51.85
N PHE D 648 10.39 11.35 51.21
CA PHE D 648 10.51 9.97 51.64
C PHE D 648 11.10 9.91 53.02
N PHE D 649 12.26 10.52 53.18
CA PHE D 649 12.95 10.51 54.47
C PHE D 649 12.06 11.10 55.59
N ARG D 650 11.46 12.24 55.29
CA ARG D 650 10.53 12.91 56.20
C ARG D 650 9.37 12.00 56.64
N ARG D 651 8.55 11.62 55.66
CA ARG D 651 7.31 10.89 55.89
C ARG D 651 7.47 9.42 56.30
N SER D 652 8.71 8.92 56.30
CA SER D 652 8.97 7.50 56.53
C SER D 652 8.84 7.08 57.99
N LYS D 653 8.07 6.01 58.21
CA LYS D 653 7.80 5.51 59.55
C LYS D 653 8.77 4.40 59.94
N ILE D 654 9.71 4.10 59.04
CA ILE D 654 10.75 3.11 59.31
C ILE D 654 11.85 3.66 60.21
N ALA D 655 12.27 2.85 61.18
CA ALA D 655 13.22 3.25 62.22
C ALA D 655 14.46 3.94 61.67
N VAL D 656 15.24 3.20 60.87
CA VAL D 656 16.51 3.69 60.34
C VAL D 656 16.39 5.03 59.62
N PHE D 657 15.45 5.07 58.69
CA PHE D 657 15.21 6.27 57.90
C PHE D 657 14.72 7.41 58.79
N ASP D 658 13.94 7.07 59.81
CA ASP D 658 13.47 8.08 60.76
C ASP D 658 14.66 8.73 61.45
N LYS D 659 15.58 7.90 61.93
CA LYS D 659 16.80 8.38 62.58
C LYS D 659 17.54 9.32 61.63
N MET D 660 17.70 8.87 60.39
CA MET D 660 18.43 9.64 59.39
C MET D 660 17.78 11.01 59.18
N TRP D 661 16.46 11.00 59.08
CA TRP D 661 15.69 12.23 58.89
C TRP D 661 15.85 13.18 60.05
N THR D 662 15.76 12.65 61.28
CA THR D 662 15.98 13.46 62.47
C THR D 662 17.34 14.15 62.41
N TYR D 663 18.35 13.37 62.01
CA TYR D 663 19.69 13.90 61.90
C TYR D 663 19.78 15.02 60.87
N MET D 664 19.23 14.79 59.68
CA MET D 664 19.37 15.75 58.59
C MET D 664 18.59 17.03 58.90
N ARG D 665 17.45 16.82 59.56
CA ARG D 665 16.54 17.89 59.93
C ARG D 665 17.17 18.85 60.93
N SER D 666 17.84 18.29 61.94
CA SER D 666 18.50 19.15 62.92
C SER D 666 20.00 19.36 62.70
N ALA D 667 20.54 18.79 61.63
CA ALA D 667 21.94 19.02 61.31
C ALA D 667 22.19 20.46 60.88
N GLU D 668 23.31 21.03 61.34
CA GLU D 668 23.71 22.37 60.92
C GLU D 668 25.20 22.40 60.60
N PRO D 669 25.60 23.12 59.53
CA PRO D 669 24.74 23.83 58.58
C PRO D 669 23.91 22.87 57.72
N SER D 670 22.86 23.38 57.08
CA SER D 670 21.95 22.54 56.33
C SER D 670 22.67 21.66 55.31
N VAL D 671 22.40 20.37 55.39
CA VAL D 671 23.05 19.38 54.56
C VAL D 671 22.27 19.20 53.25
N PHE D 672 21.16 19.91 53.14
CA PHE D 672 20.32 19.88 51.96
C PHE D 672 20.86 20.78 50.84
N VAL D 673 20.50 20.46 49.60
CA VAL D 673 20.98 21.21 48.45
C VAL D 673 19.84 21.62 47.51
N ARG D 674 20.03 22.74 46.82
CA ARG D 674 19.02 23.27 45.91
C ARG D 674 18.84 22.42 44.66
N THR D 675 19.94 21.97 44.07
CA THR D 675 19.88 21.14 42.87
C THR D 675 20.86 19.96 42.95
N THR D 676 20.68 19.00 42.04
CA THR D 676 21.52 17.81 41.99
C THR D 676 22.97 18.17 41.76
N ALA D 677 23.22 19.00 40.76
CA ALA D 677 24.57 19.46 40.43
C ALA D 677 25.27 20.04 41.65
N GLU D 678 24.54 20.87 42.39
CA GLU D 678 25.04 21.47 43.61
C GLU D 678 25.42 20.41 44.65
N GLY D 679 24.59 19.39 44.76
CA GLY D 679 24.82 18.30 45.69
C GLY D 679 26.07 17.51 45.37
N VAL D 680 26.20 17.10 44.10
CA VAL D 680 27.36 16.36 43.64
C VAL D 680 28.63 17.19 43.82
N ALA D 681 28.57 18.45 43.40
CA ALA D 681 29.67 19.37 43.58
C ALA D 681 30.08 19.46 45.06
N ARG D 682 29.09 19.36 45.95
CA ARG D 682 29.37 19.35 47.38
C ARG D 682 30.03 18.03 47.78
N VAL D 683 29.69 16.94 47.11
CA VAL D 683 30.30 15.65 47.39
C VAL D 683 31.76 15.60 46.96
N ARG D 684 32.08 16.32 45.89
CA ARG D 684 33.42 16.30 45.33
C ARG D 684 34.41 17.10 46.18
N LYS D 685 33.96 18.24 46.70
CA LYS D 685 34.82 19.14 47.45
C LYS D 685 34.87 18.81 48.94
N SER D 686 34.19 17.74 49.34
CA SER D 686 34.05 17.40 50.75
C SER D 686 35.11 16.44 51.27
N LYS D 687 36.06 16.08 50.42
CA LYS D 687 37.10 15.10 50.74
C LYS D 687 36.49 13.78 51.22
N GLY D 688 35.39 13.37 50.59
CA GLY D 688 34.74 12.12 50.93
C GLY D 688 34.14 12.11 52.32
N LYS D 689 34.00 13.29 52.90
CA LYS D 689 33.40 13.43 54.24
C LYS D 689 31.91 13.76 54.17
N TYR D 690 31.37 13.82 52.96
CA TYR D 690 29.95 14.10 52.77
C TYR D 690 29.30 13.16 51.77
N ALA D 691 28.18 12.57 52.16
CA ALA D 691 27.43 11.66 51.30
C ALA D 691 26.17 12.35 50.78
N TYR D 692 25.77 12.02 49.57
CA TYR D 692 24.56 12.61 49.00
C TYR D 692 23.53 11.56 48.65
N LEU D 693 22.36 11.65 49.26
CA LEU D 693 21.29 10.72 48.95
C LEU D 693 20.49 11.30 47.79
N LEU D 694 20.56 10.63 46.65
CA LEU D 694 19.87 11.09 45.45
C LEU D 694 19.23 9.92 44.76
N GLU D 695 18.33 10.19 43.83
CA GLU D 695 17.68 9.14 43.07
C GLU D 695 18.69 8.34 42.23
N SER D 696 18.40 7.05 42.06
CA SER D 696 19.29 6.10 41.38
C SER D 696 19.84 6.63 40.06
N THR D 697 18.92 6.93 39.14
CA THR D 697 19.24 7.40 37.80
C THR D 697 20.30 8.51 37.78
N MET D 698 19.99 9.63 38.43
CA MET D 698 20.93 10.75 38.48
C MET D 698 22.31 10.29 38.95
N ASN D 699 22.32 9.39 39.93
CA ASN D 699 23.57 8.89 40.48
C ASN D 699 24.37 8.08 39.45
N GLU D 700 23.69 7.19 38.74
CA GLU D 700 24.33 6.39 37.72
C GLU D 700 24.89 7.27 36.62
N TYR D 701 24.15 8.32 36.29
CA TYR D 701 24.56 9.23 35.23
C TYR D 701 25.79 10.05 35.59
N ILE D 702 25.75 10.67 36.77
CA ILE D 702 26.92 11.40 37.24
C ILE D 702 28.11 10.46 37.36
N GLU D 703 27.85 9.21 37.74
CA GLU D 703 28.90 8.21 37.88
C GLU D 703 29.53 7.87 36.52
N GLN D 704 28.75 7.93 35.45
CA GLN D 704 29.28 7.57 34.14
C GLN D 704 29.89 8.75 33.36
N ARG D 705 29.97 9.92 33.99
CA ARG D 705 30.56 11.09 33.35
C ARG D 705 31.78 11.66 34.10
N LYS D 706 32.77 12.16 33.35
CA LYS D 706 33.97 12.75 33.94
C LYS D 706 33.61 13.88 34.90
N PRO D 707 34.45 14.16 35.92
CA PRO D 707 35.77 13.66 36.33
C PRO D 707 35.78 12.24 36.87
N CYS D 708 34.61 11.63 37.00
CA CYS D 708 34.46 10.25 37.45
C CYS D 708 34.95 10.09 38.89
N ASP D 709 34.78 11.15 39.67
CA ASP D 709 35.22 11.14 41.05
C ASP D 709 34.12 10.65 42.00
N THR D 710 32.90 10.49 41.49
CA THR D 710 31.81 9.99 42.33
C THR D 710 31.59 8.50 42.10
N MET D 711 30.69 7.92 42.88
CA MET D 711 30.42 6.49 42.80
C MET D 711 29.06 6.15 43.42
N LYS D 712 28.46 5.04 43.00
CA LYS D 712 27.25 4.56 43.62
C LYS D 712 27.61 3.46 44.62
N VAL D 713 27.27 3.68 45.89
CA VAL D 713 27.63 2.74 46.93
C VAL D 713 26.42 2.05 47.55
N GLY D 714 26.59 0.76 47.84
CA GLY D 714 25.53 -0.04 48.43
C GLY D 714 24.37 -0.21 47.46
N GLY D 715 23.25 -0.69 47.98
CA GLY D 715 22.07 -0.90 47.16
C GLY D 715 21.21 0.35 47.08
N ASN D 716 19.91 0.14 46.88
CA ASN D 716 18.96 1.25 46.85
C ASN D 716 18.05 1.21 48.07
N LEU D 717 17.60 2.37 48.51
CA LEU D 717 16.80 2.46 49.72
C LEU D 717 15.35 2.05 49.50
N ASP D 718 14.83 2.33 48.32
CA ASP D 718 13.46 1.96 47.96
C ASP D 718 13.37 1.62 46.48
N SER D 719 12.29 0.99 46.07
CA SER D 719 12.11 0.64 44.67
C SER D 719 10.85 1.30 44.09
N LYS D 720 11.06 2.19 43.12
CA LYS D 720 9.97 2.94 42.51
C LYS D 720 10.26 3.27 41.06
N GLY D 721 9.42 4.10 40.45
CA GLY D 721 9.58 4.47 39.06
C GLY D 721 9.07 5.86 38.71
N TYR D 722 9.54 6.39 37.58
CA TYR D 722 9.03 7.64 37.03
C TYR D 722 7.78 7.36 36.21
N GLY D 723 7.18 8.41 35.66
CA GLY D 723 5.98 8.22 34.85
C GLY D 723 5.50 9.49 34.18
N ILE D 724 4.69 9.32 33.13
CA ILE D 724 4.11 10.46 32.44
C ILE D 724 2.81 10.86 33.11
N ALA D 725 2.73 12.11 33.54
CA ALA D 725 1.57 12.58 34.29
C ALA D 725 0.64 13.41 33.43
N THR D 726 -0.66 13.17 33.60
CA THR D 726 -1.70 13.92 32.90
C THR D 726 -2.77 14.32 33.90
N PRO D 727 -3.45 15.45 33.64
CA PRO D 727 -4.55 15.82 34.53
C PRO D 727 -5.65 14.76 34.47
N LYS D 728 -6.33 14.53 35.59
CA LYS D 728 -7.31 13.46 35.69
C LYS D 728 -8.43 13.60 34.67
N GLY D 729 -8.75 12.50 33.99
CA GLY D 729 -9.80 12.51 32.98
C GLY D 729 -9.37 13.00 31.62
N SER D 730 -8.08 13.24 31.45
CA SER D 730 -7.56 13.70 30.16
C SER D 730 -7.71 12.62 29.10
N SER D 731 -7.88 13.04 27.86
CA SER D 731 -8.02 12.11 26.75
C SER D 731 -6.69 11.41 26.50
N LEU D 732 -5.61 12.14 26.73
CA LEU D 732 -4.27 11.62 26.49
C LEU D 732 -3.85 10.48 27.41
N GLY D 733 -4.56 10.28 28.52
CA GLY D 733 -4.10 9.34 29.53
C GLY D 733 -3.88 7.92 29.04
N THR D 734 -4.94 7.30 28.54
CA THR D 734 -4.85 5.91 28.07
C THR D 734 -3.89 5.76 26.88
N PRO D 735 -4.01 6.61 25.83
CA PRO D 735 -3.06 6.46 24.72
C PRO D 735 -1.61 6.63 25.13
N VAL D 736 -1.31 7.62 25.98
CA VAL D 736 0.05 7.79 26.47
C VAL D 736 0.50 6.54 27.22
N ASN D 737 -0.39 6.00 28.04
CA ASN D 737 -0.10 4.77 28.77
C ASN D 737 0.29 3.61 27.85
N LEU D 738 -0.58 3.32 26.88
CA LEU D 738 -0.32 2.25 25.90
C LEU D 738 0.97 2.52 25.12
N ALA D 739 1.24 3.79 24.84
CA ALA D 739 2.47 4.18 24.16
C ALA D 739 3.67 3.78 25.00
N VAL D 740 3.62 4.06 26.30
CA VAL D 740 4.71 3.68 27.18
C VAL D 740 4.86 2.16 27.26
N LEU D 741 3.74 1.44 27.28
CA LEU D 741 3.78 -0.02 27.27
C LEU D 741 4.49 -0.55 26.03
N LYS D 742 4.14 0.04 24.89
CA LYS D 742 4.70 -0.41 23.61
C LYS D 742 6.18 -0.09 23.54
N LEU D 743 6.54 1.14 23.91
CA LEU D 743 7.96 1.53 23.96
C LEU D 743 8.74 0.62 24.90
N SER D 744 8.07 0.15 25.95
CA SER D 744 8.73 -0.77 26.88
C SER D 744 9.03 -2.08 26.16
N GLU D 745 8.02 -2.68 25.55
CA GLU D 745 8.24 -3.98 24.90
C GLU D 745 9.18 -3.90 23.70
N GLN D 746 9.20 -2.76 23.03
CA GLN D 746 9.99 -2.62 21.82
C GLN D 746 11.46 -2.30 22.09
N GLY D 747 11.79 -2.10 23.37
CA GLY D 747 13.16 -1.82 23.76
C GLY D 747 13.54 -0.37 23.54
N VAL D 748 12.58 0.43 23.10
CA VAL D 748 12.80 1.85 22.87
C VAL D 748 13.25 2.54 24.15
N LEU D 749 12.60 2.19 25.26
CA LEU D 749 12.92 2.79 26.54
C LEU D 749 14.36 2.45 26.93
N ASP D 750 14.70 1.17 26.82
CA ASP D 750 16.05 0.68 27.12
C ASP D 750 17.09 1.36 26.23
N LYS D 751 16.82 1.40 24.93
CA LYS D 751 17.75 1.99 23.98
C LYS D 751 17.96 3.47 24.26
N LEU D 752 16.90 4.14 24.69
CA LEU D 752 16.97 5.54 25.02
C LEU D 752 17.84 5.75 26.25
N LYS D 753 17.60 4.89 27.25
CA LYS D 753 18.38 4.90 28.47
C LYS D 753 19.86 4.75 28.15
N ASN D 754 20.18 3.78 27.30
CA ASN D 754 21.55 3.57 26.86
C ASN D 754 22.12 4.79 26.16
N LYS D 755 21.38 5.31 25.20
CA LYS D 755 21.78 6.47 24.42
C LYS D 755 22.18 7.62 25.33
N TRP D 756 21.38 7.87 26.36
CA TRP D 756 21.61 9.02 27.20
C TRP D 756 22.39 8.71 28.48
N TRP D 757 22.77 7.45 28.68
CA TRP D 757 23.54 7.10 29.87
C TRP D 757 24.88 6.44 29.55
N TYR D 758 24.83 5.16 29.18
CA TYR D 758 26.01 4.33 29.05
C TYR D 758 26.76 4.40 27.70
N ASP D 759 26.02 4.60 26.61
CA ASP D 759 26.58 4.56 25.26
C ASP D 759 27.80 5.47 25.08
N LYS D 760 27.63 6.75 25.36
CA LYS D 760 28.69 7.73 25.21
C LYS D 760 29.46 7.97 26.51
N GLY D 761 29.18 7.15 27.53
CA GLY D 761 29.74 7.33 28.86
C GLY D 761 31.24 7.55 28.93
N GLU D 762 31.65 8.47 29.79
CA GLU D 762 33.02 8.99 29.76
C GLU D 762 34.03 8.36 30.73
N CYS D 763 33.60 7.42 31.57
CA CYS D 763 34.56 6.78 32.47
C CYS D 763 34.75 5.31 32.13
N GLY D 764 35.89 4.99 31.50
CA GLY D 764 36.19 3.63 31.08
C GLY D 764 35.00 3.01 30.37
N ALA D 765 34.74 1.74 30.66
CA ALA D 765 33.41 1.20 30.51
C ALA D 765 33.04 0.48 31.80
N LYS D 766 32.13 1.07 32.57
CA LYS D 766 31.70 0.56 33.87
C LYS D 766 32.88 0.07 34.72
N ASP D 767 32.73 -1.12 35.30
CA ASP D 767 33.77 -1.77 36.10
C ASP D 767 34.50 -0.82 37.05
N SER D 775 51.07 -2.50 33.38
CA SER D 775 51.69 -1.76 34.48
C SER D 775 53.13 -2.21 34.71
N ALA D 776 53.49 -2.39 35.98
CA ALA D 776 54.80 -2.90 36.35
C ALA D 776 54.68 -3.75 37.61
N LEU D 777 55.80 -4.27 38.08
CA LEU D 777 55.80 -5.00 39.35
C LEU D 777 55.47 -4.04 40.47
N SER D 778 54.91 -4.55 41.56
CA SER D 778 54.46 -3.67 42.63
C SER D 778 55.62 -3.21 43.47
N LEU D 779 55.83 -1.89 43.50
CA LEU D 779 56.85 -1.26 44.33
C LEU D 779 56.54 -1.52 45.80
N SER D 780 55.28 -1.84 46.05
CA SER D 780 54.73 -2.04 47.38
C SER D 780 54.70 -3.52 47.80
N ASN D 781 53.94 -4.33 47.08
CA ASN D 781 53.77 -5.74 47.44
C ASN D 781 55.09 -6.48 47.55
N VAL D 782 56.07 -6.10 46.74
CA VAL D 782 57.39 -6.71 46.74
C VAL D 782 58.17 -6.31 48.00
N ALA D 783 57.95 -5.06 48.44
CA ALA D 783 58.69 -4.45 49.56
C ALA D 783 58.68 -5.27 50.85
N GLY D 784 57.60 -6.00 51.09
CA GLY D 784 57.48 -6.85 52.27
C GLY D 784 58.67 -7.79 52.33
N VAL D 785 58.96 -8.42 51.19
CA VAL D 785 60.07 -9.34 51.07
C VAL D 785 61.37 -8.63 51.44
N PHE D 786 61.48 -7.38 51.04
CA PHE D 786 62.68 -6.60 51.33
C PHE D 786 62.76 -6.35 52.84
N TYR D 787 61.61 -6.33 53.50
CA TYR D 787 61.57 -6.15 54.95
C TYR D 787 61.92 -7.42 55.72
N ILE D 788 61.42 -8.57 55.28
CA ILE D 788 61.78 -9.82 55.95
C ILE D 788 63.27 -10.07 55.72
N LEU D 789 63.75 -9.63 54.56
CA LEU D 789 65.16 -9.71 54.22
C LEU D 789 65.98 -8.86 55.18
N VAL D 790 65.64 -7.57 55.26
CA VAL D 790 66.35 -6.63 56.12
C VAL D 790 66.34 -7.12 57.57
N GLY D 791 65.20 -7.66 58.01
CA GLY D 791 65.09 -8.20 59.35
C GLY D 791 66.02 -9.36 59.58
N GLY D 792 66.10 -10.25 58.58
CA GLY D 792 66.97 -11.40 58.68
C GLY D 792 68.42 -10.95 58.76
N LEU D 793 68.76 -9.98 57.93
CA LEU D 793 70.10 -9.42 57.91
C LEU D 793 70.47 -8.75 59.23
N GLY D 794 69.50 -8.08 59.85
CA GLY D 794 69.69 -7.44 61.15
C GLY D 794 69.96 -8.46 62.25
N LEU D 795 69.14 -9.51 62.25
CA LEU D 795 69.33 -10.61 63.20
C LEU D 795 70.72 -11.18 62.96
N ALA D 796 71.10 -11.23 61.70
CA ALA D 796 72.43 -11.69 61.30
C ALA D 796 73.51 -10.76 61.82
N MET D 797 73.19 -9.47 61.94
CA MET D 797 74.12 -8.51 62.53
C MET D 797 74.33 -8.89 63.98
N LEU D 798 73.25 -9.23 64.66
CA LEU D 798 73.33 -9.59 66.07
C LEU D 798 74.19 -10.84 66.24
N VAL D 799 73.81 -11.90 65.54
CA VAL D 799 74.49 -13.20 65.64
C VAL D 799 75.97 -13.11 65.26
N ALA D 800 76.26 -12.39 64.19
CA ALA D 800 77.64 -12.20 63.74
C ALA D 800 78.46 -11.44 64.76
N LEU D 801 77.89 -10.34 65.25
CA LEU D 801 78.60 -9.46 66.17
C LEU D 801 78.91 -10.11 67.53
N ILE D 802 77.93 -10.80 68.11
CA ILE D 802 78.15 -11.35 69.45
C ILE D 802 79.30 -12.37 69.52
N GLU D 803 79.48 -13.16 68.47
CA GLU D 803 80.56 -14.15 68.44
C GLU D 803 81.94 -13.51 68.25
N PHE D 804 82.07 -12.67 67.23
CA PHE D 804 83.34 -12.02 66.91
C PHE D 804 83.74 -11.00 67.99
N GLY E 6 -2.91 -16.15 1.43
CA GLY E 6 -1.69 -15.79 0.74
C GLY E 6 -1.47 -14.29 0.68
N PRO E 7 -2.10 -13.62 -0.29
CA PRO E 7 -1.95 -12.16 -0.42
C PRO E 7 -2.53 -11.40 0.77
N ALA E 8 -1.75 -10.51 1.36
CA ALA E 8 -2.25 -9.63 2.40
C ALA E 8 -2.12 -8.18 1.97
N ASP E 9 -3.21 -7.42 1.98
CA ASP E 9 -3.13 -6.02 1.59
C ASP E 9 -3.32 -5.13 2.82
N CYS E 10 -2.45 -4.13 2.97
CA CYS E 10 -2.54 -3.21 4.10
C CYS E 10 -3.86 -2.43 4.07
N CYS E 11 -4.34 -2.09 2.88
CA CYS E 11 -5.59 -1.35 2.72
C CYS E 11 -6.80 -2.17 3.18
N ARG E 12 -6.90 -3.39 2.64
CA ARG E 12 -8.01 -4.26 2.97
C ARG E 12 -7.95 -4.60 4.45
N MET E 13 -6.74 -4.77 4.97
CA MET E 13 -6.52 -5.00 6.39
C MET E 13 -7.01 -3.80 7.20
N LYS E 14 -6.82 -2.60 6.65
CA LYS E 14 -7.26 -1.38 7.32
C LYS E 14 -8.79 -1.30 7.39
N GLU E 15 -9.44 -1.44 6.24
CA GLU E 15 -10.90 -1.43 6.20
C GLU E 15 -11.47 -2.47 7.17
N CYS E 16 -10.96 -3.70 7.07
CA CYS E 16 -11.38 -4.77 7.96
C CYS E 16 -11.16 -4.39 9.41
N CYS E 17 -10.02 -3.74 9.67
CA CYS E 17 -9.66 -3.27 11.01
C CYS E 17 -10.71 -2.34 11.59
N THR E 18 -10.89 -1.19 10.94
CA THR E 18 -11.86 -0.18 11.39
C THR E 18 -13.23 -0.82 11.57
N ASP E 19 -13.68 -1.54 10.54
CA ASP E 19 -14.97 -2.20 10.58
C ASP E 19 -15.14 -3.13 11.79
N ARG E 20 -14.15 -3.99 12.04
CA ARG E 20 -14.25 -4.94 13.14
C ARG E 20 -14.19 -4.25 14.51
N VAL E 21 -13.43 -3.17 14.60
CA VAL E 21 -13.38 -2.38 15.83
C VAL E 21 -14.77 -1.82 16.11
N ASN E 22 -15.32 -1.11 15.12
CA ASN E 22 -16.63 -0.51 15.26
C ASN E 22 -17.71 -1.54 15.57
N GLU E 23 -17.69 -2.64 14.83
CA GLU E 23 -18.65 -3.72 15.02
C GLU E 23 -18.52 -4.33 16.41
N CYS E 24 -17.32 -4.27 16.98
CA CYS E 24 -17.10 -4.75 18.34
C CYS E 24 -17.66 -3.78 19.37
N LEU E 25 -17.38 -2.49 19.16
CA LEU E 25 -17.78 -1.45 20.10
C LEU E 25 -19.30 -1.35 20.27
N GLN E 26 -20.06 -1.93 19.33
CA GLN E 26 -21.51 -1.89 19.41
C GLN E 26 -22.07 -2.93 20.38
N ARG E 27 -21.20 -3.83 20.86
CA ARG E 27 -21.60 -4.79 21.89
C ARG E 27 -21.53 -4.17 23.29
N TYR E 28 -20.62 -3.20 23.42
CA TYR E 28 -20.32 -2.54 24.69
C TYR E 28 -20.97 -1.17 24.87
N SER E 29 -21.95 -0.86 24.03
CA SER E 29 -22.54 0.48 23.97
C SER E 29 -22.86 1.09 25.34
N GLY E 30 -22.45 2.34 25.47
CA GLY E 30 -22.53 3.11 26.70
C GLY E 30 -21.25 2.97 27.51
N ARG E 31 -20.56 1.85 27.34
CA ARG E 31 -19.25 1.65 27.97
C ARG E 31 -18.08 1.81 27.00
N GLU E 32 -18.38 2.17 25.75
CA GLU E 32 -17.42 2.14 24.63
C GLU E 32 -16.04 2.76 24.89
N ASP E 33 -16.03 3.93 25.52
CA ASP E 33 -14.80 4.67 25.78
C ASP E 33 -13.78 3.83 26.57
N LYS E 34 -14.29 2.93 27.39
CA LYS E 34 -13.42 2.08 28.20
C LYS E 34 -12.99 0.83 27.44
N PHE E 35 -13.75 0.46 26.42
CA PHE E 35 -13.48 -0.77 25.68
C PHE E 35 -12.76 -0.61 24.33
N VAL E 36 -12.48 0.63 23.93
CA VAL E 36 -11.83 0.88 22.64
C VAL E 36 -10.59 0.03 22.38
N SER E 37 -9.67 0.00 23.35
CA SER E 37 -8.43 -0.78 23.21
C SER E 37 -8.68 -2.28 23.04
N PHE E 38 -9.53 -2.81 23.91
CA PHE E 38 -9.94 -4.22 23.85
C PHE E 38 -10.50 -4.59 22.47
N CYS E 39 -11.46 -3.82 22.01
CA CYS E 39 -12.08 -4.05 20.71
C CYS E 39 -11.06 -3.92 19.58
N TYR E 40 -10.12 -3.00 19.76
CA TYR E 40 -9.02 -2.87 18.81
C TYR E 40 -8.20 -4.15 18.74
N GLN E 41 -7.92 -4.76 19.88
CA GLN E 41 -7.17 -6.01 19.84
C GLN E 41 -8.00 -7.10 19.18
N GLU E 42 -9.32 -7.02 19.32
CA GLU E 42 -10.16 -7.99 18.64
C GLU E 42 -10.04 -7.83 17.13
N ALA E 43 -10.00 -6.59 16.65
CA ALA E 43 -9.85 -6.32 15.22
C ALA E 43 -8.48 -6.74 14.71
N THR E 44 -7.45 -6.45 15.51
CA THR E 44 -6.09 -6.82 15.17
C THR E 44 -5.95 -8.33 15.04
N VAL E 45 -6.59 -9.05 15.95
CA VAL E 45 -6.47 -10.50 15.96
C VAL E 45 -7.36 -11.16 14.90
N THR E 46 -8.45 -10.48 14.52
CA THR E 46 -9.33 -11.04 13.48
C THR E 46 -8.79 -10.78 12.08
N CYS E 47 -8.49 -9.53 11.78
CA CYS E 47 -8.02 -9.14 10.45
C CYS E 47 -6.54 -9.39 10.22
N GLY E 48 -5.82 -9.75 11.28
CA GLY E 48 -4.39 -9.97 11.19
C GLY E 48 -3.62 -8.66 11.09
N SER E 49 -2.33 -8.71 11.40
CA SER E 49 -1.50 -7.52 11.39
C SER E 49 -0.11 -7.79 10.84
N PHE E 50 0.56 -6.74 10.39
CA PHE E 50 1.95 -6.87 9.95
C PHE E 50 2.87 -7.01 11.14
N ASN E 51 2.54 -6.27 12.21
CA ASN E 51 3.29 -6.39 13.45
C ASN E 51 2.36 -6.60 14.63
N GLU E 52 2.50 -7.74 15.30
CA GLU E 52 1.64 -8.13 16.42
C GLU E 52 1.48 -7.01 17.44
N ILE E 53 2.57 -6.30 17.69
CA ILE E 53 2.59 -5.20 18.63
C ILE E 53 1.70 -4.04 18.17
N VAL E 54 1.95 -3.58 16.95
CA VAL E 54 1.26 -2.41 16.40
C VAL E 54 -0.25 -2.61 16.22
N GLY E 55 -0.63 -3.73 15.62
CA GLY E 55 -2.02 -3.99 15.32
C GLY E 55 -2.39 -3.68 13.87
N CYS E 56 -3.67 -3.78 13.53
CA CYS E 56 -4.11 -3.59 12.15
C CYS E 56 -4.09 -2.13 11.71
N CYS E 57 -4.68 -1.24 12.50
CA CYS E 57 -4.44 0.19 12.31
C CYS E 57 -4.19 0.92 13.62
N TYR E 58 -2.96 1.38 13.82
CA TYR E 58 -2.58 2.02 15.07
C TYR E 58 -3.21 3.40 15.21
N GLY E 59 -3.02 4.22 14.18
CA GLY E 59 -3.54 5.58 14.18
C GLY E 59 -5.02 5.65 14.46
N TYR E 60 -5.77 4.71 13.89
CA TYR E 60 -7.19 4.61 14.13
C TYR E 60 -7.48 4.31 15.59
N GLN E 61 -6.75 3.34 16.16
CA GLN E 61 -6.93 2.99 17.57
C GLN E 61 -6.71 4.20 18.45
N MET E 62 -5.64 4.93 18.17
CA MET E 62 -5.31 6.09 18.98
C MET E 62 -6.37 7.18 18.85
N CYS E 63 -6.72 7.53 17.62
CA CYS E 63 -7.78 8.51 17.36
C CYS E 63 -9.08 8.16 18.08
N MET E 64 -9.47 6.88 18.03
CA MET E 64 -10.71 6.43 18.66
C MET E 64 -10.64 6.49 20.18
N ILE E 65 -9.60 5.88 20.73
CA ILE E 65 -9.37 5.88 22.17
C ILE E 65 -9.31 7.32 22.70
N ARG E 66 -8.92 8.26 21.85
CA ARG E 66 -8.78 9.66 22.24
C ARG E 66 -10.04 10.49 21.92
N VAL E 67 -11.07 9.84 21.40
CA VAL E 67 -12.29 10.56 21.01
C VAL E 67 -13.55 9.91 21.63
N VAL E 68 -13.72 8.60 21.43
CA VAL E 68 -14.94 7.88 21.81
C VAL E 68 -15.42 8.17 23.23
N LYS E 69 -16.70 8.53 23.33
CA LYS E 69 -17.36 8.77 24.60
C LYS E 69 -18.61 7.89 24.69
N PRO E 70 -19.18 7.72 25.90
CA PRO E 70 -20.38 6.89 26.03
C PRO E 70 -21.51 7.32 25.09
N ASN E 71 -22.03 6.35 24.33
CA ASN E 71 -23.06 6.56 23.32
C ASN E 71 -22.66 7.59 22.26
N SER E 72 -21.36 7.82 22.13
CA SER E 72 -20.83 8.70 21.09
C SER E 72 -20.28 7.91 19.90
N LEU E 73 -20.43 6.59 19.97
CA LEU E 73 -19.74 5.67 19.07
C LEU E 73 -19.80 6.05 17.59
N SER E 74 -21.01 6.10 17.04
CA SER E 74 -21.22 6.30 15.60
C SER E 74 -20.41 7.44 15.01
N GLY E 75 -20.50 8.62 15.63
CA GLY E 75 -19.80 9.79 15.12
C GLY E 75 -18.31 9.67 15.30
N ALA E 76 -17.91 9.05 16.40
CA ALA E 76 -16.50 8.83 16.69
C ALA E 76 -15.84 7.97 15.61
N HIS E 77 -16.42 6.79 15.39
CA HIS E 77 -15.95 5.89 14.34
C HIS E 77 -15.99 6.55 12.98
N GLU E 78 -17.07 7.25 12.69
CA GLU E 78 -17.23 7.88 11.38
C GLU E 78 -16.17 8.95 11.17
N ALA E 79 -15.68 9.55 12.25
CA ALA E 79 -14.63 10.54 12.10
C ALA E 79 -13.21 9.95 12.17
N CYS E 80 -13.07 8.76 12.76
CA CYS E 80 -11.75 8.17 12.93
C CYS E 80 -11.33 7.16 11.87
N LYS E 81 -12.24 6.73 11.02
CA LYS E 81 -11.95 5.63 10.10
C LYS E 81 -11.21 6.12 8.87
N THR E 82 -11.22 7.43 8.65
CA THR E 82 -10.55 8.03 7.52
C THR E 82 -9.13 8.48 7.87
N VAL E 83 -8.74 8.27 9.12
CA VAL E 83 -7.43 8.71 9.60
C VAL E 83 -6.31 7.84 9.05
N SER E 84 -5.09 8.36 9.07
CA SER E 84 -3.93 7.61 8.60
C SER E 84 -3.51 6.55 9.61
N CYS E 85 -3.27 5.33 9.13
CA CYS E 85 -2.90 4.21 9.99
C CYS E 85 -1.50 4.31 10.59
N GLY E 86 -0.71 5.24 10.08
CA GLY E 86 0.69 5.39 10.47
C GLY E 86 1.54 4.27 9.89
N ASN E 87 2.58 3.86 10.61
CA ASN E 87 3.51 2.87 10.09
C ASN E 87 3.21 1.52 10.74
N PRO E 88 2.82 0.54 9.91
CA PRO E 88 2.40 -0.81 10.25
C PRO E 88 3.53 -1.72 10.72
N CYS E 89 4.77 -1.30 10.48
CA CYS E 89 5.92 -2.12 10.78
C CYS E 89 6.38 -1.95 12.23
N ALA E 90 6.79 -0.73 12.57
CA ALA E 90 7.32 -0.44 13.90
C ALA E 90 6.37 0.47 14.68
N GLY F 6 4.41 14.41 8.75
CA GLY F 6 3.25 13.88 9.44
C GLY F 6 3.07 12.38 9.22
N PRO F 7 1.95 11.83 9.74
CA PRO F 7 1.61 10.41 9.63
C PRO F 7 1.38 10.00 8.17
N ALA F 8 1.95 8.86 7.79
CA ALA F 8 1.79 8.30 6.46
C ALA F 8 0.96 7.02 6.49
N ASP F 9 -0.02 6.94 5.60
CA ASP F 9 -0.93 5.81 5.55
C ASP F 9 -0.56 4.86 4.43
N CYS F 10 -0.51 3.57 4.75
CA CYS F 10 -0.17 2.53 3.78
C CYS F 10 -1.17 2.47 2.64
N CYS F 11 -2.45 2.69 2.96
CA CYS F 11 -3.51 2.64 1.96
C CYS F 11 -3.38 3.78 0.96
N ARG F 12 -3.25 4.99 1.51
CA ARG F 12 -3.13 6.19 0.70
C ARG F 12 -1.86 6.11 -0.14
N MET F 13 -0.82 5.55 0.47
CA MET F 13 0.45 5.31 -0.21
C MET F 13 0.27 4.32 -1.36
N LYS F 14 -0.62 3.34 -1.18
CA LYS F 14 -0.89 2.36 -2.24
C LYS F 14 -1.56 3.03 -3.42
N GLU F 15 -2.66 3.74 -3.15
CA GLU F 15 -3.36 4.47 -4.21
C GLU F 15 -2.40 5.38 -4.97
N CYS F 16 -1.63 6.15 -4.22
CA CYS F 16 -0.63 7.04 -4.80
C CYS F 16 0.37 6.27 -5.65
N CYS F 17 0.78 5.10 -5.16
CA CYS F 17 1.72 4.24 -5.86
C CYS F 17 1.20 3.85 -7.24
N THR F 18 0.07 3.15 -7.27
CA THR F 18 -0.52 2.70 -8.54
C THR F 18 -0.72 3.88 -9.49
N ASP F 19 -1.34 4.95 -8.99
CA ASP F 19 -1.61 6.13 -9.79
C ASP F 19 -0.34 6.72 -10.42
N ARG F 20 0.70 6.89 -9.62
CA ARG F 20 1.94 7.47 -10.12
C ARG F 20 2.65 6.54 -11.09
N VAL F 21 2.56 5.23 -10.86
CA VAL F 21 3.15 4.27 -11.78
C VAL F 21 2.50 4.40 -13.15
N ASN F 22 1.17 4.31 -13.18
CA ASN F 22 0.45 4.43 -14.45
C ASN F 22 0.72 5.76 -15.13
N GLU F 23 0.71 6.84 -14.36
CA GLU F 23 0.98 8.17 -14.90
C GLU F 23 2.38 8.24 -15.50
N CYS F 24 3.31 7.46 -14.97
CA CYS F 24 4.65 7.41 -15.54
C CYS F 24 4.65 6.58 -16.83
N LEU F 25 4.01 5.41 -16.78
CA LEU F 25 4.01 4.49 -17.91
C LEU F 25 3.33 5.02 -19.17
N GLN F 26 2.47 6.02 -19.03
CA GLN F 26 1.81 6.58 -20.20
C GLN F 26 2.74 7.59 -20.87
N ARG F 27 3.89 7.82 -20.27
CA ARG F 27 4.92 8.65 -20.86
C ARG F 27 5.71 7.83 -21.89
N TYR F 28 5.83 6.54 -21.63
CA TYR F 28 6.54 5.63 -22.52
C TYR F 28 5.55 4.73 -23.26
N SER F 29 5.63 4.67 -24.59
CA SER F 29 4.63 3.89 -25.32
C SER F 29 5.24 2.86 -26.26
N GLY F 30 4.73 1.63 -26.17
CA GLY F 30 5.21 0.50 -26.96
C GLY F 30 6.34 -0.24 -26.27
N ARG F 31 7.08 0.48 -25.43
CA ARG F 31 8.13 -0.12 -24.61
C ARG F 31 7.71 -0.33 -23.15
N GLU F 32 6.45 -0.05 -22.86
CA GLU F 32 5.94 0.01 -21.48
C GLU F 32 6.39 -1.17 -20.64
N ASP F 33 6.26 -2.36 -21.23
CA ASP F 33 6.62 -3.60 -20.56
C ASP F 33 8.06 -3.60 -20.08
N LYS F 34 8.92 -2.87 -20.78
CA LYS F 34 10.32 -2.82 -20.39
C LYS F 34 10.63 -1.74 -19.34
N PHE F 35 9.76 -0.72 -19.25
CA PHE F 35 9.99 0.38 -18.32
C PHE F 35 9.15 0.32 -17.03
N VAL F 36 8.30 -0.71 -16.92
CA VAL F 36 7.43 -0.86 -15.75
C VAL F 36 8.17 -0.73 -14.42
N SER F 37 9.28 -1.44 -14.26
CA SER F 37 10.08 -1.39 -13.03
C SER F 37 10.60 0.02 -12.74
N PHE F 38 11.14 0.66 -13.77
CA PHE F 38 11.58 2.04 -13.67
C PHE F 38 10.49 2.97 -13.14
N CYS F 39 9.32 2.91 -13.77
CA CYS F 39 8.20 3.74 -13.34
C CYS F 39 7.78 3.41 -11.91
N TYR F 40 7.89 2.13 -11.54
CA TYR F 40 7.63 1.73 -10.17
C TYR F 40 8.57 2.41 -9.20
N GLN F 41 9.85 2.51 -9.55
CA GLN F 41 10.78 3.20 -8.67
C GLN F 41 10.47 4.69 -8.60
N GLU F 42 9.92 5.26 -9.68
CA GLU F 42 9.49 6.66 -9.61
C GLU F 42 8.33 6.82 -8.64
N ALA F 43 7.38 5.90 -8.67
CA ALA F 43 6.24 5.97 -7.75
C ALA F 43 6.71 5.77 -6.33
N THR F 44 7.62 4.82 -6.14
CA THR F 44 8.18 4.55 -4.83
C THR F 44 8.90 5.76 -4.27
N VAL F 45 9.66 6.45 -5.12
CA VAL F 45 10.45 7.58 -4.65
C VAL F 45 9.59 8.84 -4.47
N THR F 46 8.48 8.91 -5.19
CA THR F 46 7.56 10.05 -5.06
C THR F 46 6.62 9.90 -3.88
N CYS F 47 5.84 8.83 -3.89
CA CYS F 47 4.83 8.58 -2.87
C CYS F 47 5.42 8.04 -1.58
N GLY F 48 6.71 7.73 -1.62
CA GLY F 48 7.41 7.21 -0.45
C GLY F 48 7.09 5.76 -0.14
N SER F 49 7.96 5.13 0.64
CA SER F 49 7.79 3.73 1.00
C SER F 49 8.20 3.48 2.45
N PHE F 50 7.68 2.40 3.03
CA PHE F 50 8.05 2.00 4.38
C PHE F 50 9.42 1.33 4.34
N ASN F 51 9.68 0.59 3.28
CA ASN F 51 10.99 0.00 3.03
C ASN F 51 11.45 0.35 1.63
N GLU F 52 12.54 1.09 1.53
CA GLU F 52 13.06 1.56 0.25
C GLU F 52 13.22 0.42 -0.75
N ILE F 53 13.60 -0.74 -0.26
CA ILE F 53 13.78 -1.91 -1.10
C ILE F 53 12.44 -2.37 -1.68
N VAL F 54 11.46 -2.58 -0.80
CA VAL F 54 10.16 -3.09 -1.20
C VAL F 54 9.43 -2.12 -2.14
N GLY F 55 9.40 -0.85 -1.76
CA GLY F 55 8.69 0.14 -2.55
C GLY F 55 7.30 0.43 -2.01
N CYS F 56 6.53 1.23 -2.74
CA CYS F 56 5.21 1.64 -2.28
C CYS F 56 4.18 0.52 -2.35
N CYS F 57 4.05 -0.13 -3.50
CA CYS F 57 3.32 -1.40 -3.55
C CYS F 57 4.06 -2.45 -4.40
N TYR F 58 4.58 -3.49 -3.77
CA TYR F 58 5.40 -4.49 -4.46
C TYR F 58 4.56 -5.38 -5.36
N GLY F 59 3.48 -5.92 -4.80
CA GLY F 59 2.57 -6.81 -5.51
C GLY F 59 2.05 -6.18 -6.80
N TYR F 60 1.78 -4.88 -6.75
CA TYR F 60 1.35 -4.14 -7.93
C TYR F 60 2.44 -4.14 -8.99
N GLN F 61 3.67 -3.85 -8.57
CA GLN F 61 4.82 -3.85 -9.49
C GLN F 61 4.99 -5.19 -10.16
N MET F 62 4.92 -6.26 -9.38
CA MET F 62 5.10 -7.61 -9.91
C MET F 62 3.96 -7.98 -10.86
N CYS F 63 2.73 -7.74 -10.43
CA CYS F 63 1.56 -7.96 -11.27
C CYS F 63 1.71 -7.25 -12.62
N MET F 64 2.18 -6.02 -12.59
CA MET F 64 2.37 -5.25 -13.82
C MET F 64 3.46 -5.82 -14.71
N ILE F 65 4.64 -6.05 -14.11
CA ILE F 65 5.76 -6.66 -14.83
C ILE F 65 5.38 -8.00 -15.47
N ARG F 66 4.44 -8.70 -14.85
CA ARG F 66 4.02 -10.02 -15.33
C ARG F 66 2.82 -9.95 -16.27
N VAL F 67 2.36 -8.74 -16.56
CA VAL F 67 1.18 -8.55 -17.39
C VAL F 67 1.43 -7.61 -18.55
N VAL F 68 1.91 -6.39 -18.25
CA VAL F 68 2.03 -5.33 -19.24
C VAL F 68 2.70 -5.78 -20.52
N LYS F 69 2.03 -5.46 -21.63
CA LYS F 69 2.51 -5.75 -22.97
C LYS F 69 2.55 -4.42 -23.72
N PRO F 70 3.28 -4.35 -24.83
CA PRO F 70 3.30 -3.09 -25.58
C PRO F 70 1.90 -2.60 -25.97
N ASN F 71 1.63 -1.34 -25.63
CA ASN F 71 0.33 -0.71 -25.83
C ASN F 71 -0.82 -1.47 -25.14
N SER F 72 -0.47 -2.27 -24.14
CA SER F 72 -1.47 -2.97 -23.33
C SER F 72 -1.72 -2.24 -22.01
N LEU F 73 -1.09 -1.07 -21.87
CA LEU F 73 -0.98 -0.36 -20.60
C LEU F 73 -2.29 -0.24 -19.81
N SER F 74 -3.29 0.43 -20.40
CA SER F 74 -4.54 0.72 -19.70
C SER F 74 -5.18 -0.48 -19.00
N GLY F 75 -5.37 -1.57 -19.73
CA GLY F 75 -6.02 -2.74 -19.18
C GLY F 75 -5.16 -3.43 -18.12
N ALA F 76 -3.86 -3.41 -18.35
CA ALA F 76 -2.90 -3.98 -17.40
C ALA F 76 -3.00 -3.27 -16.06
N HIS F 77 -2.87 -1.95 -16.09
CA HIS F 77 -3.01 -1.14 -14.89
C HIS F 77 -4.36 -1.33 -14.22
N GLU F 78 -5.43 -1.33 -15.02
CA GLU F 78 -6.77 -1.47 -14.47
C GLU F 78 -6.98 -2.82 -13.80
N ALA F 79 -6.25 -3.84 -14.25
CA ALA F 79 -6.36 -5.14 -13.60
C ALA F 79 -5.37 -5.33 -12.46
N CYS F 80 -4.32 -4.51 -12.41
CA CYS F 80 -3.28 -4.68 -11.41
C CYS F 80 -3.40 -3.80 -10.15
N LYS F 81 -4.30 -2.82 -10.17
CA LYS F 81 -4.35 -1.86 -9.08
C LYS F 81 -5.18 -2.40 -7.91
N THR F 82 -5.95 -3.44 -8.16
CA THR F 82 -6.78 -4.05 -7.11
C THR F 82 -6.07 -5.20 -6.41
N VAL F 83 -4.84 -5.49 -6.85
CA VAL F 83 -4.08 -6.60 -6.30
C VAL F 83 -3.57 -6.23 -4.91
N SER F 84 -3.25 -7.23 -4.10
CA SER F 84 -2.74 -7.00 -2.76
C SER F 84 -1.28 -6.56 -2.81
N CYS F 85 -0.96 -5.56 -1.99
CA CYS F 85 0.38 -4.99 -1.92
C CYS F 85 1.47 -5.93 -1.40
N GLY F 86 1.13 -7.13 -0.94
CA GLY F 86 2.16 -7.93 -0.32
C GLY F 86 2.43 -7.36 1.06
N ASN F 87 3.61 -6.77 1.24
CA ASN F 87 4.00 -6.28 2.55
C ASN F 87 5.13 -5.29 2.43
N PRO F 88 4.90 -4.09 2.98
CA PRO F 88 5.76 -2.90 2.96
C PRO F 88 6.99 -3.01 3.83
N CYS F 89 6.98 -3.98 4.74
CA CYS F 89 8.08 -4.12 5.69
C CYS F 89 9.19 -5.00 5.15
N ALA F 90 8.86 -6.28 4.91
CA ALA F 90 9.87 -7.25 4.46
C ALA F 90 9.61 -7.70 3.03
C1 NAG G . -48.98 25.97 18.43
C2 NAG G . -47.69 26.42 19.06
C3 NAG G . -46.95 27.30 18.07
C4 NAG G . -46.73 26.53 16.76
C5 NAG G . -48.02 25.86 16.27
C6 NAG G . -47.74 24.85 15.18
C7 NAG G . -47.37 26.62 21.49
C8 NAG G . -47.68 27.40 22.73
N2 NAG G . -47.88 27.10 20.34
O3 NAG G . -45.70 27.71 18.58
O4 NAG G . -46.28 27.40 15.74
O5 NAG G . -48.70 25.17 17.33
O6 NAG G . -46.42 24.35 15.28
O7 NAG G . -46.67 25.61 21.52
N1 FWD H . 5.40 -16.64 33.50
C2 FWD H . 6.52 -16.32 32.69
O2 FWD H . 6.37 -15.61 31.67
N3 FWD H . 7.76 -16.76 33.01
C4 FWD H . 7.95 -17.53 34.11
O4 FWD H . 9.09 -17.94 34.41
C5 FWD H . 6.78 -17.86 34.96
F5 FWD H . 6.92 -18.62 36.06
C6 FWD H . 5.52 -17.38 34.59
C7 FWD H . 4.06 -16.14 33.13
C8 FWD H . 3.90 -14.68 33.57
N8 FWD H . 3.78 -14.61 35.01
C9 FWD H . 2.66 -14.14 32.94
O91 FWD H . 2.15 -14.78 31.99
O92 FWD H . 2.18 -13.07 33.38
C1 NAG I . -45.09 -28.01 -10.27
C2 NAG I . -44.35 -29.31 -9.94
C3 NAG I . -43.62 -29.83 -11.19
C4 NAG I . -44.57 -29.93 -12.37
C5 NAG I . -45.30 -28.62 -12.58
C6 NAG I . -46.35 -28.68 -13.66
C7 NAG I . -43.04 -30.11 -8.03
C8 NAG I . -42.09 -29.74 -6.93
N2 NAG I . -43.43 -29.12 -8.84
O3 NAG I . -43.04 -31.10 -10.90
O4 NAG I . -43.84 -30.27 -13.54
O5 NAG I . -45.98 -28.22 -11.37
O6 NAG I . -47.41 -27.77 -13.38
O7 NAG I . -43.44 -31.26 -8.18
N1 FWD J . 27.67 -30.09 -11.13
C2 FWD J . 29.07 -30.11 -11.33
O2 FWD J . 29.53 -29.75 -12.44
N3 FWD J . 29.91 -30.49 -10.35
C4 FWD J . 29.43 -30.89 -9.15
O4 FWD J . 30.21 -31.24 -8.24
C5 FWD J . 27.97 -30.87 -8.93
F5 FWD J . 27.45 -31.25 -7.74
C6 FWD J . 27.14 -30.47 -9.96
C7 FWD J . 26.78 -29.66 -12.23
C8 FWD J . 26.70 -28.14 -12.30
N8 FWD J . 26.04 -27.62 -11.12
C9 FWD J . 25.93 -27.73 -13.53
O91 FWD J . 25.26 -26.67 -13.49
O92 FWD J . 26.01 -28.45 -14.55
O3 FWF K . 24.37 -11.31 -8.75
S2 FWF K . 24.68 -11.09 -7.37
O4 FWF K . 26.02 -10.60 -7.24
C20 FWF K . 23.64 -9.95 -6.76
N1 FWF K . 24.50 -12.47 -6.58
C15 FWF K . 24.87 -12.59 -5.18
C14 FWF K . 25.76 -13.81 -4.99
C16 FWF K . 26.28 -13.92 -3.57
C1 FWF K . 26.86 -13.75 -5.97
C6 FWF K . 27.86 -12.77 -5.88
C5 FWF K . 28.89 -12.73 -6.82
C4 FWF K . 28.92 -13.68 -7.83
C3 FWF K . 27.92 -14.64 -7.93
C2 FWF K . 26.90 -14.68 -6.99
C10 FWF K . 29.97 -13.69 -8.89
C9 FWF K . 30.49 -12.50 -9.37
C8 FWF K . 31.43 -12.51 -10.38
C11 FWF K . 30.37 -14.90 -9.44
C12 FWF K . 31.33 -14.91 -10.45
C7 FWF K . 31.86 -13.72 -10.92
C13 FWF K . 32.86 -13.72 -12.01
C17 FWF K . 34.22 -14.17 -11.49
C18 FWF K . 32.36 -14.61 -13.15
N2 FWF K . 31.09 -14.12 -13.66
S1 FWF K . 29.83 -15.10 -13.85
O1 FWF K . 29.68 -15.99 -12.75
O2 FWF K . 28.64 -14.31 -14.00
C19 FWF K . 30.00 -16.01 -15.23
C21 FWF K . 29.07 -17.21 -15.11
C22 FWF K . 29.64 -15.15 -16.43
C23 FWF K . 24.21 -8.57 -7.03
C24 FWF K . 22.27 -10.13 -7.43
C1 NAG L . -12.84 -4.97 -59.21
C2 NAG L . -12.33 -6.27 -58.65
C3 NAG L . -13.48 -7.00 -57.99
C4 NAG L . -14.06 -6.13 -56.88
C5 NAG L . -14.32 -4.69 -57.33
C6 NAG L . -14.45 -3.75 -56.16
C7 NAG L . -10.51 -7.65 -59.51
C8 NAG L . -9.99 -8.45 -60.65
N2 NAG L . -11.70 -7.09 -59.67
O3 NAG L . -13.03 -8.23 -57.45
O4 NAG L . -15.31 -6.68 -56.44
O5 NAG L . -13.26 -4.14 -58.15
O6 NAG L . -13.30 -2.93 -56.02
O7 NAG L . -9.87 -7.52 -58.46
N1 FWD M . 32.02 2.30 -4.77
C2 FWD M . 31.61 2.07 -3.45
O2 FWD M . 30.39 2.10 -3.16
N3 FWD M . 32.51 1.81 -2.47
C4 FWD M . 33.82 1.76 -2.75
O4 FWD M . 34.66 1.53 -1.85
C5 FWD M . 34.27 2.01 -4.14
F5 FWD M . 35.57 1.97 -4.45
C6 FWD M . 33.31 2.27 -5.11
C7 FWD M . 31.01 2.58 -5.80
C8 FWD M . 30.51 1.29 -6.45
N8 FWD M . 31.57 0.69 -7.25
C9 FWD M . 29.32 1.58 -7.33
O91 FWD M . 28.54 2.48 -6.98
O92 FWD M . 29.16 0.89 -8.37
C1 NAG N . -9.68 48.19 -28.15
C2 NAG N . -8.52 49.20 -28.05
C3 NAG N . -8.81 50.21 -26.92
C4 NAG N . -10.16 50.89 -27.12
C5 NAG N . -11.23 49.79 -27.22
C6 NAG N . -12.64 50.34 -27.40
C7 NAG N . -6.35 48.37 -28.77
C8 NAG N . -5.11 47.63 -28.38
N2 NAG N . -7.27 48.53 -27.81
O3 NAG N . -7.78 51.20 -26.88
O4 NAG N . -10.46 51.76 -26.04
O5 NAG N . -10.96 48.92 -28.33
O6 NAG N . -13.62 49.32 -27.34
O7 NAG N . -6.57 48.79 -29.93
N1 FWD O . 13.90 14.35 42.79
C2 FWD O . 14.25 13.87 44.08
O2 FWD O . 13.37 13.77 44.96
N3 FWD O . 15.52 13.52 44.37
C4 FWD O . 16.50 13.61 43.45
O4 FWD O . 17.67 13.28 43.72
C5 FWD O . 16.15 14.11 42.10
F5 FWD O . 17.10 14.22 41.15
C6 FWD O . 14.83 14.46 41.83
C7 FWD O . 12.51 14.74 42.50
C8 FWD O . 11.72 13.57 41.92
N8 FWD O . 12.09 13.35 40.54
C9 FWD O . 10.25 13.83 41.99
O91 FWD O . 9.74 14.23 43.07
O92 FWD O . 9.56 13.65 40.96
O3 FWF P . 4.81 1.35 40.60
S2 FWF P . 5.78 1.27 41.65
O4 FWF P . 6.97 1.96 41.26
C20 FWF P . 5.16 1.99 43.00
N1 FWF P . 6.09 -0.29 41.95
C15 FWF P . 7.06 -0.69 42.96
C14 FWF P . 7.85 -1.91 42.46
C16 FWF P . 9.02 -2.23 43.38
C1 FWF P . 8.31 -1.59 41.10
C6 FWF P . 9.11 -0.48 40.86
C5 FWF P . 9.53 -0.19 39.57
C4 FWF P . 9.16 -1.03 38.54
C3 FWF P . 8.35 -2.13 38.76
C2 FWF P . 7.93 -2.43 40.05
C10 FWF P . 9.55 -0.73 37.14
C9 FWF P . 9.53 0.60 36.74
C8 FWF P . 9.84 0.96 35.45
C11 FWF P . 9.82 -1.74 36.21
C12 FWF P . 10.14 -1.37 34.90
C7 FWF P . 10.15 -0.04 34.52
C13 FWF P . 10.45 0.36 33.13
C17 FWF P . 11.81 -0.12 32.69
C18 FWF P . 9.32 -0.22 32.28
N2 FWF P . 8.04 0.05 32.94
S1 FWF P . 6.94 -1.09 33.21
O1 FWF P . 7.47 -2.23 33.89
O2 FWF P . 5.87 -0.55 34.01
C19 FWF P . 6.26 -1.61 31.80
C21 FWF P . 5.21 -2.64 32.22
C22 FWF P . 5.63 -0.43 31.08
C23 FWF P . 5.20 3.50 42.78
C24 FWF P . 3.74 1.50 43.23
#